data_2YFH
#
_entry.id   2YFH
#
_cell.length_a   100.102
_cell.length_b   113.859
_cell.length_c   109.581
_cell.angle_alpha   116.54
_cell.angle_beta   101.54
_cell.angle_gamma   104.09
#
_symmetry.space_group_name_H-M   'P 1'
#
loop_
_entity.id
_entity.type
_entity.pdbx_description
1 polymer 'GLUTAMATE DEHYDROGENASE, NAD-SPECIFIC GLUTAMATE DEHYDROGENASE, GLUTAMATE DEHYDROGENASE'
2 water water
#
_entity_poly.entity_id   1
_entity_poly.type   'polypeptide(L)'
_entity_poly.pdbx_seq_one_letter_code
;MSKYVDRVIAEVEKKYADEPEFVQTVEEVLSSLGPVVDAHPEYEEVALLERMVIPERVIEFRVPWEDDNGKVHVNTGYRV
QFNGAIGPYKGGLRFAPSVNLSIMKFLGFEQAFKDSLTTLPMGGAKGGSDFDPNGKSDREVMRFCQAFMTELYRHIGPDI
DVPAGDLGVGAREIGYMYGQYRKIVGGFYNGVLTGKARSFGGSLIRPEATGYGLVYFTEAMLKRHGMGFEGMRVSVSGSG
NVAQYAIEKAMEFGARVITASDSSGTVVDESGFTKEKLARLIEIKASRDGRVADYAKEFGLVYLEGQQPWSLPVDIALPC
ATQNELDVDAAHQLIANGVKAVAEGANMPTTIEATELFQQAGVLFAPGKAANAGGVATSGLEMAQNAARLGWKAEKVDAR
LHHIMTDIHDGSAAAAERYGLGYNLVAGANIVGFQKIADAMMAQGIAW
;
_entity_poly.pdbx_strand_id   A,B,C,D,E,F
#
# COMPACT_ATOMS: atom_id res chain seq x y z
N MET A 1 -45.00 18.20 -2.46
CA MET A 1 -44.56 17.48 -3.65
C MET A 1 -43.79 18.40 -4.62
N SER A 2 -43.25 17.81 -5.69
CA SER A 2 -42.54 18.58 -6.72
C SER A 2 -42.32 17.82 -8.03
N LYS A 3 -42.00 18.57 -9.09
CA LYS A 3 -41.84 18.03 -10.43
C LYS A 3 -40.45 17.45 -10.63
N TYR A 4 -39.50 17.97 -9.86
CA TYR A 4 -38.13 17.47 -9.87
C TYR A 4 -38.12 16.02 -9.38
N VAL A 5 -38.87 15.77 -8.32
CA VAL A 5 -38.97 14.43 -7.76
C VAL A 5 -39.71 13.47 -8.68
N ASP A 6 -40.83 13.92 -9.23
CA ASP A 6 -41.64 13.12 -10.14
C ASP A 6 -40.85 12.74 -11.40
N ARG A 7 -40.02 13.69 -11.85
CA ARG A 7 -39.22 13.46 -13.03
C ARG A 7 -38.23 12.32 -12.77
N VAL A 8 -37.47 12.46 -11.70
CA VAL A 8 -36.46 11.46 -11.40
C VAL A 8 -37.12 10.11 -11.17
N ILE A 9 -38.11 10.08 -10.29
CA ILE A 9 -38.85 8.86 -10.07
C ILE A 9 -39.23 8.23 -11.42
N ALA A 10 -39.69 9.07 -12.34
CA ALA A 10 -40.04 8.58 -13.66
C ALA A 10 -38.80 8.01 -14.32
N GLU A 11 -37.74 8.80 -14.41
CA GLU A 11 -36.49 8.34 -15.02
C GLU A 11 -36.07 6.97 -14.48
N VAL A 12 -36.22 6.76 -13.17
CA VAL A 12 -35.78 5.53 -12.52
C VAL A 12 -36.72 4.37 -12.80
N GLU A 13 -38.01 4.66 -12.88
CA GLU A 13 -38.98 3.63 -13.24
C GLU A 13 -38.67 3.03 -14.61
N LYS A 14 -38.05 3.85 -15.46
CA LYS A 14 -37.74 3.49 -16.82
C LYS A 14 -36.44 2.70 -16.96
N LYS A 15 -35.37 3.22 -16.39
CA LYS A 15 -34.03 2.61 -16.49
C LYS A 15 -33.89 1.29 -15.72
N TYR A 16 -34.51 1.20 -14.54
CA TYR A 16 -34.37 0.00 -13.72
C TYR A 16 -35.65 -0.83 -13.71
N ALA A 17 -36.26 -0.92 -14.89
CA ALA A 17 -37.51 -1.65 -15.08
C ALA A 17 -37.43 -3.06 -14.51
N ASP A 18 -36.33 -3.74 -14.81
CA ASP A 18 -36.14 -5.10 -14.32
C ASP A 18 -35.71 -5.17 -12.86
N GLU A 19 -35.57 -4.00 -12.22
CA GLU A 19 -35.23 -3.95 -10.80
C GLU A 19 -36.41 -3.45 -10.01
N PRO A 20 -37.52 -4.20 -10.06
CA PRO A 20 -38.78 -3.75 -9.45
C PRO A 20 -38.60 -3.24 -8.02
N GLU A 21 -38.01 -4.07 -7.16
CA GLU A 21 -37.79 -3.72 -5.75
C GLU A 21 -37.07 -2.37 -5.58
N PHE A 22 -35.92 -2.23 -6.21
CA PHE A 22 -35.28 -0.92 -6.27
C PHE A 22 -36.31 0.15 -6.61
N VAL A 23 -36.86 0.11 -7.82
CA VAL A 23 -37.83 1.14 -8.24
C VAL A 23 -38.90 1.42 -7.18
N GLN A 24 -39.50 0.38 -6.59
CA GLN A 24 -40.49 0.60 -5.53
C GLN A 24 -39.88 1.50 -4.43
N THR A 25 -38.64 1.22 -4.04
CA THR A 25 -38.02 1.92 -2.93
C THR A 25 -37.80 3.38 -3.29
N VAL A 26 -37.26 3.62 -4.46
CA VAL A 26 -36.96 4.98 -4.86
C VAL A 26 -38.22 5.84 -4.89
N GLU A 27 -39.29 5.34 -5.48
CA GLU A 27 -40.51 6.14 -5.57
C GLU A 27 -41.11 6.29 -4.17
N GLU A 28 -40.97 5.24 -3.36
CA GLU A 28 -41.45 5.20 -1.98
C GLU A 28 -40.65 6.16 -1.07
N VAL A 29 -39.40 6.45 -1.45
CA VAL A 29 -38.55 7.37 -0.70
C VAL A 29 -38.70 8.80 -1.21
N LEU A 30 -38.43 9.01 -2.50
CA LEU A 30 -38.48 10.36 -3.04
C LEU A 30 -39.86 11.01 -3.01
N SER A 31 -40.91 10.19 -3.08
CA SER A 31 -42.27 10.71 -3.03
C SER A 31 -42.50 11.62 -1.80
N SER A 32 -41.92 11.24 -0.66
CA SER A 32 -42.20 11.92 0.60
C SER A 32 -41.25 13.08 0.90
N LEU A 33 -40.42 13.45 -0.09
CA LEU A 33 -39.43 14.51 0.11
C LEU A 33 -39.77 15.77 -0.67
N GLY A 34 -41.03 15.86 -1.11
CA GLY A 34 -41.49 16.98 -1.91
C GLY A 34 -41.15 18.35 -1.34
N PRO A 35 -41.55 18.62 -0.10
CA PRO A 35 -41.31 19.92 0.53
C PRO A 35 -39.83 20.24 0.71
N VAL A 36 -39.02 19.21 0.95
CA VAL A 36 -37.59 19.43 1.17
C VAL A 36 -36.95 19.86 -0.13
N VAL A 37 -37.18 19.07 -1.17
CA VAL A 37 -36.58 19.36 -2.46
C VAL A 37 -37.09 20.69 -3.02
N ASP A 38 -38.35 21.01 -2.72
CA ASP A 38 -38.95 22.30 -3.10
C ASP A 38 -38.21 23.48 -2.45
N ALA A 39 -37.91 23.32 -1.17
CA ALA A 39 -37.27 24.36 -0.39
C ALA A 39 -35.78 24.48 -0.69
N HIS A 40 -35.28 23.60 -1.54
CA HIS A 40 -33.87 23.61 -1.94
C HIS A 40 -33.75 23.54 -3.46
N PRO A 41 -33.77 24.69 -4.12
CA PRO A 41 -33.59 24.67 -5.58
C PRO A 41 -32.14 24.37 -5.93
N GLU A 42 -31.24 24.42 -4.95
CA GLU A 42 -29.83 24.17 -5.23
C GLU A 42 -29.52 22.69 -5.51
N TYR A 43 -30.36 21.78 -5.02
CA TYR A 43 -30.18 20.36 -5.27
C TYR A 43 -30.15 20.06 -6.77
N GLU A 44 -31.25 20.41 -7.43
CA GLU A 44 -31.43 20.12 -8.84
C GLU A 44 -30.36 20.79 -9.69
N GLU A 45 -29.88 21.95 -9.24
CA GLU A 45 -28.83 22.71 -9.94
C GLU A 45 -27.59 21.87 -10.16
N VAL A 46 -27.32 21.03 -9.17
CA VAL A 46 -26.12 20.19 -9.13
C VAL A 46 -26.54 18.74 -9.13
N ALA A 47 -27.77 18.49 -9.56
CA ALA A 47 -28.24 17.13 -9.76
C ALA A 47 -28.02 16.23 -8.56
N LEU A 48 -28.52 16.63 -7.40
CA LEU A 48 -28.72 15.68 -6.32
C LEU A 48 -29.59 14.59 -6.93
N LEU A 49 -30.41 13.94 -6.10
CA LEU A 49 -31.35 12.91 -6.59
C LEU A 49 -30.77 12.00 -7.68
N GLU A 50 -30.56 12.52 -8.89
CA GLU A 50 -30.00 11.74 -10.00
C GLU A 50 -28.70 11.02 -9.62
N ARG A 51 -27.93 11.64 -8.71
CA ARG A 51 -26.71 11.04 -8.16
C ARG A 51 -27.04 10.05 -7.08
N MET A 52 -27.69 10.53 -6.02
CA MET A 52 -28.16 9.70 -4.91
C MET A 52 -28.81 8.38 -5.28
N VAL A 53 -29.38 8.28 -6.47
CA VAL A 53 -30.12 7.07 -6.77
C VAL A 53 -29.22 6.05 -7.47
N ILE A 54 -28.06 6.51 -7.91
CA ILE A 54 -27.02 5.61 -8.40
C ILE A 54 -26.02 5.34 -7.25
N PRO A 55 -25.81 4.05 -6.93
CA PRO A 55 -24.89 3.69 -5.84
C PRO A 55 -23.49 4.18 -6.19
N GLU A 56 -22.82 4.85 -5.26
CA GLU A 56 -21.42 5.24 -5.48
C GLU A 56 -20.64 4.10 -6.13
N ARG A 57 -20.61 2.93 -5.49
CA ARG A 57 -19.86 1.82 -6.04
C ARG A 57 -20.60 0.48 -5.89
N VAL A 58 -20.51 -0.39 -6.91
CA VAL A 58 -21.13 -1.72 -6.86
C VAL A 58 -20.11 -2.85 -7.10
N ILE A 59 -20.01 -3.81 -6.18
CA ILE A 59 -19.12 -4.97 -6.42
C ILE A 59 -19.85 -6.33 -6.50
N GLU A 60 -19.62 -7.07 -7.58
CA GLU A 60 -20.10 -8.47 -7.67
C GLU A 60 -18.95 -9.45 -7.93
N PHE A 61 -19.04 -10.65 -7.38
CA PHE A 61 -17.90 -11.55 -7.48
C PHE A 61 -18.23 -13.02 -7.35
N ARG A 62 -17.41 -13.83 -8.02
CA ARG A 62 -17.62 -15.26 -8.06
C ARG A 62 -17.23 -15.75 -6.70
N VAL A 63 -18.06 -16.58 -6.10
CA VAL A 63 -17.73 -17.29 -4.87
C VAL A 63 -17.86 -18.81 -5.02
N PRO A 64 -16.80 -19.45 -5.55
CA PRO A 64 -16.63 -20.90 -5.60
C PRO A 64 -16.39 -21.48 -4.21
N TRP A 65 -16.99 -22.63 -3.92
CA TRP A 65 -16.70 -23.34 -2.67
C TRP A 65 -16.93 -24.85 -2.73
N GLU A 66 -16.46 -25.54 -1.70
CA GLU A 66 -16.48 -26.99 -1.62
C GLU A 66 -17.33 -27.41 -0.43
N ASP A 67 -18.22 -28.38 -0.62
CA ASP A 67 -19.07 -28.83 0.48
C ASP A 67 -18.45 -29.99 1.22
N ASP A 68 -19.17 -30.51 2.20
CA ASP A 68 -18.62 -31.57 3.02
C ASP A 68 -18.34 -32.85 2.23
N ASN A 69 -18.74 -32.88 0.97
CA ASN A 69 -18.55 -34.07 0.11
C ASN A 69 -17.51 -33.91 -0.99
N GLY A 70 -16.93 -32.73 -1.12
CA GLY A 70 -15.93 -32.52 -2.14
C GLY A 70 -16.50 -31.90 -3.40
N LYS A 71 -17.79 -31.60 -3.37
CA LYS A 71 -18.42 -30.99 -4.52
C LYS A 71 -18.24 -29.48 -4.56
N VAL A 72 -17.82 -28.99 -5.71
CA VAL A 72 -17.69 -27.55 -5.92
C VAL A 72 -19.03 -26.94 -6.30
N HIS A 73 -19.49 -25.98 -5.52
CA HIS A 73 -20.63 -25.16 -5.85
C HIS A 73 -20.10 -23.80 -6.23
N VAL A 74 -20.94 -22.96 -6.81
CA VAL A 74 -20.50 -21.61 -7.14
C VAL A 74 -21.64 -20.62 -7.00
N ASN A 75 -21.47 -19.63 -6.12
CA ASN A 75 -22.46 -18.60 -5.91
C ASN A 75 -21.92 -17.23 -6.28
N THR A 76 -22.74 -16.22 -6.08
CA THR A 76 -22.39 -14.89 -6.52
C THR A 76 -22.53 -14.00 -5.34
N GLY A 77 -21.54 -13.15 -5.13
CA GLY A 77 -21.57 -12.26 -4.00
C GLY A 77 -21.76 -10.82 -4.41
N TYR A 78 -22.38 -10.03 -3.54
CA TYR A 78 -22.67 -8.64 -3.80
C TYR A 78 -22.30 -7.77 -2.63
N ARG A 79 -21.69 -6.62 -2.94
CA ARG A 79 -21.58 -5.53 -1.96
C ARG A 79 -21.86 -4.19 -2.65
N VAL A 80 -23.01 -3.60 -2.34
CA VAL A 80 -23.41 -2.33 -2.93
C VAL A 80 -23.05 -1.19 -1.99
N GLN A 81 -22.11 -0.36 -2.41
CA GLN A 81 -21.70 0.74 -1.55
C GLN A 81 -22.46 1.97 -1.99
N PHE A 82 -23.64 2.14 -1.42
CA PHE A 82 -24.57 3.10 -1.94
C PHE A 82 -24.23 4.55 -1.65
N ASN A 83 -23.91 4.87 -0.40
CA ASN A 83 -23.65 6.24 0.00
C ASN A 83 -22.63 6.36 1.13
N GLY A 84 -21.71 7.30 1.01
CA GLY A 84 -20.60 7.37 1.92
C GLY A 84 -20.28 8.78 2.40
N ALA A 85 -21.25 9.67 2.25
CA ALA A 85 -21.01 11.07 2.60
C ALA A 85 -20.88 11.28 4.10
N ILE A 86 -21.67 10.59 4.90
CA ILE A 86 -21.66 10.92 6.30
C ILE A 86 -20.82 9.95 7.15
N GLY A 87 -20.46 8.82 6.57
CA GLY A 87 -19.58 7.89 7.25
C GLY A 87 -19.05 6.88 6.27
N PRO A 88 -18.27 5.92 6.76
CA PRO A 88 -17.85 4.83 5.88
C PRO A 88 -19.06 3.99 5.54
N TYR A 89 -19.08 3.34 4.37
CA TYR A 89 -20.23 2.51 4.00
C TYR A 89 -20.62 1.56 5.13
N LYS A 90 -21.93 1.44 5.37
CA LYS A 90 -22.39 0.60 6.47
C LYS A 90 -23.72 -0.11 6.18
N GLY A 91 -23.74 -1.41 6.41
CA GLY A 91 -24.95 -2.18 6.25
C GLY A 91 -24.70 -3.67 6.27
N GLY A 92 -25.74 -4.43 6.56
CA GLY A 92 -25.60 -5.87 6.66
C GLY A 92 -25.42 -6.64 5.34
N LEU A 93 -25.25 -7.95 5.53
CA LEU A 93 -25.11 -8.91 4.47
C LEU A 93 -26.24 -9.95 4.64
N ARG A 94 -26.73 -10.41 3.49
CA ARG A 94 -27.80 -11.40 3.40
C ARG A 94 -27.34 -12.64 2.64
N PHE A 95 -27.63 -13.79 3.22
CA PHE A 95 -27.39 -15.06 2.54
C PHE A 95 -28.72 -15.74 2.27
N ALA A 96 -29.19 -15.64 1.03
CA ALA A 96 -30.46 -16.23 0.62
C ALA A 96 -30.54 -16.46 -0.89
N PRO A 97 -31.24 -17.52 -1.31
CA PRO A 97 -31.23 -17.80 -2.76
C PRO A 97 -31.97 -16.72 -3.58
N SER A 98 -32.73 -15.86 -2.90
CA SER A 98 -33.47 -14.79 -3.57
C SER A 98 -32.58 -13.62 -3.95
N VAL A 99 -31.40 -13.55 -3.34
CA VAL A 99 -30.54 -12.39 -3.47
C VAL A 99 -30.13 -12.04 -4.90
N ASN A 100 -30.40 -10.80 -5.27
CA ASN A 100 -29.85 -10.25 -6.51
C ASN A 100 -29.51 -8.78 -6.31
N LEU A 101 -29.00 -8.16 -7.38
CA LEU A 101 -28.67 -6.74 -7.36
C LEU A 101 -29.89 -5.87 -7.06
N SER A 102 -31.03 -6.18 -7.65
CA SER A 102 -32.22 -5.38 -7.37
C SER A 102 -32.49 -5.32 -5.87
N ILE A 103 -32.45 -6.47 -5.20
CA ILE A 103 -32.65 -6.48 -3.75
C ILE A 103 -31.57 -5.69 -2.98
N MET A 104 -30.32 -6.06 -3.24
CA MET A 104 -29.18 -5.36 -2.67
C MET A 104 -29.28 -3.84 -2.79
N LYS A 105 -29.70 -3.36 -3.95
CA LYS A 105 -29.73 -1.92 -4.20
C LYS A 105 -30.86 -1.29 -3.41
N PHE A 106 -31.97 -2.02 -3.27
CA PHE A 106 -33.11 -1.45 -2.57
C PHE A 106 -32.81 -1.35 -1.09
N LEU A 107 -32.38 -2.47 -0.52
CA LEU A 107 -32.02 -2.58 0.90
C LEU A 107 -30.93 -1.58 1.21
N GLY A 108 -29.92 -1.55 0.36
CA GLY A 108 -28.84 -0.59 0.48
C GLY A 108 -29.28 0.85 0.49
N PHE A 109 -30.17 1.22 -0.44
CA PHE A 109 -30.70 2.57 -0.52
C PHE A 109 -31.41 3.01 0.76
N GLU A 110 -32.34 2.20 1.24
CA GLU A 110 -32.98 2.49 2.51
C GLU A 110 -31.94 2.58 3.64
N GLN A 111 -31.02 1.61 3.66
CA GLN A 111 -29.98 1.52 4.68
C GLN A 111 -29.25 2.85 4.93
N ALA A 112 -29.05 3.63 3.87
CA ALA A 112 -28.30 4.88 3.94
C ALA A 112 -29.09 5.93 4.69
N PHE A 113 -30.42 5.87 4.56
CA PHE A 113 -31.29 6.80 5.28
C PHE A 113 -31.54 6.36 6.73
N LYS A 114 -31.73 5.06 6.93
CA LYS A 114 -31.85 4.55 8.29
C LYS A 114 -30.59 4.90 9.07
N ASP A 115 -29.44 4.85 8.41
CA ASP A 115 -28.19 5.13 9.12
C ASP A 115 -28.04 6.60 9.46
N SER A 116 -28.24 7.46 8.47
CA SER A 116 -28.25 8.88 8.72
C SER A 116 -29.24 9.21 9.82
N LEU A 117 -30.43 8.64 9.73
CA LEU A 117 -31.51 8.87 10.70
C LEU A 117 -31.05 8.66 12.14
N THR A 118 -29.84 8.11 12.28
CA THR A 118 -29.33 7.58 13.55
C THR A 118 -28.44 8.56 14.34
N THR A 119 -28.07 9.66 13.68
CA THR A 119 -27.17 10.68 14.22
C THR A 119 -25.71 10.24 14.25
N LEU A 120 -25.46 8.93 14.23
CA LEU A 120 -24.08 8.45 14.20
C LEU A 120 -23.52 8.62 12.80
N PRO A 121 -22.18 8.74 12.67
CA PRO A 121 -21.55 8.86 11.36
C PRO A 121 -21.43 7.51 10.64
N MET A 122 -22.54 7.01 10.13
CA MET A 122 -22.53 5.78 9.36
C MET A 122 -23.15 6.01 7.99
N GLY A 123 -22.52 5.47 6.95
CA GLY A 123 -23.03 5.60 5.60
C GLY A 123 -24.08 4.54 5.28
N GLY A 124 -24.19 4.17 4.00
CA GLY A 124 -25.20 3.22 3.58
C GLY A 124 -24.73 2.19 2.57
N ALA A 125 -25.21 0.95 2.71
CA ALA A 125 -24.78 -0.15 1.88
C ALA A 125 -25.50 -1.41 2.28
N LYS A 126 -25.72 -2.29 1.32
CA LYS A 126 -26.15 -3.64 1.63
C LYS A 126 -25.25 -4.59 0.88
N GLY A 127 -25.21 -5.83 1.33
CA GLY A 127 -24.34 -6.83 0.72
C GLY A 127 -24.88 -8.25 0.92
N GLY A 128 -24.20 -9.24 0.37
CA GLY A 128 -24.61 -10.62 0.55
C GLY A 128 -24.33 -11.55 -0.60
N SER A 129 -25.03 -12.67 -0.63
CA SER A 129 -24.81 -13.70 -1.63
C SER A 129 -26.07 -14.53 -1.81
N ASP A 130 -26.23 -15.10 -3.00
CA ASP A 130 -27.36 -15.99 -3.26
C ASP A 130 -27.20 -17.34 -2.60
N PHE A 131 -26.06 -17.52 -1.93
CA PHE A 131 -25.81 -18.69 -1.12
C PHE A 131 -27.01 -18.96 -0.22
N ASP A 132 -27.33 -20.23 -0.03
CA ASP A 132 -28.48 -20.63 0.78
C ASP A 132 -28.04 -21.48 1.97
N PRO A 133 -28.08 -20.90 3.17
CA PRO A 133 -27.50 -21.62 4.30
C PRO A 133 -28.33 -22.79 4.81
N ASN A 134 -29.53 -23.00 4.27
CA ASN A 134 -30.40 -24.05 4.77
C ASN A 134 -29.82 -25.41 4.41
N GLY A 135 -29.84 -26.33 5.38
CA GLY A 135 -29.31 -27.66 5.19
C GLY A 135 -27.83 -27.69 4.89
N LYS A 136 -27.12 -26.65 5.31
CA LYS A 136 -25.68 -26.59 5.14
C LYS A 136 -25.04 -26.79 6.51
N SER A 137 -23.97 -27.59 6.56
CA SER A 137 -23.27 -27.81 7.81
C SER A 137 -22.45 -26.59 8.27
N ASP A 138 -22.14 -26.57 9.56
CA ASP A 138 -21.33 -25.52 10.12
C ASP A 138 -20.08 -25.27 9.28
N ARG A 139 -19.42 -26.35 8.87
CA ARG A 139 -18.16 -26.28 8.15
C ARG A 139 -18.36 -25.75 6.73
N GLU A 140 -19.56 -25.94 6.19
CA GLU A 140 -19.85 -25.48 4.83
C GLU A 140 -20.09 -23.98 4.83
N VAL A 141 -20.69 -23.48 5.90
CA VAL A 141 -20.85 -22.04 6.06
C VAL A 141 -19.51 -21.36 6.29
N MET A 142 -18.65 -22.04 7.03
CA MET A 142 -17.32 -21.51 7.32
C MET A 142 -16.50 -21.35 6.04
N ARG A 143 -16.43 -22.42 5.25
CA ARG A 143 -15.68 -22.40 3.98
C ARG A 143 -16.33 -21.49 2.93
N PHE A 144 -17.65 -21.46 2.89
CA PHE A 144 -18.25 -20.47 2.03
C PHE A 144 -17.84 -19.09 2.50
N CYS A 145 -18.01 -18.83 3.81
CA CYS A 145 -17.75 -17.50 4.34
C CYS A 145 -16.35 -17.05 3.98
N GLN A 146 -15.41 -17.97 4.06
CA GLN A 146 -14.02 -17.64 3.80
C GLN A 146 -13.85 -17.26 2.34
N ALA A 147 -14.38 -18.11 1.46
CA ALA A 147 -14.38 -17.82 0.03
C ALA A 147 -14.98 -16.44 -0.19
N PHE A 148 -16.11 -16.18 0.45
CA PHE A 148 -16.75 -14.86 0.39
C PHE A 148 -15.78 -13.73 0.78
N MET A 149 -15.15 -13.85 1.95
CA MET A 149 -14.28 -12.78 2.45
C MET A 149 -12.94 -12.68 1.71
N THR A 150 -12.49 -13.79 1.12
CA THR A 150 -11.23 -13.77 0.38
C THR A 150 -11.34 -12.73 -0.74
N GLU A 151 -12.54 -12.57 -1.30
CA GLU A 151 -12.73 -11.49 -2.27
C GLU A 151 -13.11 -10.14 -1.64
N LEU A 152 -14.00 -10.19 -0.66
CA LEU A 152 -14.65 -9.00 -0.11
C LEU A 152 -13.76 -8.10 0.73
N TYR A 153 -12.67 -8.66 1.23
CA TYR A 153 -11.84 -8.04 2.26
C TYR A 153 -11.23 -6.80 1.68
N ARG A 154 -10.95 -6.85 0.39
CA ARG A 154 -10.29 -5.75 -0.29
C ARG A 154 -11.21 -4.52 -0.47
N HIS A 155 -12.52 -4.69 -0.32
CA HIS A 155 -13.44 -3.57 -0.57
C HIS A 155 -13.97 -2.93 0.71
N ILE A 156 -13.67 -3.54 1.84
CA ILE A 156 -14.22 -3.06 3.12
C ILE A 156 -13.12 -2.65 4.11
N GLY A 157 -13.52 -2.43 5.36
CA GLY A 157 -12.58 -2.07 6.43
C GLY A 157 -13.16 -1.10 7.46
N PRO A 158 -12.56 -1.08 8.66
CA PRO A 158 -13.03 -0.17 9.72
C PRO A 158 -13.29 1.26 9.23
N ASP A 159 -12.48 1.75 8.29
CA ASP A 159 -12.62 3.12 7.79
C ASP A 159 -13.38 3.23 6.47
N ILE A 160 -13.56 2.10 5.80
CA ILE A 160 -14.09 2.09 4.46
C ILE A 160 -15.55 1.64 4.38
N ASP A 161 -15.79 0.38 4.68
CA ASP A 161 -17.13 -0.20 4.62
C ASP A 161 -17.13 -1.27 5.69
N VAL A 162 -18.18 -1.31 6.51
CA VAL A 162 -18.23 -2.17 7.67
C VAL A 162 -19.52 -2.96 7.62
N PRO A 163 -19.49 -4.16 7.03
CA PRO A 163 -20.69 -5.00 7.01
C PRO A 163 -21.23 -5.37 8.39
N ALA A 164 -22.28 -6.17 8.43
CA ALA A 164 -22.91 -6.65 9.66
C ALA A 164 -23.81 -7.86 9.30
N GLY A 165 -24.74 -8.20 10.18
CA GLY A 165 -25.64 -9.31 9.91
C GLY A 165 -26.92 -8.95 9.17
N ASP A 166 -27.55 -9.97 8.60
CA ASP A 166 -28.92 -9.90 8.12
C ASP A 166 -29.44 -11.31 7.97
N LEU A 167 -30.63 -11.44 7.42
CA LEU A 167 -31.22 -12.73 7.12
C LEU A 167 -30.17 -13.62 6.47
N GLY A 168 -29.81 -14.70 7.17
CA GLY A 168 -28.80 -15.62 6.69
C GLY A 168 -27.48 -15.45 7.43
N VAL A 169 -27.33 -14.31 8.10
CA VAL A 169 -26.05 -13.98 8.71
C VAL A 169 -26.15 -13.50 10.16
N GLY A 170 -25.70 -14.33 11.08
CA GLY A 170 -25.61 -13.94 12.48
C GLY A 170 -24.17 -13.92 12.99
N ALA A 171 -24.00 -13.83 14.30
CA ALA A 171 -22.64 -13.80 14.85
C ALA A 171 -21.76 -14.94 14.32
N ARG A 172 -22.34 -16.11 14.13
CA ARG A 172 -21.59 -17.26 13.62
C ARG A 172 -20.91 -16.97 12.29
N GLU A 173 -21.63 -16.36 11.36
CA GLU A 173 -21.01 -16.09 10.07
C GLU A 173 -20.14 -14.85 10.15
N ILE A 174 -20.51 -13.93 11.03
CA ILE A 174 -19.73 -12.71 11.18
C ILE A 174 -18.33 -13.06 11.70
N GLY A 175 -18.26 -14.07 12.56
CA GLY A 175 -16.99 -14.58 13.05
C GLY A 175 -16.15 -15.28 12.00
N TYR A 176 -16.79 -16.15 11.23
CA TYR A 176 -16.10 -16.86 10.16
C TYR A 176 -15.51 -15.88 9.18
N MET A 177 -16.27 -14.83 8.91
CA MET A 177 -15.85 -13.82 7.95
C MET A 177 -14.68 -13.03 8.49
N TYR A 178 -14.84 -12.50 9.72
CA TYR A 178 -13.76 -11.76 10.36
C TYR A 178 -12.52 -12.61 10.52
N GLY A 179 -12.72 -13.89 10.80
CA GLY A 179 -11.64 -14.84 10.85
C GLY A 179 -10.77 -14.79 9.62
N GLN A 180 -11.39 -14.83 8.43
CA GLN A 180 -10.65 -14.82 7.18
C GLN A 180 -10.08 -13.44 6.92
N TYR A 181 -10.84 -12.41 7.28
CA TYR A 181 -10.37 -11.04 7.10
C TYR A 181 -9.01 -10.83 7.73
N ARG A 182 -8.89 -11.19 9.01
CA ARG A 182 -7.63 -10.97 9.73
C ARG A 182 -6.54 -11.92 9.31
N LYS A 183 -6.90 -13.14 8.93
CA LYS A 183 -5.88 -14.03 8.40
C LYS A 183 -5.22 -13.37 7.17
N ILE A 184 -6.03 -12.68 6.36
CA ILE A 184 -5.55 -12.04 5.10
C ILE A 184 -4.92 -10.65 5.29
N VAL A 185 -5.61 -9.73 5.96
CA VAL A 185 -5.01 -8.41 6.07
C VAL A 185 -3.89 -8.42 7.10
N GLY A 186 -3.98 -9.29 8.09
CA GLY A 186 -2.82 -9.51 8.94
C GLY A 186 -2.62 -8.51 10.07
N GLY A 187 -3.69 -7.76 10.38
CA GLY A 187 -3.76 -6.93 11.57
C GLY A 187 -5.02 -7.33 12.34
N PHE A 188 -5.36 -6.57 13.37
CA PHE A 188 -6.58 -6.87 14.11
C PHE A 188 -7.74 -6.28 13.34
N TYR A 189 -7.66 -4.96 13.17
CA TYR A 189 -8.73 -4.13 12.64
C TYR A 189 -10.11 -4.73 12.82
N ASN A 190 -10.45 -5.11 14.04
CA ASN A 190 -11.84 -5.47 14.23
C ASN A 190 -12.60 -4.18 13.91
N GLY A 191 -13.91 -4.16 13.94
CA GLY A 191 -14.51 -2.91 13.47
C GLY A 191 -14.64 -2.86 11.95
N VAL A 192 -13.86 -3.70 11.24
CA VAL A 192 -14.22 -4.10 9.89
C VAL A 192 -15.67 -4.61 9.84
N LEU A 193 -16.14 -5.17 10.95
CA LEU A 193 -17.47 -5.80 10.99
C LEU A 193 -18.21 -5.43 12.25
N THR A 194 -19.51 -5.72 12.29
CA THR A 194 -20.30 -5.57 13.50
C THR A 194 -21.19 -6.80 13.64
N GLY A 195 -22.02 -6.85 14.65
CA GLY A 195 -22.64 -8.11 15.00
C GLY A 195 -21.64 -9.20 15.40
N LYS A 196 -20.45 -8.80 15.91
CA LYS A 196 -19.43 -9.76 16.37
C LYS A 196 -19.75 -10.39 17.72
N ALA A 197 -19.06 -11.49 18.05
CA ALA A 197 -19.11 -12.03 19.43
C ALA A 197 -18.32 -11.15 20.38
N ARG A 198 -18.75 -11.00 21.63
CA ARG A 198 -18.10 -10.00 22.47
C ARG A 198 -16.60 -10.26 22.62
N SER A 199 -16.21 -11.51 22.39
CA SER A 199 -14.82 -11.95 22.61
C SER A 199 -13.76 -11.26 21.75
N PHE A 200 -14.13 -10.82 20.56
CA PHE A 200 -13.17 -10.10 19.72
C PHE A 200 -13.74 -8.78 19.20
N GLY A 201 -14.72 -8.25 19.92
CA GLY A 201 -15.07 -6.86 19.75
C GLY A 201 -16.52 -6.54 19.91
N GLY A 202 -17.33 -7.57 20.09
CA GLY A 202 -18.76 -7.38 20.10
C GLY A 202 -19.19 -6.42 21.18
N SER A 203 -20.44 -5.96 21.09
CA SER A 203 -21.03 -5.09 22.08
C SER A 203 -22.10 -5.78 22.94
N LEU A 204 -22.23 -5.32 24.18
CA LEU A 204 -23.36 -5.69 25.02
C LEU A 204 -24.55 -4.84 24.57
N ILE A 205 -25.75 -5.26 24.96
CA ILE A 205 -26.95 -4.52 24.58
C ILE A 205 -27.33 -4.74 23.11
N ARG A 206 -26.47 -5.42 22.34
CA ARG A 206 -26.81 -5.74 20.97
C ARG A 206 -28.11 -6.55 20.88
N PRO A 207 -28.22 -7.66 21.63
CA PRO A 207 -29.49 -8.39 21.61
C PRO A 207 -30.66 -7.51 22.07
N GLU A 208 -30.43 -6.70 23.10
CA GLU A 208 -31.44 -5.81 23.68
C GLU A 208 -31.84 -4.65 22.75
N ALA A 209 -30.89 -4.24 21.90
CA ALA A 209 -30.92 -2.96 21.22
C ALA A 209 -32.24 -2.52 20.56
N THR A 210 -32.71 -3.22 19.53
CA THR A 210 -33.97 -2.85 18.89
C THR A 210 -35.04 -2.52 19.94
N GLY A 211 -35.48 -3.55 20.65
CA GLY A 211 -36.56 -3.44 21.62
C GLY A 211 -36.40 -2.36 22.66
N TYR A 212 -35.20 -2.23 23.20
CA TYR A 212 -34.93 -1.15 24.15
C TYR A 212 -35.25 0.17 23.47
N GLY A 213 -34.53 0.46 22.41
CA GLY A 213 -34.71 1.71 21.69
C GLY A 213 -36.17 2.02 21.38
N LEU A 214 -36.92 0.99 21.03
CA LEU A 214 -38.34 1.13 20.78
C LEU A 214 -39.01 1.82 21.95
N VAL A 215 -38.68 1.35 23.16
CA VAL A 215 -39.24 1.90 24.38
C VAL A 215 -38.66 3.28 24.70
N TYR A 216 -37.35 3.43 24.57
CA TYR A 216 -36.69 4.72 24.79
C TYR A 216 -37.26 5.80 23.87
N PHE A 217 -37.52 5.41 22.61
CA PHE A 217 -37.99 6.38 21.63
C PHE A 217 -39.37 6.86 22.01
N THR A 218 -40.29 5.92 22.20
CA THR A 218 -41.67 6.29 22.45
C THR A 218 -41.79 7.05 23.75
N GLU A 219 -40.96 6.69 24.73
CA GLU A 219 -40.94 7.42 26.00
C GLU A 219 -40.45 8.83 25.80
N ALA A 220 -39.66 9.05 24.75
CA ALA A 220 -39.29 10.41 24.40
C ALA A 220 -40.53 11.09 23.85
N MET A 221 -41.14 10.45 22.86
CA MET A 221 -42.38 10.93 22.28
C MET A 221 -43.33 11.32 23.39
N LEU A 222 -43.54 10.43 24.35
CA LEU A 222 -44.49 10.71 25.42
C LEU A 222 -44.13 11.94 26.27
N LYS A 223 -42.84 12.16 26.54
CA LYS A 223 -42.43 13.32 27.34
C LYS A 223 -42.82 14.59 26.62
N ARG A 224 -42.45 14.68 25.35
CA ARG A 224 -42.83 15.82 24.53
C ARG A 224 -44.31 16.16 24.78
N HIS A 225 -45.12 15.13 25.05
CA HIS A 225 -46.55 15.34 25.23
C HIS A 225 -46.97 15.24 26.68
N GLY A 226 -45.99 15.33 27.58
CA GLY A 226 -46.25 15.38 29.00
C GLY A 226 -46.66 14.05 29.63
N MET A 227 -46.28 12.96 28.99
CA MET A 227 -46.60 11.62 29.49
C MET A 227 -45.36 10.75 29.72
N GLY A 228 -45.59 9.48 30.02
CA GLY A 228 -44.50 8.53 30.12
C GLY A 228 -45.04 7.12 30.21
N PHE A 229 -44.18 6.12 30.07
CA PHE A 229 -44.62 4.73 30.21
C PHE A 229 -45.16 4.42 31.61
N GLU A 230 -44.63 5.10 32.62
CA GLU A 230 -45.01 4.87 34.02
C GLU A 230 -46.51 4.99 34.26
N GLY A 231 -47.09 3.92 34.78
CA GLY A 231 -48.50 3.91 35.11
C GLY A 231 -49.37 3.26 34.04
N MET A 232 -48.90 3.29 32.80
CA MET A 232 -49.74 2.95 31.66
C MET A 232 -49.83 1.46 31.39
N ARG A 233 -50.99 1.06 30.84
CA ARG A 233 -51.16 -0.30 30.32
C ARG A 233 -50.66 -0.33 28.88
N VAL A 234 -49.90 -1.36 28.56
CA VAL A 234 -49.22 -1.45 27.28
C VAL A 234 -49.44 -2.85 26.70
N SER A 235 -49.71 -2.91 25.39
CA SER A 235 -49.91 -4.17 24.69
C SER A 235 -48.80 -4.40 23.66
N VAL A 236 -48.36 -5.64 23.54
CA VAL A 236 -47.32 -6.01 22.61
C VAL A 236 -47.80 -7.18 21.76
N SER A 237 -47.46 -7.18 20.47
CA SER A 237 -47.72 -8.31 19.59
C SER A 237 -46.38 -8.98 19.25
N GLY A 238 -46.43 -10.24 18.85
CA GLY A 238 -45.21 -11.00 18.65
C GLY A 238 -44.56 -11.38 19.98
N SER A 239 -43.51 -12.19 19.94
CA SER A 239 -42.85 -12.64 21.18
C SER A 239 -41.39 -13.04 21.02
N GLY A 240 -40.71 -12.42 20.05
CA GLY A 240 -39.31 -12.69 19.83
C GLY A 240 -38.38 -11.62 20.35
N ASN A 241 -37.18 -11.56 19.77
CA ASN A 241 -36.15 -10.59 20.12
C ASN A 241 -36.74 -9.23 20.48
N VAL A 242 -37.22 -8.51 19.47
CA VAL A 242 -37.78 -7.18 19.68
C VAL A 242 -38.90 -7.21 20.71
N ALA A 243 -39.85 -8.11 20.51
CA ALA A 243 -40.91 -8.34 21.50
C ALA A 243 -40.38 -8.42 22.95
N GLN A 244 -39.51 -9.40 23.22
CA GLN A 244 -39.03 -9.66 24.58
C GLN A 244 -38.50 -8.42 25.29
N TYR A 245 -37.49 -7.79 24.70
CA TYR A 245 -36.76 -6.74 25.38
C TYR A 245 -37.52 -5.43 25.40
N ALA A 246 -38.53 -5.33 24.53
CA ALA A 246 -39.43 -4.18 24.58
C ALA A 246 -40.17 -4.24 25.89
N ILE A 247 -40.50 -5.46 26.30
CA ILE A 247 -41.24 -5.69 27.54
C ILE A 247 -40.34 -5.44 28.76
N GLU A 248 -39.07 -5.85 28.65
CA GLU A 248 -38.11 -5.68 29.73
C GLU A 248 -37.93 -4.19 30.01
N LYS A 249 -37.64 -3.41 28.97
CA LYS A 249 -37.42 -1.99 29.16
C LYS A 249 -38.69 -1.29 29.65
N ALA A 250 -39.81 -1.59 29.00
CA ALA A 250 -41.09 -1.05 29.40
C ALA A 250 -41.35 -1.33 30.88
N MET A 251 -41.11 -2.58 31.27
CA MET A 251 -41.31 -3.00 32.65
C MET A 251 -40.44 -2.15 33.61
N GLU A 252 -39.24 -1.81 33.16
CA GLU A 252 -38.30 -1.01 33.94
C GLU A 252 -38.75 0.45 34.03
N PHE A 253 -39.58 0.89 33.11
CA PHE A 253 -40.12 2.25 33.17
C PHE A 253 -41.41 2.29 33.97
N GLY A 254 -41.76 1.17 34.59
CA GLY A 254 -42.93 1.08 35.46
C GLY A 254 -44.25 1.05 34.71
N ALA A 255 -44.32 0.22 33.68
CA ALA A 255 -45.50 0.11 32.84
C ALA A 255 -46.07 -1.29 33.00
N ARG A 256 -47.39 -1.41 32.90
CA ARG A 256 -48.01 -2.73 32.93
C ARG A 256 -48.21 -3.23 31.51
N VAL A 257 -47.30 -4.08 31.03
CA VAL A 257 -47.51 -4.77 29.76
C VAL A 257 -48.39 -5.99 29.99
N ILE A 258 -49.47 -6.08 29.24
CA ILE A 258 -50.50 -7.07 29.50
C ILE A 258 -50.79 -7.97 28.33
N THR A 259 -49.94 -7.94 27.30
CA THR A 259 -50.15 -8.87 26.18
C THR A 259 -48.84 -9.36 25.56
N ALA A 260 -48.97 -10.44 24.82
CA ALA A 260 -47.85 -11.01 24.08
C ALA A 260 -48.51 -11.95 23.09
N SER A 261 -47.90 -12.12 21.92
CA SER A 261 -48.53 -12.93 20.89
C SER A 261 -47.51 -13.63 20.01
N ASP A 262 -48.01 -14.44 19.08
CA ASP A 262 -47.17 -15.06 18.05
C ASP A 262 -48.02 -15.42 16.83
N SER A 263 -47.41 -16.07 15.84
CA SER A 263 -48.12 -16.40 14.60
C SER A 263 -49.44 -17.11 14.87
N SER A 264 -49.54 -17.69 16.07
CA SER A 264 -50.76 -18.36 16.52
C SER A 264 -51.77 -17.43 17.20
N GLY A 265 -51.40 -16.90 18.37
CA GLY A 265 -52.33 -16.10 19.16
C GLY A 265 -51.71 -15.24 20.25
N THR A 266 -52.55 -14.80 21.20
CA THR A 266 -52.16 -13.81 22.21
C THR A 266 -52.37 -14.30 23.66
N VAL A 267 -51.60 -13.77 24.60
CA VAL A 267 -51.86 -13.99 26.02
C VAL A 267 -52.39 -12.71 26.62
N VAL A 268 -53.32 -12.80 27.56
CA VAL A 268 -53.81 -11.62 28.25
C VAL A 268 -53.62 -11.69 29.77
N ASP A 269 -52.66 -10.91 30.25
CA ASP A 269 -52.38 -10.84 31.66
C ASP A 269 -52.63 -9.43 32.14
N GLU A 270 -53.89 -9.11 32.43
CA GLU A 270 -54.21 -7.75 32.82
C GLU A 270 -53.64 -7.39 34.17
N SER A 271 -52.98 -8.36 34.80
CA SER A 271 -52.28 -8.10 36.05
C SER A 271 -50.88 -7.62 35.73
N GLY A 272 -50.47 -7.84 34.47
CA GLY A 272 -49.17 -7.39 33.98
C GLY A 272 -48.05 -8.42 33.98
N PHE A 273 -47.06 -8.17 33.12
CA PHE A 273 -45.86 -9.01 33.06
C PHE A 273 -44.96 -8.76 34.26
N THR A 274 -44.07 -9.70 34.53
CA THR A 274 -43.06 -9.56 35.59
C THR A 274 -41.75 -10.12 35.10
N LYS A 275 -40.64 -9.64 35.66
CA LYS A 275 -39.31 -10.09 35.27
C LYS A 275 -39.28 -11.62 35.14
N GLU A 276 -40.01 -12.30 36.00
CA GLU A 276 -39.99 -13.76 36.04
C GLU A 276 -40.97 -14.42 35.08
N LYS A 277 -42.12 -13.81 34.90
CA LYS A 277 -43.07 -14.32 33.93
C LYS A 277 -42.46 -14.19 32.54
N LEU A 278 -41.83 -13.05 32.28
CA LEU A 278 -41.16 -12.79 31.01
C LEU A 278 -39.96 -13.70 30.88
N ALA A 279 -39.60 -14.35 31.99
CA ALA A 279 -38.45 -15.24 32.01
C ALA A 279 -38.78 -16.58 31.35
N ARG A 280 -39.88 -17.20 31.78
CA ARG A 280 -40.29 -18.51 31.26
C ARG A 280 -40.40 -18.44 29.74
N LEU A 281 -41.54 -17.97 29.24
CA LEU A 281 -41.57 -17.38 27.92
C LEU A 281 -40.52 -16.33 28.16
N ILE A 282 -39.34 -16.40 27.54
CA ILE A 282 -38.98 -17.17 26.34
C ILE A 282 -39.03 -18.70 26.31
N GLU A 283 -39.82 -19.23 25.37
CA GLU A 283 -39.79 -20.66 25.03
C GLU A 283 -39.24 -20.84 23.61
N ILE A 284 -38.57 -21.96 23.40
CA ILE A 284 -38.18 -22.30 22.07
C ILE A 284 -38.56 -23.73 21.72
N ASP A 289 -39.03 -23.90 20.48
CA ASP A 289 -39.91 -25.03 20.14
C ASP A 289 -41.01 -25.11 21.18
N GLY A 290 -42.22 -24.75 20.80
CA GLY A 290 -43.29 -24.56 21.77
C GLY A 290 -43.76 -23.13 21.62
N ARG A 291 -45.04 -22.87 21.86
CA ARG A 291 -45.60 -21.59 21.47
C ARG A 291 -46.17 -20.84 22.66
N VAL A 292 -46.89 -19.77 22.38
CA VAL A 292 -47.39 -18.86 23.40
C VAL A 292 -48.48 -19.47 24.28
N ALA A 293 -49.39 -20.23 23.68
CA ALA A 293 -50.50 -20.83 24.44
C ALA A 293 -49.98 -21.55 25.67
N ASP A 294 -48.80 -22.15 25.52
CA ASP A 294 -48.16 -22.89 26.61
C ASP A 294 -47.93 -21.99 27.82
N TYR A 295 -47.18 -20.92 27.62
CA TYR A 295 -46.90 -19.95 28.69
C TYR A 295 -48.18 -19.40 29.33
N ALA A 296 -49.28 -19.46 28.61
CA ALA A 296 -50.56 -19.02 29.15
C ALA A 296 -51.06 -20.04 30.16
N LYS A 297 -50.96 -21.31 29.80
CA LYS A 297 -51.37 -22.40 30.69
C LYS A 297 -50.48 -22.44 31.93
N GLU A 298 -49.16 -22.49 31.71
CA GLU A 298 -48.18 -22.58 32.78
C GLU A 298 -48.36 -21.46 33.81
N PHE A 299 -49.15 -20.45 33.46
CA PHE A 299 -49.40 -19.34 34.38
C PHE A 299 -50.88 -19.08 34.62
N GLY A 300 -51.74 -19.92 34.07
CA GLY A 300 -53.18 -19.78 34.24
C GLY A 300 -53.70 -18.44 33.73
N LEU A 301 -53.16 -18.01 32.58
CA LEU A 301 -53.49 -16.71 32.00
C LEU A 301 -54.34 -16.83 30.73
N VAL A 302 -55.32 -15.95 30.60
CA VAL A 302 -56.32 -16.04 29.54
C VAL A 302 -55.72 -15.94 28.13
N TYR A 303 -55.90 -17.00 27.35
CA TYR A 303 -55.35 -17.10 26.00
C TYR A 303 -56.48 -17.02 24.98
N LEU A 304 -56.19 -16.45 23.82
CA LEU A 304 -57.17 -16.32 22.74
C LEU A 304 -56.54 -16.74 21.41
N GLU A 305 -57.11 -17.77 20.80
CA GLU A 305 -56.52 -18.33 19.58
C GLU A 305 -56.76 -17.42 18.40
N GLY A 306 -55.83 -17.46 17.44
CA GLY A 306 -55.98 -16.78 16.16
C GLY A 306 -55.94 -15.26 16.18
N GLN A 307 -56.55 -14.66 17.19
CA GLN A 307 -56.75 -13.21 17.25
C GLN A 307 -55.54 -12.42 17.80
N GLN A 308 -55.40 -11.18 17.34
CA GLN A 308 -54.36 -10.26 17.80
C GLN A 308 -54.75 -9.66 19.16
N PRO A 309 -53.84 -8.87 19.78
CA PRO A 309 -54.10 -8.25 21.08
C PRO A 309 -54.77 -6.88 21.01
N TRP A 310 -55.01 -6.35 19.82
CA TRP A 310 -55.44 -4.96 19.65
C TRP A 310 -56.85 -4.62 20.15
N SER A 311 -57.65 -5.64 20.45
CA SER A 311 -59.01 -5.42 20.96
C SER A 311 -59.03 -4.96 22.42
N LEU A 312 -57.92 -5.17 23.14
CA LEU A 312 -57.79 -4.76 24.54
C LEU A 312 -57.56 -3.26 24.69
N PRO A 313 -58.37 -2.58 25.53
CA PRO A 313 -58.03 -1.19 25.84
C PRO A 313 -56.68 -1.05 26.54
N VAL A 314 -55.82 -0.22 25.96
CA VAL A 314 -54.49 0.03 26.48
C VAL A 314 -54.18 1.52 26.35
N ASP A 315 -53.08 1.95 26.98
CA ASP A 315 -52.63 3.33 26.88
C ASP A 315 -51.59 3.51 25.77
N ILE A 316 -50.88 2.42 25.48
CA ILE A 316 -49.84 2.40 24.45
C ILE A 316 -49.90 1.08 23.69
N ALA A 317 -49.69 1.13 22.38
CA ALA A 317 -49.66 -0.10 21.60
C ALA A 317 -48.30 -0.29 20.92
N LEU A 318 -47.71 -1.47 21.14
CA LEU A 318 -46.38 -1.79 20.65
C LEU A 318 -46.34 -2.99 19.70
N PRO A 319 -46.78 -2.80 18.44
CA PRO A 319 -46.65 -3.87 17.45
C PRO A 319 -45.19 -4.35 17.26
N CYS A 320 -44.88 -5.60 17.58
CA CYS A 320 -43.51 -6.10 17.40
C CYS A 320 -43.44 -7.43 16.66
N ALA A 321 -44.46 -7.74 15.87
CA ALA A 321 -44.63 -9.08 15.29
C ALA A 321 -44.24 -9.19 13.82
N THR A 322 -45.04 -8.59 12.94
CA THR A 322 -44.81 -8.68 11.48
C THR A 322 -45.12 -7.41 10.67
N GLN A 323 -45.34 -7.60 9.40
CA GLN A 323 -45.77 -6.48 8.58
C GLN A 323 -47.29 -6.49 8.51
N ASN A 324 -47.87 -5.29 8.35
CA ASN A 324 -49.30 -5.12 8.17
C ASN A 324 -50.17 -5.84 9.22
N GLU A 325 -49.67 -5.99 10.44
CA GLU A 325 -50.41 -6.68 11.50
C GLU A 325 -51.40 -5.79 12.25
N LEU A 326 -51.45 -4.51 11.88
CA LEU A 326 -52.41 -3.53 12.42
C LEU A 326 -53.20 -2.95 11.25
N ASP A 327 -54.46 -3.37 11.09
CA ASP A 327 -55.11 -3.30 9.78
C ASP A 327 -56.00 -2.09 9.42
N VAL A 328 -56.74 -1.59 10.41
CA VAL A 328 -57.76 -0.54 10.25
C VAL A 328 -58.84 -0.80 11.29
N ASP A 329 -59.51 -1.93 11.16
CA ASP A 329 -60.51 -2.37 12.13
C ASP A 329 -59.86 -2.40 13.51
N ALA A 330 -58.63 -2.90 13.54
CA ALA A 330 -57.84 -2.97 14.75
C ALA A 330 -57.59 -1.55 15.22
N ALA A 331 -57.02 -0.75 14.33
CA ALA A 331 -56.71 0.63 14.63
C ALA A 331 -57.94 1.37 15.14
N HIS A 332 -59.11 0.92 14.70
CA HIS A 332 -60.37 1.53 15.10
C HIS A 332 -60.73 1.19 16.55
N GLN A 333 -60.63 -0.09 16.89
CA GLN A 333 -60.83 -0.54 18.26
C GLN A 333 -59.90 0.21 19.20
N LEU A 334 -58.61 0.20 18.83
CA LEU A 334 -57.56 0.83 19.63
C LEU A 334 -57.98 2.24 20.03
N ILE A 335 -58.27 3.06 19.03
CA ILE A 335 -58.69 4.43 19.25
C ILE A 335 -59.93 4.48 20.11
N ALA A 336 -60.96 3.76 19.67
CA ALA A 336 -62.19 3.67 20.43
C ALA A 336 -61.90 3.53 21.90
N ASN A 337 -60.96 2.64 22.23
CA ASN A 337 -60.68 2.23 23.60
C ASN A 337 -59.72 3.11 24.41
N GLY A 338 -59.20 4.17 23.82
CA GLY A 338 -58.44 5.13 24.60
C GLY A 338 -56.95 5.21 24.33
N VAL A 339 -56.43 4.26 23.55
CA VAL A 339 -55.03 4.27 23.09
C VAL A 339 -54.56 5.73 23.01
N LYS A 340 -53.39 6.02 23.56
CA LYS A 340 -52.84 7.38 23.54
C LYS A 340 -51.63 7.50 22.59
N ALA A 341 -50.91 6.39 22.46
CA ALA A 341 -49.74 6.29 21.57
C ALA A 341 -49.60 4.87 21.02
N VAL A 342 -48.98 4.77 19.84
CA VAL A 342 -48.69 3.49 19.23
C VAL A 342 -47.30 3.64 18.62
N ALA A 343 -46.50 2.56 18.65
CA ALA A 343 -45.14 2.65 18.11
C ALA A 343 -44.63 1.32 17.60
N GLU A 344 -43.79 1.36 16.57
CA GLU A 344 -43.50 0.19 15.75
C GLU A 344 -42.15 -0.49 16.01
N GLY A 345 -42.18 -1.58 16.78
CA GLY A 345 -41.02 -2.45 16.93
C GLY A 345 -40.75 -3.25 15.67
N ALA A 346 -41.80 -3.82 15.08
CA ALA A 346 -41.73 -4.56 13.81
C ALA A 346 -41.38 -3.66 12.62
N ASN A 347 -41.30 -4.24 11.42
CA ASN A 347 -41.21 -3.42 10.20
C ASN A 347 -42.58 -3.13 9.60
N MET A 348 -42.95 -1.85 9.59
CA MET A 348 -44.22 -1.41 9.02
C MET A 348 -45.42 -2.24 9.47
N PRO A 349 -45.56 -2.48 10.78
CA PRO A 349 -46.73 -3.27 11.17
C PRO A 349 -48.06 -2.59 10.82
N THR A 350 -48.02 -1.27 10.64
CA THR A 350 -49.24 -0.49 10.42
C THR A 350 -49.39 -0.17 8.94
N THR A 351 -50.60 -0.32 8.40
CA THR A 351 -50.84 0.10 7.01
C THR A 351 -51.15 1.59 6.98
N ILE A 352 -50.93 2.22 5.83
CA ILE A 352 -51.11 3.66 5.71
C ILE A 352 -52.53 4.06 6.06
N GLU A 353 -53.48 3.15 5.88
CA GLU A 353 -54.85 3.47 6.23
C GLU A 353 -54.96 3.57 7.74
N ALA A 354 -54.35 2.60 8.44
CA ALA A 354 -54.35 2.56 9.90
C ALA A 354 -53.42 3.61 10.52
N THR A 355 -52.36 3.97 9.81
CA THR A 355 -51.50 5.06 10.23
C THR A 355 -52.26 6.37 10.10
N GLU A 356 -53.00 6.49 9.00
CA GLU A 356 -53.83 7.65 8.70
C GLU A 356 -54.77 7.91 9.87
N LEU A 357 -55.58 6.91 10.21
CA LEU A 357 -56.43 6.98 11.39
C LEU A 357 -55.57 6.68 12.59
N PHE A 358 -55.30 7.68 13.41
CA PHE A 358 -54.33 7.63 14.49
C PHE A 358 -53.82 9.03 14.53
N GLN A 359 -53.16 9.41 13.44
CA GLN A 359 -52.70 10.78 13.25
C GLN A 359 -53.92 11.68 13.02
N GLN A 360 -55.08 11.06 12.84
CA GLN A 360 -56.33 11.79 12.66
C GLN A 360 -57.15 11.82 13.94
N ALA A 361 -56.86 10.90 14.85
CA ALA A 361 -57.02 11.19 16.27
C ALA A 361 -55.83 12.17 16.47
N GLY A 362 -55.43 12.56 17.67
CA GLY A 362 -55.75 11.90 18.92
C GLY A 362 -54.51 11.11 19.30
N VAL A 363 -53.97 10.36 18.34
CA VAL A 363 -53.00 9.33 18.67
C VAL A 363 -51.57 9.66 18.24
N LEU A 364 -50.65 9.52 19.20
CA LEU A 364 -49.22 9.71 18.98
C LEU A 364 -48.64 8.48 18.29
N PHE A 365 -47.95 8.67 17.18
CA PHE A 365 -47.47 7.54 16.39
C PHE A 365 -45.99 7.63 16.06
N ALA A 366 -45.25 6.59 16.46
CA ALA A 366 -43.80 6.52 16.23
C ALA A 366 -43.47 5.55 15.11
N PRO A 367 -43.02 6.08 13.97
CA PRO A 367 -42.77 5.27 12.78
C PRO A 367 -41.61 4.33 13.02
N GLY A 368 -41.77 3.06 12.63
CA GLY A 368 -40.79 2.02 12.86
C GLY A 368 -39.42 2.39 12.33
N LYS A 369 -39.41 3.19 11.28
CA LYS A 369 -38.17 3.63 10.66
C LYS A 369 -37.23 4.29 11.69
N ALA A 370 -37.80 5.07 12.60
CA ALA A 370 -37.07 5.71 13.68
C ALA A 370 -37.07 4.82 14.92
N ALA A 371 -38.25 4.37 15.33
CA ALA A 371 -38.46 3.65 16.58
C ALA A 371 -37.76 2.27 16.72
N ASN A 372 -37.54 1.58 15.61
CA ASN A 372 -36.89 0.27 15.70
C ASN A 372 -35.42 0.30 15.36
N ALA A 373 -34.90 1.52 15.18
CA ALA A 373 -33.50 1.69 14.78
C ALA A 373 -32.50 1.51 15.95
N GLY A 374 -32.92 0.82 17.00
CA GLY A 374 -32.02 0.55 18.11
C GLY A 374 -30.76 -0.22 17.72
N GLY A 375 -30.93 -1.33 17.01
CA GLY A 375 -29.80 -2.15 16.61
C GLY A 375 -28.91 -1.47 15.59
N VAL A 376 -29.47 -0.55 14.83
CA VAL A 376 -28.64 0.14 13.89
C VAL A 376 -27.82 1.17 14.67
N ALA A 377 -28.46 1.81 15.63
CA ALA A 377 -27.73 2.78 16.44
C ALA A 377 -26.65 2.08 17.25
N THR A 378 -26.97 0.95 17.88
CA THR A 378 -25.97 0.31 18.72
C THR A 378 -24.91 -0.43 17.92
N SER A 379 -25.15 -0.64 16.64
CA SER A 379 -24.09 -1.22 15.84
C SER A 379 -23.04 -0.14 15.50
N GLY A 380 -23.49 1.11 15.41
CA GLY A 380 -22.57 2.22 15.28
C GLY A 380 -21.82 2.46 16.58
N LEU A 381 -22.48 2.12 17.67
CA LEU A 381 -21.87 2.15 18.99
C LEU A 381 -20.73 1.12 19.09
N GLU A 382 -20.96 -0.06 18.53
CA GLU A 382 -19.97 -1.13 18.50
C GLU A 382 -18.74 -0.64 17.73
N MET A 383 -18.97 0.10 16.64
CA MET A 383 -17.83 0.60 15.89
C MET A 383 -17.07 1.59 16.75
N ALA A 384 -17.81 2.38 17.51
CA ALA A 384 -17.22 3.38 18.37
C ALA A 384 -16.33 2.73 19.46
N GLN A 385 -16.84 1.69 20.09
CA GLN A 385 -16.10 0.93 21.09
C GLN A 385 -14.81 0.37 20.50
N ASN A 386 -14.93 -0.28 19.33
CA ASN A 386 -13.77 -0.87 18.68
C ASN A 386 -12.74 0.21 18.36
N ALA A 387 -13.16 1.46 18.30
CA ALA A 387 -12.21 2.50 17.94
C ALA A 387 -11.44 2.98 19.17
N ALA A 388 -11.86 2.53 20.35
CA ALA A 388 -11.66 3.30 21.57
C ALA A 388 -10.41 3.12 22.47
N ARG A 389 -9.76 1.95 22.52
CA ARG A 389 -10.20 0.67 22.00
C ARG A 389 -10.43 -0.15 23.27
N LEU A 390 -11.68 -0.19 23.70
CA LEU A 390 -12.07 -0.84 24.94
C LEU A 390 -13.52 -1.28 24.80
N GLY A 391 -13.95 -2.16 25.71
CA GLY A 391 -15.37 -2.45 25.85
C GLY A 391 -16.04 -1.47 26.81
N TRP A 392 -17.35 -1.31 26.65
CA TRP A 392 -18.11 -0.51 27.59
C TRP A 392 -19.07 -1.43 28.33
N LYS A 393 -19.30 -1.16 29.61
CA LYS A 393 -20.25 -1.95 30.38
C LYS A 393 -21.60 -1.90 29.66
N ALA A 394 -22.37 -2.97 29.80
CA ALA A 394 -23.73 -3.02 29.28
C ALA A 394 -24.54 -1.76 29.68
N GLU A 395 -24.25 -1.24 30.85
CA GLU A 395 -24.99 -0.09 31.35
C GLU A 395 -24.56 1.16 30.59
N LYS A 396 -23.30 1.21 30.19
CA LYS A 396 -22.78 2.37 29.48
C LYS A 396 -23.37 2.43 28.06
N VAL A 397 -23.31 1.30 27.36
CA VAL A 397 -23.88 1.18 26.04
C VAL A 397 -25.34 1.59 26.08
N ASP A 398 -26.05 1.09 27.07
CA ASP A 398 -27.46 1.39 27.20
C ASP A 398 -27.67 2.89 27.38
N ALA A 399 -26.94 3.51 28.30
CA ALA A 399 -27.11 4.92 28.55
C ALA A 399 -26.96 5.69 27.26
N ARG A 400 -25.97 5.28 26.47
CA ARG A 400 -25.69 5.99 25.24
C ARG A 400 -26.83 5.72 24.23
N LEU A 401 -27.33 4.48 24.20
CA LEU A 401 -28.44 4.10 23.32
C LEU A 401 -29.70 4.84 23.70
N HIS A 402 -29.84 5.08 24.99
CA HIS A 402 -31.01 5.77 25.51
C HIS A 402 -31.01 7.18 24.98
N HIS A 403 -29.86 7.84 25.08
CA HIS A 403 -29.73 9.21 24.63
C HIS A 403 -29.89 9.32 23.12
N ILE A 404 -29.31 8.37 22.40
CA ILE A 404 -29.37 8.41 20.95
C ILE A 404 -30.81 8.31 20.45
N MET A 405 -31.60 7.43 21.06
CA MET A 405 -33.00 7.34 20.68
C MET A 405 -33.75 8.67 20.88
N THR A 406 -33.45 9.37 21.97
CA THR A 406 -34.05 10.66 22.24
C THR A 406 -33.66 11.68 21.19
N ASP A 407 -32.40 11.62 20.78
CA ASP A 407 -31.91 12.50 19.74
C ASP A 407 -32.68 12.24 18.47
N ILE A 408 -32.84 10.95 18.15
CA ILE A 408 -33.53 10.55 16.94
C ILE A 408 -34.90 11.17 16.99
N HIS A 409 -35.56 11.07 18.13
CA HIS A 409 -36.86 11.70 18.27
C HIS A 409 -36.75 13.22 18.09
N ASP A 410 -35.91 13.89 18.87
CA ASP A 410 -35.81 15.34 18.78
C ASP A 410 -35.55 15.77 17.33
N GLY A 411 -34.54 15.16 16.70
CA GLY A 411 -34.16 15.51 15.35
C GLY A 411 -35.30 15.33 14.36
N SER A 412 -36.05 14.25 14.52
CA SER A 412 -37.21 13.96 13.65
C SER A 412 -38.27 15.02 13.78
N ALA A 413 -38.75 15.19 15.01
CA ALA A 413 -39.74 16.20 15.38
C ALA A 413 -39.31 17.61 14.96
N ALA A 414 -38.00 17.84 14.96
CA ALA A 414 -37.48 19.14 14.60
C ALA A 414 -37.54 19.38 13.10
N ALA A 415 -37.38 18.30 12.34
CA ALA A 415 -37.34 18.39 10.88
C ALA A 415 -38.75 18.57 10.29
N ALA A 416 -39.72 17.84 10.83
CA ALA A 416 -41.11 18.03 10.42
C ALA A 416 -41.50 19.45 10.77
N GLU A 417 -40.99 19.91 11.91
CA GLU A 417 -41.27 21.25 12.40
C GLU A 417 -40.73 22.33 11.46
N ARG A 418 -39.49 22.17 10.99
CA ARG A 418 -38.87 23.16 10.12
C ARG A 418 -39.73 23.37 8.90
N TYR A 419 -40.24 22.26 8.38
CA TYR A 419 -40.97 22.24 7.11
C TYR A 419 -42.47 22.39 7.30
N GLY A 420 -42.85 22.80 8.52
CA GLY A 420 -44.23 23.16 8.82
C GLY A 420 -45.18 22.00 8.83
N LEU A 421 -44.71 20.83 9.26
CA LEU A 421 -45.57 19.65 9.30
C LEU A 421 -46.08 19.39 10.70
N GLY A 422 -45.52 20.15 11.65
CA GLY A 422 -46.06 20.23 13.00
C GLY A 422 -46.28 18.93 13.75
N TYR A 423 -45.19 18.26 14.10
CA TYR A 423 -45.22 16.97 14.81
C TYR A 423 -45.89 15.84 14.02
N ASN A 424 -45.31 15.56 12.86
CA ASN A 424 -45.53 14.29 12.20
C ASN A 424 -44.20 13.55 12.24
N LEU A 425 -44.09 12.55 13.12
CA LEU A 425 -42.86 11.76 13.23
C LEU A 425 -42.55 11.02 11.92
N VAL A 426 -43.60 10.46 11.32
CA VAL A 426 -43.46 9.80 10.04
C VAL A 426 -42.70 10.65 9.00
N ALA A 427 -43.07 11.93 8.87
CA ALA A 427 -42.41 12.81 7.88
C ALA A 427 -41.00 13.26 8.29
N GLY A 428 -40.83 13.56 9.56
CA GLY A 428 -39.52 13.98 10.04
C GLY A 428 -38.50 12.89 9.90
N ALA A 429 -38.91 11.66 10.20
CA ALA A 429 -38.03 10.52 10.07
C ALA A 429 -37.50 10.41 8.64
N ASN A 430 -38.33 10.75 7.68
CA ASN A 430 -37.89 10.69 6.29
C ASN A 430 -36.96 11.84 5.92
N ILE A 431 -37.16 12.98 6.56
CA ILE A 431 -36.46 14.22 6.23
C ILE A 431 -35.04 14.33 6.79
N VAL A 432 -34.85 14.11 8.10
CA VAL A 432 -33.51 14.22 8.67
C VAL A 432 -32.57 13.17 8.10
N GLY A 433 -33.15 12.03 7.74
CA GLY A 433 -32.43 10.99 7.03
C GLY A 433 -31.90 11.52 5.73
N PHE A 434 -32.74 12.21 4.98
CA PHE A 434 -32.32 12.81 3.71
C PHE A 434 -31.49 14.05 3.95
N GLN A 435 -31.89 14.83 4.94
CA GLN A 435 -31.29 16.13 5.16
C GLN A 435 -29.79 16.05 5.40
N LYS A 436 -29.38 15.20 6.35
CA LYS A 436 -27.97 15.08 6.69
C LYS A 436 -27.17 14.63 5.48
N ILE A 437 -27.58 13.51 4.88
CA ILE A 437 -26.96 13.04 3.65
C ILE A 437 -26.85 14.16 2.64
N ALA A 438 -27.96 14.86 2.41
CA ALA A 438 -28.01 15.96 1.44
C ALA A 438 -27.06 17.09 1.79
N ASP A 439 -27.03 17.49 3.07
CA ASP A 439 -26.14 18.56 3.48
C ASP A 439 -24.71 18.20 3.15
N ALA A 440 -24.36 16.94 3.40
CA ALA A 440 -22.97 16.51 3.26
C ALA A 440 -22.56 16.33 1.80
N MET A 441 -23.44 15.72 1.01
CA MET A 441 -23.26 15.67 -0.45
C MET A 441 -23.17 17.07 -1.07
N MET A 442 -23.97 17.99 -0.56
CA MET A 442 -23.88 19.37 -1.02
C MET A 442 -22.50 20.00 -0.67
N ALA A 443 -22.02 19.76 0.54
CA ALA A 443 -20.75 20.36 0.99
C ALA A 443 -19.53 19.71 0.33
N GLN A 444 -19.65 18.41 0.03
CA GLN A 444 -18.54 17.67 -0.57
C GLN A 444 -18.42 17.91 -2.09
N GLY A 445 -19.45 18.51 -2.67
CA GLY A 445 -19.45 18.98 -4.06
C GLY A 445 -19.83 17.93 -5.09
N ILE A 446 -19.35 18.12 -6.31
CA ILE A 446 -19.60 17.18 -7.39
C ILE A 446 -18.36 16.35 -7.53
N ALA A 447 -18.41 15.16 -6.93
CA ALA A 447 -17.29 14.24 -6.94
C ALA A 447 -17.96 12.90 -6.89
N TRP A 448 -18.88 12.78 -5.94
CA TRP A 448 -19.77 11.65 -5.85
C TRP A 448 -21.20 12.10 -6.11
N SER B 2 42.25 -18.83 6.27
CA SER B 2 42.12 -17.44 6.69
C SER B 2 41.75 -17.37 8.16
N LYS B 3 42.42 -16.52 8.93
CA LYS B 3 42.09 -16.34 10.35
C LYS B 3 40.68 -15.76 10.47
N TYR B 4 40.33 -14.86 9.56
CA TYR B 4 38.98 -14.30 9.48
C TYR B 4 37.94 -15.41 9.30
N VAL B 5 38.10 -16.16 8.21
CA VAL B 5 37.20 -17.27 7.89
C VAL B 5 37.17 -18.36 8.95
N ASP B 6 38.26 -18.53 9.70
CA ASP B 6 38.32 -19.57 10.72
C ASP B 6 37.49 -19.19 11.94
N ARG B 7 37.58 -17.92 12.35
CA ARG B 7 36.50 -17.33 13.10
C ARG B 7 35.29 -17.34 12.19
N VAL B 8 34.14 -16.99 12.74
CA VAL B 8 32.93 -17.05 11.97
C VAL B 8 32.59 -18.53 11.84
N ILE B 9 33.37 -19.29 11.08
CA ILE B 9 33.07 -20.71 11.01
C ILE B 9 32.91 -21.25 12.42
N ALA B 10 33.81 -20.82 13.31
CA ALA B 10 33.75 -21.29 14.70
C ALA B 10 32.64 -20.63 15.52
N GLU B 11 32.34 -19.35 15.25
CA GLU B 11 31.24 -18.70 15.94
C GLU B 11 29.91 -19.36 15.56
N VAL B 12 29.79 -19.75 14.29
CA VAL B 12 28.59 -20.41 13.76
C VAL B 12 28.42 -21.81 14.30
N GLU B 13 29.52 -22.56 14.37
CA GLU B 13 29.49 -23.91 14.94
C GLU B 13 29.02 -23.89 16.39
N LYS B 14 29.33 -22.80 17.09
CA LYS B 14 28.96 -22.65 18.48
C LYS B 14 27.54 -22.14 18.63
N LYS B 15 27.26 -21.00 18.00
CA LYS B 15 25.98 -20.33 18.13
C LYS B 15 24.81 -21.18 17.61
N TYR B 16 25.07 -21.94 16.55
CA TYR B 16 24.03 -22.72 15.92
C TYR B 16 24.37 -24.19 16.01
N ALA B 17 24.80 -24.62 17.20
CA ALA B 17 25.18 -26.02 17.36
C ALA B 17 23.98 -26.87 17.01
N ASP B 18 22.79 -26.36 17.36
CA ASP B 18 21.55 -27.08 17.15
C ASP B 18 21.03 -27.07 15.72
N GLU B 19 21.79 -26.46 14.81
CA GLU B 19 21.45 -26.44 13.39
C GLU B 19 22.59 -27.10 12.61
N PRO B 20 22.78 -28.40 12.79
CA PRO B 20 23.95 -29.07 12.22
C PRO B 20 24.03 -29.09 10.68
N GLU B 21 22.91 -29.20 9.98
CA GLU B 21 22.98 -29.24 8.52
C GLU B 21 23.49 -27.88 8.02
N PHE B 22 23.06 -26.82 8.70
CA PHE B 22 23.45 -25.46 8.36
C PHE B 22 24.91 -25.15 8.72
N VAL B 23 25.31 -25.47 9.94
CA VAL B 23 26.72 -25.38 10.36
C VAL B 23 27.64 -26.11 9.40
N GLN B 24 27.25 -27.32 9.00
CA GLN B 24 28.04 -28.08 8.04
C GLN B 24 28.20 -27.29 6.75
N THR B 25 27.10 -26.68 6.29
CA THR B 25 27.11 -25.90 5.05
C THR B 25 27.96 -24.64 5.09
N VAL B 26 27.96 -23.93 6.22
CA VAL B 26 28.80 -22.76 6.35
C VAL B 26 30.26 -23.19 6.34
N GLU B 27 30.58 -24.21 7.11
CA GLU B 27 31.91 -24.80 7.10
C GLU B 27 32.35 -25.00 5.65
N GLU B 28 31.61 -25.82 4.93
CA GLU B 28 32.00 -26.29 3.59
C GLU B 28 32.02 -25.23 2.50
N VAL B 29 31.24 -24.17 2.70
CA VAL B 29 31.27 -23.03 1.79
C VAL B 29 32.45 -22.13 2.18
N LEU B 30 32.41 -21.63 3.40
CA LEU B 30 33.39 -20.64 3.85
C LEU B 30 34.84 -21.03 3.60
N SER B 31 35.20 -22.25 3.99
CA SER B 31 36.57 -22.76 3.87
C SER B 31 37.09 -22.87 2.42
N SER B 32 36.21 -22.63 1.44
CA SER B 32 36.63 -22.64 0.05
C SER B 32 37.12 -21.26 -0.42
N LEU B 33 37.01 -20.26 0.44
CA LEU B 33 37.22 -18.89 0.03
C LEU B 33 38.41 -18.18 0.69
N GLY B 34 39.27 -18.94 1.34
CA GLY B 34 40.47 -18.39 1.95
C GLY B 34 41.18 -17.41 1.04
N PRO B 35 41.80 -17.92 -0.03
CA PRO B 35 42.45 -17.05 -1.00
C PRO B 35 41.64 -15.79 -1.30
N VAL B 36 40.34 -15.94 -1.53
CA VAL B 36 39.50 -14.77 -1.81
C VAL B 36 39.48 -13.82 -0.61
N VAL B 37 39.04 -14.32 0.53
CA VAL B 37 38.96 -13.47 1.72
C VAL B 37 40.31 -12.80 2.05
N ASP B 38 41.40 -13.56 1.94
CA ASP B 38 42.75 -13.03 2.06
C ASP B 38 42.94 -11.77 1.21
N ALA B 39 42.39 -11.81 0.01
CA ALA B 39 42.59 -10.77 -0.98
C ALA B 39 41.88 -9.47 -0.63
N HIS B 40 40.71 -9.58 -0.01
CA HIS B 40 39.93 -8.39 0.27
C HIS B 40 39.91 -8.16 1.75
N PRO B 41 40.84 -7.35 2.25
CA PRO B 41 40.85 -6.99 3.67
C PRO B 41 39.59 -6.21 4.02
N GLU B 42 39.03 -5.49 3.05
CA GLU B 42 37.86 -4.67 3.29
C GLU B 42 36.64 -5.47 3.80
N TYR B 43 36.55 -6.75 3.43
CA TYR B 43 35.43 -7.59 3.85
C TYR B 43 35.34 -7.63 5.37
N GLU B 44 36.43 -8.05 6.01
CA GLU B 44 36.46 -8.14 7.46
C GLU B 44 36.12 -6.81 8.13
N GLU B 45 36.64 -5.70 7.59
CA GLU B 45 36.34 -4.35 8.09
C GLU B 45 34.84 -4.00 8.18
N VAL B 46 34.00 -4.69 7.39
CA VAL B 46 32.55 -4.45 7.43
C VAL B 46 31.79 -5.69 7.80
N ALA B 47 32.45 -6.61 8.48
CA ALA B 47 31.82 -7.80 9.04
C ALA B 47 31.02 -8.58 8.00
N LEU B 48 31.57 -8.63 6.80
CA LEU B 48 30.86 -9.17 5.65
C LEU B 48 30.44 -10.63 5.81
N LEU B 49 31.39 -11.47 6.20
CA LEU B 49 31.11 -12.89 6.41
C LEU B 49 30.07 -13.08 7.51
N GLU B 50 30.17 -12.24 8.53
CA GLU B 50 29.29 -12.32 9.68
C GLU B 50 27.87 -11.87 9.31
N ARG B 51 27.76 -10.91 8.40
CA ARG B 51 26.46 -10.55 7.82
C ARG B 51 25.95 -11.67 6.91
N MET B 52 26.80 -12.13 6.01
CA MET B 52 26.40 -13.15 5.06
C MET B 52 25.81 -14.41 5.68
N VAL B 53 26.24 -14.77 6.89
CA VAL B 53 25.80 -16.04 7.45
C VAL B 53 24.49 -15.92 8.21
N ILE B 54 24.02 -14.70 8.37
CA ILE B 54 22.71 -14.46 8.97
C ILE B 54 21.70 -14.10 7.91
N PRO B 55 20.64 -14.91 7.76
CA PRO B 55 19.59 -14.58 6.79
C PRO B 55 19.07 -13.16 7.01
N GLU B 56 18.83 -12.41 5.94
CA GLU B 56 18.30 -11.06 6.09
C GLU B 56 16.99 -11.16 6.80
N ARG B 57 16.17 -12.11 6.37
CA ARG B 57 14.82 -12.23 6.90
C ARG B 57 14.39 -13.68 6.95
N VAL B 58 13.78 -14.11 8.05
CA VAL B 58 13.22 -15.46 8.10
C VAL B 58 11.81 -15.42 8.61
N ILE B 59 10.89 -16.11 7.91
CA ILE B 59 9.49 -16.13 8.32
C ILE B 59 8.95 -17.50 8.65
N GLU B 60 8.38 -17.69 9.83
CA GLU B 60 7.75 -18.98 10.14
C GLU B 60 6.28 -18.71 10.47
N PHE B 61 5.42 -19.67 10.17
CA PHE B 61 3.98 -19.44 10.31
C PHE B 61 3.16 -20.72 10.49
N ARG B 62 2.03 -20.54 11.16
CA ARG B 62 1.07 -21.61 11.40
C ARG B 62 0.37 -21.84 10.06
N VAL B 63 -0.07 -23.06 9.83
CA VAL B 63 -0.79 -23.43 8.61
C VAL B 63 -1.79 -24.52 8.96
N PRO B 64 -2.95 -24.12 9.50
CA PRO B 64 -4.05 -25.04 9.79
C PRO B 64 -4.72 -25.44 8.48
N TRP B 65 -5.32 -26.63 8.45
CA TRP B 65 -5.99 -27.07 7.23
C TRP B 65 -6.81 -28.31 7.51
N GLU B 66 -7.85 -28.53 6.70
CA GLU B 66 -8.71 -29.70 6.90
C GLU B 66 -8.51 -30.75 5.82
N ASP B 67 -8.72 -32.02 6.15
CA ASP B 67 -8.57 -33.12 5.20
C ASP B 67 -9.94 -33.58 4.76
N ASP B 68 -9.98 -34.47 3.76
CA ASP B 68 -11.25 -34.90 3.16
C ASP B 68 -12.21 -35.55 4.17
N ASN B 69 -11.82 -35.60 5.43
CA ASN B 69 -12.71 -36.11 6.48
C ASN B 69 -13.24 -34.99 7.35
N GLY B 70 -12.75 -33.79 7.11
CA GLY B 70 -13.12 -32.65 7.92
C GLY B 70 -12.27 -32.55 9.17
N LYS B 71 -11.29 -33.44 9.31
CA LYS B 71 -10.39 -33.41 10.48
C LYS B 71 -9.39 -32.29 10.29
N VAL B 72 -9.09 -31.56 11.36
CA VAL B 72 -8.18 -30.42 11.23
C VAL B 72 -6.71 -30.83 11.48
N HIS B 73 -5.78 -30.29 10.71
CA HIS B 73 -4.36 -30.49 10.95
C HIS B 73 -3.59 -29.18 11.04
N VAL B 74 -2.45 -29.21 11.72
CA VAL B 74 -1.55 -28.07 11.75
C VAL B 74 -0.14 -28.47 11.39
N ASN B 75 0.45 -27.66 10.52
CA ASN B 75 1.83 -27.82 10.13
C ASN B 75 2.50 -26.46 10.22
N THR B 76 3.79 -26.41 9.90
CA THR B 76 4.53 -25.17 10.04
C THR B 76 5.13 -24.78 8.71
N GLY B 77 4.88 -23.55 8.29
CA GLY B 77 5.43 -23.08 7.03
C GLY B 77 6.65 -22.23 7.29
N TYR B 78 7.62 -22.30 6.42
CA TYR B 78 8.87 -21.58 6.61
C TYR B 78 9.17 -20.83 5.36
N ARG B 79 9.69 -19.63 5.49
CA ARG B 79 10.36 -19.01 4.36
C ARG B 79 11.60 -18.26 4.85
N VAL B 80 12.76 -18.68 4.33
CA VAL B 80 14.04 -18.13 4.75
C VAL B 80 14.56 -17.30 3.61
N GLN B 81 14.44 -16.00 3.75
CA GLN B 81 14.89 -15.13 2.70
C GLN B 81 16.33 -14.80 3.02
N PHE B 82 17.27 -15.53 2.40
CA PHE B 82 18.65 -15.48 2.86
C PHE B 82 19.49 -14.28 2.41
N ASN B 83 19.55 -14.05 1.12
CA ASN B 83 20.38 -12.97 0.63
C ASN B 83 19.69 -12.27 -0.55
N GLY B 84 19.59 -10.94 -0.48
CA GLY B 84 18.83 -10.21 -1.49
C GLY B 84 19.67 -9.26 -2.34
N ALA B 85 20.99 -9.41 -2.26
CA ALA B 85 21.92 -8.46 -2.88
C ALA B 85 21.71 -8.25 -4.37
N ILE B 86 21.52 -9.32 -5.13
CA ILE B 86 21.62 -9.21 -6.57
C ILE B 86 20.34 -9.57 -7.33
N GLY B 87 19.26 -9.77 -6.61
CA GLY B 87 18.02 -10.19 -7.24
C GLY B 87 16.95 -10.43 -6.21
N PRO B 88 15.68 -10.48 -6.64
CA PRO B 88 14.66 -10.79 -5.66
C PRO B 88 15.01 -12.14 -5.11
N TYR B 89 14.74 -12.35 -3.84
CA TYR B 89 14.96 -13.65 -3.22
C TYR B 89 14.43 -14.76 -4.15
N LYS B 90 15.23 -15.82 -4.34
CA LYS B 90 14.79 -16.92 -5.19
C LYS B 90 15.29 -18.29 -4.74
N GLY B 91 14.35 -19.20 -4.55
CA GLY B 91 14.68 -20.52 -4.11
C GLY B 91 13.42 -21.32 -3.89
N GLY B 92 13.59 -22.64 -3.88
CA GLY B 92 12.47 -23.58 -3.90
C GLY B 92 11.70 -23.72 -2.59
N LEU B 93 10.62 -24.50 -2.68
CA LEU B 93 9.80 -24.82 -1.52
C LEU B 93 9.74 -26.32 -1.41
N ARG B 94 10.08 -26.83 -0.23
CA ARG B 94 10.03 -28.27 0.06
C ARG B 94 8.91 -28.63 1.03
N PHE B 95 8.06 -29.59 0.64
CA PHE B 95 7.10 -30.14 1.61
C PHE B 95 7.56 -31.49 2.12
N ALA B 96 8.08 -31.54 3.34
CA ALA B 96 8.51 -32.82 3.91
C ALA B 96 8.53 -32.81 5.44
N PRO B 97 8.31 -33.98 6.06
CA PRO B 97 8.26 -34.04 7.52
C PRO B 97 9.61 -33.69 8.19
N SER B 98 10.71 -33.89 7.46
CA SER B 98 12.04 -33.53 7.94
C SER B 98 12.29 -32.01 8.06
N VAL B 99 11.46 -31.23 7.36
CA VAL B 99 11.63 -29.76 7.31
C VAL B 99 11.64 -29.05 8.66
N ASN B 100 12.61 -28.14 8.81
CA ASN B 100 12.75 -27.24 9.96
C ASN B 100 13.73 -26.12 9.62
N LEU B 101 13.94 -25.18 10.54
CA LEU B 101 14.76 -24.00 10.25
C LEU B 101 16.16 -24.29 9.77
N SER B 102 16.78 -25.32 10.34
CA SER B 102 18.14 -25.69 9.96
C SER B 102 18.23 -26.12 8.50
N ILE B 103 17.43 -27.11 8.12
CA ILE B 103 17.46 -27.56 6.72
C ILE B 103 17.16 -26.39 5.79
N MET B 104 16.12 -25.65 6.12
CA MET B 104 15.80 -24.43 5.39
C MET B 104 16.97 -23.43 5.25
N LYS B 105 17.67 -23.15 6.34
CA LYS B 105 18.76 -22.16 6.30
C LYS B 105 19.92 -22.64 5.46
N PHE B 106 20.20 -23.94 5.48
CA PHE B 106 21.36 -24.44 4.76
C PHE B 106 21.02 -24.48 3.29
N LEU B 107 19.82 -24.96 2.97
CA LEU B 107 19.37 -24.98 1.59
C LEU B 107 19.40 -23.58 1.03
N GLY B 108 18.88 -22.65 1.83
CA GLY B 108 18.75 -21.26 1.45
C GLY B 108 20.08 -20.57 1.29
N PHE B 109 21.03 -21.02 2.10
CA PHE B 109 22.36 -20.46 2.07
C PHE B 109 23.10 -20.84 0.76
N GLU B 110 22.92 -22.07 0.31
CA GLU B 110 23.55 -22.50 -0.94
C GLU B 110 22.79 -21.99 -2.15
N GLN B 111 21.49 -21.79 -2.01
CA GLN B 111 20.68 -21.20 -3.09
C GLN B 111 21.20 -19.81 -3.47
N ALA B 112 21.65 -19.06 -2.46
CA ALA B 112 22.20 -17.73 -2.66
C ALA B 112 23.35 -17.78 -3.67
N PHE B 113 24.20 -18.78 -3.51
CA PHE B 113 25.37 -18.90 -4.36
C PHE B 113 25.10 -19.56 -5.73
N LYS B 114 24.28 -20.60 -5.75
CA LYS B 114 23.88 -21.19 -7.03
C LYS B 114 23.33 -20.12 -7.94
N ASP B 115 22.41 -19.32 -7.44
CA ASP B 115 21.79 -18.26 -8.23
C ASP B 115 22.78 -17.25 -8.79
N SER B 116 23.62 -16.69 -7.92
CA SER B 116 24.69 -15.78 -8.36
C SER B 116 25.62 -16.48 -9.37
N LEU B 117 25.88 -17.76 -9.11
CA LEU B 117 26.68 -18.59 -10.01
C LEU B 117 26.17 -18.53 -11.45
N THR B 118 24.85 -18.50 -11.62
CA THR B 118 24.21 -18.43 -12.94
C THR B 118 24.36 -17.12 -13.71
N THR B 119 24.79 -16.05 -13.05
CA THR B 119 24.88 -14.71 -13.65
C THR B 119 23.54 -14.03 -13.96
N LEU B 120 22.44 -14.69 -13.63
CA LEU B 120 21.16 -14.00 -13.64
C LEU B 120 20.95 -13.28 -12.29
N PRO B 121 20.19 -12.19 -12.30
CA PRO B 121 19.88 -11.46 -11.06
C PRO B 121 18.91 -12.23 -10.15
N MET B 122 19.45 -13.15 -9.35
CA MET B 122 18.61 -13.90 -8.40
C MET B 122 19.21 -13.95 -6.99
N GLY B 123 18.39 -13.62 -6.00
CA GLY B 123 18.82 -13.75 -4.61
C GLY B 123 18.96 -15.20 -4.21
N GLY B 124 19.05 -15.45 -2.91
CA GLY B 124 19.06 -16.80 -2.41
C GLY B 124 18.00 -16.97 -1.33
N ALA B 125 17.26 -18.07 -1.39
CA ALA B 125 16.28 -18.33 -0.34
C ALA B 125 15.80 -19.77 -0.39
N LYS B 126 15.11 -20.21 0.64
CA LYS B 126 14.48 -21.51 0.61
C LYS B 126 13.29 -21.40 1.52
N GLY B 127 12.42 -22.41 1.51
CA GLY B 127 11.22 -22.40 2.32
C GLY B 127 10.42 -23.66 2.09
N GLY B 128 9.26 -23.77 2.73
CA GLY B 128 8.47 -24.98 2.63
C GLY B 128 7.69 -25.28 3.89
N SER B 129 7.44 -26.56 4.15
CA SER B 129 6.64 -26.90 5.31
C SER B 129 6.88 -28.34 5.72
N ASP B 130 6.64 -28.62 7.00
CA ASP B 130 6.80 -29.97 7.55
C ASP B 130 5.62 -30.86 7.13
N PHE B 131 4.59 -30.23 6.58
CA PHE B 131 3.53 -30.91 5.82
C PHE B 131 4.10 -32.07 4.98
N ASP B 132 3.37 -33.17 4.92
CA ASP B 132 3.85 -34.35 4.21
C ASP B 132 2.88 -34.82 3.12
N PRO B 133 3.29 -34.70 1.85
CA PRO B 133 2.41 -34.97 0.69
C PRO B 133 1.90 -36.40 0.54
N ASN B 134 2.74 -37.42 0.70
CA ASN B 134 2.27 -38.80 0.54
C ASN B 134 1.16 -39.13 1.52
N GLY B 135 0.21 -39.93 1.05
CA GLY B 135 -1.03 -40.17 1.76
C GLY B 135 -2.10 -39.17 1.33
N LYS B 136 -1.68 -37.99 0.90
CA LYS B 136 -2.61 -36.90 0.68
C LYS B 136 -3.29 -36.93 -0.68
N SER B 137 -4.57 -36.62 -0.69
CA SER B 137 -5.31 -36.44 -1.93
C SER B 137 -5.00 -35.13 -2.63
N ASP B 138 -5.20 -35.12 -3.92
CA ASP B 138 -5.22 -33.91 -4.71
C ASP B 138 -5.91 -32.74 -3.99
N ARG B 139 -7.17 -32.92 -3.62
CA ARG B 139 -7.90 -31.84 -2.96
C ARG B 139 -7.22 -31.43 -1.63
N GLU B 140 -6.55 -32.38 -1.00
CA GLU B 140 -5.89 -32.09 0.27
C GLU B 140 -4.63 -31.28 0.05
N VAL B 141 -3.87 -31.63 -0.97
CA VAL B 141 -2.69 -30.86 -1.32
C VAL B 141 -3.12 -29.45 -1.71
N MET B 142 -4.27 -29.34 -2.37
CA MET B 142 -4.74 -28.03 -2.79
C MET B 142 -5.10 -27.18 -1.58
N ARG B 143 -5.94 -27.72 -0.71
CA ARG B 143 -6.34 -26.96 0.46
C ARG B 143 -5.13 -26.52 1.30
N PHE B 144 -4.19 -27.44 1.53
CA PHE B 144 -3.02 -27.13 2.32
C PHE B 144 -2.23 -26.01 1.63
N CYS B 145 -2.02 -26.15 0.33
CA CYS B 145 -1.38 -25.12 -0.47
C CYS B 145 -2.06 -23.76 -0.35
N GLN B 146 -3.39 -23.74 -0.39
CA GLN B 146 -4.08 -22.47 -0.33
C GLN B 146 -3.85 -21.85 1.05
N ALA B 147 -3.85 -22.69 2.08
CA ALA B 147 -3.54 -22.24 3.44
C ALA B 147 -2.08 -21.77 3.57
N PHE B 148 -1.16 -22.46 2.90
CA PHE B 148 0.24 -22.02 2.82
C PHE B 148 0.29 -20.61 2.28
N MET B 149 -0.25 -20.43 1.08
CA MET B 149 -0.17 -19.14 0.38
C MET B 149 -0.98 -18.01 1.03
N THR B 150 -2.05 -18.33 1.74
CA THR B 150 -2.81 -17.25 2.37
C THR B 150 -1.94 -16.41 3.31
N GLU B 151 -0.90 -17.03 3.86
CA GLU B 151 0.07 -16.31 4.66
C GLU B 151 1.26 -15.86 3.82
N LEU B 152 1.78 -16.78 3.00
CA LEU B 152 3.07 -16.56 2.33
C LEU B 152 2.95 -15.44 1.34
N TYR B 153 1.73 -15.23 0.85
CA TYR B 153 1.50 -14.28 -0.23
C TYR B 153 2.09 -12.93 0.08
N ARG B 154 2.07 -12.54 1.36
CA ARG B 154 2.44 -11.17 1.78
C ARG B 154 3.95 -10.90 1.80
N HIS B 155 4.75 -11.96 1.99
CA HIS B 155 6.19 -11.87 2.09
C HIS B 155 6.89 -12.02 0.74
N ILE B 156 6.20 -12.57 -0.25
CA ILE B 156 6.84 -12.80 -1.55
C ILE B 156 6.25 -11.89 -2.63
N GLY B 157 6.78 -12.03 -3.85
CA GLY B 157 6.42 -11.17 -4.96
C GLY B 157 7.38 -11.19 -6.13
N PRO B 158 6.87 -10.89 -7.33
CA PRO B 158 7.70 -10.80 -8.54
C PRO B 158 8.96 -9.92 -8.33
N ASP B 159 8.88 -8.90 -7.48
CA ASP B 159 10.10 -8.14 -7.26
C ASP B 159 10.80 -8.45 -5.96
N ILE B 160 10.18 -9.30 -5.15
CA ILE B 160 10.62 -9.50 -3.79
C ILE B 160 11.20 -10.90 -3.60
N ASP B 161 10.32 -11.89 -3.71
CA ASP B 161 10.68 -13.27 -3.43
C ASP B 161 9.88 -14.18 -4.34
N VAL B 162 10.59 -14.95 -5.16
CA VAL B 162 9.96 -15.86 -6.11
C VAL B 162 10.29 -17.31 -5.78
N PRO B 163 9.39 -17.99 -5.07
CA PRO B 163 9.64 -19.40 -4.80
C PRO B 163 9.55 -20.27 -6.05
N ALA B 164 9.85 -21.56 -5.86
CA ALA B 164 9.75 -22.54 -6.92
C ALA B 164 9.37 -23.84 -6.28
N GLY B 165 9.43 -24.91 -7.07
CA GLY B 165 9.20 -26.23 -6.55
C GLY B 165 10.45 -26.87 -5.98
N ASP B 166 10.26 -28.02 -5.38
CA ASP B 166 11.36 -28.79 -4.84
C ASP B 166 10.79 -30.15 -4.53
N LEU B 167 11.46 -30.82 -3.62
CA LEU B 167 10.98 -32.06 -3.07
C LEU B 167 9.59 -31.84 -2.45
N GLY B 168 8.59 -32.54 -2.98
CA GLY B 168 7.22 -32.44 -2.47
C GLY B 168 6.44 -31.35 -3.20
N VAL B 169 7.15 -30.57 -4.01
CA VAL B 169 6.54 -29.42 -4.62
C VAL B 169 6.89 -29.37 -6.07
N GLY B 170 5.92 -29.72 -6.91
CA GLY B 170 6.07 -29.67 -8.35
C GLY B 170 5.02 -28.76 -8.97
N ALA B 171 4.88 -28.87 -10.29
CA ALA B 171 3.90 -28.06 -11.03
C ALA B 171 2.51 -28.13 -10.42
N ARG B 172 2.09 -29.33 -10.01
CA ARG B 172 0.80 -29.50 -9.38
C ARG B 172 0.65 -28.45 -8.30
N GLU B 173 1.63 -28.42 -7.40
CA GLU B 173 1.59 -27.58 -6.21
C GLU B 173 1.72 -26.10 -6.52
N ILE B 174 2.68 -25.75 -7.36
CA ILE B 174 2.88 -24.39 -7.82
C ILE B 174 1.61 -23.83 -8.48
N GLY B 175 0.83 -24.71 -9.09
CA GLY B 175 -0.41 -24.28 -9.69
C GLY B 175 -1.35 -23.85 -8.60
N TYR B 176 -1.48 -24.68 -7.58
CA TYR B 176 -2.43 -24.41 -6.53
C TYR B 176 -2.03 -23.18 -5.72
N MET B 177 -0.76 -23.06 -5.42
CA MET B 177 -0.36 -21.89 -4.66
C MET B 177 -0.60 -20.65 -5.52
N TYR B 178 -0.12 -20.65 -6.75
CA TYR B 178 -0.33 -19.48 -7.60
C TYR B 178 -1.80 -19.10 -7.75
N GLY B 179 -2.68 -20.09 -7.73
CA GLY B 179 -4.12 -19.90 -7.75
C GLY B 179 -4.54 -19.04 -6.58
N GLN B 180 -4.07 -19.40 -5.39
CA GLN B 180 -4.46 -18.65 -4.19
C GLN B 180 -3.77 -17.30 -4.15
N TYR B 181 -2.53 -17.26 -4.60
CA TYR B 181 -1.82 -16.00 -4.63
C TYR B 181 -2.65 -15.00 -5.40
N ARG B 182 -3.01 -15.42 -6.62
CA ARG B 182 -3.74 -14.60 -7.57
C ARG B 182 -5.08 -14.18 -7.04
N LYS B 183 -5.80 -15.10 -6.40
CA LYS B 183 -7.12 -14.71 -5.95
C LYS B 183 -6.99 -13.61 -4.91
N ILE B 184 -5.99 -13.71 -4.03
CA ILE B 184 -5.81 -12.75 -2.94
C ILE B 184 -5.30 -11.38 -3.39
N VAL B 185 -4.17 -11.34 -4.09
CA VAL B 185 -3.59 -10.04 -4.41
C VAL B 185 -4.38 -9.28 -5.48
N GLY B 186 -5.20 -10.00 -6.25
CA GLY B 186 -6.13 -9.40 -7.18
C GLY B 186 -5.54 -9.07 -8.53
N GLY B 187 -4.35 -9.60 -8.79
CA GLY B 187 -3.62 -9.24 -9.99
C GLY B 187 -3.11 -10.45 -10.73
N PHE B 188 -2.20 -10.24 -11.67
CA PHE B 188 -1.58 -11.36 -12.38
C PHE B 188 -0.24 -11.72 -11.78
N TYR B 189 0.79 -10.90 -11.99
CA TYR B 189 2.02 -11.05 -11.23
C TYR B 189 2.72 -12.41 -11.43
N ASN B 190 2.35 -13.06 -12.50
CA ASN B 190 3.08 -14.16 -13.12
C ASN B 190 4.08 -15.17 -12.48
N GLY B 191 5.35 -14.86 -12.24
CA GLY B 191 5.92 -13.57 -11.95
C GLY B 191 6.51 -13.86 -10.56
N VAL B 192 5.65 -14.44 -9.71
CA VAL B 192 5.86 -14.60 -8.30
C VAL B 192 6.35 -16.01 -7.99
N LEU B 193 6.20 -16.89 -8.97
CA LEU B 193 6.58 -18.29 -8.85
C LEU B 193 7.14 -18.80 -10.17
N THR B 194 8.07 -19.75 -10.09
CA THR B 194 8.51 -20.46 -11.26
C THR B 194 8.24 -21.96 -11.18
N GLY B 195 8.59 -22.66 -12.25
CA GLY B 195 8.29 -24.07 -12.37
C GLY B 195 6.80 -24.26 -12.46
N LYS B 196 6.12 -23.27 -13.04
CA LYS B 196 4.68 -23.41 -13.31
C LYS B 196 4.34 -23.96 -14.72
N ALA B 197 3.08 -24.34 -14.90
CA ALA B 197 2.60 -24.86 -16.21
C ALA B 197 2.51 -23.79 -17.30
N ARG B 198 2.72 -24.17 -18.55
CA ARG B 198 2.83 -23.18 -19.65
C ARG B 198 1.58 -22.30 -19.78
N SER B 199 0.42 -22.90 -19.47
CA SER B 199 -0.89 -22.26 -19.49
C SER B 199 -0.84 -20.82 -19.01
N PHE B 200 -0.15 -20.59 -17.88
CA PHE B 200 -0.11 -19.28 -17.26
C PHE B 200 1.30 -18.74 -17.05
N GLY B 201 2.22 -19.20 -17.89
CA GLY B 201 3.61 -18.78 -17.81
C GLY B 201 4.52 -19.95 -17.54
N GLY B 202 5.82 -19.73 -17.55
CA GLY B 202 6.67 -20.88 -17.32
C GLY B 202 7.14 -21.45 -18.62
N SER B 203 8.36 -21.95 -18.62
CA SER B 203 9.11 -22.05 -19.83
C SER B 203 9.10 -23.39 -20.48
N LEU B 204 9.14 -23.38 -21.81
CA LEU B 204 9.62 -24.55 -22.51
C LEU B 204 11.04 -24.75 -22.01
N ILE B 205 11.65 -25.86 -22.39
CA ILE B 205 13.02 -26.14 -22.01
C ILE B 205 13.22 -26.47 -20.53
N ARG B 206 12.23 -26.16 -19.69
CA ARG B 206 12.37 -26.40 -18.23
C ARG B 206 12.69 -27.86 -17.87
N PRO B 207 12.05 -28.82 -18.56
CA PRO B 207 12.35 -30.22 -18.20
C PRO B 207 13.72 -30.62 -18.73
N GLU B 208 14.22 -29.86 -19.70
CA GLU B 208 15.41 -30.20 -20.43
C GLU B 208 16.58 -29.34 -19.95
N ALA B 209 16.26 -28.31 -19.17
CA ALA B 209 17.26 -27.34 -18.77
C ALA B 209 18.53 -27.97 -18.20
N THR B 210 18.39 -28.97 -17.35
CA THR B 210 19.58 -29.53 -16.70
C THR B 210 20.39 -30.37 -17.71
N GLY B 211 19.72 -31.31 -18.38
CA GLY B 211 20.40 -32.18 -19.32
C GLY B 211 21.17 -31.37 -20.34
N TYR B 212 20.45 -30.47 -21.01
CA TYR B 212 21.02 -29.55 -21.97
C TYR B 212 22.17 -28.76 -21.37
N GLY B 213 21.92 -28.19 -20.19
CA GLY B 213 22.84 -27.25 -19.60
C GLY B 213 24.18 -27.92 -19.48
N LEU B 214 24.15 -29.16 -18.97
CA LEU B 214 25.35 -29.94 -18.79
C LEU B 214 26.20 -30.00 -20.05
N VAL B 215 25.60 -30.39 -21.18
CA VAL B 215 26.32 -30.54 -22.45
C VAL B 215 26.88 -29.22 -22.99
N TYR B 216 26.10 -28.16 -22.81
CA TYR B 216 26.53 -26.82 -23.14
C TYR B 216 27.76 -26.40 -22.35
N PHE B 217 27.64 -26.44 -21.02
CA PHE B 217 28.81 -26.10 -20.20
C PHE B 217 30.05 -26.90 -20.65
N THR B 218 29.92 -28.21 -20.82
CA THR B 218 31.11 -28.95 -21.19
C THR B 218 31.62 -28.69 -22.64
N GLU B 219 30.78 -28.15 -23.52
CA GLU B 219 31.27 -27.76 -24.85
C GLU B 219 32.08 -26.49 -24.73
N ALA B 220 31.74 -25.67 -23.74
CA ALA B 220 32.46 -24.44 -23.50
C ALA B 220 33.78 -24.77 -22.82
N MET B 221 33.81 -25.87 -22.08
CA MET B 221 35.06 -26.36 -21.51
C MET B 221 35.93 -26.93 -22.62
N LEU B 222 35.33 -27.75 -23.48
CA LEU B 222 36.01 -28.39 -24.61
C LEU B 222 36.55 -27.41 -25.68
N LYS B 223 35.83 -26.32 -25.92
CA LYS B 223 36.29 -25.33 -26.88
C LYS B 223 37.47 -24.54 -26.32
N ARG B 224 37.40 -24.15 -25.05
CA ARG B 224 38.52 -23.49 -24.42
C ARG B 224 39.80 -24.27 -24.70
N HIS B 225 39.66 -25.56 -25.04
CA HIS B 225 40.85 -26.39 -25.26
C HIS B 225 40.90 -27.11 -26.61
N GLY B 226 40.13 -26.62 -27.58
CA GLY B 226 40.21 -27.11 -28.95
C GLY B 226 39.65 -28.50 -29.15
N MET B 227 38.55 -28.79 -28.46
CA MET B 227 37.88 -30.07 -28.58
C MET B 227 36.38 -29.81 -28.64
N GLY B 228 35.59 -30.86 -28.83
CA GLY B 228 34.15 -30.71 -28.80
C GLY B 228 33.44 -32.05 -28.82
N PHE B 229 32.13 -32.02 -28.59
CA PHE B 229 31.32 -33.23 -28.59
C PHE B 229 31.31 -33.88 -29.97
N GLU B 230 31.51 -33.06 -31.00
CA GLU B 230 31.55 -33.54 -32.38
C GLU B 230 32.40 -34.80 -32.47
N GLY B 231 31.77 -35.91 -32.84
CA GLY B 231 32.45 -37.18 -33.02
C GLY B 231 33.36 -37.60 -31.88
N MET B 232 32.80 -37.72 -30.68
CA MET B 232 33.58 -38.17 -29.55
C MET B 232 32.77 -39.22 -28.79
N ARG B 233 33.45 -40.19 -28.21
CA ARG B 233 32.79 -41.20 -27.38
C ARG B 233 32.40 -40.56 -26.05
N VAL B 234 31.17 -40.80 -25.63
CA VAL B 234 30.63 -40.21 -24.42
C VAL B 234 29.87 -41.27 -23.66
N SER B 235 30.07 -41.30 -22.34
CA SER B 235 29.32 -42.21 -21.52
C SER B 235 28.40 -41.43 -20.60
N VAL B 236 27.23 -41.97 -20.33
CA VAL B 236 26.27 -41.34 -19.45
C VAL B 236 25.78 -42.36 -18.44
N SER B 237 25.71 -41.94 -17.17
CA SER B 237 25.09 -42.74 -16.12
C SER B 237 23.77 -42.09 -15.74
N GLY B 238 22.83 -42.89 -15.22
CA GLY B 238 21.48 -42.42 -15.00
C GLY B 238 20.63 -42.75 -16.22
N SER B 239 19.32 -42.77 -16.04
CA SER B 239 18.39 -43.02 -17.13
C SER B 239 17.21 -42.06 -16.98
N GLY B 240 17.35 -41.19 -15.98
CA GLY B 240 16.32 -40.23 -15.63
C GLY B 240 16.31 -38.98 -16.48
N ASN B 241 15.98 -37.87 -15.83
CA ASN B 241 15.75 -36.61 -16.52
C ASN B 241 17.03 -35.97 -17.07
N VAL B 242 18.03 -35.82 -16.20
CA VAL B 242 19.30 -35.24 -16.61
C VAL B 242 19.90 -36.06 -17.75
N ALA B 243 20.00 -37.36 -17.54
CA ALA B 243 20.60 -38.25 -18.54
C ALA B 243 19.87 -38.21 -19.89
N GLN B 244 18.54 -38.26 -19.87
CA GLN B 244 17.78 -38.23 -21.11
C GLN B 244 18.19 -37.04 -21.93
N TYR B 245 18.20 -35.88 -21.30
CA TYR B 245 18.40 -34.63 -22.03
C TYR B 245 19.86 -34.31 -22.31
N ALA B 246 20.73 -34.86 -21.44
CA ALA B 246 22.17 -34.89 -21.66
C ALA B 246 22.51 -35.70 -22.91
N ILE B 247 21.87 -36.86 -23.04
CA ILE B 247 22.00 -37.72 -24.21
C ILE B 247 21.52 -37.00 -25.47
N GLU B 248 20.37 -36.35 -25.36
CA GLU B 248 19.76 -35.64 -26.47
C GLU B 248 20.64 -34.50 -27.00
N LYS B 249 21.19 -33.70 -26.09
CA LYS B 249 21.97 -32.54 -26.48
C LYS B 249 23.36 -32.91 -26.99
N ALA B 250 23.96 -33.91 -26.37
CA ALA B 250 25.28 -34.36 -26.79
C ALA B 250 25.16 -35.07 -28.15
N MET B 251 24.02 -35.68 -28.39
CA MET B 251 23.77 -36.36 -29.65
C MET B 251 23.54 -35.31 -30.75
N GLU B 252 22.94 -34.19 -30.38
CA GLU B 252 22.70 -33.11 -31.32
C GLU B 252 24.00 -32.45 -31.75
N PHE B 253 25.04 -32.62 -30.96
CA PHE B 253 26.35 -32.05 -31.27
C PHE B 253 27.15 -33.05 -32.11
N GLY B 254 26.55 -34.21 -32.38
CA GLY B 254 27.20 -35.26 -33.15
C GLY B 254 28.21 -36.09 -32.38
N ALA B 255 28.00 -36.20 -31.07
CA ALA B 255 28.83 -37.08 -30.27
C ALA B 255 28.18 -38.44 -30.36
N ARG B 256 28.93 -39.50 -30.07
CA ARG B 256 28.29 -40.80 -29.94
C ARG B 256 28.23 -41.21 -28.47
N VAL B 257 27.02 -41.15 -27.92
CA VAL B 257 26.80 -41.51 -26.54
C VAL B 257 26.59 -42.99 -26.52
N ILE B 258 27.45 -43.72 -25.78
CA ILE B 258 27.39 -45.17 -25.81
C ILE B 258 26.85 -45.89 -24.57
N THR B 259 26.38 -45.19 -23.55
CA THR B 259 25.80 -45.88 -22.38
C THR B 259 24.68 -45.16 -21.63
N ALA B 260 24.00 -45.90 -20.76
CA ALA B 260 23.00 -45.37 -19.83
C ALA B 260 22.81 -46.38 -18.67
N SER B 261 22.16 -45.96 -17.58
CA SER B 261 22.02 -46.83 -16.41
C SER B 261 21.07 -46.34 -15.30
N ASP B 262 20.44 -47.28 -14.59
CA ASP B 262 20.00 -47.01 -13.21
C ASP B 262 20.60 -48.09 -12.32
N SER B 263 20.16 -48.12 -11.06
CA SER B 263 20.88 -48.84 -10.01
C SER B 263 20.93 -50.35 -10.18
N SER B 264 20.43 -50.84 -11.32
CA SER B 264 20.46 -52.28 -11.59
C SER B 264 21.24 -52.65 -12.85
N GLY B 265 22.25 -51.86 -13.22
CA GLY B 265 23.10 -52.21 -14.35
C GLY B 265 23.31 -51.11 -15.37
N THR B 266 24.05 -51.46 -16.44
CA THR B 266 24.46 -50.53 -17.50
C THR B 266 24.29 -51.07 -18.92
N VAL B 267 23.99 -50.18 -19.87
CA VAL B 267 23.78 -50.56 -21.27
C VAL B 267 24.88 -50.02 -22.15
N VAL B 268 25.41 -50.86 -23.03
CA VAL B 268 26.48 -50.43 -23.93
C VAL B 268 26.01 -50.44 -25.37
N ASP B 269 26.42 -49.42 -26.12
CA ASP B 269 25.96 -49.27 -27.49
C ASP B 269 27.02 -48.67 -28.43
N GLU B 270 27.89 -49.53 -28.93
CA GLU B 270 29.00 -49.12 -29.77
C GLU B 270 28.57 -48.16 -30.87
N SER B 271 27.36 -48.33 -31.37
CA SER B 271 26.84 -47.46 -32.45
C SER B 271 26.45 -46.11 -31.89
N GLY B 272 25.98 -46.13 -30.64
CA GLY B 272 25.55 -44.91 -29.97
C GLY B 272 24.06 -44.70 -30.09
N PHE B 273 23.51 -43.92 -29.17
CA PHE B 273 22.07 -43.64 -29.14
C PHE B 273 21.58 -42.97 -30.42
N THR B 274 20.30 -43.16 -30.70
CA THR B 274 19.61 -42.49 -31.79
C THR B 274 18.34 -41.88 -31.23
N LYS B 275 17.79 -40.86 -31.87
CA LYS B 275 16.50 -40.31 -31.44
C LYS B 275 15.51 -41.45 -31.16
N GLU B 276 15.39 -42.37 -32.11
CA GLU B 276 14.52 -43.54 -31.92
C GLU B 276 14.86 -44.32 -30.64
N LYS B 277 16.12 -44.68 -30.47
CA LYS B 277 16.57 -45.41 -29.29
C LYS B 277 16.34 -44.64 -27.99
N LEU B 278 16.74 -43.37 -27.94
CA LEU B 278 16.54 -42.53 -26.75
C LEU B 278 15.07 -42.44 -26.37
N ALA B 279 14.22 -42.14 -27.35
CA ALA B 279 12.79 -41.98 -27.12
C ALA B 279 12.15 -43.20 -26.48
N ARG B 280 12.66 -44.38 -26.82
CA ARG B 280 12.12 -45.63 -26.30
C ARG B 280 12.57 -45.86 -24.87
N LEU B 281 13.78 -45.41 -24.54
CA LEU B 281 14.33 -45.57 -23.20
C LEU B 281 13.57 -44.73 -22.15
N ILE B 282 13.24 -43.49 -22.50
CA ILE B 282 12.47 -42.65 -21.58
C ILE B 282 11.09 -43.27 -21.36
N GLU B 283 10.56 -43.87 -22.42
CA GLU B 283 9.26 -44.52 -22.37
C GLU B 283 9.28 -45.68 -21.38
N ILE B 284 10.45 -46.27 -21.19
CA ILE B 284 10.59 -47.37 -20.24
C ILE B 284 11.09 -46.90 -18.88
N LYS B 285 12.36 -46.50 -18.82
CA LYS B 285 13.07 -46.34 -17.55
C LYS B 285 12.82 -45.00 -16.85
N ALA B 286 11.64 -44.43 -17.08
CA ALA B 286 11.12 -43.34 -16.25
C ALA B 286 9.69 -43.71 -15.87
N SER B 287 9.05 -44.43 -16.80
CA SER B 287 7.69 -44.96 -16.68
C SER B 287 7.28 -45.25 -18.11
N ARG B 288 6.91 -46.49 -18.47
CA ARG B 288 6.50 -47.61 -17.60
C ARG B 288 7.31 -48.01 -16.36
N ASP B 289 6.98 -49.19 -15.85
CA ASP B 289 7.66 -49.75 -14.69
C ASP B 289 8.64 -50.86 -15.10
N GLY B 290 9.48 -50.55 -16.10
CA GLY B 290 10.52 -51.44 -16.55
C GLY B 290 11.91 -50.88 -16.24
N ARG B 291 12.94 -51.69 -16.47
CA ARG B 291 14.31 -51.32 -16.09
C ARG B 291 15.29 -51.22 -17.27
N VAL B 292 16.50 -50.72 -17.00
CA VAL B 292 17.50 -50.49 -18.05
C VAL B 292 17.86 -51.77 -18.76
N ALA B 293 17.75 -52.88 -18.04
CA ALA B 293 18.00 -54.19 -18.60
C ALA B 293 17.11 -54.43 -19.82
N ASP B 294 15.80 -54.26 -19.63
CA ASP B 294 14.80 -54.59 -20.64
C ASP B 294 15.02 -53.85 -21.97
N TYR B 295 15.30 -52.57 -21.89
CA TYR B 295 15.62 -51.77 -23.07
C TYR B 295 16.75 -52.43 -23.85
N ALA B 296 17.73 -52.92 -23.11
CA ALA B 296 18.95 -53.51 -23.69
C ALA B 296 18.64 -54.71 -24.56
N LYS B 297 17.73 -55.57 -24.07
CA LYS B 297 17.36 -56.78 -24.80
C LYS B 297 16.46 -56.45 -25.99
N GLU B 298 15.62 -55.44 -25.84
CA GLU B 298 14.79 -54.99 -26.95
C GLU B 298 15.67 -54.51 -28.09
N PHE B 299 16.90 -54.14 -27.75
CA PHE B 299 17.78 -53.58 -28.75
C PHE B 299 19.04 -54.40 -29.00
N GLY B 300 19.02 -55.62 -28.50
CA GLY B 300 20.13 -56.54 -28.70
C GLY B 300 21.42 -55.87 -28.32
N LEU B 301 21.40 -55.20 -27.16
CA LEU B 301 22.53 -54.43 -26.70
C LEU B 301 23.18 -55.07 -25.48
N VAL B 302 24.47 -54.87 -25.35
CA VAL B 302 25.23 -55.42 -24.24
C VAL B 302 24.82 -54.74 -22.93
N TYR B 303 24.64 -55.54 -21.89
CA TYR B 303 24.22 -54.99 -20.61
C TYR B 303 25.00 -55.64 -19.48
N LEU B 304 25.64 -54.81 -18.67
CA LEU B 304 26.46 -55.28 -17.57
C LEU B 304 25.70 -55.21 -16.26
N GLU B 305 25.00 -56.29 -15.91
CA GLU B 305 24.28 -56.36 -14.65
C GLU B 305 25.16 -55.88 -13.48
N GLY B 306 24.57 -55.11 -12.56
CA GLY B 306 25.27 -54.63 -11.38
C GLY B 306 26.57 -53.88 -11.63
N GLN B 307 26.70 -53.24 -12.79
CA GLN B 307 27.91 -52.52 -13.17
C GLN B 307 27.62 -51.07 -13.54
N GLN B 308 28.59 -50.19 -13.29
CA GLN B 308 28.55 -48.82 -13.72
C GLN B 308 29.06 -48.78 -15.14
N PRO B 309 29.05 -47.60 -15.78
CA PRO B 309 29.51 -47.38 -17.16
C PRO B 309 30.97 -46.94 -17.26
N TRP B 310 31.59 -46.70 -16.11
CA TRP B 310 32.90 -46.05 -16.09
C TRP B 310 34.05 -46.94 -16.56
N SER B 311 33.75 -48.19 -16.87
CA SER B 311 34.79 -49.07 -17.40
C SER B 311 34.86 -48.98 -18.92
N LEU B 312 34.03 -48.13 -19.51
CA LEU B 312 33.99 -47.96 -20.95
C LEU B 312 34.88 -46.83 -21.42
N PRO B 313 35.81 -47.13 -22.33
CA PRO B 313 36.68 -46.09 -22.88
C PRO B 313 35.87 -45.03 -23.61
N VAL B 314 36.01 -43.78 -23.17
CA VAL B 314 35.29 -42.67 -23.79
C VAL B 314 36.15 -41.41 -23.80
N ASP B 315 35.66 -40.37 -24.45
CA ASP B 315 36.31 -39.07 -24.37
C ASP B 315 35.67 -38.26 -23.28
N ILE B 316 34.35 -38.29 -23.22
CA ILE B 316 33.64 -37.51 -22.24
C ILE B 316 32.78 -38.39 -21.36
N ALA B 317 32.85 -38.15 -20.06
CA ALA B 317 32.08 -38.93 -19.07
C ALA B 317 31.11 -38.05 -18.29
N LEU B 318 29.83 -38.39 -18.36
CA LEU B 318 28.77 -37.62 -17.72
C LEU B 318 27.98 -38.41 -16.70
N PRO B 319 28.38 -38.36 -15.42
CA PRO B 319 27.56 -39.04 -14.42
C PRO B 319 26.27 -38.25 -14.13
N CYS B 320 25.12 -38.82 -14.47
CA CYS B 320 23.85 -38.14 -14.21
C CYS B 320 22.93 -38.97 -13.34
N ALA B 321 23.50 -39.77 -12.45
CA ALA B 321 22.69 -40.65 -11.58
C ALA B 321 22.55 -40.14 -10.12
N THR B 322 23.54 -40.43 -9.27
CA THR B 322 23.48 -39.96 -7.88
C THR B 322 24.76 -39.39 -7.29
N GLN B 323 24.62 -38.92 -6.06
CA GLN B 323 25.74 -38.54 -5.21
C GLN B 323 26.71 -39.71 -5.00
N ASN B 324 28.00 -39.46 -5.20
CA ASN B 324 29.07 -40.44 -4.92
C ASN B 324 29.04 -41.73 -5.76
N GLU B 325 28.69 -41.59 -7.04
CA GLU B 325 28.58 -42.73 -7.95
C GLU B 325 29.87 -43.00 -8.72
N LEU B 326 30.83 -42.09 -8.63
CA LEU B 326 32.07 -42.19 -9.38
C LEU B 326 33.23 -41.99 -8.41
N ASP B 327 33.75 -43.11 -7.88
CA ASP B 327 34.85 -43.08 -6.92
C ASP B 327 36.21 -43.20 -7.60
N VAL B 328 37.26 -43.21 -6.77
CA VAL B 328 38.62 -43.33 -7.24
C VAL B 328 38.81 -44.62 -8.08
N ASP B 329 38.16 -45.70 -7.67
CA ASP B 329 38.25 -46.94 -8.44
C ASP B 329 37.80 -46.71 -9.88
N ALA B 330 36.73 -45.94 -10.03
CA ALA B 330 36.25 -45.56 -11.36
C ALA B 330 37.18 -44.55 -12.06
N ALA B 331 37.64 -43.57 -11.29
CA ALA B 331 38.47 -42.53 -11.85
C ALA B 331 39.76 -43.07 -12.46
N HIS B 332 40.23 -44.22 -11.98
CA HIS B 332 41.47 -44.82 -12.52
C HIS B 332 41.25 -45.45 -13.90
N GLN B 333 40.21 -46.26 -14.03
CA GLN B 333 39.86 -46.85 -15.33
C GLN B 333 39.65 -45.74 -16.35
N LEU B 334 38.94 -44.70 -15.94
CA LEU B 334 38.57 -43.63 -16.84
C LEU B 334 39.78 -42.84 -17.32
N ILE B 335 40.71 -42.55 -16.41
CA ILE B 335 41.90 -41.79 -16.78
C ILE B 335 42.78 -42.60 -17.72
N ALA B 336 42.88 -43.89 -17.44
CA ALA B 336 43.75 -44.75 -18.21
C ALA B 336 43.15 -45.04 -19.59
N ASN B 337 41.83 -45.10 -19.66
CA ASN B 337 41.16 -45.31 -20.95
C ASN B 337 41.24 -44.09 -21.89
N GLY B 338 41.59 -42.93 -21.34
CA GLY B 338 41.89 -41.78 -22.17
C GLY B 338 41.00 -40.57 -21.96
N VAL B 339 40.01 -40.74 -21.09
CA VAL B 339 39.05 -39.68 -20.82
C VAL B 339 39.71 -38.31 -20.92
N LYS B 340 39.11 -37.41 -21.70
CA LYS B 340 39.61 -36.05 -21.88
C LYS B 340 38.89 -35.08 -20.97
N ALA B 341 37.62 -35.36 -20.69
CA ALA B 341 36.83 -34.49 -19.83
C ALA B 341 35.76 -35.28 -19.12
N VAL B 342 35.47 -34.92 -17.88
CA VAL B 342 34.28 -35.44 -17.21
C VAL B 342 33.52 -34.26 -16.59
N ALA B 343 32.18 -34.27 -16.73
CA ALA B 343 31.35 -33.22 -16.16
C ALA B 343 30.14 -33.78 -15.44
N GLU B 344 29.70 -33.08 -14.39
CA GLU B 344 28.72 -33.61 -13.46
C GLU B 344 27.28 -33.18 -13.74
N GLY B 345 26.42 -34.16 -13.97
CA GLY B 345 25.02 -33.89 -14.22
C GLY B 345 24.22 -34.08 -12.94
N ALA B 346 24.54 -35.16 -12.22
CA ALA B 346 23.92 -35.41 -10.91
C ALA B 346 24.54 -34.52 -9.85
N ASN B 347 23.99 -34.57 -8.63
CA ASN B 347 24.54 -33.75 -7.55
C ASN B 347 25.69 -34.49 -6.85
N MET B 348 26.88 -33.88 -6.89
CA MET B 348 28.07 -34.39 -6.20
C MET B 348 28.38 -35.87 -6.47
N PRO B 349 28.36 -36.28 -7.75
CA PRO B 349 28.59 -37.69 -8.09
C PRO B 349 30.06 -38.13 -7.94
N THR B 350 31.02 -37.23 -8.11
CA THR B 350 32.42 -37.61 -8.04
C THR B 350 32.97 -37.45 -6.63
N THR B 351 33.64 -38.49 -6.12
CA THR B 351 34.22 -38.41 -4.78
C THR B 351 35.36 -37.42 -4.76
N ILE B 352 35.56 -36.79 -3.62
CA ILE B 352 36.63 -35.81 -3.42
C ILE B 352 38.00 -36.35 -3.83
N GLU B 353 38.31 -37.56 -3.35
CA GLU B 353 39.55 -38.24 -3.71
C GLU B 353 39.72 -38.42 -5.23
N ALA B 354 38.59 -38.58 -5.95
CA ALA B 354 38.58 -38.87 -7.38
C ALA B 354 38.48 -37.63 -8.27
N THR B 355 37.86 -36.58 -7.76
CA THR B 355 37.87 -35.31 -8.48
C THR B 355 39.32 -35.00 -8.83
N GLU B 356 40.24 -35.58 -8.07
CA GLU B 356 41.65 -35.47 -8.36
C GLU B 356 42.46 -36.45 -7.54
N LEU B 357 43.12 -37.43 -8.15
CA LEU B 357 43.02 -37.84 -9.56
C LEU B 357 42.70 -36.81 -10.64
N PHE B 358 41.66 -37.11 -11.43
CA PHE B 358 41.24 -36.31 -12.60
C PHE B 358 42.04 -35.04 -12.92
N GLN B 359 41.86 -33.99 -12.14
CA GLN B 359 42.53 -32.73 -12.47
C GLN B 359 44.03 -32.73 -12.18
N GLN B 360 44.52 -33.71 -11.42
CA GLN B 360 45.97 -33.93 -11.34
C GLN B 360 46.44 -34.51 -12.67
N ALA B 361 45.62 -35.36 -13.28
CA ALA B 361 45.82 -35.74 -14.68
C ALA B 361 45.43 -34.56 -15.58
N GLY B 362 45.59 -34.72 -16.88
CA GLY B 362 45.22 -33.64 -17.78
C GLY B 362 43.72 -33.53 -18.07
N VAL B 363 42.88 -34.03 -17.15
CA VAL B 363 41.46 -34.20 -17.43
C VAL B 363 40.63 -32.97 -17.09
N LEU B 364 39.96 -32.42 -18.10
CA LEU B 364 39.06 -31.29 -17.92
C LEU B 364 37.90 -31.73 -17.03
N PHE B 365 37.76 -31.06 -15.88
CA PHE B 365 36.73 -31.44 -14.91
C PHE B 365 35.75 -30.31 -14.58
N ALA B 366 34.48 -30.53 -14.95
CA ALA B 366 33.40 -29.58 -14.67
C ALA B 366 32.53 -29.95 -13.44
N PRO B 367 32.44 -29.03 -12.48
CA PRO B 367 31.72 -29.25 -11.22
C PRO B 367 30.19 -29.19 -11.37
N GLY B 368 29.48 -30.17 -10.83
CA GLY B 368 28.05 -30.13 -10.83
C GLY B 368 27.46 -28.77 -10.49
N LYS B 369 28.00 -28.11 -9.48
CA LYS B 369 27.42 -26.85 -8.99
C LYS B 369 27.28 -25.77 -10.07
N ALA B 370 28.14 -25.85 -11.09
CA ALA B 370 28.08 -24.94 -12.23
C ALA B 370 27.49 -25.65 -13.44
N ALA B 371 27.94 -26.87 -13.67
CA ALA B 371 27.57 -27.65 -14.84
C ALA B 371 26.12 -28.14 -14.84
N ASN B 372 25.51 -28.30 -13.68
CA ASN B 372 24.13 -28.77 -13.66
C ASN B 372 23.15 -27.66 -13.28
N ALA B 373 23.60 -26.42 -13.47
CA ALA B 373 22.85 -25.25 -13.07
C ALA B 373 21.77 -24.86 -14.09
N GLY B 374 21.71 -25.63 -15.18
CA GLY B 374 20.80 -25.35 -16.28
C GLY B 374 19.39 -25.05 -15.82
N GLY B 375 18.87 -25.94 -14.98
CA GLY B 375 17.53 -25.77 -14.43
C GLY B 375 17.27 -24.42 -13.77
N VAL B 376 18.22 -23.97 -12.93
CA VAL B 376 18.07 -22.72 -12.19
C VAL B 376 18.39 -21.48 -13.06
N ALA B 377 19.26 -21.63 -14.04
CA ALA B 377 19.39 -20.58 -15.04
C ALA B 377 18.03 -20.35 -15.72
N THR B 378 17.32 -21.42 -16.06
CA THR B 378 16.10 -21.26 -16.83
C THR B 378 14.94 -20.78 -15.98
N SER B 379 14.97 -21.08 -14.70
CA SER B 379 14.04 -20.45 -13.78
C SER B 379 14.22 -18.92 -13.87
N GLY B 380 15.47 -18.49 -13.99
CA GLY B 380 15.74 -17.08 -14.17
C GLY B 380 15.17 -16.61 -15.49
N LEU B 381 15.09 -17.57 -16.41
CA LEU B 381 14.60 -17.29 -17.73
C LEU B 381 13.08 -17.24 -17.73
N GLU B 382 12.44 -18.05 -16.89
CA GLU B 382 10.99 -17.96 -16.79
C GLU B 382 10.59 -16.59 -16.23
N MET B 383 11.07 -16.28 -15.02
CA MET B 383 11.00 -14.92 -14.46
C MET B 383 11.15 -13.82 -15.52
N ALA B 384 12.17 -13.95 -16.36
CA ALA B 384 12.37 -13.02 -17.46
C ALA B 384 11.70 -13.68 -18.61
N GLN B 385 10.56 -13.16 -19.01
CA GLN B 385 9.70 -13.74 -20.04
C GLN B 385 8.39 -13.31 -19.46
N ASN B 386 8.21 -13.71 -18.20
CA ASN B 386 7.07 -13.27 -17.42
C ASN B 386 7.06 -11.76 -17.28
N ALA B 387 8.23 -11.12 -17.47
CA ALA B 387 8.30 -9.67 -17.44
C ALA B 387 8.25 -9.04 -18.83
N ALA B 388 8.17 -9.89 -19.87
CA ALA B 388 8.52 -9.50 -21.24
C ALA B 388 7.46 -8.77 -22.08
N ARG B 389 6.17 -9.04 -21.85
CA ARG B 389 5.70 -10.22 -21.15
C ARG B 389 5.13 -11.12 -22.22
N LEU B 390 5.95 -12.08 -22.64
CA LEU B 390 5.67 -12.90 -23.78
C LEU B 390 6.16 -14.30 -23.44
N GLY B 391 5.64 -15.30 -24.14
CA GLY B 391 6.25 -16.62 -24.14
C GLY B 391 7.32 -16.67 -25.22
N TRP B 392 8.46 -17.26 -24.91
CA TRP B 392 9.48 -17.45 -25.95
C TRP B 392 9.33 -18.85 -26.52
N LYS B 393 9.55 -19.00 -27.83
CA LYS B 393 9.54 -20.33 -28.45
C LYS B 393 10.77 -21.11 -27.95
N ALA B 394 10.69 -22.44 -27.94
CA ALA B 394 11.71 -23.24 -27.26
C ALA B 394 13.13 -23.01 -27.77
N GLU B 395 13.27 -22.75 -29.06
CA GLU B 395 14.60 -22.53 -29.61
C GLU B 395 15.20 -21.24 -29.06
N LYS B 396 14.34 -20.29 -28.75
CA LYS B 396 14.81 -19.03 -28.20
C LYS B 396 15.29 -19.23 -26.76
N VAL B 397 14.45 -19.88 -25.96
CA VAL B 397 14.79 -20.22 -24.58
C VAL B 397 16.09 -21.02 -24.55
N ASP B 398 16.23 -21.93 -25.48
CA ASP B 398 17.34 -22.85 -25.48
C ASP B 398 18.62 -22.13 -25.78
N ALA B 399 18.56 -21.20 -26.73
CA ALA B 399 19.73 -20.44 -27.11
C ALA B 399 20.24 -19.63 -25.91
N ARG B 400 19.33 -18.93 -25.25
CA ARG B 400 19.71 -18.14 -24.09
C ARG B 400 20.44 -19.06 -23.13
N LEU B 401 19.85 -20.23 -22.91
CA LEU B 401 20.44 -21.18 -21.96
C LEU B 401 21.85 -21.54 -22.40
N HIS B 402 22.02 -21.72 -23.71
CA HIS B 402 23.33 -22.06 -24.24
C HIS B 402 24.35 -20.94 -24.04
N HIS B 403 23.91 -19.69 -24.09
CA HIS B 403 24.83 -18.58 -23.84
C HIS B 403 25.13 -18.44 -22.35
N ILE B 404 24.20 -18.85 -21.51
CA ILE B 404 24.35 -18.70 -20.07
C ILE B 404 25.31 -19.72 -19.50
N MET B 405 25.17 -20.98 -19.90
CA MET B 405 26.15 -21.98 -19.52
C MET B 405 27.55 -21.55 -19.95
N THR B 406 27.67 -20.95 -21.13
CA THR B 406 28.96 -20.45 -21.62
C THR B 406 29.48 -19.30 -20.76
N ASP B 407 28.61 -18.37 -20.44
CA ASP B 407 28.99 -17.29 -19.53
C ASP B 407 29.51 -17.87 -18.23
N ILE B 408 28.76 -18.83 -17.69
CA ILE B 408 29.04 -19.44 -16.40
C ILE B 408 30.41 -20.09 -16.44
N HIS B 409 30.68 -20.85 -17.49
CA HIS B 409 32.01 -21.38 -17.67
C HIS B 409 33.08 -20.28 -17.76
N ASP B 410 32.89 -19.29 -18.62
CA ASP B 410 33.84 -18.19 -18.72
C ASP B 410 34.14 -17.62 -17.33
N GLY B 411 33.10 -17.13 -16.65
CA GLY B 411 33.25 -16.55 -15.33
C GLY B 411 33.97 -17.45 -14.33
N SER B 412 33.65 -18.73 -14.35
CA SER B 412 34.30 -19.69 -13.46
C SER B 412 35.78 -19.69 -13.78
N ALA B 413 36.11 -19.95 -15.04
CA ALA B 413 37.52 -20.04 -15.41
C ALA B 413 38.24 -18.74 -15.04
N ALA B 414 37.60 -17.61 -15.30
CA ALA B 414 38.22 -16.31 -15.11
C ALA B 414 38.52 -16.03 -13.64
N ALA B 415 37.64 -16.51 -12.76
CA ALA B 415 37.78 -16.26 -11.34
C ALA B 415 38.98 -17.03 -10.79
N ALA B 416 39.21 -18.21 -11.36
CA ALA B 416 40.31 -19.06 -10.94
C ALA B 416 41.66 -18.49 -11.36
N GLU B 417 41.68 -17.76 -12.48
CA GLU B 417 42.92 -17.09 -12.91
C GLU B 417 43.21 -15.87 -12.05
N ARG B 418 42.15 -15.18 -11.59
CA ARG B 418 42.27 -13.95 -10.80
C ARG B 418 42.85 -14.22 -9.43
N TYR B 419 43.03 -15.51 -9.11
CA TYR B 419 43.60 -15.94 -7.85
C TYR B 419 44.57 -17.08 -8.12
N GLY B 420 45.17 -17.04 -9.31
CA GLY B 420 46.23 -17.96 -9.70
C GLY B 420 45.99 -19.44 -9.38
N LEU B 421 44.79 -19.92 -9.64
CA LEU B 421 44.50 -21.32 -9.40
C LEU B 421 44.55 -22.10 -10.70
N GLY B 422 44.65 -21.36 -11.79
CA GLY B 422 44.72 -21.97 -13.11
C GLY B 422 43.36 -22.29 -13.68
N TYR B 423 43.27 -23.41 -14.38
CA TYR B 423 41.99 -23.80 -14.94
C TYR B 423 41.29 -24.73 -13.98
N ASN B 424 40.98 -24.19 -12.82
CA ASN B 424 40.34 -24.98 -11.77
C ASN B 424 38.90 -24.56 -11.63
N LEU B 425 37.99 -25.39 -12.12
CA LEU B 425 36.58 -24.99 -12.20
C LEU B 425 35.83 -25.21 -10.89
N VAL B 426 36.28 -26.19 -10.10
CA VAL B 426 35.69 -26.38 -8.78
C VAL B 426 35.96 -25.11 -7.99
N ALA B 427 37.22 -24.69 -7.99
CA ALA B 427 37.63 -23.44 -7.38
C ALA B 427 36.86 -22.26 -7.94
N GLY B 428 36.81 -22.16 -9.27
CA GLY B 428 36.16 -21.04 -9.93
C GLY B 428 34.71 -20.87 -9.54
N ALA B 429 33.93 -21.93 -9.74
CA ALA B 429 32.51 -21.93 -9.41
C ALA B 429 32.26 -21.47 -7.98
N ASN B 430 33.09 -21.95 -7.06
CA ASN B 430 33.03 -21.51 -5.69
C ASN B 430 33.23 -20.02 -5.59
N ILE B 431 34.23 -19.52 -6.31
CA ILE B 431 34.62 -18.12 -6.22
C ILE B 431 33.69 -17.14 -6.95
N VAL B 432 33.19 -17.52 -8.14
CA VAL B 432 32.30 -16.64 -8.93
C VAL B 432 31.03 -16.29 -8.19
N GLY B 433 30.41 -17.32 -7.61
CA GLY B 433 29.15 -17.15 -6.93
C GLY B 433 29.38 -16.28 -5.72
N PHE B 434 30.40 -16.60 -4.93
CA PHE B 434 30.64 -15.82 -3.74
C PHE B 434 30.94 -14.40 -4.15
N GLN B 435 31.77 -14.26 -5.17
CA GLN B 435 32.31 -12.96 -5.52
C GLN B 435 31.26 -11.90 -5.86
N LYS B 436 30.38 -12.21 -6.80
CA LYS B 436 29.37 -11.25 -7.21
C LYS B 436 28.51 -10.81 -6.02
N ILE B 437 28.20 -11.75 -5.14
CA ILE B 437 27.37 -11.43 -3.98
C ILE B 437 28.10 -10.49 -3.03
N ALA B 438 29.42 -10.52 -3.06
CA ALA B 438 30.21 -9.70 -2.17
C ALA B 438 30.41 -8.29 -2.71
N ASP B 439 30.61 -8.20 -4.02
CA ASP B 439 30.82 -6.92 -4.67
C ASP B 439 29.62 -6.00 -4.48
N ALA B 440 28.43 -6.57 -4.66
CA ALA B 440 27.19 -5.81 -4.59
C ALA B 440 26.88 -5.47 -3.15
N MET B 441 27.14 -6.40 -2.25
CA MET B 441 27.06 -6.11 -0.83
C MET B 441 28.00 -4.94 -0.45
N MET B 442 29.27 -5.05 -0.79
CA MET B 442 30.18 -3.94 -0.50
C MET B 442 29.58 -2.69 -1.12
N ALA B 443 29.05 -2.84 -2.33
CA ALA B 443 28.52 -1.68 -3.04
C ALA B 443 27.31 -1.12 -2.32
N GLN B 444 26.45 -2.02 -1.84
CA GLN B 444 25.28 -1.60 -1.08
C GLN B 444 25.74 -1.07 0.26
N GLY B 445 24.83 -0.51 1.02
CA GLY B 445 25.28 0.12 2.25
C GLY B 445 25.94 -0.90 3.17
N ILE B 446 26.13 -0.52 4.43
CA ILE B 446 26.20 -1.53 5.45
C ILE B 446 24.78 -2.13 5.47
N ALA B 447 23.79 -1.28 5.80
CA ALA B 447 22.38 -1.61 5.56
C ALA B 447 22.00 -3.05 5.93
N TRP B 448 21.93 -3.94 4.93
CA TRP B 448 21.78 -5.36 5.20
C TRP B 448 23.09 -5.99 5.64
N SER C 2 -6.61 -34.31 30.88
CA SER C 2 -7.14 -34.63 29.55
C SER C 2 -6.17 -35.49 28.76
N LYS C 3 -6.67 -36.61 28.25
CA LYS C 3 -5.83 -37.49 27.46
C LYS C 3 -5.41 -36.70 26.22
N TYR C 4 -6.28 -35.75 25.83
CA TYR C 4 -6.01 -34.80 24.75
C TYR C 4 -4.88 -33.85 25.12
N VAL C 5 -5.08 -33.11 26.22
CA VAL C 5 -4.06 -32.22 26.74
C VAL C 5 -2.72 -32.95 26.90
N ASP C 6 -2.74 -34.07 27.60
CA ASP C 6 -1.55 -34.91 27.77
C ASP C 6 -0.80 -35.14 26.47
N ARG C 7 -1.57 -35.44 25.40
CA ARG C 7 -1.06 -35.82 24.08
C ARG C 7 -0.38 -34.67 23.33
N VAL C 8 -0.99 -33.49 23.41
CA VAL C 8 -0.43 -32.28 22.86
C VAL C 8 0.91 -32.00 23.56
N ILE C 9 0.86 -31.93 24.88
CA ILE C 9 2.06 -31.72 25.68
C ILE C 9 3.18 -32.65 25.24
N ALA C 10 2.86 -33.93 25.05
CA ALA C 10 3.86 -34.88 24.60
C ALA C 10 4.37 -34.50 23.23
N GLU C 11 3.46 -34.21 22.31
CA GLU C 11 3.86 -33.93 20.93
C GLU C 11 4.86 -32.79 20.93
N VAL C 12 4.59 -31.79 21.76
CA VAL C 12 5.40 -30.59 21.82
C VAL C 12 6.77 -30.90 22.39
N GLU C 13 6.80 -31.74 23.41
CA GLU C 13 8.05 -32.22 23.99
C GLU C 13 8.97 -32.84 22.93
N LYS C 14 8.42 -33.73 22.11
CA LYS C 14 9.19 -34.37 21.08
C LYS C 14 9.60 -33.41 19.97
N LYS C 15 8.67 -32.55 19.52
CA LYS C 15 8.93 -31.68 18.36
C LYS C 15 9.86 -30.50 18.66
N TYR C 16 9.71 -29.91 19.84
CA TYR C 16 10.54 -28.77 20.25
C TYR C 16 11.56 -29.08 21.38
N ALA C 17 12.19 -30.25 21.34
CA ALA C 17 13.14 -30.66 22.40
C ALA C 17 14.27 -29.65 22.57
N ASP C 18 14.75 -29.13 21.44
CA ASP C 18 15.77 -28.10 21.43
C ASP C 18 15.24 -26.77 22.00
N GLU C 19 13.95 -26.73 22.33
CA GLU C 19 13.30 -25.52 22.84
C GLU C 19 12.73 -25.68 24.27
N PRO C 20 13.61 -26.01 25.22
CA PRO C 20 13.30 -26.34 26.62
C PRO C 20 12.41 -25.35 27.36
N GLU C 21 12.75 -24.06 27.32
CA GLU C 21 11.93 -23.07 28.02
C GLU C 21 10.52 -23.00 27.42
N PHE C 22 10.46 -23.05 26.10
CA PHE C 22 9.16 -23.12 25.44
C PHE C 22 8.42 -24.42 25.82
N VAL C 23 9.10 -25.56 25.73
CA VAL C 23 8.48 -26.84 26.06
C VAL C 23 7.95 -26.79 27.48
N GLN C 24 8.75 -26.22 28.35
CA GLN C 24 8.41 -26.13 29.75
C GLN C 24 7.17 -25.27 29.99
N THR C 25 7.16 -24.08 29.42
CA THR C 25 6.03 -23.18 29.59
C THR C 25 4.73 -23.75 28.96
N VAL C 26 4.85 -24.59 27.94
CA VAL C 26 3.65 -25.25 27.40
C VAL C 26 3.01 -26.26 28.37
N GLU C 27 3.80 -27.21 28.89
CA GLU C 27 3.29 -28.18 29.88
C GLU C 27 2.75 -27.46 31.11
N GLU C 28 3.52 -26.49 31.57
CA GLU C 28 3.21 -25.72 32.76
C GLU C 28 1.83 -25.05 32.66
N VAL C 29 1.53 -24.50 31.48
CA VAL C 29 0.24 -23.88 31.22
C VAL C 29 -0.89 -24.84 30.81
N LEU C 30 -0.65 -25.70 29.82
CA LEU C 30 -1.72 -26.60 29.39
C LEU C 30 -2.24 -27.51 30.52
N SER C 31 -1.32 -28.13 31.26
CA SER C 31 -1.66 -29.04 32.35
C SER C 31 -2.75 -28.48 33.28
N SER C 32 -2.84 -27.15 33.33
CA SER C 32 -3.81 -26.46 34.17
C SER C 32 -5.19 -26.37 33.56
N LEU C 33 -5.29 -26.53 32.24
CA LEU C 33 -6.54 -26.31 31.51
C LEU C 33 -7.31 -27.61 31.28
N GLY C 34 -6.84 -28.70 31.91
CA GLY C 34 -7.42 -30.03 31.75
C GLY C 34 -8.91 -30.13 32.03
N PRO C 35 -9.36 -29.57 33.16
CA PRO C 35 -10.81 -29.48 33.39
C PRO C 35 -11.52 -28.65 32.31
N VAL C 36 -10.93 -27.53 31.88
CA VAL C 36 -11.55 -26.69 30.86
C VAL C 36 -11.69 -27.43 29.53
N VAL C 37 -10.56 -27.91 29.02
CA VAL C 37 -10.55 -28.75 27.82
C VAL C 37 -11.56 -29.87 27.97
N ASP C 38 -11.59 -30.52 29.13
CA ASP C 38 -12.56 -31.59 29.37
C ASP C 38 -14.00 -31.16 29.06
N ALA C 39 -14.41 -30.01 29.58
CA ALA C 39 -15.77 -29.52 29.36
C ALA C 39 -16.03 -28.99 27.95
N HIS C 40 -15.02 -29.00 27.10
CA HIS C 40 -15.15 -28.43 25.75
C HIS C 40 -14.66 -29.37 24.69
N PRO C 41 -15.33 -30.52 24.52
CA PRO C 41 -14.93 -31.58 23.60
C PRO C 41 -14.82 -31.11 22.15
N GLU C 42 -15.34 -29.92 21.85
CA GLU C 42 -15.24 -29.37 20.51
C GLU C 42 -13.82 -28.92 20.17
N TYR C 43 -13.04 -28.59 21.20
CA TYR C 43 -11.68 -28.08 20.99
C TYR C 43 -10.85 -29.06 20.20
N GLU C 44 -10.85 -30.33 20.60
CA GLU C 44 -10.04 -31.33 19.89
C GLU C 44 -10.43 -31.46 18.42
N GLU C 45 -11.73 -31.28 18.14
CA GLU C 45 -12.27 -31.41 16.78
C GLU C 45 -11.62 -30.45 15.78
N VAL C 46 -11.41 -29.21 16.22
CA VAL C 46 -10.79 -28.19 15.39
C VAL C 46 -9.29 -28.07 15.73
N ALA C 47 -8.71 -29.14 16.25
CA ALA C 47 -7.30 -29.14 16.65
C ALA C 47 -6.84 -27.86 17.39
N LEU C 48 -7.67 -27.37 18.32
CA LEU C 48 -7.47 -26.08 18.97
C LEU C 48 -6.10 -25.91 19.64
N LEU C 49 -5.82 -26.79 20.59
CA LEU C 49 -4.54 -26.79 21.29
C LEU C 49 -3.36 -26.91 20.33
N GLU C 50 -3.46 -27.77 19.33
CA GLU C 50 -2.36 -27.94 18.40
C GLU C 50 -2.07 -26.66 17.62
N ARG C 51 -3.11 -25.84 17.48
CA ARG C 51 -3.02 -24.57 16.79
C ARG C 51 -2.46 -23.49 17.70
N MET C 52 -3.07 -23.36 18.88
CA MET C 52 -2.62 -22.41 19.88
C MET C 52 -1.14 -22.49 20.26
N VAL C 53 -0.50 -23.67 20.15
CA VAL C 53 0.91 -23.76 20.58
C VAL C 53 1.91 -23.46 19.49
N ILE C 54 1.44 -23.38 18.25
CA ILE C 54 2.25 -22.93 17.14
C ILE C 54 1.94 -21.44 16.92
N PRO C 55 2.97 -20.58 16.98
CA PRO C 55 2.66 -19.16 16.80
C PRO C 55 2.21 -18.82 15.35
N GLU C 56 1.15 -18.03 15.24
CA GLU C 56 0.65 -17.57 13.96
C GLU C 56 1.80 -17.20 13.04
N ARG C 57 2.67 -16.30 13.49
CA ARG C 57 3.77 -15.84 12.65
C ARG C 57 5.08 -15.59 13.43
N VAL C 58 6.21 -16.01 12.86
CA VAL C 58 7.52 -15.71 13.43
C VAL C 58 8.43 -14.97 12.45
N ILE C 59 9.00 -13.84 12.88
CA ILE C 59 9.94 -13.08 12.01
C ILE C 59 11.32 -13.02 12.66
N GLU C 60 12.36 -13.39 11.94
CA GLU C 60 13.73 -13.23 12.45
C GLU C 60 14.45 -12.44 11.40
N PHE C 61 15.39 -11.60 11.83
CA PHE C 61 16.08 -10.73 10.88
C PHE C 61 17.48 -10.33 11.32
N ARG C 62 18.34 -10.11 10.34
CA ARG C 62 19.70 -9.68 10.58
C ARG C 62 19.67 -8.21 11.01
N VAL C 63 20.50 -7.85 11.99
CA VAL C 63 20.58 -6.47 12.47
C VAL C 63 22.02 -5.96 12.52
N PRO C 64 22.57 -5.58 11.35
CA PRO C 64 23.88 -4.92 11.26
C PRO C 64 23.84 -3.52 11.82
N TRP C 65 24.89 -3.14 12.55
CA TRP C 65 25.02 -1.78 13.07
C TRP C 65 26.48 -1.31 13.23
N GLU C 66 26.64 -0.01 13.43
CA GLU C 66 27.94 0.61 13.62
C GLU C 66 28.08 1.08 15.08
N ASP C 67 29.18 0.71 15.76
CA ASP C 67 29.46 1.29 17.08
C ASP C 67 30.15 2.64 16.96
N ASP C 68 30.53 3.21 18.10
CA ASP C 68 31.14 4.53 18.10
C ASP C 68 32.50 4.58 17.39
N ASN C 69 33.20 3.45 17.36
CA ASN C 69 34.49 3.36 16.70
C ASN C 69 34.36 3.17 15.19
N GLY C 70 33.13 3.07 14.72
CA GLY C 70 32.90 2.75 13.33
C GLY C 70 33.17 1.29 13.04
N LYS C 71 32.97 0.45 14.05
CA LYS C 71 33.11 -0.97 13.82
C LYS C 71 31.73 -1.57 13.59
N VAL C 72 31.64 -2.52 12.66
CA VAL C 72 30.39 -3.16 12.30
C VAL C 72 30.10 -4.37 13.20
N HIS C 73 28.87 -4.46 13.70
CA HIS C 73 28.44 -5.63 14.48
C HIS C 73 27.25 -6.26 13.75
N VAL C 74 26.88 -7.47 14.17
CA VAL C 74 25.73 -8.16 13.59
C VAL C 74 24.92 -8.88 14.65
N ASN C 75 23.71 -8.42 14.86
CA ASN C 75 22.82 -9.11 15.76
C ASN C 75 21.61 -9.74 15.04
N THR C 76 20.70 -10.32 15.81
CA THR C 76 19.54 -10.96 15.24
C THR C 76 18.33 -10.40 15.91
N GLY C 77 17.36 -9.92 15.12
CA GLY C 77 16.10 -9.43 15.64
C GLY C 77 15.06 -10.54 15.63
N TYR C 78 14.05 -10.41 16.47
CA TYR C 78 13.00 -11.41 16.59
C TYR C 78 11.69 -10.72 16.87
N ARG C 79 10.61 -11.23 16.29
CA ARG C 79 9.26 -10.82 16.70
C ARG C 79 8.37 -12.01 16.43
N VAL C 80 7.83 -12.59 17.51
CA VAL C 80 7.01 -13.78 17.44
C VAL C 80 5.62 -13.33 17.71
N GLN C 81 4.80 -13.32 16.67
CA GLN C 81 3.46 -12.82 16.86
C GLN C 81 2.68 -14.06 17.15
N PHE C 82 2.46 -14.33 18.43
CA PHE C 82 1.98 -15.64 18.83
C PHE C 82 0.50 -15.85 18.63
N ASN C 83 -0.30 -14.83 18.92
CA ASN C 83 -1.74 -15.02 18.85
C ASN C 83 -2.43 -13.68 18.77
N GLY C 84 -3.20 -13.48 17.70
CA GLY C 84 -3.79 -12.18 17.43
C GLY C 84 -5.30 -12.18 17.43
N ALA C 85 -5.87 -13.20 18.06
CA ALA C 85 -7.31 -13.43 18.06
C ALA C 85 -8.13 -12.40 18.81
N ILE C 86 -7.60 -11.79 19.87
CA ILE C 86 -8.44 -10.88 20.61
C ILE C 86 -8.03 -9.41 20.59
N GLY C 87 -7.01 -9.08 19.83
CA GLY C 87 -6.50 -7.72 19.80
C GLY C 87 -5.33 -7.74 18.87
N PRO C 88 -4.67 -6.61 18.64
CA PRO C 88 -3.49 -6.65 17.76
C PRO C 88 -2.33 -7.23 18.55
N TYR C 89 -1.51 -8.07 17.96
CA TYR C 89 -0.40 -8.69 18.68
C TYR C 89 0.20 -7.70 19.68
N LYS C 90 0.52 -8.17 20.87
CA LYS C 90 1.14 -7.28 21.84
C LYS C 90 2.09 -8.01 22.76
N GLY C 91 3.01 -7.25 23.36
CA GLY C 91 4.02 -7.82 24.22
C GLY C 91 5.33 -7.11 23.99
N GLY C 92 6.24 -7.21 24.95
CA GLY C 92 7.43 -6.38 24.98
C GLY C 92 8.60 -6.86 24.17
N LEU C 93 9.62 -6.01 24.08
CA LEU C 93 10.85 -6.31 23.38
C LEU C 93 11.99 -6.53 24.37
N ARG C 94 12.86 -7.49 24.08
CA ARG C 94 13.95 -7.79 25.00
C ARG C 94 15.33 -7.82 24.35
N PHE C 95 16.21 -6.92 24.79
CA PHE C 95 17.61 -6.93 24.34
C PHE C 95 18.54 -7.60 25.37
N ALA C 96 18.94 -8.83 25.10
CA ALA C 96 19.89 -9.52 25.98
C ALA C 96 20.56 -10.63 25.19
N PRO C 97 21.84 -10.92 25.50
CA PRO C 97 22.66 -11.88 24.76
C PRO C 97 22.05 -13.27 24.80
N SER C 98 21.27 -13.51 25.85
CA SER C 98 20.67 -14.82 26.04
C SER C 98 19.75 -15.14 24.87
N VAL C 99 18.79 -14.23 24.65
CA VAL C 99 17.72 -14.29 23.64
C VAL C 99 17.85 -15.20 22.41
N ASN C 100 16.84 -16.05 22.25
CA ASN C 100 16.67 -16.92 21.09
C ASN C 100 15.19 -17.22 20.82
N LEU C 101 14.91 -18.06 19.82
CA LEU C 101 13.53 -18.39 19.51
C LEU C 101 12.85 -18.98 20.73
N SER C 102 13.42 -20.06 21.28
CA SER C 102 12.85 -20.69 22.48
C SER C 102 12.43 -19.67 23.54
N ILE C 103 13.33 -18.79 23.95
CA ILE C 103 12.93 -17.76 24.91
C ILE C 103 11.87 -16.81 24.34
N MET C 104 12.05 -16.37 23.10
CA MET C 104 11.11 -15.46 22.48
C MET C 104 9.72 -16.08 22.45
N LYS C 105 9.65 -17.39 22.15
CA LYS C 105 8.38 -18.11 22.06
C LYS C 105 7.68 -18.38 23.40
N PHE C 106 8.43 -18.59 24.46
CA PHE C 106 7.79 -18.90 25.73
C PHE C 106 7.23 -17.62 26.34
N LEU C 107 7.99 -16.54 26.22
CA LEU C 107 7.50 -15.26 26.70
C LEU C 107 6.27 -14.87 25.88
N GLY C 108 6.26 -15.27 24.61
CA GLY C 108 5.21 -14.87 23.71
C GLY C 108 3.93 -15.60 23.98
N PHE C 109 4.07 -16.92 24.13
CA PHE C 109 2.93 -17.76 24.46
C PHE C 109 2.28 -17.24 25.73
N GLU C 110 3.07 -17.08 26.79
CA GLU C 110 2.58 -16.52 28.04
C GLU C 110 1.93 -15.18 27.84
N GLN C 111 2.57 -14.32 27.06
CA GLN C 111 2.04 -12.98 26.81
C GLN C 111 0.57 -13.00 26.41
N ALA C 112 0.24 -13.95 25.55
CA ALA C 112 -1.11 -14.19 25.06
C ALA C 112 -2.11 -14.34 26.17
N PHE C 113 -1.74 -15.07 27.20
CA PHE C 113 -2.65 -15.35 28.28
C PHE C 113 -2.74 -14.17 29.23
N LYS C 114 -1.62 -13.50 29.43
CA LYS C 114 -1.66 -12.39 30.36
C LYS C 114 -2.45 -11.24 29.75
N ASP C 115 -2.25 -11.01 28.46
CA ASP C 115 -2.93 -9.91 27.77
C ASP C 115 -4.44 -10.13 27.81
N SER C 116 -4.83 -11.37 27.47
CA SER C 116 -6.21 -11.83 27.60
C SER C 116 -6.77 -11.63 29.00
N LEU C 117 -5.96 -11.94 30.02
CA LEU C 117 -6.39 -11.81 31.42
C LEU C 117 -6.95 -10.43 31.74
N THR C 118 -6.23 -9.39 31.30
CA THR C 118 -6.56 -8.01 31.63
C THR C 118 -7.95 -7.55 31.16
N THR C 119 -8.55 -8.29 30.25
CA THR C 119 -9.87 -7.96 29.67
C THR C 119 -9.86 -6.78 28.71
N LEU C 120 -8.68 -6.34 28.32
CA LEU C 120 -8.54 -5.42 27.20
C LEU C 120 -8.17 -6.26 25.98
N PRO C 121 -8.48 -5.75 24.76
CA PRO C 121 -8.28 -6.46 23.49
C PRO C 121 -6.84 -6.45 23.04
N MET C 122 -5.95 -7.01 23.85
CA MET C 122 -4.58 -7.17 23.40
C MET C 122 -4.34 -8.63 23.06
N GLY C 123 -3.51 -8.90 22.06
CA GLY C 123 -3.15 -10.26 21.71
C GLY C 123 -1.89 -10.62 22.46
N GLY C 124 -1.13 -11.57 21.92
CA GLY C 124 0.05 -12.03 22.62
C GLY C 124 1.24 -12.27 21.72
N ALA C 125 2.32 -11.53 22.01
CA ALA C 125 3.56 -11.59 21.23
C ALA C 125 4.79 -11.20 22.07
N LYS C 126 5.96 -11.67 21.67
CA LYS C 126 7.18 -11.20 22.28
C LYS C 126 8.25 -10.96 21.21
N GLY C 127 9.20 -10.09 21.50
CA GLY C 127 10.25 -9.79 20.54
C GLY C 127 11.53 -9.32 21.21
N GLY C 128 12.58 -9.17 20.41
CA GLY C 128 13.86 -8.65 20.87
C GLY C 128 15.04 -8.94 19.95
N SER C 129 16.24 -8.83 20.50
CA SER C 129 17.48 -9.12 19.76
C SER C 129 18.49 -9.72 20.73
N ASP C 130 19.58 -10.30 20.22
CA ASP C 130 20.64 -10.80 21.07
C ASP C 130 21.70 -9.71 21.24
N PHE C 131 21.39 -8.54 20.74
CA PHE C 131 22.12 -7.32 21.05
C PHE C 131 22.22 -7.17 22.57
N ASP C 132 23.34 -6.64 23.06
CA ASP C 132 23.58 -6.52 24.50
C ASP C 132 23.86 -5.10 24.98
N PRO C 133 22.84 -4.45 25.54
CA PRO C 133 22.90 -3.03 25.90
C PRO C 133 24.04 -2.75 26.85
N ASN C 134 24.70 -3.81 27.31
CA ASN C 134 25.75 -3.72 28.33
C ASN C 134 26.94 -2.89 27.87
N GLY C 135 27.14 -1.74 28.51
CA GLY C 135 28.24 -0.88 28.14
C GLY C 135 28.22 -0.51 26.67
N LYS C 136 27.07 -0.05 26.20
CA LYS C 136 27.00 0.54 24.88
C LYS C 136 26.62 1.98 25.13
N SER C 137 27.13 2.88 24.31
CA SER C 137 26.80 4.30 24.46
C SER C 137 25.35 4.61 24.10
N ASP C 138 24.78 5.59 24.79
CA ASP C 138 23.48 6.15 24.45
C ASP C 138 23.31 6.10 22.93
N ARG C 139 24.35 6.56 22.23
CA ARG C 139 24.31 6.68 20.78
C ARG C 139 24.35 5.31 20.11
N GLU C 140 25.27 4.45 20.54
CA GLU C 140 25.29 3.09 20.01
C GLU C 140 23.89 2.47 20.07
N VAL C 141 23.25 2.55 21.23
CA VAL C 141 21.90 2.04 21.39
C VAL C 141 20.94 2.72 20.40
N MET C 142 21.19 3.96 20.05
CA MET C 142 20.34 4.62 19.08
C MET C 142 20.50 3.97 17.71
N ARG C 143 21.73 3.82 17.26
CA ARG C 143 21.94 3.26 15.95
C ARG C 143 21.40 1.85 15.87
N PHE C 144 21.49 1.10 16.97
CA PHE C 144 20.99 -0.26 16.96
C PHE C 144 19.47 -0.30 16.88
N CYS C 145 18.82 0.50 17.72
CA CYS C 145 17.37 0.66 17.65
C CYS C 145 16.92 1.11 16.26
N GLN C 146 17.73 1.94 15.61
CA GLN C 146 17.34 2.41 14.31
C GLN C 146 17.46 1.32 13.28
N ALA C 147 18.53 0.51 13.37
CA ALA C 147 18.72 -0.61 12.47
C ALA C 147 17.67 -1.67 12.75
N PHE C 148 17.28 -1.78 14.01
CA PHE C 148 16.32 -2.80 14.41
C PHE C 148 15.00 -2.50 13.75
N MET C 149 14.57 -1.25 13.88
CA MET C 149 13.25 -0.80 13.44
C MET C 149 13.13 -0.68 11.90
N THR C 150 14.24 -0.42 11.22
CA THR C 150 14.21 -0.39 9.77
C THR C 150 13.63 -1.69 9.16
N GLU C 151 13.75 -2.81 9.86
CA GLU C 151 13.17 -4.05 9.37
C GLU C 151 11.82 -4.29 10.01
N LEU C 152 11.72 -3.96 11.29
CA LEU C 152 10.57 -4.37 12.06
C LEU C 152 9.32 -3.58 11.71
N TYR C 153 9.51 -2.33 11.30
CA TYR C 153 8.37 -1.42 11.01
C TYR C 153 7.35 -2.08 10.11
N ARG C 154 7.81 -2.86 9.13
CA ARG C 154 6.92 -3.48 8.13
C ARG C 154 6.02 -4.55 8.75
N HIS C 155 6.39 -5.10 9.91
CA HIS C 155 5.61 -6.19 10.51
C HIS C 155 4.71 -5.71 11.64
N ILE C 156 4.92 -4.49 12.13
CA ILE C 156 4.15 -4.05 13.29
C ILE C 156 3.31 -2.81 12.96
N GLY C 157 2.42 -2.43 13.88
CA GLY C 157 1.56 -1.29 13.66
C GLY C 157 0.48 -1.17 14.72
N PRO C 158 -0.12 0.02 14.85
CA PRO C 158 -1.16 0.29 15.85
C PRO C 158 -2.31 -0.68 15.80
N ASP C 159 -2.55 -1.26 14.63
CA ASP C 159 -3.68 -2.15 14.47
C ASP C 159 -3.20 -3.57 14.32
N ILE C 160 -1.88 -3.72 14.28
CA ILE C 160 -1.26 -4.96 13.87
C ILE C 160 -0.47 -5.63 15.00
N ASP C 161 0.58 -4.96 15.44
CA ASP C 161 1.44 -5.45 16.47
C ASP C 161 2.08 -4.28 17.21
N VAL C 162 1.70 -4.10 18.48
CA VAL C 162 2.26 -3.05 19.31
C VAL C 162 3.29 -3.56 20.35
N PRO C 163 4.59 -3.40 20.07
CA PRO C 163 5.56 -3.85 21.07
C PRO C 163 5.72 -2.84 22.20
N ALA C 164 6.66 -3.13 23.09
CA ALA C 164 6.79 -2.39 24.33
C ALA C 164 8.15 -2.68 24.91
N GLY C 165 8.33 -2.23 26.15
CA GLY C 165 9.56 -2.44 26.89
C GLY C 165 9.67 -3.81 27.54
N ASP C 166 10.91 -4.21 27.79
CA ASP C 166 11.18 -5.37 28.61
C ASP C 166 12.63 -5.34 29.07
N LEU C 167 13.12 -6.46 29.57
CA LEU C 167 14.53 -6.56 29.91
C LEU C 167 15.36 -6.02 28.75
N GLY C 168 16.09 -4.95 28.99
CA GLY C 168 17.02 -4.43 28.01
C GLY C 168 16.41 -3.26 27.28
N VAL C 169 15.12 -3.03 27.45
CA VAL C 169 14.43 -2.06 26.64
C VAL C 169 13.51 -1.16 27.46
N GLY C 170 13.91 0.10 27.65
CA GLY C 170 13.05 1.05 28.32
C GLY C 170 12.70 2.27 27.47
N ALA C 171 11.89 3.15 28.03
CA ALA C 171 11.48 4.34 27.30
C ALA C 171 12.60 4.93 26.45
N ARG C 172 13.86 4.77 26.88
CA ARG C 172 14.99 5.19 26.05
C ARG C 172 15.03 4.45 24.71
N GLU C 173 14.78 3.14 24.74
CA GLU C 173 14.86 2.28 23.56
C GLU C 173 13.62 2.46 22.68
N ILE C 174 12.45 2.33 23.28
CA ILE C 174 11.25 2.93 22.73
C ILE C 174 11.70 4.37 22.55
N GLY C 175 10.99 5.17 21.76
CA GLY C 175 11.46 6.54 21.58
C GLY C 175 12.50 6.61 20.49
N TYR C 176 13.63 5.93 20.68
CA TYR C 176 14.59 5.82 19.58
C TYR C 176 13.93 4.99 18.48
N MET C 177 13.27 3.92 18.89
CA MET C 177 12.58 3.05 17.95
C MET C 177 11.40 3.77 17.31
N TYR C 178 10.57 4.43 18.11
CA TYR C 178 9.40 5.06 17.55
C TYR C 178 9.84 6.11 16.57
N GLY C 179 10.92 6.81 16.89
CA GLY C 179 11.45 7.85 16.03
C GLY C 179 11.88 7.35 14.65
N GLN C 180 12.57 6.21 14.61
CA GLN C 180 12.98 5.65 13.33
C GLN C 180 11.74 5.18 12.58
N TYR C 181 10.79 4.66 13.33
CA TYR C 181 9.54 4.19 12.78
C TYR C 181 8.71 5.29 12.15
N ARG C 182 8.62 6.43 12.84
CA ARG C 182 7.78 7.49 12.32
C ARG C 182 8.50 8.10 11.13
N LYS C 183 9.83 8.02 11.13
CA LYS C 183 10.58 8.57 10.02
C LYS C 183 10.40 7.72 8.78
N ILE C 184 10.34 6.40 8.95
CA ILE C 184 10.16 5.54 7.79
C ILE C 184 8.74 5.61 7.23
N VAL C 185 7.73 5.47 8.07
CA VAL C 185 6.40 5.35 7.52
C VAL C 185 5.82 6.69 7.14
N GLY C 186 6.35 7.73 7.76
CA GLY C 186 5.96 9.09 7.45
C GLY C 186 4.68 9.48 8.13
N GLY C 187 4.25 8.71 9.13
CA GLY C 187 3.06 9.07 9.88
C GLY C 187 3.32 9.23 11.37
N PHE C 188 2.29 9.59 12.12
CA PHE C 188 2.41 9.67 13.57
C PHE C 188 2.16 8.25 14.07
N TYR C 189 0.91 7.81 14.01
CA TYR C 189 0.61 6.45 14.41
C TYR C 189 1.32 6.08 15.74
N ASN C 190 1.22 6.92 16.76
CA ASN C 190 1.99 6.66 17.96
C ASN C 190 1.52 5.42 18.73
N GLY C 191 0.42 4.83 18.27
CA GLY C 191 -0.12 3.62 18.89
C GLY C 191 0.66 2.36 18.55
N VAL C 192 1.69 2.51 17.72
CA VAL C 192 2.58 1.40 17.40
C VAL C 192 3.35 0.86 18.60
N LEU C 193 3.65 1.72 19.57
CA LEU C 193 4.45 1.32 20.74
C LEU C 193 3.85 1.84 22.02
N THR C 194 3.96 1.06 23.09
CA THR C 194 3.61 1.54 24.42
C THR C 194 4.84 1.65 25.33
N GLY C 195 4.68 2.37 26.44
CA GLY C 195 5.80 2.70 27.29
C GLY C 195 6.57 3.90 26.76
N LYS C 196 5.90 4.75 25.97
CA LYS C 196 6.55 5.92 25.42
C LYS C 196 6.72 6.97 26.51
N ALA C 197 7.54 7.99 26.27
CA ALA C 197 7.54 9.21 27.07
C ALA C 197 6.21 9.95 26.91
N ARG C 198 5.91 10.83 27.86
CA ARG C 198 4.62 11.53 27.85
C ARG C 198 4.44 12.45 26.62
N SER C 199 5.55 12.99 26.11
CA SER C 199 5.50 14.07 25.10
C SER C 199 4.95 13.62 23.75
N PHE C 200 5.15 12.35 23.42
CA PHE C 200 4.54 11.79 22.23
C PHE C 200 3.60 10.64 22.54
N GLY C 201 2.83 10.77 23.61
CA GLY C 201 1.70 9.87 23.83
C GLY C 201 1.81 8.80 24.89
N GLY C 202 2.95 8.73 25.58
CA GLY C 202 3.08 7.88 26.76
C GLY C 202 1.95 8.18 27.73
N SER C 203 1.62 7.20 28.57
CA SER C 203 0.51 7.36 29.50
C SER C 203 1.00 7.82 30.89
N LEU C 204 0.21 8.65 31.56
CA LEU C 204 0.41 8.86 32.98
C LEU C 204 0.06 7.54 33.65
N ILE C 205 0.57 7.32 34.85
CA ILE C 205 0.33 6.11 35.63
C ILE C 205 1.18 4.93 35.16
N ARG C 206 1.91 5.12 34.06
CA ARG C 206 2.78 4.07 33.54
C ARG C 206 3.77 3.58 34.59
N PRO C 207 4.56 4.51 35.16
CA PRO C 207 5.56 4.17 36.19
C PRO C 207 4.94 3.43 37.36
N GLU C 208 3.77 3.92 37.81
CA GLU C 208 3.04 3.44 38.98
C GLU C 208 2.09 2.26 38.73
N ALA C 209 1.99 1.79 37.50
CA ALA C 209 0.94 0.85 37.15
C ALA C 209 1.00 -0.47 37.94
N THR C 210 2.15 -1.15 37.89
CA THR C 210 2.22 -2.48 38.48
C THR C 210 1.95 -2.42 39.98
N GLY C 211 2.67 -1.55 40.67
CA GLY C 211 2.49 -1.33 42.09
C GLY C 211 1.05 -1.09 42.44
N TYR C 212 0.51 0.06 42.03
CA TYR C 212 -0.89 0.38 42.21
C TYR C 212 -1.79 -0.84 41.99
N GLY C 213 -1.62 -1.48 40.83
CA GLY C 213 -2.50 -2.54 40.40
C GLY C 213 -2.50 -3.70 41.35
N LEU C 214 -1.32 -3.98 41.91
CA LEU C 214 -1.17 -4.99 42.94
C LEU C 214 -2.02 -4.64 44.16
N VAL C 215 -2.02 -3.38 44.57
CA VAL C 215 -2.86 -2.98 45.70
C VAL C 215 -4.34 -3.09 45.35
N TYR C 216 -4.70 -2.67 44.14
CA TYR C 216 -6.08 -2.74 43.68
C TYR C 216 -6.57 -4.16 43.64
N PHE C 217 -5.70 -5.05 43.19
CA PHE C 217 -6.07 -6.46 43.12
C PHE C 217 -6.25 -7.07 44.50
N THR C 218 -5.26 -6.92 45.38
CA THR C 218 -5.39 -7.56 46.67
C THR C 218 -6.60 -6.98 47.38
N GLU C 219 -6.77 -5.66 47.35
CA GLU C 219 -7.98 -5.09 47.92
C GLU C 219 -9.22 -5.85 47.46
N ALA C 220 -9.26 -6.22 46.18
CA ALA C 220 -10.41 -6.95 45.64
C ALA C 220 -10.52 -8.36 46.22
N MET C 221 -9.38 -9.03 46.35
CA MET C 221 -9.26 -10.32 47.01
C MET C 221 -9.70 -10.17 48.48
N LEU C 222 -9.24 -9.12 49.14
CA LEU C 222 -9.59 -8.86 50.54
C LEU C 222 -11.08 -8.60 50.70
N LYS C 223 -11.60 -7.62 49.97
CA LYS C 223 -12.95 -7.15 50.24
C LYS C 223 -14.01 -8.21 49.98
N ARG C 224 -13.65 -9.26 49.25
CA ARG C 224 -14.57 -10.36 49.01
C ARG C 224 -14.52 -11.35 50.18
N HIS C 225 -13.56 -11.16 51.06
CA HIS C 225 -13.51 -11.86 52.33
C HIS C 225 -13.65 -10.84 53.45
N GLY C 226 -14.56 -9.88 53.25
CA GLY C 226 -14.89 -8.87 54.25
C GLY C 226 -13.78 -8.01 54.84
N MET C 227 -12.53 -8.31 54.49
CA MET C 227 -11.38 -7.52 54.95
C MET C 227 -10.98 -6.40 53.95
N GLY C 228 -9.90 -5.70 54.28
CA GLY C 228 -9.46 -4.56 53.49
C GLY C 228 -8.13 -4.04 54.02
N PHE C 229 -7.58 -3.05 53.33
CA PHE C 229 -6.27 -2.53 53.67
C PHE C 229 -6.26 -1.63 54.91
N GLU C 230 -7.35 -0.90 55.14
CA GLU C 230 -7.44 0.01 56.29
C GLU C 230 -6.89 -0.57 57.58
N GLY C 231 -5.95 0.14 58.18
CA GLY C 231 -5.43 -0.21 59.49
C GLY C 231 -4.71 -1.53 59.58
N MET C 232 -4.37 -2.10 58.41
CA MET C 232 -3.76 -3.42 58.39
C MET C 232 -2.26 -3.28 58.26
N ARG C 233 -1.53 -4.24 58.80
CA ARG C 233 -0.09 -4.20 58.74
C ARG C 233 0.35 -4.88 57.46
N VAL C 234 1.15 -4.17 56.68
CA VAL C 234 1.60 -4.63 55.38
C VAL C 234 3.11 -4.76 55.37
N SER C 235 3.64 -5.83 54.79
CA SER C 235 5.07 -5.91 54.55
C SER C 235 5.42 -6.02 53.06
N VAL C 236 6.42 -5.26 52.64
CA VAL C 236 6.83 -5.24 51.25
C VAL C 236 8.32 -5.61 51.11
N SER C 237 8.60 -6.58 50.24
CA SER C 237 9.98 -6.86 49.85
C SER C 237 10.30 -6.12 48.55
N GLY C 238 11.59 -5.99 48.24
CA GLY C 238 12.02 -5.23 47.08
C GLY C 238 11.85 -3.74 47.34
N SER C 239 12.61 -2.93 46.60
CA SER C 239 12.56 -1.48 46.75
C SER C 239 12.54 -0.76 45.39
N GLY C 240 12.31 -1.53 44.33
CA GLY C 240 12.16 -1.01 42.98
C GLY C 240 10.81 -0.36 42.70
N ASN C 241 10.51 -0.10 41.43
CA ASN C 241 9.27 0.60 41.05
C ASN C 241 7.97 -0.09 41.50
N VAL C 242 7.94 -1.42 41.46
CA VAL C 242 6.77 -2.17 41.92
C VAL C 242 6.55 -1.94 43.42
N ALA C 243 7.59 -2.23 44.20
CA ALA C 243 7.58 -1.98 45.64
C ALA C 243 7.24 -0.54 45.98
N GLN C 244 7.80 0.40 45.23
CA GLN C 244 7.59 1.81 45.50
C GLN C 244 6.11 2.20 45.46
N TYR C 245 5.38 1.74 44.45
CA TYR C 245 4.01 2.24 44.25
C TYR C 245 2.96 1.37 44.92
N ALA C 246 3.34 0.15 45.27
CA ALA C 246 2.53 -0.68 46.13
C ALA C 246 2.40 0.06 47.45
N ILE C 247 3.51 0.60 47.92
CA ILE C 247 3.54 1.31 49.19
C ILE C 247 2.71 2.59 49.09
N GLU C 248 2.89 3.31 47.99
CA GLU C 248 2.12 4.52 47.76
C GLU C 248 0.62 4.26 47.76
N LYS C 249 0.20 3.13 47.21
CA LYS C 249 -1.23 2.82 47.11
C LYS C 249 -1.73 2.24 48.42
N ALA C 250 -0.96 1.30 48.95
CA ALA C 250 -1.20 0.68 50.24
C ALA C 250 -1.59 1.71 51.29
N MET C 251 -0.78 2.74 51.47
CA MET C 251 -1.14 3.73 52.48
C MET C 251 -2.27 4.68 52.07
N GLU C 252 -2.43 4.92 50.77
CA GLU C 252 -3.59 5.68 50.31
C GLU C 252 -4.88 4.98 50.74
N PHE C 253 -4.78 3.68 50.97
CA PHE C 253 -5.93 2.86 51.38
C PHE C 253 -6.12 2.76 52.89
N GLY C 254 -5.22 3.41 53.65
CA GLY C 254 -5.29 3.36 55.09
C GLY C 254 -4.23 2.45 55.66
N ALA C 255 -3.71 1.54 54.85
CA ALA C 255 -2.76 0.56 55.36
C ALA C 255 -1.57 1.19 56.09
N ARG C 256 -0.90 0.37 56.90
CA ARG C 256 0.36 0.75 57.50
C ARG C 256 1.43 -0.18 56.99
N VAL C 257 2.43 0.41 56.35
CA VAL C 257 3.46 -0.34 55.64
C VAL C 257 4.73 -0.26 56.45
N ILE C 258 5.28 -1.41 56.81
CA ILE C 258 6.38 -1.45 57.76
C ILE C 258 7.65 -2.11 57.25
N THR C 259 7.81 -2.26 55.95
CA THR C 259 9.05 -2.84 55.38
C THR C 259 9.40 -2.42 53.95
N ALA C 260 10.55 -2.90 53.49
CA ALA C 260 11.08 -2.62 52.17
C ALA C 260 12.38 -3.41 52.12
N SER C 261 13.10 -3.41 51.00
CA SER C 261 14.37 -4.14 50.96
C SER C 261 15.17 -4.06 49.67
N ASP C 262 16.49 -4.23 49.78
CA ASP C 262 17.31 -4.52 48.62
C ASP C 262 17.93 -5.88 48.83
N SER C 263 18.77 -6.31 47.88
CA SER C 263 19.48 -7.57 48.02
C SER C 263 20.58 -7.43 49.09
N SER C 264 20.65 -6.23 49.67
CA SER C 264 21.50 -5.97 50.82
C SER C 264 20.77 -6.35 52.10
N GLY C 265 19.64 -5.70 52.37
CA GLY C 265 18.87 -6.03 53.55
C GLY C 265 17.50 -5.37 53.70
N THR C 266 16.71 -5.92 54.62
CA THR C 266 15.39 -5.41 54.92
C THR C 266 15.41 -4.24 55.89
N VAL C 267 14.44 -3.34 55.74
CA VAL C 267 14.29 -2.21 56.64
C VAL C 267 12.91 -2.21 57.28
N VAL C 268 12.88 -2.05 58.60
CA VAL C 268 11.62 -2.03 59.34
C VAL C 268 11.32 -0.65 59.90
N ASP C 269 10.10 -0.20 59.68
CA ASP C 269 9.56 0.99 60.31
C ASP C 269 8.32 0.36 60.89
N GLU C 270 7.75 0.90 61.95
CA GLU C 270 6.58 0.27 62.54
C GLU C 270 5.47 1.29 62.78
N SER C 271 5.80 2.55 62.52
CA SER C 271 4.84 3.63 62.52
C SER C 271 4.25 3.72 61.11
N GLY C 272 4.73 2.83 60.25
CA GLY C 272 4.35 2.83 58.86
C GLY C 272 5.13 3.87 58.09
N PHE C 273 5.35 3.62 56.80
CA PHE C 273 5.86 4.64 55.90
C PHE C 273 4.90 5.83 55.94
N THR C 274 5.35 6.95 55.41
CA THR C 274 4.45 8.07 55.10
C THR C 274 4.85 8.64 53.74
N LYS C 275 3.98 9.45 53.16
CA LYS C 275 4.24 10.05 51.85
C LYS C 275 5.62 10.67 51.83
N GLU C 276 5.88 11.47 52.86
CA GLU C 276 7.16 12.13 53.09
C GLU C 276 8.29 11.12 53.25
N LYS C 277 8.02 10.04 53.98
CA LYS C 277 9.03 9.05 54.27
C LYS C 277 9.43 8.27 53.01
N LEU C 278 8.41 7.81 52.28
CA LEU C 278 8.60 7.07 51.03
C LEU C 278 9.27 7.91 49.93
N ALA C 279 8.98 9.20 49.91
CA ALA C 279 9.52 10.07 48.89
C ALA C 279 11.05 10.02 48.89
N ARG C 280 11.64 9.93 50.08
CA ARG C 280 13.10 9.92 50.20
C ARG C 280 13.70 8.59 49.77
N LEU C 281 13.04 7.49 50.14
CA LEU C 281 13.51 6.18 49.71
C LEU C 281 13.62 6.13 48.20
N ILE C 282 12.59 6.61 47.50
CA ILE C 282 12.57 6.70 46.04
C ILE C 282 13.83 7.40 45.54
N GLU C 283 14.13 8.54 46.15
CA GLU C 283 15.29 9.33 45.78
C GLU C 283 16.61 8.57 46.03
N ILE C 284 16.74 8.01 47.22
CA ILE C 284 17.93 7.25 47.59
C ILE C 284 18.12 6.07 46.65
N LYS C 285 17.11 5.21 46.61
CA LYS C 285 17.15 3.99 45.79
C LYS C 285 17.23 4.36 44.32
N ALA C 286 17.16 5.66 44.03
CA ALA C 286 17.26 6.16 42.65
C ALA C 286 18.71 6.45 42.24
N SER C 287 19.61 5.53 42.57
CA SER C 287 21.01 5.62 42.19
C SER C 287 21.74 6.71 42.96
N ARG C 288 23.05 6.57 43.08
CA ARG C 288 23.72 5.32 42.76
C ARG C 288 24.33 4.84 44.05
N ASP C 289 24.55 3.54 44.17
CA ASP C 289 24.96 2.96 45.44
C ASP C 289 23.84 3.18 46.45
N GLY C 290 22.95 4.12 46.13
CA GLY C 290 21.82 4.42 46.98
C GLY C 290 21.25 3.13 47.51
N ARG C 291 21.43 2.91 48.81
CA ARG C 291 21.05 1.64 49.43
C ARG C 291 19.92 1.83 50.44
N VAL C 292 19.31 0.72 50.83
CA VAL C 292 18.16 0.73 51.72
C VAL C 292 18.60 1.15 53.11
N ALA C 293 19.76 0.64 53.55
CA ALA C 293 20.34 1.00 54.83
C ALA C 293 20.51 2.52 54.95
N ASP C 294 20.94 3.15 53.85
CA ASP C 294 21.06 4.59 53.78
C ASP C 294 19.72 5.22 54.12
N TYR C 295 18.66 4.66 53.57
CA TYR C 295 17.32 5.13 53.92
C TYR C 295 17.03 4.88 55.39
N ALA C 296 17.45 3.72 55.89
CA ALA C 296 17.21 3.36 57.28
C ALA C 296 17.98 4.26 58.24
N LYS C 297 19.27 4.45 57.96
CA LYS C 297 20.10 5.34 58.76
C LYS C 297 19.42 6.71 58.83
N GLU C 298 19.14 7.27 57.66
CA GLU C 298 18.64 8.64 57.58
C GLU C 298 17.38 8.87 58.42
N PHE C 299 16.72 7.79 58.81
CA PHE C 299 15.48 7.88 59.57
C PHE C 299 15.53 7.12 60.88
N GLY C 300 16.72 6.65 61.23
CA GLY C 300 16.91 5.92 62.48
C GLY C 300 15.89 4.82 62.61
N LEU C 301 15.91 3.90 61.65
CA LEU C 301 15.02 2.76 61.65
C LEU C 301 15.85 1.48 61.55
N VAL C 302 15.28 0.38 62.03
CA VAL C 302 15.99 -0.90 62.02
C VAL C 302 16.45 -1.26 60.61
N TYR C 303 17.55 -2.00 60.53
CA TYR C 303 18.05 -2.50 59.25
C TYR C 303 18.59 -3.91 59.40
N LEU C 304 17.77 -4.89 59.02
CA LEU C 304 18.17 -6.29 59.12
C LEU C 304 19.14 -6.66 58.00
N GLU C 305 20.41 -6.82 58.38
CA GLU C 305 21.56 -6.77 57.48
C GLU C 305 21.52 -7.61 56.20
N GLY C 306 20.90 -8.78 56.25
CA GLY C 306 20.87 -9.66 55.08
C GLY C 306 19.65 -10.56 55.13
N GLN C 307 18.71 -10.19 56.00
CA GLN C 307 17.46 -10.91 56.18
C GLN C 307 16.34 -10.30 55.33
N GLN C 308 15.20 -10.97 55.28
CA GLN C 308 14.05 -10.46 54.54
C GLN C 308 12.77 -10.43 55.41
N PRO C 309 11.81 -9.57 55.03
CA PRO C 309 10.77 -9.08 55.95
C PRO C 309 9.71 -10.07 56.40
N TRP C 310 9.87 -11.35 56.14
CA TRP C 310 8.77 -12.28 56.40
C TRP C 310 8.69 -12.68 57.87
N SER C 311 9.75 -12.37 58.61
CA SER C 311 9.80 -12.54 60.06
C SER C 311 8.70 -11.75 60.77
N LEU C 312 8.65 -10.45 60.51
CA LEU C 312 7.64 -9.58 61.07
C LEU C 312 6.25 -10.15 60.87
N PRO C 313 5.44 -10.16 61.93
CA PRO C 313 4.04 -10.50 61.72
C PRO C 313 3.29 -9.33 61.10
N VAL C 314 2.54 -9.61 60.04
CA VAL C 314 1.77 -8.59 59.31
C VAL C 314 0.43 -9.19 58.98
N ASP C 315 -0.55 -8.37 58.63
CA ASP C 315 -1.82 -8.89 58.16
C ASP C 315 -1.74 -9.32 56.69
N ILE C 316 -0.92 -8.61 55.92
CA ILE C 316 -0.85 -8.77 54.48
C ILE C 316 0.60 -8.73 54.04
N ALA C 317 0.99 -9.63 53.14
CA ALA C 317 2.37 -9.63 52.64
C ALA C 317 2.48 -9.43 51.11
N LEU C 318 3.22 -8.38 50.70
CA LEU C 318 3.41 -8.01 49.31
C LEU C 318 4.84 -8.18 48.84
N PRO C 319 5.23 -9.42 48.48
CA PRO C 319 6.57 -9.66 47.92
C PRO C 319 6.81 -8.99 46.55
N CYS C 320 7.78 -8.08 46.45
CA CYS C 320 8.05 -7.41 45.18
C CYS C 320 9.51 -7.44 44.75
N ALA C 321 10.22 -8.52 45.05
CA ALA C 321 11.67 -8.59 44.82
C ALA C 321 12.13 -9.39 43.60
N THR C 322 12.01 -10.72 43.64
CA THR C 322 12.38 -11.56 42.50
C THR C 322 11.71 -12.92 42.54
N GLN C 323 12.17 -13.81 41.65
CA GLN C 323 11.65 -15.16 41.61
C GLN C 323 12.09 -15.89 42.89
N ASN C 324 11.20 -16.72 43.44
CA ASN C 324 11.52 -17.61 44.56
C ASN C 324 11.85 -16.93 45.90
N GLU C 325 11.81 -15.60 45.90
CA GLU C 325 12.11 -14.81 47.09
C GLU C 325 11.26 -15.11 48.31
N LEU C 326 10.31 -16.04 48.19
CA LEU C 326 9.48 -16.40 49.34
C LEU C 326 9.22 -17.90 49.38
N ASP C 327 10.12 -18.62 50.06
CA ASP C 327 10.05 -20.08 50.12
C ASP C 327 9.30 -20.57 51.36
N VAL C 328 9.44 -21.86 51.64
CA VAL C 328 8.76 -22.50 52.78
C VAL C 328 9.16 -21.88 54.12
N ASP C 329 10.39 -21.41 54.19
CA ASP C 329 10.88 -20.79 55.41
C ASP C 329 9.97 -19.63 55.80
N ALA C 330 9.81 -18.68 54.90
CA ALA C 330 8.99 -17.51 55.15
C ALA C 330 7.53 -17.91 55.31
N ALA C 331 7.13 -18.95 54.58
CA ALA C 331 5.73 -19.36 54.55
C ALA C 331 5.16 -19.74 55.93
N HIS C 332 5.90 -20.54 56.71
CA HIS C 332 5.46 -20.94 58.04
C HIS C 332 5.42 -19.75 59.01
N GLN C 333 6.45 -18.92 58.93
CA GLN C 333 6.54 -17.71 59.74
C GLN C 333 5.28 -16.86 59.57
N LEU C 334 4.96 -16.51 58.34
CA LEU C 334 3.79 -15.69 58.06
C LEU C 334 2.50 -16.34 58.55
N ILE C 335 2.42 -17.65 58.40
CA ILE C 335 1.23 -18.39 58.84
C ILE C 335 1.17 -18.41 60.35
N ALA C 336 2.30 -18.69 60.98
CA ALA C 336 2.40 -18.63 62.43
C ALA C 336 1.92 -17.27 62.93
N ASN C 337 2.52 -16.20 62.41
CA ASN C 337 2.27 -14.85 62.88
C ASN C 337 0.91 -14.32 62.44
N GLY C 338 0.19 -15.15 61.70
CA GLY C 338 -1.21 -14.89 61.40
C GLY C 338 -1.52 -14.10 60.14
N VAL C 339 -0.65 -14.19 59.13
CA VAL C 339 -0.87 -13.46 57.87
C VAL C 339 -2.23 -13.82 57.25
N LYS C 340 -2.92 -12.78 56.78
CA LYS C 340 -4.25 -12.95 56.24
C LYS C 340 -4.22 -13.15 54.72
N ALA C 341 -3.22 -12.53 54.08
CA ALA C 341 -3.14 -12.52 52.62
C ALA C 341 -1.71 -12.28 52.14
N VAL C 342 -1.33 -12.98 51.07
CA VAL C 342 -0.08 -12.67 50.37
C VAL C 342 -0.38 -12.51 48.88
N ALA C 343 0.30 -11.57 48.22
CA ALA C 343 -0.04 -11.18 46.85
C ALA C 343 1.20 -10.74 46.08
N GLU C 344 1.45 -11.38 44.94
CA GLU C 344 2.71 -11.23 44.22
C GLU C 344 2.80 -10.01 43.28
N GLY C 345 3.72 -9.09 43.59
CA GLY C 345 3.97 -7.93 42.77
C GLY C 345 5.15 -8.15 41.85
N ALA C 346 6.02 -9.08 42.21
CA ALA C 346 7.18 -9.46 41.38
C ALA C 346 6.83 -10.69 40.55
N ASN C 347 7.76 -11.18 39.74
CA ASN C 347 7.48 -12.33 38.91
C ASN C 347 7.60 -13.65 39.70
N MET C 348 6.55 -14.46 39.64
CA MET C 348 6.40 -15.64 40.50
C MET C 348 7.40 -15.73 41.65
N PRO C 349 7.25 -14.84 42.65
CA PRO C 349 8.18 -14.73 43.77
C PRO C 349 8.03 -15.84 44.80
N THR C 350 6.81 -16.32 45.07
CA THR C 350 6.59 -17.44 45.98
C THR C 350 6.92 -18.75 45.30
N THR C 351 7.57 -19.67 46.02
CA THR C 351 7.85 -20.98 45.45
C THR C 351 6.56 -21.76 45.34
N ILE C 352 6.55 -22.80 44.52
CA ILE C 352 5.36 -23.63 44.38
C ILE C 352 5.07 -24.28 45.74
N GLU C 353 6.07 -24.95 46.28
CA GLU C 353 6.00 -25.56 47.60
C GLU C 353 5.41 -24.61 48.67
N ALA C 354 5.78 -23.34 48.60
CA ALA C 354 5.34 -22.36 49.60
C ALA C 354 3.93 -21.83 49.36
N THR C 355 3.52 -21.77 48.09
CA THR C 355 2.12 -21.52 47.79
C THR C 355 1.41 -22.63 48.53
N GLU C 356 2.23 -23.61 48.94
CA GLU C 356 1.88 -24.55 49.99
C GLU C 356 0.44 -25.03 49.72
N LEU C 357 -0.46 -25.21 50.69
CA LEU C 357 -0.30 -25.15 52.16
C LEU C 357 -0.10 -23.73 52.74
N PHE C 358 -0.10 -22.73 51.86
CA PHE C 358 -0.53 -21.40 52.23
C PHE C 358 -2.02 -21.62 52.16
N GLN C 359 -2.35 -22.80 51.64
CA GLN C 359 -3.67 -23.44 51.71
C GLN C 359 -4.16 -23.49 53.15
N GLN C 360 -3.27 -23.89 54.06
CA GLN C 360 -3.57 -23.88 55.50
C GLN C 360 -3.83 -22.45 55.97
N ALA C 361 -4.32 -22.32 57.20
CA ALA C 361 -4.73 -21.03 57.76
C ALA C 361 -5.68 -20.31 56.83
N GLY C 362 -6.00 -20.97 55.71
CA GLY C 362 -6.71 -20.36 54.61
C GLY C 362 -6.16 -18.98 54.31
N VAL C 363 -4.91 -18.90 53.88
CA VAL C 363 -4.33 -17.61 53.52
C VAL C 363 -4.75 -17.22 52.13
N LEU C 364 -5.30 -16.01 52.00
CA LEU C 364 -5.65 -15.42 50.70
C LEU C 364 -4.41 -15.20 49.80
N PHE C 365 -4.44 -15.75 48.58
CA PHE C 365 -3.26 -15.73 47.72
C PHE C 365 -3.48 -15.23 46.29
N ALA C 366 -2.76 -14.17 45.95
CA ALA C 366 -2.86 -13.57 44.61
C ALA C 366 -1.62 -13.83 43.78
N PRO C 367 -1.79 -14.59 42.68
CA PRO C 367 -0.68 -14.92 41.78
C PRO C 367 -0.22 -13.69 41.01
N GLY C 368 1.08 -13.59 40.77
CA GLY C 368 1.60 -12.48 40.01
C GLY C 368 0.85 -12.39 38.69
N LYS C 369 0.62 -13.55 38.06
CA LYS C 369 -0.05 -13.64 36.77
C LYS C 369 -1.19 -12.65 36.67
N ALA C 370 -2.00 -12.56 37.71
CA ALA C 370 -3.11 -11.62 37.74
C ALA C 370 -2.71 -10.34 38.45
N ALA C 371 -2.03 -10.48 39.58
CA ALA C 371 -1.82 -9.37 40.50
C ALA C 371 -0.78 -8.34 40.07
N ASN C 372 0.28 -8.78 39.41
CA ASN C 372 1.32 -7.86 38.94
C ASN C 372 1.11 -7.41 37.51
N ALA C 373 -0.15 -7.32 37.09
CA ALA C 373 -0.50 -7.10 35.69
C ALA C 373 -1.11 -5.71 35.36
N GLY C 374 -0.84 -4.72 36.23
CA GLY C 374 -1.33 -3.38 36.02
C GLY C 374 -0.49 -2.68 34.97
N GLY C 375 0.77 -3.08 34.85
CA GLY C 375 1.61 -2.56 33.80
C GLY C 375 1.00 -2.88 32.44
N VAL C 376 0.75 -4.14 32.19
CA VAL C 376 0.31 -4.58 30.89
C VAL C 376 -1.14 -4.11 30.62
N ALA C 377 -1.95 -4.05 31.68
CA ALA C 377 -3.30 -3.53 31.55
C ALA C 377 -3.25 -2.07 31.15
N THR C 378 -2.27 -1.34 31.63
CA THR C 378 -2.28 0.08 31.33
C THR C 378 -1.69 0.35 29.97
N SER C 379 -0.84 -0.53 29.47
CA SER C 379 -0.39 -0.40 28.09
C SER C 379 -1.60 -0.40 27.13
N GLY C 380 -2.65 -1.13 27.52
CA GLY C 380 -3.92 -1.03 26.83
C GLY C 380 -4.49 0.38 26.94
N LEU C 381 -4.46 0.91 28.15
CA LEU C 381 -4.94 2.25 28.42
C LEU C 381 -4.14 3.27 27.63
N GLU C 382 -2.85 3.02 27.44
CA GLU C 382 -2.02 3.84 26.58
C GLU C 382 -2.55 3.72 25.14
N MET C 383 -2.61 2.49 24.66
CA MET C 383 -3.14 2.20 23.33
C MET C 383 -4.47 2.91 23.06
N ALA C 384 -5.33 2.97 24.08
CA ALA C 384 -6.66 3.53 23.93
C ALA C 384 -6.60 5.05 23.84
N GLN C 385 -5.65 5.66 24.54
CA GLN C 385 -5.51 7.12 24.55
C GLN C 385 -4.94 7.58 23.22
N ASN C 386 -3.88 6.90 22.78
CA ASN C 386 -3.35 7.20 21.47
C ASN C 386 -4.44 7.10 20.40
N ALA C 387 -5.41 6.21 20.61
CA ALA C 387 -6.52 6.00 19.67
C ALA C 387 -7.53 7.13 19.73
N ALA C 388 -7.60 7.80 20.86
CA ALA C 388 -8.56 8.85 21.11
C ALA C 388 -7.92 10.17 20.76
N ARG C 389 -6.63 10.09 20.43
CA ARG C 389 -5.77 11.25 20.31
C ARG C 389 -6.08 12.34 21.36
N LEU C 390 -6.33 11.85 22.57
CA LEU C 390 -6.32 12.66 23.77
C LEU C 390 -5.36 12.02 24.78
N GLY C 391 -4.97 12.79 25.78
CA GLY C 391 -4.32 12.25 26.97
C GLY C 391 -5.28 12.27 28.14
N TRP C 392 -5.41 11.16 28.85
CA TRP C 392 -6.23 11.12 30.05
C TRP C 392 -5.46 11.64 31.27
N LYS C 393 -6.15 12.32 32.19
CA LYS C 393 -5.52 12.75 33.45
C LYS C 393 -5.01 11.53 34.21
N ALA C 394 -4.05 11.73 35.11
CA ALA C 394 -3.58 10.66 36.00
C ALA C 394 -4.75 9.99 36.76
N GLU C 395 -5.69 10.81 37.24
CA GLU C 395 -6.89 10.31 37.90
C GLU C 395 -7.67 9.35 37.03
N LYS C 396 -7.85 9.71 35.75
CA LYS C 396 -8.70 8.94 34.86
C LYS C 396 -8.09 7.56 34.65
N VAL C 397 -6.86 7.55 34.16
CA VAL C 397 -6.10 6.31 33.97
C VAL C 397 -6.10 5.39 35.21
N ASP C 398 -6.05 5.99 36.40
CA ASP C 398 -5.93 5.24 37.64
C ASP C 398 -7.26 4.63 38.04
N ALA C 399 -8.33 5.34 37.74
CA ALA C 399 -9.67 4.90 38.08
C ALA C 399 -10.03 3.69 37.23
N ARG C 400 -9.39 3.59 36.08
CA ARG C 400 -9.75 2.55 35.16
C ARG C 400 -8.79 1.39 35.31
N LEU C 401 -7.60 1.66 35.84
CA LEU C 401 -6.66 0.59 36.16
C LEU C 401 -7.27 -0.19 37.30
N HIS C 402 -7.93 0.56 38.16
CA HIS C 402 -8.59 0.03 39.33
C HIS C 402 -9.73 -0.87 38.89
N HIS C 403 -10.71 -0.29 38.20
CA HIS C 403 -11.85 -1.07 37.69
C HIS C 403 -11.42 -2.32 36.93
N ILE C 404 -10.38 -2.18 36.12
CA ILE C 404 -9.80 -3.34 35.47
C ILE C 404 -9.42 -4.34 36.55
N MET C 405 -8.43 -4.00 37.36
CA MET C 405 -7.90 -4.95 38.34
C MET C 405 -9.00 -5.69 39.10
N THR C 406 -10.07 -4.99 39.47
CA THR C 406 -11.12 -5.64 40.24
C THR C 406 -11.79 -6.67 39.34
N ASP C 407 -11.84 -6.38 38.05
CA ASP C 407 -12.36 -7.36 37.10
C ASP C 407 -11.41 -8.53 36.90
N ILE C 408 -10.10 -8.27 36.80
CA ILE C 408 -9.18 -9.39 36.66
C ILE C 408 -9.44 -10.32 37.83
N HIS C 409 -9.73 -9.74 38.98
CA HIS C 409 -10.06 -10.58 40.12
C HIS C 409 -11.40 -11.31 39.95
N ASP C 410 -12.48 -10.54 39.90
CA ASP C 410 -13.84 -11.07 39.99
C ASP C 410 -14.12 -12.26 39.09
N GLY C 411 -13.72 -12.15 37.83
CA GLY C 411 -14.07 -13.17 36.87
C GLY C 411 -12.92 -14.12 36.64
N SER C 412 -11.76 -13.75 37.16
CA SER C 412 -10.56 -14.54 36.94
C SER C 412 -10.16 -15.04 38.27
N ALA C 413 -11.01 -15.90 38.83
CA ALA C 413 -11.00 -16.29 40.24
C ALA C 413 -12.43 -16.17 40.69
N ALA C 414 -13.11 -17.31 40.77
CA ALA C 414 -14.55 -17.36 40.64
C ALA C 414 -14.80 -17.63 39.16
N ALA C 415 -14.50 -18.87 38.80
CA ALA C 415 -14.54 -19.37 37.44
C ALA C 415 -13.15 -19.34 36.81
N ALA C 416 -12.16 -20.05 37.35
CA ALA C 416 -12.19 -20.88 38.57
C ALA C 416 -13.49 -21.61 38.88
N GLU C 417 -13.83 -21.64 40.17
CA GLU C 417 -15.20 -21.85 40.65
C GLU C 417 -16.11 -22.67 39.75
N ARG C 418 -16.50 -22.07 38.63
CA ARG C 418 -17.31 -22.75 37.63
C ARG C 418 -16.80 -24.18 37.42
N TYR C 419 -15.49 -24.33 37.24
CA TYR C 419 -14.92 -25.64 37.01
C TYR C 419 -14.55 -26.34 38.30
N GLY C 420 -15.04 -25.79 39.41
CA GLY C 420 -14.96 -26.45 40.71
C GLY C 420 -13.59 -26.69 41.30
N LEU C 421 -12.74 -25.68 41.26
CA LEU C 421 -11.40 -25.78 41.83
C LEU C 421 -11.34 -24.99 43.14
N GLY C 422 -12.53 -24.61 43.61
CA GLY C 422 -12.65 -23.83 44.81
C GLY C 422 -12.20 -22.40 44.59
N TYR C 423 -11.46 -21.89 45.56
CA TYR C 423 -10.95 -20.53 45.47
C TYR C 423 -9.47 -20.57 45.10
N ASN C 424 -9.20 -20.77 43.83
CA ASN C 424 -7.84 -20.95 43.35
C ASN C 424 -7.48 -19.92 42.30
N LEU C 425 -7.15 -18.72 42.75
CA LEU C 425 -6.78 -17.63 41.85
C LEU C 425 -5.75 -18.07 40.80
N VAL C 426 -4.80 -18.90 41.22
CA VAL C 426 -3.79 -19.41 40.29
C VAL C 426 -4.45 -20.06 39.07
N ALA C 427 -5.25 -21.07 39.32
CA ALA C 427 -5.81 -21.86 38.25
C ALA C 427 -7.07 -21.19 37.72
N GLY C 428 -7.64 -20.30 38.51
CA GLY C 428 -8.93 -19.72 38.15
C GLY C 428 -8.82 -18.45 37.35
N ALA C 429 -7.59 -18.12 36.96
CA ALA C 429 -7.24 -16.85 36.36
C ALA C 429 -6.03 -17.21 35.57
N ASN C 430 -6.29 -17.71 34.38
CA ASN C 430 -5.41 -18.67 33.76
C ASN C 430 -6.35 -19.47 32.87
N ILE C 431 -7.42 -19.95 33.47
CA ILE C 431 -8.56 -20.48 32.73
C ILE C 431 -9.30 -19.33 32.07
N VAL C 432 -9.41 -18.23 32.80
CA VAL C 432 -10.09 -17.04 32.30
C VAL C 432 -9.35 -16.46 31.11
N GLY C 433 -8.03 -16.55 31.15
CA GLY C 433 -7.20 -16.04 30.08
C GLY C 433 -7.38 -16.93 28.88
N PHE C 434 -7.26 -18.23 29.11
CA PHE C 434 -7.40 -19.20 28.03
C PHE C 434 -8.78 -19.14 27.40
N GLN C 435 -9.79 -18.93 28.22
CA GLN C 435 -11.17 -19.00 27.73
C GLN C 435 -11.49 -17.90 26.71
N LYS C 436 -11.18 -16.66 27.03
CA LYS C 436 -11.44 -15.57 26.09
C LYS C 436 -10.78 -15.82 24.72
N ILE C 437 -9.59 -16.41 24.74
CA ILE C 437 -8.89 -16.73 23.50
C ILE C 437 -9.50 -17.93 22.79
N ALA C 438 -9.97 -18.91 23.56
CA ALA C 438 -10.61 -20.08 23.00
C ALA C 438 -11.95 -19.67 22.40
N ASP C 439 -12.70 -18.88 23.15
CA ASP C 439 -13.94 -18.30 22.66
C ASP C 439 -13.73 -17.68 21.29
N ALA C 440 -12.88 -16.66 21.21
CA ALA C 440 -12.68 -15.92 19.96
C ALA C 440 -12.10 -16.75 18.84
N MET C 441 -11.09 -17.56 19.13
CA MET C 441 -10.52 -18.43 18.09
C MET C 441 -11.56 -19.32 17.42
N MET C 442 -12.40 -19.96 18.23
CA MET C 442 -13.52 -20.76 17.73
C MET C 442 -14.44 -19.96 16.81
N ALA C 443 -14.88 -18.81 17.30
CA ALA C 443 -15.75 -17.95 16.53
C ALA C 443 -15.15 -17.63 15.16
N GLN C 444 -13.82 -17.52 15.12
CA GLN C 444 -13.17 -17.04 13.90
C GLN C 444 -12.82 -18.17 12.95
N GLY C 445 -13.28 -19.37 13.28
CA GLY C 445 -13.16 -20.50 12.38
C GLY C 445 -11.74 -21.02 12.21
N ILE C 446 -11.54 -21.86 11.19
CA ILE C 446 -10.23 -22.42 11.00
C ILE C 446 -9.48 -21.78 9.83
N ALA C 447 -8.77 -20.71 10.17
CA ALA C 447 -7.95 -19.93 9.25
C ALA C 447 -6.56 -19.85 9.90
N TRP C 448 -6.45 -19.03 10.95
CA TRP C 448 -5.35 -19.13 11.93
C TRP C 448 -5.61 -20.28 12.87
N SER D 2 -22.66 -32.39 -25.16
CA SER D 2 -22.55 -32.77 -23.75
C SER D 2 -23.80 -32.43 -22.95
N LYS D 3 -24.25 -33.37 -22.13
CA LYS D 3 -25.39 -33.16 -21.27
C LYS D 3 -24.98 -32.14 -20.21
N TYR D 4 -23.73 -32.23 -19.78
CA TYR D 4 -23.14 -31.25 -18.88
C TYR D 4 -23.21 -29.86 -19.52
N VAL D 5 -22.71 -29.71 -20.74
CA VAL D 5 -22.85 -28.43 -21.40
C VAL D 5 -24.32 -28.02 -21.47
N ASP D 6 -25.21 -28.98 -21.69
CA ASP D 6 -26.61 -28.64 -21.85
C ASP D 6 -27.18 -28.08 -20.54
N ARG D 7 -26.83 -28.71 -19.43
CA ARG D 7 -27.44 -28.39 -18.15
C ARG D 7 -27.05 -27.00 -17.69
N VAL D 8 -25.81 -26.63 -17.99
CA VAL D 8 -25.31 -25.31 -17.60
C VAL D 8 -26.03 -24.27 -18.43
N ILE D 9 -25.98 -24.43 -19.75
CA ILE D 9 -26.64 -23.51 -20.67
C ILE D 9 -28.04 -23.19 -20.18
N ALA D 10 -28.78 -24.24 -19.84
CA ALA D 10 -30.13 -24.05 -19.36
C ALA D 10 -30.09 -23.27 -18.04
N GLU D 11 -29.21 -23.67 -17.14
CA GLU D 11 -29.09 -22.95 -15.87
C GLU D 11 -28.88 -21.45 -16.14
N VAL D 12 -27.92 -21.13 -16.98
CA VAL D 12 -27.67 -19.74 -17.35
C VAL D 12 -28.90 -19.07 -17.96
N GLU D 13 -29.59 -19.75 -18.87
CA GLU D 13 -30.77 -19.19 -19.50
C GLU D 13 -31.83 -18.77 -18.49
N LYS D 14 -31.87 -19.45 -17.36
CA LYS D 14 -32.89 -19.20 -16.36
C LYS D 14 -32.46 -18.10 -15.39
N LYS D 15 -31.23 -18.21 -14.87
CA LYS D 15 -30.70 -17.31 -13.85
C LYS D 15 -30.64 -15.92 -14.38
N TYR D 16 -30.13 -15.81 -15.60
CA TYR D 16 -29.89 -14.52 -16.25
C TYR D 16 -30.94 -14.19 -17.32
N ALA D 17 -32.22 -14.36 -16.98
CA ALA D 17 -33.30 -14.15 -17.94
C ALA D 17 -33.24 -12.80 -18.64
N ASP D 18 -33.16 -11.70 -17.89
CA ASP D 18 -33.12 -10.36 -18.51
C ASP D 18 -31.71 -9.81 -18.80
N GLU D 19 -30.84 -10.73 -19.21
CA GLU D 19 -29.54 -10.39 -19.77
C GLU D 19 -29.44 -11.17 -21.08
N PRO D 20 -30.37 -10.87 -22.02
CA PRO D 20 -30.54 -11.61 -23.27
C PRO D 20 -29.22 -11.81 -23.98
N GLU D 21 -28.54 -10.70 -24.27
CA GLU D 21 -27.25 -10.74 -24.95
C GLU D 21 -26.27 -11.72 -24.28
N PHE D 22 -26.08 -11.55 -22.98
CA PHE D 22 -25.16 -12.44 -22.26
C PHE D 22 -25.56 -13.91 -22.40
N VAL D 23 -26.83 -14.22 -22.16
CA VAL D 23 -27.31 -15.59 -22.24
C VAL D 23 -26.99 -16.22 -23.59
N GLN D 24 -27.33 -15.51 -24.66
CA GLN D 24 -27.13 -15.98 -26.03
C GLN D 24 -25.68 -16.41 -26.26
N THR D 25 -24.74 -15.58 -25.79
CA THR D 25 -23.34 -15.84 -26.04
C THR D 25 -22.89 -17.09 -25.32
N VAL D 26 -23.53 -17.41 -24.22
CA VAL D 26 -23.12 -18.56 -23.42
C VAL D 26 -23.46 -19.85 -24.14
N GLU D 27 -24.71 -19.95 -24.59
CA GLU D 27 -25.16 -21.10 -25.36
C GLU D 27 -24.38 -21.13 -26.67
N GLU D 28 -24.07 -19.95 -27.21
CA GLU D 28 -23.27 -19.85 -28.41
C GLU D 28 -21.90 -20.50 -28.21
N VAL D 29 -21.15 -19.99 -27.24
CA VAL D 29 -19.80 -20.45 -26.88
C VAL D 29 -19.73 -21.89 -26.39
N LEU D 30 -20.57 -22.23 -25.42
CA LEU D 30 -20.47 -23.54 -24.78
C LEU D 30 -20.97 -24.67 -25.65
N SER D 31 -22.05 -24.42 -26.41
CA SER D 31 -22.67 -25.47 -27.20
C SER D 31 -21.69 -26.10 -28.19
N SER D 32 -20.69 -25.31 -28.57
CA SER D 32 -19.70 -25.77 -29.54
C SER D 32 -18.49 -26.37 -28.85
N LEU D 33 -18.67 -26.77 -27.60
CA LEU D 33 -17.56 -27.27 -26.80
C LEU D 33 -17.83 -28.69 -26.38
N GLY D 34 -18.96 -29.23 -26.85
CA GLY D 34 -19.39 -30.57 -26.53
C GLY D 34 -18.30 -31.63 -26.46
N PRO D 35 -17.52 -31.78 -27.54
CA PRO D 35 -16.48 -32.81 -27.60
C PRO D 35 -15.30 -32.54 -26.67
N VAL D 36 -14.92 -31.27 -26.53
CA VAL D 36 -13.87 -30.90 -25.59
C VAL D 36 -14.27 -31.25 -24.15
N VAL D 37 -15.35 -30.67 -23.68
CA VAL D 37 -15.89 -31.01 -22.38
C VAL D 37 -16.05 -32.53 -22.23
N ASP D 38 -16.49 -33.21 -23.29
CA ASP D 38 -16.70 -34.66 -23.24
C ASP D 38 -15.42 -35.47 -22.94
N ALA D 39 -14.30 -34.99 -23.47
CA ALA D 39 -13.02 -35.64 -23.29
C ALA D 39 -12.36 -35.28 -21.95
N HIS D 40 -12.92 -34.28 -21.26
CA HIS D 40 -12.37 -33.88 -19.97
C HIS D 40 -13.42 -33.97 -18.88
N PRO D 41 -13.74 -35.20 -18.48
CA PRO D 41 -14.78 -35.37 -17.47
C PRO D 41 -14.39 -34.64 -16.20
N GLU D 42 -13.10 -34.37 -16.07
CA GLU D 42 -12.59 -33.75 -14.85
C GLU D 42 -13.08 -32.31 -14.73
N TYR D 43 -13.57 -31.72 -15.82
CA TYR D 43 -14.06 -30.33 -15.78
C TYR D 43 -15.31 -30.20 -14.92
N GLU D 44 -16.19 -31.19 -15.02
CA GLU D 44 -17.44 -31.17 -14.27
C GLU D 44 -17.26 -31.41 -12.76
N GLU D 45 -16.25 -32.20 -12.39
CA GLU D 45 -16.00 -32.54 -11.00
C GLU D 45 -15.78 -31.29 -10.15
N VAL D 46 -14.90 -30.42 -10.65
CA VAL D 46 -14.60 -29.15 -10.03
C VAL D 46 -15.32 -28.02 -10.74
N ALA D 47 -16.64 -28.01 -10.65
CA ALA D 47 -17.56 -27.10 -11.38
C ALA D 47 -16.97 -26.11 -12.38
N LEU D 48 -16.17 -26.59 -13.32
CA LEU D 48 -15.46 -25.68 -14.20
C LEU D 48 -16.36 -24.73 -15.00
N LEU D 49 -17.29 -25.28 -15.78
CA LEU D 49 -18.19 -24.47 -16.58
C LEU D 49 -19.02 -23.52 -15.72
N GLU D 50 -19.69 -24.06 -14.70
CA GLU D 50 -20.54 -23.24 -13.82
C GLU D 50 -19.78 -22.05 -13.25
N ARG D 51 -18.46 -22.22 -13.10
CA ARG D 51 -17.59 -21.14 -12.65
C ARG D 51 -17.29 -20.09 -13.72
N MET D 52 -16.78 -20.52 -14.87
CA MET D 52 -16.44 -19.61 -15.97
C MET D 52 -17.53 -18.63 -16.39
N VAL D 53 -18.78 -18.99 -16.19
CA VAL D 53 -19.86 -18.18 -16.70
C VAL D 53 -20.19 -17.04 -15.75
N ILE D 54 -19.78 -17.18 -14.50
CA ILE D 54 -19.85 -16.09 -13.54
C ILE D 54 -18.56 -15.30 -13.62
N PRO D 55 -18.63 -13.99 -13.90
CA PRO D 55 -17.33 -13.30 -13.97
C PRO D 55 -16.68 -13.24 -12.57
N GLU D 56 -15.35 -13.29 -12.52
CA GLU D 56 -14.62 -13.21 -11.26
C GLU D 56 -15.09 -11.99 -10.49
N ARG D 57 -15.09 -10.84 -11.17
CA ARG D 57 -15.37 -9.58 -10.50
C ARG D 57 -16.11 -8.55 -11.38
N VAL D 58 -17.18 -7.98 -10.85
CA VAL D 58 -17.90 -6.93 -11.56
C VAL D 58 -17.89 -5.66 -10.72
N ILE D 59 -17.60 -4.53 -11.37
CA ILE D 59 -17.61 -3.23 -10.73
C ILE D 59 -18.54 -2.24 -11.45
N GLU D 60 -19.22 -1.38 -10.69
CA GLU D 60 -20.22 -0.48 -11.23
C GLU D 60 -20.23 0.85 -10.51
N PHE D 61 -19.65 1.89 -11.09
CA PHE D 61 -19.60 3.18 -10.43
C PHE D 61 -20.50 4.32 -10.95
N ARG D 62 -20.80 5.25 -10.06
CA ARG D 62 -21.46 6.49 -10.40
C ARG D 62 -20.39 7.35 -11.05
N VAL D 63 -20.69 7.89 -12.23
CA VAL D 63 -19.82 8.87 -12.82
C VAL D 63 -20.53 10.20 -13.00
N PRO D 64 -20.39 11.08 -11.99
CA PRO D 64 -20.92 12.45 -12.05
C PRO D 64 -19.98 13.33 -12.87
N TRP D 65 -20.54 14.30 -13.59
CA TRP D 65 -19.71 15.22 -14.36
C TRP D 65 -20.48 16.49 -14.76
N GLU D 66 -19.75 17.51 -15.21
CA GLU D 66 -20.36 18.75 -15.65
C GLU D 66 -20.04 19.08 -17.13
N ASP D 67 -21.06 19.51 -17.87
CA ASP D 67 -20.85 19.94 -19.26
C ASP D 67 -20.25 21.35 -19.36
N ASP D 68 -20.27 21.92 -20.56
CA ASP D 68 -19.63 23.20 -20.77
C ASP D 68 -20.46 24.37 -20.26
N ASN D 69 -21.73 24.14 -19.96
CA ASN D 69 -22.55 25.15 -19.28
C ASN D 69 -22.61 24.85 -17.77
N GLY D 70 -21.79 23.90 -17.33
CA GLY D 70 -21.83 23.47 -15.95
C GLY D 70 -23.16 22.91 -15.50
N LYS D 71 -23.78 22.07 -16.33
CA LYS D 71 -25.08 21.51 -15.96
C LYS D 71 -25.02 20.43 -14.89
N VAL D 72 -24.06 19.52 -15.01
CA VAL D 72 -23.95 18.39 -14.08
C VAL D 72 -24.83 17.19 -14.48
N HIS D 73 -24.20 16.18 -15.06
CA HIS D 73 -24.87 14.94 -15.41
C HIS D 73 -24.33 13.76 -14.58
N VAL D 74 -24.97 12.63 -14.76
CA VAL D 74 -24.60 11.44 -14.02
C VAL D 74 -24.76 10.23 -14.92
N ASN D 75 -23.74 9.38 -14.92
CA ASN D 75 -23.69 8.22 -15.78
C ASN D 75 -23.14 7.00 -15.05
N THR D 76 -23.48 5.81 -15.51
CA THR D 76 -22.99 4.62 -14.83
C THR D 76 -21.73 4.12 -15.52
N GLY D 77 -20.82 3.57 -14.73
CA GLY D 77 -19.56 3.07 -15.24
C GLY D 77 -19.47 1.57 -15.03
N TYR D 78 -18.62 0.91 -15.80
CA TYR D 78 -18.54 -0.53 -15.70
C TYR D 78 -17.12 -1.03 -15.89
N ARG D 79 -16.78 -2.08 -15.15
CA ARG D 79 -15.70 -2.99 -15.54
C ARG D 79 -16.07 -4.39 -15.06
N VAL D 80 -16.24 -5.30 -16.00
CA VAL D 80 -16.52 -6.70 -15.72
C VAL D 80 -15.19 -7.36 -15.93
N GLN D 81 -14.61 -7.86 -14.85
CA GLN D 81 -13.35 -8.57 -14.96
C GLN D 81 -13.70 -10.03 -14.92
N PHE D 82 -13.86 -10.62 -16.12
CA PHE D 82 -14.40 -11.97 -16.28
C PHE D 82 -13.45 -13.09 -15.84
N ASN D 83 -12.20 -12.99 -16.27
CA ASN D 83 -11.32 -14.11 -16.21
C ASN D 83 -9.89 -13.63 -16.23
N GLY D 84 -9.11 -14.06 -15.24
CA GLY D 84 -7.74 -13.59 -15.12
C GLY D 84 -6.73 -14.72 -15.10
N ALA D 85 -7.21 -15.94 -15.35
CA ALA D 85 -6.36 -17.12 -15.27
C ALA D 85 -5.12 -17.06 -16.15
N ILE D 86 -5.17 -16.42 -17.31
CA ILE D 86 -4.03 -16.48 -18.22
C ILE D 86 -3.32 -15.16 -18.50
N GLY D 87 -3.62 -14.14 -17.71
CA GLY D 87 -2.92 -12.86 -17.84
C GLY D 87 -3.77 -11.84 -17.18
N PRO D 88 -3.31 -10.59 -17.15
CA PRO D 88 -4.12 -9.53 -16.54
C PRO D 88 -5.48 -9.43 -17.22
N TYR D 89 -6.52 -9.04 -16.50
CA TYR D 89 -7.77 -8.71 -17.17
C TYR D 89 -7.47 -7.77 -18.35
N LYS D 90 -8.03 -8.10 -19.52
CA LYS D 90 -7.80 -7.32 -20.74
C LYS D 90 -9.12 -7.12 -21.49
N GLY D 91 -9.36 -5.91 -21.98
CA GLY D 91 -10.56 -5.65 -22.76
C GLY D 91 -10.90 -4.19 -22.95
N GLY D 92 -11.63 -3.91 -24.02
CA GLY D 92 -12.02 -2.55 -24.35
C GLY D 92 -13.07 -1.92 -23.45
N LEU D 93 -13.16 -0.59 -23.55
CA LEU D 93 -14.19 0.17 -22.87
C LEU D 93 -15.14 0.76 -23.89
N ARG D 94 -16.42 0.67 -23.62
CA ARG D 94 -17.42 1.21 -24.53
C ARG D 94 -18.24 2.34 -23.93
N PHE D 95 -18.10 3.54 -24.49
CA PHE D 95 -19.00 4.64 -24.18
C PHE D 95 -20.14 4.72 -25.21
N ALA D 96 -21.35 4.35 -24.78
CA ALA D 96 -22.52 4.42 -25.64
C ALA D 96 -23.78 4.21 -24.80
N PRO D 97 -24.83 5.01 -25.06
CA PRO D 97 -26.05 5.09 -24.24
C PRO D 97 -26.73 3.74 -23.99
N SER D 98 -26.32 2.73 -24.73
CA SER D 98 -26.97 1.43 -24.64
C SER D 98 -26.27 0.44 -23.70
N VAL D 99 -25.12 0.81 -23.15
CA VAL D 99 -24.33 -0.10 -22.32
C VAL D 99 -25.01 -0.45 -20.97
N ASN D 100 -24.98 -1.72 -20.63
CA ASN D 100 -25.45 -2.20 -19.33
C ASN D 100 -24.68 -3.46 -18.90
N LEU D 101 -25.10 -4.12 -17.82
CA LEU D 101 -24.35 -5.30 -17.38
C LEU D 101 -24.36 -6.41 -18.42
N SER D 102 -25.55 -6.76 -18.92
CA SER D 102 -25.68 -7.82 -19.93
C SER D 102 -24.69 -7.66 -21.08
N ILE D 103 -24.62 -6.46 -21.64
CA ILE D 103 -23.72 -6.28 -22.77
C ILE D 103 -22.28 -6.45 -22.33
N MET D 104 -21.92 -5.74 -21.26
CA MET D 104 -20.60 -5.82 -20.66
C MET D 104 -20.15 -7.26 -20.43
N LYS D 105 -21.05 -8.04 -19.83
CA LYS D 105 -20.78 -9.44 -19.53
C LYS D 105 -20.61 -10.31 -20.77
N PHE D 106 -21.45 -10.10 -21.79
CA PHE D 106 -21.34 -10.93 -22.97
C PHE D 106 -20.06 -10.55 -23.69
N LEU D 107 -19.84 -9.25 -23.82
CA LEU D 107 -18.65 -8.77 -24.51
C LEU D 107 -17.39 -9.31 -23.83
N GLY D 108 -17.44 -9.39 -22.51
CA GLY D 108 -16.27 -9.72 -21.69
C GLY D 108 -15.96 -11.20 -21.68
N PHE D 109 -16.99 -11.99 -21.50
CA PHE D 109 -16.92 -13.42 -21.76
C PHE D 109 -16.23 -13.74 -23.11
N GLU D 110 -16.59 -13.05 -24.19
CA GLU D 110 -15.97 -13.31 -25.47
C GLU D 110 -14.50 -12.88 -25.54
N GLN D 111 -14.20 -11.73 -24.95
CA GLN D 111 -12.82 -11.24 -24.92
C GLN D 111 -11.92 -12.23 -24.18
N ALA D 112 -12.51 -12.91 -23.21
CA ALA D 112 -11.86 -13.98 -22.50
C ALA D 112 -11.20 -14.88 -23.52
N PHE D 113 -12.03 -15.44 -24.39
CA PHE D 113 -11.60 -16.50 -25.29
C PHE D 113 -10.78 -15.99 -26.45
N LYS D 114 -11.09 -14.80 -26.95
CA LYS D 114 -10.29 -14.21 -28.04
C LYS D 114 -8.89 -13.87 -27.55
N ASP D 115 -8.81 -13.28 -26.35
CA ASP D 115 -7.52 -12.93 -25.78
C ASP D 115 -6.66 -14.21 -25.64
N SER D 116 -7.25 -15.22 -25.01
CA SER D 116 -6.65 -16.53 -24.95
C SER D 116 -6.15 -16.97 -26.34
N LEU D 117 -6.99 -16.78 -27.34
CA LEU D 117 -6.70 -17.28 -28.68
C LEU D 117 -5.42 -16.72 -29.31
N THR D 118 -5.02 -15.51 -28.90
CA THR D 118 -3.83 -14.83 -29.45
C THR D 118 -2.50 -15.44 -29.02
N THR D 119 -2.57 -16.41 -28.11
CA THR D 119 -1.39 -17.05 -27.51
C THR D 119 -0.61 -16.13 -26.57
N LEU D 120 -0.93 -14.84 -26.57
CA LEU D 120 -0.29 -13.94 -25.62
C LEU D 120 -1.03 -14.09 -24.31
N PRO D 121 -0.42 -13.65 -23.19
CA PRO D 121 -1.07 -13.69 -21.87
C PRO D 121 -1.91 -12.45 -21.58
N MET D 122 -3.22 -12.58 -21.73
CA MET D 122 -4.20 -11.54 -21.44
C MET D 122 -5.47 -12.26 -21.01
N GLY D 123 -6.07 -11.80 -19.92
CA GLY D 123 -7.35 -12.34 -19.48
C GLY D 123 -8.43 -11.68 -20.30
N GLY D 124 -9.66 -11.74 -19.83
CA GLY D 124 -10.74 -11.17 -20.60
C GLY D 124 -11.60 -10.33 -19.72
N ALA D 125 -11.86 -9.10 -20.16
CA ALA D 125 -12.82 -8.22 -19.53
C ALA D 125 -13.36 -7.20 -20.52
N LYS D 126 -14.48 -6.58 -20.16
CA LYS D 126 -14.99 -5.43 -20.90
C LYS D 126 -15.51 -4.42 -19.91
N GLY D 127 -15.47 -3.15 -20.28
CA GLY D 127 -16.04 -2.13 -19.43
C GLY D 127 -16.68 -1.02 -20.23
N GLY D 128 -16.90 0.12 -19.58
CA GLY D 128 -17.38 1.31 -20.26
C GLY D 128 -18.32 2.15 -19.43
N SER D 129 -19.35 2.69 -20.07
CA SER D 129 -20.26 3.62 -19.41
C SER D 129 -21.41 3.97 -20.35
N ASP D 130 -22.58 4.26 -19.79
CA ASP D 130 -23.74 4.64 -20.62
C ASP D 130 -23.67 6.08 -21.12
N PHE D 131 -22.63 6.79 -20.70
CA PHE D 131 -22.27 8.08 -21.28
C PHE D 131 -22.35 8.02 -22.79
N ASP D 132 -22.99 9.01 -23.40
CA ASP D 132 -23.05 9.11 -24.85
C ASP D 132 -22.09 10.22 -25.30
N PRO D 133 -21.06 9.88 -26.06
CA PRO D 133 -20.09 10.89 -26.51
C PRO D 133 -20.55 11.64 -27.79
N ASN D 134 -21.85 11.57 -28.08
CA ASN D 134 -22.44 12.34 -29.16
C ASN D 134 -22.74 13.78 -28.76
N GLY D 135 -22.33 14.73 -29.59
CA GLY D 135 -22.65 16.12 -29.35
C GLY D 135 -22.02 16.65 -28.07
N LYS D 136 -20.93 16.02 -27.67
CA LYS D 136 -20.20 16.42 -26.48
C LYS D 136 -18.88 17.00 -26.96
N SER D 137 -18.50 18.15 -26.40
CA SER D 137 -17.21 18.75 -26.74
C SER D 137 -16.02 17.93 -26.26
N ASP D 138 -14.88 18.20 -26.86
CA ASP D 138 -13.63 17.60 -26.47
C ASP D 138 -13.38 17.75 -24.95
N ARG D 139 -13.69 18.93 -24.40
CA ARG D 139 -13.57 19.18 -22.97
C ARG D 139 -14.50 18.25 -22.22
N GLU D 140 -15.78 18.31 -22.56
CA GLU D 140 -16.76 17.41 -21.95
C GLU D 140 -16.24 15.98 -21.82
N VAL D 141 -15.51 15.51 -22.83
CA VAL D 141 -15.07 14.12 -22.84
C VAL D 141 -13.87 13.92 -21.91
N MET D 142 -13.02 14.93 -21.87
CA MET D 142 -11.93 14.97 -20.90
C MET D 142 -12.47 14.92 -19.46
N ARG D 143 -13.45 15.75 -19.17
CA ARG D 143 -13.97 15.81 -17.81
C ARG D 143 -14.63 14.49 -17.41
N PHE D 144 -15.47 13.96 -18.28
CA PHE D 144 -16.11 12.70 -18.01
C PHE D 144 -15.08 11.60 -17.82
N CYS D 145 -14.10 11.57 -18.70
CA CYS D 145 -13.02 10.60 -18.64
C CYS D 145 -12.37 10.64 -17.28
N GLN D 146 -11.99 11.84 -16.87
CA GLN D 146 -11.38 12.02 -15.57
C GLN D 146 -12.31 11.51 -14.46
N ALA D 147 -13.56 11.93 -14.47
CA ALA D 147 -14.52 11.39 -13.52
C ALA D 147 -14.57 9.85 -13.58
N PHE D 148 -14.39 9.31 -14.78
CA PHE D 148 -14.51 7.88 -15.03
C PHE D 148 -13.29 7.18 -14.42
N MET D 149 -12.11 7.64 -14.79
CA MET D 149 -10.87 7.10 -14.30
C MET D 149 -10.62 7.38 -12.79
N THR D 150 -11.20 8.47 -12.26
CA THR D 150 -11.03 8.76 -10.84
C THR D 150 -11.52 7.60 -10.00
N GLU D 151 -12.53 6.89 -10.48
CA GLU D 151 -13.04 5.74 -9.73
C GLU D 151 -12.43 4.42 -10.16
N LEU D 152 -12.06 4.33 -11.44
CA LEU D 152 -11.67 3.07 -12.05
C LEU D 152 -10.19 2.78 -11.84
N TYR D 153 -9.42 3.78 -11.42
CA TYR D 153 -7.97 3.59 -11.38
C TYR D 153 -7.60 2.56 -10.33
N ARG D 154 -8.41 2.49 -9.28
CA ARG D 154 -8.12 1.63 -8.14
C ARG D 154 -8.25 0.16 -8.49
N HIS D 155 -8.97 -0.13 -9.59
CA HIS D 155 -9.31 -1.49 -9.99
C HIS D 155 -8.42 -2.00 -11.12
N ILE D 156 -7.61 -1.14 -11.69
CA ILE D 156 -6.86 -1.55 -12.87
C ILE D 156 -5.37 -1.35 -12.67
N GLY D 157 -4.58 -1.82 -13.63
CA GLY D 157 -3.15 -1.54 -13.68
C GLY D 157 -2.36 -2.41 -14.65
N PRO D 158 -1.08 -2.07 -14.87
CA PRO D 158 -0.28 -2.91 -15.78
C PRO D 158 -0.32 -4.41 -15.46
N ASP D 159 -0.51 -4.81 -14.21
CA ASP D 159 -0.52 -6.25 -13.85
C ASP D 159 -1.89 -6.77 -13.49
N ILE D 160 -2.89 -5.90 -13.54
CA ILE D 160 -4.20 -6.20 -12.97
C ILE D 160 -5.30 -6.17 -14.02
N ASP D 161 -5.51 -5.01 -14.61
CA ASP D 161 -6.55 -4.86 -15.60
C ASP D 161 -6.09 -3.79 -16.57
N VAL D 162 -6.00 -4.15 -17.85
CA VAL D 162 -5.61 -3.21 -18.88
C VAL D 162 -6.77 -3.01 -19.85
N PRO D 163 -7.49 -1.89 -19.75
CA PRO D 163 -8.54 -1.66 -20.74
C PRO D 163 -7.94 -1.06 -22.02
N ALA D 164 -8.81 -0.81 -23.01
CA ALA D 164 -8.42 -0.21 -24.28
C ALA D 164 -9.65 0.44 -24.90
N GLY D 165 -9.52 0.87 -26.16
CA GLY D 165 -10.60 1.53 -26.87
C GLY D 165 -11.66 0.56 -27.37
N ASP D 166 -12.84 1.10 -27.65
CA ASP D 166 -13.95 0.36 -28.25
C ASP D 166 -14.92 1.40 -28.83
N LEU D 167 -16.20 1.09 -28.91
CA LEU D 167 -17.14 2.10 -29.40
C LEU D 167 -17.21 3.22 -28.37
N GLY D 168 -17.10 4.46 -28.84
CA GLY D 168 -17.13 5.60 -27.94
C GLY D 168 -15.74 5.98 -27.47
N VAL D 169 -14.79 5.04 -27.61
CA VAL D 169 -13.45 5.24 -27.10
C VAL D 169 -12.31 4.97 -28.07
N GLY D 170 -11.49 5.98 -28.33
CA GLY D 170 -10.25 5.77 -29.05
C GLY D 170 -9.12 6.54 -28.39
N ALA D 171 -8.00 6.67 -29.11
CA ALA D 171 -6.80 7.30 -28.58
C ALA D 171 -7.02 8.62 -27.83
N ARG D 172 -7.94 9.45 -28.32
CA ARG D 172 -8.31 10.69 -27.64
C ARG D 172 -8.80 10.39 -26.21
N GLU D 173 -9.69 9.41 -26.09
CA GLU D 173 -10.28 9.07 -24.80
C GLU D 173 -9.32 8.31 -23.89
N ILE D 174 -8.46 7.50 -24.50
CA ILE D 174 -7.47 6.73 -23.77
C ILE D 174 -6.43 7.68 -23.19
N GLY D 175 -6.07 8.69 -23.96
CA GLY D 175 -5.13 9.70 -23.48
C GLY D 175 -5.72 10.45 -22.30
N TYR D 176 -6.99 10.80 -22.40
CA TYR D 176 -7.63 11.56 -21.35
C TYR D 176 -7.76 10.69 -20.11
N MET D 177 -7.99 9.41 -20.30
CA MET D 177 -8.13 8.52 -19.17
C MET D 177 -6.76 8.34 -18.55
N TYR D 178 -5.74 8.24 -19.41
CA TYR D 178 -4.39 7.97 -18.92
C TYR D 178 -3.85 9.12 -18.10
N GLY D 179 -4.22 10.33 -18.49
CA GLY D 179 -3.74 11.53 -17.83
C GLY D 179 -4.30 11.52 -16.45
N GLN D 180 -5.59 11.20 -16.35
CA GLN D 180 -6.23 11.13 -15.05
C GLN D 180 -5.54 10.08 -14.17
N TYR D 181 -5.20 8.95 -14.76
CA TYR D 181 -4.60 7.84 -14.02
C TYR D 181 -3.27 8.15 -13.35
N ARG D 182 -2.38 8.82 -14.10
CA ARG D 182 -1.03 9.08 -13.65
C ARG D 182 -0.99 10.31 -12.76
N LYS D 183 -1.91 11.24 -13.01
CA LYS D 183 -2.07 12.40 -12.13
C LYS D 183 -2.37 11.79 -10.79
N ILE D 184 -3.29 10.82 -10.77
CA ILE D 184 -3.66 10.16 -9.52
C ILE D 184 -2.59 9.22 -8.91
N VAL D 185 -2.29 8.09 -9.53
CA VAL D 185 -1.45 7.09 -8.88
C VAL D 185 0.00 7.54 -8.65
N GLY D 186 0.51 8.45 -9.48
CA GLY D 186 1.78 9.07 -9.17
C GLY D 186 3.01 8.57 -9.91
N GLY D 187 2.83 7.60 -10.79
CA GLY D 187 3.95 7.12 -11.58
C GLY D 187 3.62 6.97 -13.05
N PHE D 188 4.55 6.44 -13.83
CA PHE D 188 4.29 6.23 -15.26
C PHE D 188 3.20 5.20 -15.41
N TYR D 189 3.58 3.93 -15.29
CA TYR D 189 2.65 2.80 -15.43
C TYR D 189 1.88 2.77 -16.79
N ASN D 190 2.50 3.25 -17.86
CA ASN D 190 1.80 3.38 -19.14
C ASN D 190 1.20 2.05 -19.60
N GLY D 191 1.63 0.94 -19.02
CA GLY D 191 1.01 -0.34 -19.29
C GLY D 191 -0.44 -0.48 -18.84
N VAL D 192 -0.97 0.55 -18.18
CA VAL D 192 -2.36 0.48 -17.72
C VAL D 192 -3.39 0.47 -18.87
N LEU D 193 -3.02 0.97 -20.04
CA LEU D 193 -3.99 1.00 -21.13
C LEU D 193 -3.32 0.68 -22.46
N THR D 194 -4.03 0.05 -23.37
CA THR D 194 -3.55 -0.04 -24.75
C THR D 194 -4.33 0.91 -25.66
N GLY D 195 -3.80 1.11 -26.87
CA GLY D 195 -4.36 2.06 -27.82
C GLY D 195 -3.92 3.48 -27.52
N LYS D 196 -2.88 3.65 -26.72
CA LYS D 196 -2.38 4.98 -26.37
C LYS D 196 -1.71 5.63 -27.60
N ALA D 197 -1.64 6.96 -27.63
CA ALA D 197 -0.79 7.63 -28.61
C ALA D 197 0.64 7.15 -28.45
N ARG D 198 1.51 7.45 -29.40
CA ARG D 198 2.84 6.88 -29.43
C ARG D 198 3.84 7.71 -28.65
N SER D 199 3.41 8.91 -28.27
CA SER D 199 4.26 9.83 -27.53
C SER D 199 4.54 9.28 -26.14
N PHE D 200 3.55 8.63 -25.57
CA PHE D 200 3.75 7.85 -24.36
C PHE D 200 3.71 6.35 -24.69
N GLY D 201 2.73 5.62 -24.18
CA GLY D 201 2.68 4.20 -24.52
C GLY D 201 2.81 3.77 -25.98
N GLY D 202 1.91 4.29 -26.82
CA GLY D 202 1.61 3.78 -28.16
C GLY D 202 2.59 2.92 -28.94
N SER D 203 2.04 1.85 -29.50
CA SER D 203 2.81 0.95 -30.36
C SER D 203 2.56 1.16 -31.86
N LEU D 204 3.64 1.12 -32.63
CA LEU D 204 3.54 1.18 -34.08
C LEU D 204 2.79 -0.04 -34.65
N ILE D 205 2.46 0.03 -35.94
CA ILE D 205 1.78 -1.05 -36.64
C ILE D 205 0.37 -1.34 -36.09
N ARG D 206 -0.13 -0.46 -35.22
CA ARG D 206 -1.39 -0.74 -34.55
C ARG D 206 -2.60 -0.37 -35.40
N PRO D 207 -2.47 0.68 -36.20
CA PRO D 207 -3.53 0.86 -37.20
C PRO D 207 -3.48 -0.27 -38.23
N GLU D 208 -2.28 -0.64 -38.65
CA GLU D 208 -2.08 -1.72 -39.62
C GLU D 208 -2.35 -3.11 -39.07
N ALA D 209 -2.70 -3.19 -37.79
CA ALA D 209 -2.66 -4.48 -37.07
C ALA D 209 -3.68 -5.51 -37.58
N THR D 210 -4.93 -5.12 -37.71
CA THR D 210 -5.98 -6.07 -38.07
C THR D 210 -5.79 -6.45 -39.53
N GLY D 211 -5.41 -5.46 -40.33
CA GLY D 211 -5.25 -5.64 -41.76
C GLY D 211 -4.11 -6.58 -42.09
N TYR D 212 -2.92 -6.27 -41.60
CA TYR D 212 -1.78 -7.16 -41.80
C TYR D 212 -2.12 -8.54 -41.28
N GLY D 213 -2.79 -8.58 -40.13
CA GLY D 213 -3.08 -9.83 -39.45
C GLY D 213 -3.79 -10.83 -40.31
N LEU D 214 -4.85 -10.38 -40.97
CA LEU D 214 -5.63 -11.21 -41.89
C LEU D 214 -4.76 -11.89 -42.94
N VAL D 215 -3.81 -11.14 -43.48
CA VAL D 215 -2.94 -11.64 -44.53
C VAL D 215 -1.91 -12.63 -43.98
N TYR D 216 -1.40 -12.35 -42.79
CA TYR D 216 -0.41 -13.21 -42.17
C TYR D 216 -1.01 -14.58 -41.84
N PHE D 217 -2.26 -14.56 -41.38
CA PHE D 217 -2.92 -15.78 -40.94
C PHE D 217 -3.20 -16.65 -42.15
N THR D 218 -3.71 -16.07 -43.22
CA THR D 218 -4.02 -16.86 -44.41
C THR D 218 -2.74 -17.41 -45.06
N GLU D 219 -1.67 -16.63 -45.12
CA GLU D 219 -0.41 -17.15 -45.64
C GLU D 219 0.04 -18.40 -44.91
N ALA D 220 -0.34 -18.53 -43.65
CA ALA D 220 -0.02 -19.73 -42.90
C ALA D 220 -1.01 -20.83 -43.31
N MET D 221 -2.27 -20.42 -43.52
CA MET D 221 -3.32 -21.31 -43.99
C MET D 221 -2.98 -21.91 -45.35
N LEU D 222 -2.74 -21.05 -46.34
CA LEU D 222 -2.28 -21.44 -47.65
C LEU D 222 -1.05 -22.37 -47.58
N LYS D 223 -0.04 -21.97 -46.83
CA LYS D 223 1.18 -22.76 -46.75
C LYS D 223 0.93 -24.16 -46.22
N ARG D 224 -0.08 -24.33 -45.38
CA ARG D 224 -0.38 -25.65 -44.86
C ARG D 224 -0.84 -26.55 -46.02
N HIS D 225 -1.24 -25.91 -47.12
CA HIS D 225 -1.76 -26.60 -48.29
C HIS D 225 -0.89 -26.32 -49.53
N GLY D 226 0.36 -25.95 -49.28
CA GLY D 226 1.33 -25.72 -50.35
C GLY D 226 1.06 -24.55 -51.27
N MET D 227 0.24 -23.61 -50.83
CA MET D 227 0.04 -22.39 -51.61
C MET D 227 0.66 -21.14 -50.94
N GLY D 228 0.40 -19.99 -51.55
CA GLY D 228 0.92 -18.71 -51.09
C GLY D 228 0.13 -17.56 -51.69
N PHE D 229 0.50 -16.33 -51.35
CA PHE D 229 -0.11 -15.16 -51.97
C PHE D 229 0.63 -14.84 -53.27
N GLU D 230 1.93 -15.16 -53.30
CA GLU D 230 2.79 -14.93 -54.46
C GLU D 230 2.02 -15.20 -55.72
N GLY D 231 2.11 -14.28 -56.67
CA GLY D 231 1.36 -14.39 -57.90
C GLY D 231 0.02 -15.10 -57.73
N MET D 232 -0.91 -14.48 -57.03
CA MET D 232 -2.29 -14.97 -56.98
C MET D 232 -3.23 -13.79 -57.09
N ARG D 233 -4.52 -14.04 -57.24
CA ARG D 233 -5.43 -12.94 -57.51
C ARG D 233 -6.42 -12.79 -56.38
N VAL D 234 -6.39 -11.63 -55.74
CA VAL D 234 -7.15 -11.43 -54.50
C VAL D 234 -8.21 -10.34 -54.62
N SER D 235 -9.37 -10.61 -54.04
CA SER D 235 -10.39 -9.59 -53.87
C SER D 235 -10.50 -9.13 -52.40
N VAL D 236 -10.87 -7.87 -52.20
CA VAL D 236 -11.12 -7.34 -50.87
C VAL D 236 -12.42 -6.55 -50.89
N SER D 237 -13.29 -6.78 -49.91
CA SER D 237 -14.37 -5.82 -49.68
C SER D 237 -13.89 -4.81 -48.63
N GLY D 238 -14.62 -3.71 -48.48
CA GLY D 238 -14.22 -2.67 -47.56
C GLY D 238 -13.20 -1.71 -48.12
N SER D 239 -13.06 -0.56 -47.47
CA SER D 239 -12.08 0.46 -47.87
C SER D 239 -11.45 1.11 -46.64
N GLY D 240 -12.02 0.82 -45.48
CA GLY D 240 -11.52 1.36 -44.23
C GLY D 240 -10.20 0.78 -43.76
N ASN D 241 -10.06 0.68 -42.44
CA ASN D 241 -8.76 0.39 -41.85
C ASN D 241 -8.25 -1.05 -42.10
N VAL D 242 -9.14 -2.04 -41.95
CA VAL D 242 -8.79 -3.44 -42.20
C VAL D 242 -8.36 -3.67 -43.64
N ALA D 243 -9.22 -3.21 -44.55
CA ALA D 243 -9.04 -3.40 -45.97
C ALA D 243 -7.77 -2.72 -46.48
N GLN D 244 -7.57 -1.48 -46.09
CA GLN D 244 -6.40 -0.73 -46.56
C GLN D 244 -5.10 -1.53 -46.40
N TYR D 245 -4.87 -2.04 -45.20
CA TYR D 245 -3.57 -2.60 -44.87
C TYR D 245 -3.53 -4.08 -45.24
N ALA D 246 -4.69 -4.73 -45.26
CA ALA D 246 -4.78 -6.05 -45.89
C ALA D 246 -4.16 -5.94 -47.27
N ILE D 247 -4.69 -5.02 -48.08
CA ILE D 247 -4.17 -4.79 -49.42
C ILE D 247 -2.66 -4.52 -49.39
N GLU D 248 -2.22 -3.74 -48.41
CA GLU D 248 -0.80 -3.37 -48.29
C GLU D 248 0.06 -4.60 -48.07
N LYS D 249 -0.45 -5.51 -47.27
CA LYS D 249 0.33 -6.66 -46.87
C LYS D 249 0.30 -7.75 -47.94
N ALA D 250 -0.78 -7.81 -48.69
CA ALA D 250 -0.90 -8.82 -49.74
C ALA D 250 0.00 -8.47 -50.92
N MET D 251 0.25 -7.17 -51.11
CA MET D 251 1.17 -6.74 -52.15
C MET D 251 2.59 -7.12 -51.77
N GLU D 252 2.91 -7.00 -50.49
CA GLU D 252 4.24 -7.34 -50.04
C GLU D 252 4.49 -8.82 -50.30
N PHE D 253 3.40 -9.57 -50.38
CA PHE D 253 3.48 -10.98 -50.69
C PHE D 253 3.44 -11.29 -52.20
N GLY D 254 3.19 -10.25 -53.01
CA GLY D 254 3.19 -10.41 -54.45
C GLY D 254 1.88 -10.92 -55.04
N ALA D 255 0.82 -10.87 -54.25
CA ALA D 255 -0.49 -11.18 -54.76
C ALA D 255 -0.90 -9.98 -55.61
N ARG D 256 -1.80 -10.20 -56.57
CA ARG D 256 -2.35 -9.10 -57.34
C ARG D 256 -3.69 -8.76 -56.74
N VAL D 257 -3.72 -7.62 -56.05
CA VAL D 257 -4.95 -7.19 -55.39
C VAL D 257 -5.76 -6.32 -56.34
N ILE D 258 -7.01 -6.69 -56.54
CA ILE D 258 -7.80 -6.08 -57.62
C ILE D 258 -9.20 -5.63 -57.19
N THR D 259 -9.41 -5.45 -55.90
CA THR D 259 -10.70 -4.97 -55.39
C THR D 259 -10.56 -3.90 -54.29
N ALA D 260 -11.63 -3.69 -53.51
CA ALA D 260 -11.78 -2.59 -52.57
C ALA D 260 -13.17 -1.98 -52.77
N SER D 261 -13.99 -1.97 -51.74
CA SER D 261 -15.38 -1.54 -51.87
C SER D 261 -15.89 -0.66 -50.73
N ASP D 262 -16.56 0.44 -51.06
CA ASP D 262 -17.29 1.19 -50.05
C ASP D 262 -18.71 0.64 -49.92
N SER D 263 -19.60 1.41 -49.31
CA SER D 263 -20.96 0.94 -49.03
C SER D 263 -21.93 1.22 -50.19
N SER D 264 -21.40 1.71 -51.30
CA SER D 264 -22.20 2.04 -52.47
C SER D 264 -21.56 1.54 -53.78
N GLY D 265 -20.52 0.73 -53.67
CA GLY D 265 -19.89 0.22 -54.87
C GLY D 265 -18.55 -0.45 -54.70
N THR D 266 -18.02 -0.99 -55.79
CA THR D 266 -16.78 -1.75 -55.77
C THR D 266 -15.86 -1.38 -56.91
N VAL D 267 -14.68 -0.87 -56.59
CA VAL D 267 -13.70 -0.59 -57.62
C VAL D 267 -13.00 -1.88 -58.07
N VAL D 268 -12.46 -1.87 -59.29
CA VAL D 268 -11.83 -3.03 -59.90
C VAL D 268 -10.61 -2.60 -60.73
N ASP D 269 -9.44 -3.10 -60.36
CA ASP D 269 -8.18 -2.78 -61.06
C ASP D 269 -7.41 -4.06 -61.34
N GLU D 270 -7.54 -4.58 -62.55
CA GLU D 270 -7.07 -5.93 -62.89
C GLU D 270 -5.55 -6.09 -62.89
N SER D 271 -4.80 -5.00 -62.89
CA SER D 271 -3.34 -5.09 -62.89
C SER D 271 -2.76 -4.89 -61.50
N GLY D 272 -3.57 -5.20 -60.48
CA GLY D 272 -3.17 -5.05 -59.10
C GLY D 272 -3.09 -3.60 -58.66
N PHE D 273 -3.26 -3.37 -57.37
CA PHE D 273 -3.03 -2.05 -56.78
C PHE D 273 -1.53 -1.80 -56.81
N THR D 274 -1.14 -0.56 -56.53
CA THR D 274 0.26 -0.25 -56.29
C THR D 274 0.44 0.63 -55.04
N LYS D 275 1.69 0.75 -54.59
CA LYS D 275 2.00 1.60 -53.45
C LYS D 275 1.39 2.98 -53.70
N GLU D 276 1.55 3.46 -54.93
CA GLU D 276 1.05 4.77 -55.32
C GLU D 276 -0.48 4.84 -55.35
N LYS D 277 -1.12 3.74 -55.74
CA LYS D 277 -2.57 3.72 -55.90
C LYS D 277 -3.26 3.63 -54.55
N LEU D 278 -2.69 2.83 -53.66
CA LEU D 278 -3.25 2.66 -52.32
C LEU D 278 -3.05 3.92 -51.48
N ALA D 279 -1.82 4.45 -51.51
CA ALA D 279 -1.53 5.72 -50.87
C ALA D 279 -2.71 6.66 -51.09
N ARG D 280 -3.09 6.81 -52.36
CA ARG D 280 -4.09 7.77 -52.81
C ARG D 280 -5.52 7.45 -52.35
N LEU D 281 -5.83 6.15 -52.22
CA LEU D 281 -7.15 5.72 -51.75
C LEU D 281 -7.35 5.95 -50.24
N ILE D 282 -6.29 5.73 -49.48
CA ILE D 282 -6.30 5.95 -48.02
C ILE D 282 -6.83 7.34 -47.64
N GLU D 283 -6.57 8.32 -48.51
CA GLU D 283 -7.15 9.66 -48.39
C GLU D 283 -8.57 9.66 -48.97
N ILE D 284 -9.58 10.23 -48.32
CA ILE D 284 -9.56 10.93 -47.01
C ILE D 284 -10.71 11.92 -47.00
N LYS D 285 -11.04 12.48 -45.84
CA LYS D 285 -12.04 13.54 -45.73
C LYS D 285 -13.49 13.05 -45.76
N ALA D 286 -14.40 13.92 -46.19
CA ALA D 286 -15.82 13.61 -46.21
C ALA D 286 -16.40 13.68 -47.62
N GLY D 290 -13.73 8.97 -47.37
CA GLY D 290 -14.56 9.56 -48.41
C GLY D 290 -15.40 8.53 -49.14
N ARG D 291 -15.43 8.62 -50.47
CA ARG D 291 -16.16 7.64 -51.27
C ARG D 291 -15.26 7.01 -52.33
N VAL D 292 -15.29 5.68 -52.42
CA VAL D 292 -14.41 4.92 -53.30
C VAL D 292 -14.61 5.25 -54.76
N ALA D 293 -15.85 5.59 -55.12
CA ALA D 293 -16.17 6.05 -56.46
C ALA D 293 -15.08 6.97 -56.99
N ASP D 294 -14.75 7.99 -56.18
CA ASP D 294 -13.77 9.01 -56.55
C ASP D 294 -12.38 8.45 -56.81
N TYR D 295 -11.98 7.48 -56.00
CA TYR D 295 -10.67 6.87 -56.16
C TYR D 295 -10.50 6.31 -57.57
N ALA D 296 -11.49 5.52 -57.99
CA ALA D 296 -11.48 4.88 -59.30
C ALA D 296 -11.55 5.94 -60.38
N LYS D 297 -12.61 6.75 -60.28
CA LYS D 297 -12.78 7.86 -61.17
C LYS D 297 -11.44 8.53 -61.46
N GLU D 298 -10.75 8.98 -60.41
CA GLU D 298 -9.53 9.76 -60.60
C GLU D 298 -8.39 8.91 -61.14
N PHE D 299 -8.68 7.64 -61.41
CA PHE D 299 -7.67 6.70 -61.89
C PHE D 299 -8.12 6.01 -63.17
N GLY D 300 -9.26 6.45 -63.69
CA GLY D 300 -9.81 5.88 -64.90
C GLY D 300 -9.95 4.38 -64.77
N LEU D 301 -10.25 3.93 -63.57
CA LEU D 301 -10.38 2.51 -63.33
C LEU D 301 -11.84 2.10 -63.28
N VAL D 302 -12.06 0.80 -63.49
CA VAL D 302 -13.39 0.21 -63.48
C VAL D 302 -14.14 0.47 -62.18
N TYR D 303 -15.10 1.39 -62.19
CA TYR D 303 -15.98 1.50 -61.03
C TYR D 303 -17.29 0.78 -61.27
N LEU D 304 -17.71 0.00 -60.27
CA LEU D 304 -18.90 -0.83 -60.38
C LEU D 304 -19.90 -0.58 -59.27
N GLU D 305 -20.76 0.41 -59.48
CA GLU D 305 -21.80 0.78 -58.53
C GLU D 305 -22.60 -0.44 -58.08
N GLY D 306 -23.77 -0.19 -57.49
CA GLY D 306 -24.71 -1.24 -57.18
C GLY D 306 -24.37 -2.02 -55.94
N GLN D 307 -23.26 -2.75 -55.97
CA GLN D 307 -22.95 -3.68 -54.89
C GLN D 307 -21.48 -4.02 -54.75
N GLN D 308 -21.24 -5.18 -54.14
CA GLN D 308 -19.90 -5.60 -53.76
C GLN D 308 -19.22 -6.37 -54.88
N PRO D 309 -17.98 -6.81 -54.65
CA PRO D 309 -17.30 -7.71 -55.61
C PRO D 309 -17.86 -9.13 -55.52
N TRP D 310 -16.99 -10.10 -55.30
CA TRP D 310 -17.38 -11.50 -55.18
C TRP D 310 -17.78 -12.09 -56.54
N SER D 311 -18.06 -11.22 -57.50
CA SER D 311 -18.42 -11.62 -58.84
C SER D 311 -17.15 -11.85 -59.64
N LEU D 312 -16.08 -11.18 -59.23
CA LEU D 312 -14.78 -11.34 -59.85
C LEU D 312 -14.15 -12.70 -59.52
N PRO D 313 -13.75 -13.44 -60.56
CA PRO D 313 -12.98 -14.66 -60.33
C PRO D 313 -11.67 -14.29 -59.61
N VAL D 314 -11.39 -14.98 -58.49
CA VAL D 314 -10.18 -14.73 -57.71
C VAL D 314 -9.66 -16.00 -57.05
N ASP D 315 -8.37 -16.00 -56.73
CA ASP D 315 -7.77 -17.10 -55.99
C ASP D 315 -8.11 -17.05 -54.50
N ILE D 316 -8.04 -15.85 -53.91
CA ILE D 316 -8.34 -15.61 -52.49
C ILE D 316 -9.33 -14.44 -52.28
N ALA D 317 -10.40 -14.70 -51.54
CA ALA D 317 -11.37 -13.65 -51.16
C ALA D 317 -11.19 -13.14 -49.70
N LEU D 318 -11.08 -11.82 -49.53
CA LEU D 318 -10.91 -11.19 -48.21
C LEU D 318 -11.99 -10.14 -47.90
N PRO D 319 -13.10 -10.57 -47.29
CA PRO D 319 -14.15 -9.66 -46.82
C PRO D 319 -13.79 -8.88 -45.54
N CYS D 320 -13.39 -7.62 -45.71
CA CYS D 320 -13.05 -6.76 -44.58
C CYS D 320 -13.97 -5.55 -44.57
N ALA D 321 -15.27 -5.78 -44.58
CA ALA D 321 -16.22 -4.68 -44.65
C ALA D 321 -17.24 -4.69 -43.51
N THR D 322 -17.96 -5.80 -43.35
CA THR D 322 -18.95 -5.87 -42.29
C THR D 322 -19.63 -7.23 -42.19
N GLN D 323 -20.47 -7.37 -41.18
CA GLN D 323 -21.28 -8.56 -40.96
C GLN D 323 -22.07 -9.02 -42.20
N ASN D 324 -22.30 -10.32 -42.30
CA ASN D 324 -23.14 -10.94 -43.33
C ASN D 324 -23.03 -10.37 -44.74
N GLU D 325 -21.82 -9.99 -45.16
CA GLU D 325 -21.62 -9.39 -46.47
C GLU D 325 -21.36 -10.42 -47.59
N LEU D 326 -21.39 -11.69 -47.23
CA LEU D 326 -21.15 -12.75 -48.19
C LEU D 326 -22.07 -13.93 -47.89
N ASP D 327 -23.13 -14.07 -48.67
CA ASP D 327 -24.10 -15.13 -48.47
C ASP D 327 -23.96 -16.20 -49.54
N VAL D 328 -24.73 -17.27 -49.42
CA VAL D 328 -24.67 -18.40 -50.32
C VAL D 328 -24.67 -17.94 -51.77
N ASP D 329 -25.42 -16.86 -52.03
CA ASP D 329 -25.48 -16.23 -53.34
C ASP D 329 -24.07 -15.91 -53.88
N ALA D 330 -23.26 -15.24 -53.06
CA ALA D 330 -21.90 -14.87 -53.46
C ALA D 330 -20.95 -16.04 -53.23
N ALA D 331 -21.37 -16.99 -52.40
CA ALA D 331 -20.59 -18.18 -52.13
C ALA D 331 -20.38 -19.01 -53.40
N HIS D 332 -21.47 -19.30 -54.10
CA HIS D 332 -21.43 -20.10 -55.33
C HIS D 332 -20.61 -19.42 -56.42
N GLN D 333 -20.76 -18.11 -56.50
CA GLN D 333 -20.09 -17.33 -57.54
C GLN D 333 -18.57 -17.48 -57.46
N LEU D 334 -17.97 -17.15 -56.31
CA LEU D 334 -16.51 -17.25 -56.08
C LEU D 334 -16.02 -18.68 -56.31
N ILE D 335 -16.86 -19.64 -55.91
CA ILE D 335 -16.56 -21.06 -55.99
C ILE D 335 -16.44 -21.54 -57.43
N ALA D 336 -17.45 -21.20 -58.24
CA ALA D 336 -17.47 -21.56 -59.65
C ALA D 336 -16.46 -20.73 -60.44
N ASN D 337 -15.81 -19.78 -59.79
CA ASN D 337 -14.76 -19.01 -60.42
C ASN D 337 -13.37 -19.50 -60.02
N GLY D 338 -13.34 -20.56 -59.23
CA GLY D 338 -12.09 -21.21 -58.84
C GLY D 338 -11.41 -20.62 -57.62
N VAL D 339 -12.20 -20.08 -56.69
CA VAL D 339 -11.64 -19.53 -55.46
C VAL D 339 -11.06 -20.63 -54.57
N LYS D 340 -9.83 -20.42 -54.10
CA LYS D 340 -9.15 -21.43 -53.31
C LYS D 340 -9.29 -21.21 -51.80
N ALA D 341 -9.29 -19.95 -51.36
CA ALA D 341 -9.32 -19.61 -49.95
C ALA D 341 -10.18 -18.39 -49.66
N VAL D 342 -10.85 -18.41 -48.51
CA VAL D 342 -11.64 -17.27 -48.03
C VAL D 342 -11.43 -16.99 -46.55
N ALA D 343 -10.83 -15.84 -46.23
CA ALA D 343 -10.53 -15.49 -44.83
C ALA D 343 -11.17 -14.16 -44.43
N GLU D 344 -11.75 -14.15 -43.23
CA GLU D 344 -12.56 -13.04 -42.75
C GLU D 344 -11.76 -11.90 -42.08
N GLY D 345 -11.66 -10.76 -42.76
CA GLY D 345 -11.07 -9.56 -42.19
C GLY D 345 -12.04 -8.78 -41.30
N ALA D 346 -13.26 -8.62 -41.78
CA ALA D 346 -14.32 -8.00 -40.97
C ALA D 346 -14.80 -8.97 -39.89
N ASN D 347 -15.89 -8.61 -39.21
CA ASN D 347 -16.45 -9.45 -38.17
C ASN D 347 -17.64 -10.27 -38.65
N MET D 348 -17.42 -11.58 -38.78
CA MET D 348 -18.47 -12.50 -39.23
C MET D 348 -19.12 -12.08 -40.56
N PRO D 349 -18.30 -11.72 -41.57
CA PRO D 349 -18.90 -11.34 -42.85
C PRO D 349 -19.60 -12.52 -43.52
N THR D 350 -18.88 -13.62 -43.69
CA THR D 350 -19.48 -14.82 -44.25
C THR D 350 -20.67 -15.24 -43.42
N THR D 351 -21.75 -15.61 -44.08
CA THR D 351 -22.95 -16.05 -43.40
C THR D 351 -22.78 -17.51 -43.04
N ILE D 352 -23.66 -18.03 -42.19
CA ILE D 352 -23.56 -19.42 -41.77
C ILE D 352 -23.68 -20.41 -42.94
N GLU D 353 -24.45 -20.01 -43.96
CA GLU D 353 -24.72 -20.83 -45.14
C GLU D 353 -23.56 -20.79 -46.12
N ALA D 354 -22.98 -19.61 -46.30
CA ALA D 354 -21.83 -19.44 -47.16
C ALA D 354 -20.62 -20.10 -46.55
N THR D 355 -20.56 -20.13 -45.21
CA THR D 355 -19.50 -20.86 -44.51
C THR D 355 -19.69 -22.33 -44.77
N GLU D 356 -19.04 -22.78 -45.84
CA GLU D 356 -19.33 -24.05 -46.53
C GLU D 356 -19.86 -23.79 -47.95
N LEU D 357 -18.99 -23.48 -48.93
CA LEU D 357 -17.53 -23.21 -48.80
C LEU D 357 -16.63 -24.33 -48.25
N PHE D 358 -16.94 -24.77 -47.03
CA PHE D 358 -16.43 -25.99 -46.41
C PHE D 358 -16.71 -27.18 -47.28
N GLN D 359 -17.93 -27.69 -47.14
CA GLN D 359 -18.37 -28.89 -47.82
C GLN D 359 -18.64 -28.69 -49.31
N GLN D 360 -18.39 -27.49 -49.82
CA GLN D 360 -18.60 -27.25 -51.25
C GLN D 360 -17.43 -26.55 -51.96
N ALA D 361 -16.23 -27.08 -51.76
CA ALA D 361 -16.08 -28.28 -50.98
C ALA D 361 -14.67 -28.35 -50.44
N GLY D 362 -13.80 -27.54 -51.03
CA GLY D 362 -12.41 -27.54 -50.64
C GLY D 362 -11.86 -26.14 -50.67
N VAL D 363 -12.74 -25.17 -50.44
CA VAL D 363 -12.29 -23.79 -50.25
C VAL D 363 -11.76 -23.67 -48.84
N LEU D 364 -10.48 -23.30 -48.73
CA LEU D 364 -9.88 -22.99 -47.44
C LEU D 364 -10.64 -21.83 -46.76
N PHE D 365 -11.08 -22.03 -45.53
CA PHE D 365 -11.82 -21.00 -44.80
C PHE D 365 -11.20 -20.56 -43.46
N ALA D 366 -10.88 -19.27 -43.38
CA ALA D 366 -10.38 -18.65 -42.14
C ALA D 366 -11.43 -17.80 -41.43
N PRO D 367 -11.86 -18.24 -40.24
CA PRO D 367 -12.87 -17.51 -39.47
C PRO D 367 -12.30 -16.23 -38.88
N GLY D 368 -13.08 -15.15 -38.88
CA GLY D 368 -12.63 -13.87 -38.37
C GLY D 368 -12.07 -14.02 -36.97
N LYS D 369 -12.77 -14.82 -36.17
CA LYS D 369 -12.41 -15.08 -34.77
C LYS D 369 -10.90 -15.24 -34.57
N ALA D 370 -10.25 -16.04 -35.40
CA ALA D 370 -8.80 -16.19 -35.34
C ALA D 370 -8.05 -15.24 -36.27
N ALA D 371 -8.67 -14.87 -37.39
CA ALA D 371 -7.93 -14.22 -38.47
C ALA D 371 -7.96 -12.69 -38.40
N ASN D 372 -9.01 -12.15 -37.81
CA ASN D 372 -9.10 -10.71 -37.67
C ASN D 372 -8.65 -10.28 -36.27
N ALA D 373 -7.85 -11.13 -35.61
CA ALA D 373 -7.45 -10.94 -34.22
C ALA D 373 -6.08 -10.26 -34.06
N GLY D 374 -5.49 -9.82 -35.15
CA GLY D 374 -4.22 -9.14 -35.09
C GLY D 374 -4.22 -7.88 -34.26
N GLY D 375 -5.34 -7.15 -34.29
CA GLY D 375 -5.46 -5.96 -33.46
C GLY D 375 -5.26 -6.32 -31.99
N VAL D 376 -6.05 -7.28 -31.53
CA VAL D 376 -5.94 -7.84 -30.20
C VAL D 376 -4.51 -8.30 -29.95
N ALA D 377 -3.94 -9.05 -30.86
CA ALA D 377 -2.58 -9.53 -30.64
C ALA D 377 -1.62 -8.36 -30.40
N THR D 378 -1.81 -7.24 -31.11
CA THR D 378 -0.85 -6.16 -30.96
C THR D 378 -1.11 -5.25 -29.76
N SER D 379 -2.19 -5.56 -29.03
CA SER D 379 -2.41 -5.07 -27.69
C SER D 379 -1.41 -5.71 -26.72
N GLY D 380 -1.23 -7.01 -26.83
CA GLY D 380 -0.26 -7.68 -25.99
C GLY D 380 1.13 -7.20 -26.36
N LEU D 381 1.25 -6.63 -27.54
CA LEU D 381 2.54 -6.22 -28.06
C LEU D 381 2.87 -4.84 -27.51
N GLU D 382 1.85 -3.99 -27.44
CA GLU D 382 1.96 -2.70 -26.82
C GLU D 382 2.28 -2.96 -25.36
N MET D 383 1.49 -3.82 -24.73
CA MET D 383 1.72 -4.17 -23.33
C MET D 383 3.17 -4.57 -23.13
N ALA D 384 3.66 -5.45 -23.99
CA ALA D 384 4.98 -6.04 -23.84
C ALA D 384 6.12 -5.08 -24.16
N GLN D 385 5.83 -3.98 -24.84
CA GLN D 385 6.89 -2.99 -25.12
C GLN D 385 6.97 -2.04 -23.95
N ASN D 386 5.82 -1.83 -23.31
CA ASN D 386 5.73 -1.00 -22.14
C ASN D 386 6.46 -1.71 -21.00
N ALA D 387 5.88 -2.80 -20.53
CA ALA D 387 6.64 -3.74 -19.72
C ALA D 387 8.00 -3.85 -20.38
N ALA D 388 9.07 -3.69 -19.62
CA ALA D 388 10.42 -3.90 -20.19
C ALA D 388 10.61 -2.99 -21.40
N ARG D 389 11.30 -1.88 -21.16
CA ARG D 389 10.87 -0.51 -21.49
C ARG D 389 11.36 0.11 -22.77
N LEU D 390 10.73 -0.22 -23.87
CA LEU D 390 11.24 0.22 -25.14
C LEU D 390 10.14 0.43 -26.16
N GLY D 391 10.48 1.18 -27.20
CA GLY D 391 9.62 1.29 -28.36
C GLY D 391 10.31 0.53 -29.48
N TRP D 392 9.60 -0.48 -30.01
CA TRP D 392 10.12 -1.29 -31.09
C TRP D 392 9.83 -0.62 -32.43
N LYS D 393 10.83 -0.62 -33.30
CA LYS D 393 10.64 -0.15 -34.66
C LYS D 393 9.49 -0.92 -35.31
N ALA D 394 8.94 -0.37 -36.39
CA ALA D 394 7.79 -0.97 -37.08
C ALA D 394 8.07 -2.39 -37.60
N GLU D 395 9.26 -2.61 -38.18
CA GLU D 395 9.61 -3.93 -38.66
C GLU D 395 9.60 -4.96 -37.54
N LYS D 396 10.01 -4.51 -36.35
CA LYS D 396 10.13 -5.37 -35.18
C LYS D 396 8.75 -5.84 -34.72
N VAL D 397 7.83 -4.90 -34.58
CA VAL D 397 6.46 -5.21 -34.19
C VAL D 397 5.79 -6.17 -35.18
N ASP D 398 5.80 -5.77 -36.44
CA ASP D 398 5.21 -6.53 -37.53
C ASP D 398 5.77 -7.95 -37.60
N ALA D 399 7.09 -8.07 -37.52
CA ALA D 399 7.70 -9.39 -37.43
C ALA D 399 7.03 -10.21 -36.32
N ARG D 400 6.83 -9.63 -35.13
CA ARG D 400 6.16 -10.37 -34.08
C ARG D 400 4.72 -10.67 -34.45
N LEU D 401 4.00 -9.70 -34.99
CA LEU D 401 2.62 -9.92 -35.38
C LEU D 401 2.59 -11.11 -36.34
N HIS D 402 3.56 -11.12 -37.25
CA HIS D 402 3.70 -12.21 -38.23
C HIS D 402 3.74 -13.61 -37.60
N HIS D 403 4.73 -13.87 -36.75
CA HIS D 403 4.84 -15.18 -36.12
C HIS D 403 3.65 -15.48 -35.20
N ILE D 404 3.05 -14.44 -34.62
CA ILE D 404 1.92 -14.63 -33.72
C ILE D 404 0.72 -15.15 -34.51
N MET D 405 0.47 -14.53 -35.66
CA MET D 405 -0.62 -14.97 -36.51
C MET D 405 -0.39 -16.40 -37.01
N THR D 406 0.80 -16.69 -37.55
CA THR D 406 1.22 -18.06 -37.82
C THR D 406 0.92 -19.01 -36.65
N ASP D 407 1.36 -18.62 -35.45
CA ASP D 407 1.12 -19.42 -34.26
C ASP D 407 -0.38 -19.64 -34.04
N ILE D 408 -1.17 -18.57 -34.21
CA ILE D 408 -2.60 -18.65 -33.97
C ILE D 408 -3.19 -19.71 -34.87
N HIS D 409 -2.78 -19.68 -36.13
CA HIS D 409 -3.18 -20.72 -37.07
C HIS D 409 -2.82 -22.09 -36.52
N ASP D 410 -1.52 -22.31 -36.33
CA ASP D 410 -1.04 -23.65 -35.97
C ASP D 410 -1.81 -24.21 -34.77
N GLY D 411 -1.97 -23.39 -33.75
CA GLY D 411 -2.68 -23.75 -32.53
C GLY D 411 -4.09 -24.22 -32.79
N SER D 412 -4.87 -23.40 -33.49
CA SER D 412 -6.23 -23.78 -33.86
C SER D 412 -6.25 -25.12 -34.60
N ALA D 413 -5.39 -25.25 -35.62
CA ALA D 413 -5.34 -26.47 -36.43
C ALA D 413 -4.98 -27.66 -35.55
N ALA D 414 -4.05 -27.45 -34.63
CA ALA D 414 -3.68 -28.53 -33.74
C ALA D 414 -4.86 -28.83 -32.84
N ALA D 415 -5.56 -27.79 -32.40
CA ALA D 415 -6.65 -27.98 -31.47
C ALA D 415 -7.69 -28.83 -32.16
N ALA D 416 -8.01 -28.44 -33.39
CA ALA D 416 -8.95 -29.16 -34.22
C ALA D 416 -8.51 -30.61 -34.40
N GLU D 417 -7.27 -30.85 -34.76
CA GLU D 417 -6.81 -32.22 -34.96
C GLU D 417 -6.69 -33.08 -33.67
N ARG D 418 -6.56 -32.44 -32.51
CA ARG D 418 -6.57 -33.16 -31.23
C ARG D 418 -7.84 -33.98 -31.12
N TYR D 419 -8.94 -33.32 -30.78
CA TYR D 419 -10.27 -33.87 -30.99
C TYR D 419 -10.33 -34.11 -32.49
N GLY D 420 -11.32 -34.82 -33.01
CA GLY D 420 -11.30 -35.13 -34.47
C GLY D 420 -11.51 -33.88 -35.33
N LEU D 421 -12.40 -33.95 -36.29
CA LEU D 421 -12.79 -32.74 -37.03
C LEU D 421 -11.71 -32.29 -38.04
N GLY D 422 -10.46 -32.67 -37.75
CA GLY D 422 -9.31 -32.48 -38.66
C GLY D 422 -8.97 -31.02 -38.96
N TYR D 423 -8.84 -30.65 -40.23
CA TYR D 423 -8.52 -29.26 -40.56
C TYR D 423 -9.74 -28.34 -40.58
N ASN D 424 -10.46 -28.31 -39.46
CA ASN D 424 -11.58 -27.41 -39.26
C ASN D 424 -11.12 -26.21 -38.47
N LEU D 425 -10.79 -25.11 -39.16
CA LEU D 425 -10.26 -23.92 -38.49
C LEU D 425 -11.31 -23.15 -37.70
N VAL D 426 -12.57 -23.26 -38.08
CA VAL D 426 -13.61 -22.71 -37.21
C VAL D 426 -13.58 -23.44 -35.86
N ALA D 427 -13.79 -24.75 -35.88
CA ALA D 427 -13.83 -25.53 -34.66
C ALA D 427 -12.55 -25.33 -33.86
N GLY D 428 -11.43 -25.20 -34.59
CA GLY D 428 -10.13 -25.08 -33.97
C GLY D 428 -10.02 -23.81 -33.14
N ALA D 429 -10.41 -22.70 -33.75
CA ALA D 429 -10.37 -21.39 -33.11
C ALA D 429 -11.18 -21.34 -31.81
N ASN D 430 -12.39 -21.91 -31.81
CA ASN D 430 -13.16 -22.00 -30.58
C ASN D 430 -12.44 -22.81 -29.51
N ILE D 431 -11.89 -23.95 -29.92
CA ILE D 431 -11.25 -24.87 -28.97
C ILE D 431 -10.02 -24.29 -28.24
N VAL D 432 -9.01 -23.82 -28.97
CA VAL D 432 -7.76 -23.45 -28.29
C VAL D 432 -7.92 -22.27 -27.35
N GLY D 433 -8.91 -21.43 -27.60
CA GLY D 433 -9.22 -20.37 -26.66
C GLY D 433 -9.69 -21.00 -25.36
N PHE D 434 -10.76 -21.77 -25.43
CA PHE D 434 -11.32 -22.38 -24.23
C PHE D 434 -10.28 -23.22 -23.51
N GLN D 435 -9.52 -23.99 -24.27
CA GLN D 435 -8.62 -24.96 -23.66
C GLN D 435 -7.53 -24.35 -22.78
N LYS D 436 -6.92 -23.25 -23.24
CA LYS D 436 -5.84 -22.60 -22.48
C LYS D 436 -6.35 -22.07 -21.13
N ILE D 437 -7.46 -21.35 -21.18
CA ILE D 437 -8.18 -20.94 -19.99
C ILE D 437 -8.55 -22.10 -19.08
N ALA D 438 -8.99 -23.21 -19.65
CA ALA D 438 -9.39 -24.37 -18.84
C ALA D 438 -8.18 -25.04 -18.23
N ASP D 439 -7.11 -25.18 -19.01
CA ASP D 439 -5.91 -25.84 -18.53
C ASP D 439 -5.42 -25.15 -17.27
N ALA D 440 -5.41 -23.81 -17.35
CA ALA D 440 -4.90 -22.93 -16.31
C ALA D 440 -5.84 -22.84 -15.09
N MET D 441 -7.15 -22.79 -15.34
CA MET D 441 -8.10 -22.81 -14.24
C MET D 441 -7.98 -24.13 -13.48
N MET D 442 -7.80 -25.21 -14.21
CA MET D 442 -7.65 -26.50 -13.58
C MET D 442 -6.40 -26.46 -12.69
N ALA D 443 -5.35 -25.83 -13.20
CA ALA D 443 -4.05 -25.79 -12.56
C ALA D 443 -4.07 -24.92 -11.29
N GLN D 444 -4.86 -23.85 -11.35
CA GLN D 444 -4.91 -22.88 -10.27
C GLN D 444 -5.87 -23.27 -9.14
N GLY D 445 -6.43 -24.47 -9.21
CA GLY D 445 -7.26 -24.99 -8.14
C GLY D 445 -8.63 -24.35 -8.02
N ILE D 446 -9.34 -24.74 -6.96
CA ILE D 446 -10.64 -24.16 -6.64
C ILE D 446 -10.50 -22.94 -5.73
N ALA D 447 -10.29 -21.80 -6.38
CA ALA D 447 -10.08 -20.52 -5.73
C ALA D 447 -10.95 -19.49 -6.45
N TRP D 448 -10.48 -19.01 -7.60
CA TRP D 448 -11.37 -18.36 -8.57
C TRP D 448 -12.26 -19.35 -9.38
N MET E 1 23.23 27.59 25.16
CA MET E 1 23.67 28.98 25.23
C MET E 1 22.95 29.91 24.23
N SER E 2 22.78 31.18 24.58
CA SER E 2 22.33 32.17 23.61
C SER E 2 23.50 32.47 22.69
N LYS E 3 24.66 31.90 23.00
CA LYS E 3 25.77 31.82 22.07
C LYS E 3 25.35 30.87 20.96
N TYR E 4 24.90 29.68 21.38
CA TYR E 4 24.30 28.69 20.49
C TYR E 4 23.11 29.29 19.75
N VAL E 5 22.13 29.77 20.51
CA VAL E 5 20.96 30.40 19.89
C VAL E 5 21.34 31.49 18.89
N ASP E 6 22.26 32.38 19.26
CA ASP E 6 22.62 33.49 18.39
C ASP E 6 23.27 33.02 17.07
N ARG E 7 24.03 31.93 17.14
CA ARG E 7 24.80 31.46 16.00
C ARG E 7 23.93 30.79 14.96
N VAL E 8 22.85 30.17 15.45
CA VAL E 8 21.90 29.57 14.54
C VAL E 8 21.14 30.70 13.84
N ILE E 9 20.66 31.65 14.63
CA ILE E 9 19.98 32.81 14.07
C ILE E 9 20.84 33.45 13.00
N ALA E 10 22.15 33.43 13.21
CA ALA E 10 23.05 33.98 12.23
C ALA E 10 22.95 33.21 10.91
N GLU E 11 23.27 31.91 10.96
CA GLU E 11 23.31 31.09 9.76
C GLU E 11 22.02 31.17 8.96
N VAL E 12 20.91 31.27 9.68
CA VAL E 12 19.58 31.33 9.05
C VAL E 12 19.41 32.62 8.27
N GLU E 13 19.78 33.74 8.89
CA GLU E 13 19.65 35.04 8.24
C GLU E 13 20.49 35.11 6.96
N LYS E 14 21.63 34.43 6.97
CA LYS E 14 22.46 34.36 5.78
C LYS E 14 21.81 33.40 4.78
N LYS E 15 21.61 32.15 5.21
CA LYS E 15 21.17 31.05 4.34
C LYS E 15 19.82 31.30 3.71
N TYR E 16 18.88 31.81 4.49
CA TYR E 16 17.52 32.02 3.99
C TYR E 16 17.20 33.49 3.78
N ALA E 17 18.23 34.27 3.46
CA ALA E 17 18.09 35.71 3.25
C ALA E 17 16.92 36.08 2.33
N ASP E 18 16.72 35.32 1.25
CA ASP E 18 15.66 35.62 0.30
C ASP E 18 14.29 35.13 0.75
N GLU E 19 14.27 34.51 1.92
CA GLU E 19 13.03 34.19 2.62
C GLU E 19 12.96 35.05 3.87
N PRO E 20 12.43 36.27 3.74
CA PRO E 20 12.45 37.21 4.86
C PRO E 20 11.47 36.83 5.96
N GLU E 21 10.19 36.68 5.60
CA GLU E 21 9.14 36.44 6.58
C GLU E 21 9.48 35.27 7.50
N PHE E 22 10.26 34.31 7.00
CA PHE E 22 10.65 33.16 7.79
C PHE E 22 11.84 33.47 8.68
N VAL E 23 12.75 34.29 8.18
CA VAL E 23 13.93 34.67 8.95
C VAL E 23 13.54 35.41 10.26
N GLN E 24 12.66 36.41 10.14
CA GLN E 24 12.19 37.12 11.32
C GLN E 24 11.54 36.15 12.31
N THR E 25 10.75 35.21 11.80
CA THR E 25 10.04 34.30 12.68
C THR E 25 11.02 33.40 13.39
N VAL E 26 12.08 32.97 12.71
CA VAL E 26 13.08 32.17 13.41
C VAL E 26 13.68 33.03 14.53
N GLU E 27 14.17 34.22 14.16
CA GLU E 27 14.73 35.18 15.11
C GLU E 27 13.78 35.46 16.28
N GLU E 28 12.57 35.89 15.95
CA GLU E 28 11.60 36.28 16.96
C GLU E 28 11.25 35.12 17.90
N VAL E 29 11.53 33.90 17.46
CA VAL E 29 11.18 32.74 18.26
C VAL E 29 12.36 32.17 19.06
N LEU E 30 13.51 32.07 18.41
CA LEU E 30 14.69 31.50 19.05
C LEU E 30 15.34 32.43 20.07
N SER E 31 14.99 33.71 20.04
CA SER E 31 15.60 34.68 20.97
C SER E 31 14.85 34.78 22.31
N SER E 32 13.68 34.16 22.36
CA SER E 32 12.87 34.07 23.57
C SER E 32 13.32 32.84 24.38
N LEU E 33 14.08 31.98 23.73
CA LEU E 33 14.37 30.67 24.28
C LEU E 33 15.79 30.57 24.82
N GLY E 34 16.47 31.71 24.94
CA GLY E 34 17.84 31.72 25.43
C GLY E 34 18.03 30.87 26.68
N PRO E 35 17.39 31.27 27.79
CA PRO E 35 17.58 30.59 29.07
C PRO E 35 17.36 29.09 28.95
N VAL E 36 16.33 28.69 28.21
CA VAL E 36 15.99 27.28 28.11
C VAL E 36 17.08 26.51 27.37
N VAL E 37 17.55 27.08 26.26
CA VAL E 37 18.66 26.50 25.52
C VAL E 37 19.88 26.42 26.43
N ASP E 38 20.03 27.43 27.30
CA ASP E 38 21.09 27.48 28.31
C ASP E 38 21.07 26.28 29.26
N ALA E 39 19.89 25.96 29.79
CA ALA E 39 19.71 24.85 30.72
C ALA E 39 20.02 23.50 30.10
N HIS E 40 20.05 23.44 28.79
CA HIS E 40 20.15 22.16 28.13
C HIS E 40 21.35 22.08 27.22
N PRO E 41 22.51 21.81 27.82
CA PRO E 41 23.74 21.63 27.04
C PRO E 41 23.54 20.57 25.95
N GLU E 42 22.64 19.63 26.19
CA GLU E 42 22.55 18.45 25.33
C GLU E 42 21.93 18.76 23.96
N TYR E 43 21.02 19.74 23.93
CA TYR E 43 20.38 20.19 22.68
C TYR E 43 21.40 20.38 21.57
N GLU E 44 22.39 21.25 21.81
CA GLU E 44 23.39 21.54 20.79
C GLU E 44 24.30 20.36 20.47
N GLU E 45 24.46 19.42 21.40
CA GLU E 45 25.24 18.20 21.16
C GLU E 45 24.61 17.34 20.07
N VAL E 46 23.31 17.50 19.88
CA VAL E 46 22.58 16.72 18.89
C VAL E 46 22.00 17.65 17.83
N ALA E 47 22.49 18.89 17.82
CA ALA E 47 22.16 19.84 16.77
C ALA E 47 20.67 20.09 16.68
N LEU E 48 20.03 20.21 17.84
CA LEU E 48 18.58 20.37 17.90
C LEU E 48 18.05 21.60 17.14
N LEU E 49 18.68 22.75 17.36
CA LEU E 49 18.18 23.99 16.80
C LEU E 49 18.26 23.99 15.29
N GLU E 50 19.42 23.57 14.78
CA GLU E 50 19.62 23.41 13.34
C GLU E 50 18.53 22.55 12.68
N ARG E 51 18.21 21.41 13.29
CA ARG E 51 17.19 20.52 12.77
C ARG E 51 15.82 21.17 12.84
N MET E 52 15.56 21.90 13.92
CA MET E 52 14.24 22.47 14.12
C MET E 52 13.89 23.55 13.08
N VAL E 53 14.90 24.13 12.45
CA VAL E 53 14.66 25.28 11.58
C VAL E 53 14.44 24.90 10.12
N ILE E 54 14.91 23.71 9.76
CA ILE E 54 14.64 23.07 8.48
C ILE E 54 13.38 22.19 8.57
N PRO E 55 12.38 22.46 7.73
CA PRO E 55 11.16 21.63 7.81
C PRO E 55 11.48 20.15 7.60
N GLU E 56 10.65 19.26 8.14
CA GLU E 56 10.87 17.84 7.93
C GLU E 56 10.72 17.56 6.47
N ARG E 57 9.57 17.96 5.94
CA ARG E 57 9.22 17.71 4.55
C ARG E 57 8.48 18.89 3.94
N VAL E 58 8.84 19.24 2.70
CA VAL E 58 8.16 20.32 1.95
C VAL E 58 7.67 19.87 0.58
N ILE E 59 6.39 20.10 0.29
CA ILE E 59 5.82 19.72 -1.02
C ILE E 59 5.29 20.92 -1.81
N GLU E 60 5.79 21.08 -3.03
CA GLU E 60 5.28 22.07 -3.98
C GLU E 60 4.71 21.34 -5.19
N PHE E 61 3.57 21.79 -5.69
CA PHE E 61 2.96 21.09 -6.81
C PHE E 61 2.15 21.95 -7.77
N ARG E 62 2.25 21.61 -9.06
CA ARG E 62 1.54 22.27 -10.13
C ARG E 62 0.05 22.07 -9.91
N VAL E 63 -0.73 23.12 -10.14
CA VAL E 63 -2.17 22.99 -9.97
C VAL E 63 -2.96 23.61 -11.13
N PRO E 64 -3.07 22.85 -12.24
CA PRO E 64 -3.81 23.25 -13.44
C PRO E 64 -5.29 23.14 -13.16
N TRP E 65 -6.09 24.09 -13.66
CA TRP E 65 -7.52 24.02 -13.44
C TRP E 65 -8.26 24.86 -14.47
N GLU E 66 -9.57 24.68 -14.57
CA GLU E 66 -10.33 25.41 -15.59
C GLU E 66 -11.48 26.28 -15.04
N ASP E 67 -11.52 27.55 -15.45
CA ASP E 67 -12.61 28.45 -15.06
C ASP E 67 -13.94 28.21 -15.79
N ASP E 68 -14.98 28.93 -15.38
CA ASP E 68 -16.31 28.76 -15.95
C ASP E 68 -16.38 29.03 -17.47
N ASN E 69 -15.33 29.62 -18.03
CA ASN E 69 -15.25 29.81 -19.48
C ASN E 69 -14.31 28.82 -20.18
N GLY E 70 -13.69 27.95 -19.40
CA GLY E 70 -12.86 26.91 -19.98
C GLY E 70 -11.47 27.42 -20.28
N LYS E 71 -11.15 28.57 -19.70
CA LYS E 71 -9.76 28.99 -19.71
C LYS E 71 -8.98 28.21 -18.63
N VAL E 72 -7.81 27.70 -19.00
CA VAL E 72 -6.99 26.88 -18.12
C VAL E 72 -6.01 27.76 -17.38
N HIS E 73 -6.12 27.82 -16.05
CA HIS E 73 -5.13 28.53 -15.24
C HIS E 73 -4.20 27.54 -14.56
N VAL E 74 -3.12 28.05 -13.97
CA VAL E 74 -2.19 27.22 -13.23
C VAL E 74 -1.58 27.95 -12.03
N ASN E 75 -1.81 27.42 -10.83
CA ASN E 75 -1.20 27.95 -9.61
C ASN E 75 -0.26 26.96 -8.94
N THR E 76 0.50 27.44 -7.96
CA THR E 76 1.38 26.55 -7.22
C THR E 76 0.74 26.16 -5.90
N GLY E 77 0.95 24.91 -5.49
CA GLY E 77 0.39 24.42 -4.26
C GLY E 77 1.50 24.02 -3.31
N TYR E 78 1.23 24.11 -2.01
CA TYR E 78 2.25 24.01 -0.97
C TYR E 78 1.72 23.22 0.21
N ARG E 79 2.55 22.34 0.73
CA ARG E 79 2.30 21.82 2.06
C ARG E 79 3.64 21.54 2.68
N VAL E 80 3.94 22.39 3.68
CA VAL E 80 5.20 22.37 4.42
C VAL E 80 4.95 21.63 5.72
N GLN E 81 5.47 20.42 5.82
CA GLN E 81 5.26 19.64 7.01
C GLN E 81 6.47 19.85 7.92
N PHE E 82 6.34 20.83 8.83
CA PHE E 82 7.47 21.35 9.58
C PHE E 82 7.97 20.43 10.70
N ASN E 83 7.03 19.92 11.49
CA ASN E 83 7.39 19.14 12.66
C ASN E 83 6.29 18.14 13.04
N GLY E 84 6.67 16.88 13.22
CA GLY E 84 5.71 15.84 13.57
C GLY E 84 6.10 15.03 14.80
N ALA E 85 6.85 15.68 15.70
CA ALA E 85 7.32 15.02 16.92
C ALA E 85 6.20 14.66 17.88
N ILE E 86 5.16 15.49 17.97
CA ILE E 86 4.22 15.33 19.05
C ILE E 86 2.83 15.10 18.54
N GLY E 87 2.73 14.96 17.22
CA GLY E 87 1.50 14.56 16.57
C GLY E 87 1.64 14.49 15.07
N PRO E 88 0.53 14.17 14.39
CA PRO E 88 0.45 14.38 12.94
C PRO E 88 0.60 15.86 12.62
N TYR E 89 1.29 16.17 11.53
CA TYR E 89 1.36 17.54 11.03
C TYR E 89 -0.03 18.18 11.06
N LYS E 90 -0.11 19.41 11.54
CA LYS E 90 -1.37 20.12 11.61
C LYS E 90 -1.09 21.55 11.32
N GLY E 91 -2.09 22.22 10.75
CA GLY E 91 -1.95 23.57 10.26
C GLY E 91 -2.94 23.84 9.15
N GLY E 92 -3.27 25.12 8.96
CA GLY E 92 -4.25 25.50 7.99
C GLY E 92 -3.66 25.63 6.60
N LEU E 93 -4.56 25.81 5.64
CA LEU E 93 -4.23 26.03 4.24
C LEU E 93 -4.62 27.46 3.89
N ARG E 94 -3.76 28.15 3.13
CA ARG E 94 -4.04 29.54 2.76
C ARG E 94 -4.01 29.78 1.23
N PHE E 95 -5.19 30.09 0.68
CA PHE E 95 -5.29 30.43 -0.74
C PHE E 95 -5.28 31.94 -0.89
N ALA E 96 -4.11 32.47 -1.17
CA ALA E 96 -3.95 33.90 -1.36
C ALA E 96 -2.75 34.13 -2.25
N PRO E 97 -2.84 35.10 -3.16
CA PRO E 97 -1.82 35.31 -4.19
C PRO E 97 -0.43 35.67 -3.66
N SER E 98 -0.33 36.07 -2.39
CA SER E 98 0.96 36.40 -1.81
C SER E 98 1.70 35.12 -1.42
N VAL E 99 0.92 34.07 -1.20
CA VAL E 99 1.40 32.80 -0.67
C VAL E 99 2.68 32.35 -1.37
N ASN E 100 3.71 32.09 -0.57
CA ASN E 100 4.95 31.53 -1.08
C ASN E 100 5.59 30.60 -0.06
N LEU E 101 6.78 30.09 -0.35
CA LEU E 101 7.45 29.14 0.55
C LEU E 101 7.78 29.79 1.87
N SER E 102 8.42 30.95 1.78
CA SER E 102 8.81 31.71 2.95
C SER E 102 7.61 31.91 3.87
N ILE E 103 6.48 32.29 3.31
CA ILE E 103 5.32 32.58 4.13
C ILE E 103 4.77 31.30 4.74
N MET E 104 4.74 30.25 3.94
CA MET E 104 4.25 28.96 4.39
C MET E 104 5.20 28.39 5.45
N LYS E 105 6.50 28.65 5.28
CA LYS E 105 7.48 28.20 6.25
C LYS E 105 7.39 28.93 7.58
N PHE E 106 7.16 30.24 7.55
CA PHE E 106 7.02 30.95 8.80
C PHE E 106 5.71 30.53 9.49
N LEU E 107 4.59 30.55 8.77
CA LEU E 107 3.32 30.13 9.36
C LEU E 107 3.46 28.75 9.97
N GLY E 108 4.21 27.92 9.28
CA GLY E 108 4.36 26.53 9.65
C GLY E 108 5.17 26.38 10.90
N PHE E 109 6.33 27.04 10.92
CA PHE E 109 7.19 27.08 12.11
C PHE E 109 6.42 27.49 13.36
N GLU E 110 5.64 28.55 13.26
CA GLU E 110 4.77 29.00 14.35
C GLU E 110 3.72 27.96 14.74
N GLN E 111 3.06 27.37 13.74
CA GLN E 111 1.99 26.41 14.02
C GLN E 111 2.48 25.29 14.94
N ALA E 112 3.74 24.91 14.78
CA ALA E 112 4.34 23.85 15.56
C ALA E 112 4.13 24.12 17.04
N PHE E 113 4.48 25.33 17.43
CA PHE E 113 4.55 25.65 18.85
C PHE E 113 3.17 25.91 19.38
N LYS E 114 2.33 26.57 18.59
CA LYS E 114 1.00 26.86 19.05
C LYS E 114 0.28 25.55 19.22
N ASP E 115 0.67 24.56 18.42
CA ASP E 115 0.08 23.23 18.50
C ASP E 115 0.52 22.49 19.76
N SER E 116 1.83 22.45 20.00
CA SER E 116 2.35 21.94 21.26
C SER E 116 1.69 22.66 22.45
N LEU E 117 1.64 23.98 22.38
CA LEU E 117 0.99 24.82 23.39
C LEU E 117 -0.32 24.23 23.94
N THR E 118 -1.09 23.58 23.07
CA THR E 118 -2.42 23.13 23.43
C THR E 118 -2.40 21.88 24.30
N THR E 119 -1.30 21.15 24.23
CA THR E 119 -1.12 19.91 24.98
C THR E 119 -1.72 18.72 24.29
N LEU E 120 -2.55 18.94 23.26
CA LEU E 120 -3.09 17.86 22.44
C LEU E 120 -2.01 17.43 21.47
N PRO E 121 -2.02 16.16 21.06
CA PRO E 121 -0.94 15.73 20.17
C PRO E 121 -1.08 16.30 18.74
N MET E 122 -0.50 17.46 18.46
CA MET E 122 -0.58 18.03 17.12
C MET E 122 0.77 18.51 16.62
N GLY E 123 1.05 18.22 15.35
CA GLY E 123 2.30 18.58 14.73
C GLY E 123 2.33 20.03 14.28
N GLY E 124 3.35 20.39 13.52
CA GLY E 124 3.40 21.71 12.96
C GLY E 124 3.50 21.70 11.44
N ALA E 125 2.52 22.31 10.77
CA ALA E 125 2.63 22.55 9.32
C ALA E 125 1.71 23.63 8.77
N LYS E 126 2.06 24.12 7.60
CA LYS E 126 1.21 25.03 6.85
C LYS E 126 1.21 24.62 5.36
N GLY E 127 0.21 25.08 4.62
CA GLY E 127 0.17 24.81 3.20
C GLY E 127 -0.80 25.77 2.55
N GLY E 128 -0.80 25.79 1.22
CA GLY E 128 -1.73 26.61 0.46
C GLY E 128 -1.38 26.76 -1.01
N SER E 129 -1.79 27.88 -1.60
CA SER E 129 -1.58 28.16 -3.01
C SER E 129 -1.70 29.64 -3.31
N ASP E 130 -0.96 30.09 -4.31
CA ASP E 130 -1.14 31.44 -4.83
C ASP E 130 -2.51 31.65 -5.52
N PHE E 131 -3.27 30.56 -5.66
CA PHE E 131 -4.66 30.67 -6.09
C PHE E 131 -5.34 31.81 -5.32
N ASP E 132 -6.01 32.69 -6.04
CA ASP E 132 -6.67 33.86 -5.46
C ASP E 132 -8.19 33.70 -5.56
N PRO E 133 -8.84 33.38 -4.44
CA PRO E 133 -10.29 33.14 -4.42
C PRO E 133 -11.12 34.38 -4.77
N ASN E 134 -10.46 35.52 -4.96
CA ASN E 134 -11.16 36.77 -5.22
C ASN E 134 -11.92 36.74 -6.56
N GLY E 135 -13.23 36.90 -6.49
CA GLY E 135 -14.06 36.89 -7.67
C GLY E 135 -13.97 35.58 -8.44
N LYS E 136 -13.85 34.48 -7.71
CA LYS E 136 -13.96 33.17 -8.33
C LYS E 136 -15.38 32.69 -8.05
N SER E 137 -15.97 31.96 -8.99
CA SER E 137 -17.27 31.35 -8.70
C SER E 137 -17.14 30.13 -7.80
N ASP E 138 -18.20 29.83 -7.07
CA ASP E 138 -18.27 28.58 -6.34
C ASP E 138 -17.66 27.44 -7.16
N ARG E 139 -18.26 27.11 -8.29
CA ARG E 139 -17.78 26.00 -9.10
C ARG E 139 -16.26 26.10 -9.30
N GLU E 140 -15.79 27.31 -9.61
CA GLU E 140 -14.37 27.52 -9.82
C GLU E 140 -13.52 27.18 -8.60
N VAL E 141 -13.97 27.59 -7.42
CA VAL E 141 -13.25 27.24 -6.21
C VAL E 141 -13.41 25.74 -5.95
N MET E 142 -14.59 25.22 -6.24
CA MET E 142 -14.81 23.80 -6.11
C MET E 142 -13.80 23.05 -6.96
N ARG E 143 -13.67 23.47 -8.21
CA ARG E 143 -12.77 22.77 -9.12
C ARG E 143 -11.33 23.00 -8.73
N PHE E 144 -11.00 24.21 -8.30
CA PHE E 144 -9.62 24.45 -7.86
C PHE E 144 -9.25 23.52 -6.72
N CYS E 145 -10.14 23.44 -5.74
CA CYS E 145 -10.03 22.53 -4.62
C CYS E 145 -9.81 21.09 -5.09
N GLN E 146 -10.61 20.66 -6.06
CA GLN E 146 -10.50 19.28 -6.53
C GLN E 146 -9.11 19.00 -7.06
N ALA E 147 -8.61 19.89 -7.91
CA ALA E 147 -7.26 19.75 -8.44
C ALA E 147 -6.20 19.81 -7.34
N PHE E 148 -6.35 20.76 -6.43
CA PHE E 148 -5.41 20.97 -5.35
C PHE E 148 -5.33 19.65 -4.60
N MET E 149 -6.50 19.17 -4.20
CA MET E 149 -6.58 17.95 -3.45
C MET E 149 -6.16 16.72 -4.26
N THR E 150 -6.27 16.78 -5.58
CA THR E 150 -5.90 15.61 -6.36
C THR E 150 -4.41 15.26 -6.16
N GLU E 151 -3.59 16.27 -5.87
CA GLU E 151 -2.18 15.99 -5.61
C GLU E 151 -1.90 15.88 -4.12
N LEU E 152 -2.59 16.68 -3.31
CA LEU E 152 -2.28 16.77 -1.89
C LEU E 152 -2.61 15.50 -1.08
N TYR E 153 -3.61 14.73 -1.54
CA TYR E 153 -4.13 13.60 -0.76
C TYR E 153 -3.02 12.58 -0.44
N ARG E 154 -2.02 12.51 -1.29
CA ARG E 154 -1.06 11.43 -1.17
C ARG E 154 -0.10 11.71 -0.02
N HIS E 155 -0.08 12.97 0.45
CA HIS E 155 0.83 13.40 1.51
C HIS E 155 0.16 13.66 2.82
N ILE E 156 -1.15 13.50 2.87
CA ILE E 156 -1.87 13.76 4.11
C ILE E 156 -2.68 12.55 4.59
N GLY E 157 -3.36 12.72 5.72
CA GLY E 157 -4.18 11.67 6.28
C GLY E 157 -4.48 11.91 7.75
N PRO E 158 -5.49 11.21 8.29
CA PRO E 158 -5.90 11.31 9.70
C PRO E 158 -4.72 11.08 10.66
N ASP E 159 -3.71 10.34 10.22
CA ASP E 159 -2.58 9.98 11.07
C ASP E 159 -1.30 10.59 10.58
N ILE E 160 -1.39 11.36 9.51
CA ILE E 160 -0.19 11.89 8.86
C ILE E 160 -0.22 13.40 8.90
N ASP E 161 -1.21 13.96 8.21
CA ASP E 161 -1.37 15.40 8.11
C ASP E 161 -2.85 15.81 8.09
N VAL E 162 -3.24 16.62 9.07
CA VAL E 162 -4.59 17.10 9.14
C VAL E 162 -4.61 18.61 8.91
N PRO E 163 -4.94 19.02 7.67
CA PRO E 163 -5.00 20.46 7.40
C PRO E 163 -6.33 21.09 7.84
N ALA E 164 -6.43 22.41 7.65
CA ALA E 164 -7.60 23.18 8.05
C ALA E 164 -7.74 24.46 7.23
N GLY E 165 -8.61 25.35 7.70
CA GLY E 165 -8.81 26.65 7.06
C GLY E 165 -7.79 27.72 7.38
N ASP E 166 -8.09 28.94 6.94
CA ASP E 166 -7.18 30.07 7.07
C ASP E 166 -7.61 31.17 6.10
N LEU E 167 -6.65 31.92 5.60
CA LEU E 167 -6.95 32.97 4.64
C LEU E 167 -7.41 32.39 3.33
N GLY E 168 -8.69 32.57 3.03
CA GLY E 168 -9.22 32.15 1.75
C GLY E 168 -9.60 30.67 1.73
N VAL E 169 -9.47 30.00 2.87
CA VAL E 169 -9.98 28.64 3.00
C VAL E 169 -10.91 28.53 4.21
N GLY E 170 -12.19 28.26 3.94
CA GLY E 170 -13.19 28.09 4.97
C GLY E 170 -13.97 26.80 4.78
N ALA E 171 -15.00 26.60 5.60
CA ALA E 171 -15.73 25.33 5.63
C ALA E 171 -16.16 24.90 4.23
N ARG E 172 -16.39 25.89 3.37
CA ARG E 172 -16.76 25.69 1.98
C ARG E 172 -15.62 24.99 1.23
N GLU E 173 -14.42 25.57 1.31
CA GLU E 173 -13.25 24.97 0.68
C GLU E 173 -12.94 23.60 1.28
N ILE E 174 -13.02 23.53 2.61
CA ILE E 174 -12.72 22.32 3.35
C ILE E 174 -13.59 21.17 2.87
N GLY E 175 -14.87 21.45 2.68
CA GLY E 175 -15.80 20.42 2.27
C GLY E 175 -15.57 19.95 0.83
N TYR E 176 -15.15 20.88 -0.03
CA TYR E 176 -14.85 20.50 -1.39
C TYR E 176 -13.60 19.65 -1.39
N MET E 177 -12.59 20.07 -0.66
CA MET E 177 -11.34 19.29 -0.62
C MET E 177 -11.63 17.88 -0.11
N TYR E 178 -12.42 17.78 0.96
CA TYR E 178 -12.83 16.47 1.48
C TYR E 178 -13.58 15.66 0.46
N GLY E 179 -14.59 16.28 -0.16
CA GLY E 179 -15.36 15.64 -1.22
C GLY E 179 -14.39 14.91 -2.11
N GLN E 180 -13.39 15.61 -2.59
CA GLN E 180 -12.41 15.03 -3.49
C GLN E 180 -11.58 13.93 -2.81
N TYR E 181 -11.12 14.19 -1.58
CA TYR E 181 -10.32 13.23 -0.81
C TYR E 181 -10.94 11.86 -0.76
N ARG E 182 -12.22 11.78 -0.39
CA ARG E 182 -12.81 10.47 -0.17
C ARG E 182 -13.13 9.85 -1.52
N LYS E 183 -13.31 10.71 -2.50
CA LYS E 183 -13.58 10.21 -3.82
C LYS E 183 -12.34 9.43 -4.24
N ILE E 184 -11.17 9.93 -3.88
CA ILE E 184 -9.93 9.31 -4.36
C ILE E 184 -9.44 8.14 -3.49
N VAL E 185 -9.33 8.37 -2.18
CA VAL E 185 -8.74 7.37 -1.31
C VAL E 185 -9.65 6.17 -1.17
N GLY E 186 -10.96 6.40 -1.13
CA GLY E 186 -11.89 5.29 -1.19
C GLY E 186 -12.64 4.95 0.08
N GLY E 187 -12.42 5.72 1.13
CA GLY E 187 -13.11 5.50 2.39
C GLY E 187 -13.49 6.79 3.07
N PHE E 188 -13.90 6.71 4.32
CA PHE E 188 -14.36 7.87 5.06
C PHE E 188 -13.19 8.75 5.48
N TYR E 189 -12.49 8.37 6.55
CA TYR E 189 -11.30 9.10 6.95
C TYR E 189 -11.53 10.62 7.20
N ASN E 190 -12.62 10.97 7.86
CA ASN E 190 -12.98 12.37 8.00
C ASN E 190 -12.01 13.16 8.83
N GLY E 191 -11.12 12.45 9.52
CA GLY E 191 -10.07 13.09 10.28
C GLY E 191 -9.01 13.78 9.43
N VAL E 192 -9.02 13.56 8.12
CA VAL E 192 -7.95 14.09 7.30
C VAL E 192 -7.95 15.61 7.31
N LEU E 193 -9.07 16.18 7.75
CA LEU E 193 -9.23 17.63 7.80
C LEU E 193 -10.06 18.04 9.01
N THR E 194 -9.70 19.18 9.58
CA THR E 194 -10.61 19.92 10.47
C THR E 194 -11.20 21.23 9.86
N GLY E 195 -12.27 21.73 10.46
CA GLY E 195 -12.92 22.90 9.94
C GLY E 195 -14.18 22.50 9.20
N LYS E 196 -14.43 21.19 9.13
CA LYS E 196 -15.57 20.61 8.38
C LYS E 196 -16.91 21.02 8.94
N ALA E 197 -17.95 20.75 8.18
CA ALA E 197 -19.31 21.04 8.58
C ALA E 197 -19.77 19.94 9.54
N ARG E 198 -20.87 20.19 10.24
CA ARG E 198 -21.32 19.26 11.27
C ARG E 198 -21.93 17.98 10.65
N SER E 199 -22.19 18.02 9.34
CA SER E 199 -22.91 16.94 8.64
C SER E 199 -22.06 15.68 8.44
N PHE E 200 -20.84 15.87 7.94
CA PHE E 200 -19.82 14.83 8.03
C PHE E 200 -18.93 15.13 9.23
N GLY E 201 -19.47 15.98 10.11
CA GLY E 201 -18.98 16.33 11.44
C GLY E 201 -17.49 16.31 11.67
N GLY E 202 -16.88 17.49 11.85
CA GLY E 202 -17.62 18.70 12.06
C GLY E 202 -17.89 18.84 13.53
N SER E 203 -17.23 19.77 14.19
CA SER E 203 -17.42 19.92 15.63
C SER E 203 -18.21 21.16 16.03
N LEU E 204 -19.03 21.00 17.07
CA LEU E 204 -19.72 22.11 17.68
C LEU E 204 -18.72 22.95 18.45
N ILE E 205 -19.15 24.13 18.88
CA ILE E 205 -18.31 25.00 19.72
C ILE E 205 -17.15 25.64 18.95
N ARG E 206 -16.95 25.25 17.69
CA ARG E 206 -15.84 25.78 16.91
C ARG E 206 -15.86 27.31 16.67
N PRO E 207 -17.04 27.87 16.37
CA PRO E 207 -17.02 29.34 16.24
C PRO E 207 -16.83 29.99 17.62
N GLU E 208 -17.51 29.44 18.62
CA GLU E 208 -17.34 29.85 20.01
C GLU E 208 -15.88 29.75 20.48
N ALA E 209 -15.23 28.66 20.10
CA ALA E 209 -13.95 28.23 20.65
C ALA E 209 -12.97 29.31 21.06
N THR E 210 -12.62 30.19 20.12
CA THR E 210 -11.55 31.15 20.40
C THR E 210 -11.91 32.12 21.55
N GLY E 211 -13.13 32.66 21.53
CA GLY E 211 -13.57 33.60 22.55
C GLY E 211 -13.94 32.95 23.87
N TYR E 212 -14.71 31.86 23.80
CA TYR E 212 -14.99 31.06 25.00
C TYR E 212 -13.68 30.79 25.73
N GLY E 213 -12.64 30.48 24.96
CA GLY E 213 -11.39 30.02 25.54
C GLY E 213 -10.53 31.13 26.13
N LEU E 214 -10.78 32.36 25.74
CA LEU E 214 -10.03 33.47 26.25
C LEU E 214 -10.51 33.72 27.66
N VAL E 215 -11.80 33.53 27.86
CA VAL E 215 -12.43 33.72 29.16
C VAL E 215 -12.03 32.58 30.08
N TYR E 216 -11.95 31.38 29.52
CA TYR E 216 -11.59 30.19 30.30
C TYR E 216 -10.19 30.34 30.81
N PHE E 217 -9.32 30.84 29.94
CA PHE E 217 -7.93 30.97 30.28
C PHE E 217 -7.74 32.03 31.35
N THR E 218 -8.47 33.13 31.25
CA THR E 218 -8.28 34.20 32.20
C THR E 218 -8.94 33.90 33.57
N GLU E 219 -9.99 33.07 33.55
CA GLU E 219 -10.60 32.58 34.78
C GLU E 219 -9.58 31.80 35.59
N ALA E 220 -8.59 31.22 34.91
CA ALA E 220 -7.59 30.40 35.58
C ALA E 220 -6.50 31.30 36.11
N MET E 221 -6.05 32.22 35.27
CA MET E 221 -5.13 33.24 35.72
C MET E 221 -5.75 33.95 36.95
N LEU E 222 -7.06 34.15 36.92
CA LEU E 222 -7.76 34.78 38.04
C LEU E 222 -7.84 33.84 39.24
N LYS E 223 -7.93 32.55 38.97
CA LYS E 223 -7.99 31.54 40.01
C LYS E 223 -6.72 31.54 40.86
N ARG E 224 -5.55 31.54 40.23
CA ARG E 224 -4.31 31.41 40.99
C ARG E 224 -4.17 32.54 42.02
N HIS E 225 -4.97 33.58 41.88
CA HIS E 225 -4.81 34.75 42.74
C HIS E 225 -6.13 35.12 43.38
N GLY E 226 -6.89 34.08 43.70
CA GLY E 226 -8.17 34.23 44.38
C GLY E 226 -9.07 35.30 43.82
N MET E 227 -9.13 35.39 42.50
CA MET E 227 -10.13 36.23 41.85
C MET E 227 -10.90 35.38 40.82
N GLY E 228 -11.98 35.97 40.30
CA GLY E 228 -12.76 35.39 39.23
C GLY E 228 -13.52 36.42 38.39
N PHE E 229 -14.18 35.97 37.34
CA PHE E 229 -14.98 36.88 36.52
C PHE E 229 -16.17 37.35 37.34
N GLU E 230 -16.66 36.46 38.21
CA GLU E 230 -17.84 36.73 39.04
C GLU E 230 -17.95 38.20 39.48
N GLY E 231 -19.03 38.86 39.03
CA GLY E 231 -19.24 40.27 39.27
C GLY E 231 -17.97 41.08 39.19
N MET E 232 -17.40 41.20 37.99
CA MET E 232 -16.25 42.07 37.77
C MET E 232 -16.50 42.93 36.53
N ARG E 233 -15.96 44.14 36.50
CA ARG E 233 -16.10 45.00 35.33
C ARG E 233 -15.13 44.60 34.23
N VAL E 234 -15.68 44.08 33.15
CA VAL E 234 -14.90 43.65 31.99
C VAL E 234 -15.12 44.62 30.83
N SER E 235 -14.02 45.08 30.23
CA SER E 235 -14.11 45.88 29.02
C SER E 235 -13.57 45.10 27.82
N VAL E 236 -14.32 45.09 26.72
CA VAL E 236 -13.94 44.35 25.52
C VAL E 236 -13.86 45.23 24.28
N SER E 237 -12.77 45.10 23.52
CA SER E 237 -12.65 45.71 22.20
C SER E 237 -12.94 44.67 21.12
N GLY E 238 -13.08 45.09 19.87
CA GLY E 238 -13.52 44.21 18.80
C GLY E 238 -15.01 43.95 18.85
N SER E 239 -15.53 43.30 17.82
CA SER E 239 -16.95 42.92 17.76
C SER E 239 -17.17 41.80 16.74
N GLY E 240 -16.06 41.26 16.24
CA GLY E 240 -16.11 40.05 15.44
C GLY E 240 -16.30 38.79 16.26
N ASN E 241 -15.62 37.73 15.83
CA ASN E 241 -15.84 36.37 16.32
C ASN E 241 -15.41 36.20 17.76
N VAL E 242 -14.18 36.59 18.06
CA VAL E 242 -13.62 36.45 19.39
C VAL E 242 -14.47 37.22 20.40
N ALA E 243 -14.63 38.51 20.16
CA ALA E 243 -15.41 39.38 21.03
C ALA E 243 -16.82 38.84 21.29
N GLN E 244 -17.54 38.46 20.24
CA GLN E 244 -18.90 37.98 20.45
C GLN E 244 -18.96 36.90 21.54
N TYR E 245 -17.96 36.04 21.54
CA TYR E 245 -18.01 34.87 22.40
C TYR E 245 -17.20 35.08 23.68
N ALA E 246 -16.22 35.98 23.62
CA ALA E 246 -15.62 36.55 24.82
C ALA E 246 -16.76 37.02 25.72
N ILE E 247 -17.59 37.91 25.18
CA ILE E 247 -18.72 38.46 25.92
C ILE E 247 -19.65 37.37 26.44
N GLU E 248 -20.02 36.43 25.56
CA GLU E 248 -20.91 35.33 25.92
C GLU E 248 -20.45 34.58 27.16
N LYS E 249 -19.22 34.08 27.14
CA LYS E 249 -18.69 33.30 28.26
C LYS E 249 -18.49 34.21 29.47
N ALA E 250 -17.76 35.28 29.24
CA ALA E 250 -17.61 36.31 30.25
C ALA E 250 -18.90 36.53 31.04
N MET E 251 -20.05 36.48 30.38
CA MET E 251 -21.28 36.78 31.09
C MET E 251 -22.00 35.54 31.65
N GLU E 252 -21.36 34.38 31.54
CA GLU E 252 -21.85 33.18 32.17
C GLU E 252 -21.12 33.00 33.49
N PHE E 253 -19.89 33.48 33.54
CA PHE E 253 -19.16 33.56 34.80
C PHE E 253 -19.71 34.73 35.65
N GLY E 254 -20.65 35.48 35.07
CA GLY E 254 -21.38 36.49 35.80
C GLY E 254 -20.64 37.80 35.88
N ALA E 255 -19.75 38.05 34.92
CA ALA E 255 -19.11 39.34 34.78
C ALA E 255 -20.06 40.40 34.21
N ARG E 256 -19.64 41.66 34.23
CA ARG E 256 -20.41 42.74 33.65
C ARG E 256 -19.62 43.34 32.51
N VAL E 257 -19.86 42.83 31.30
CA VAL E 257 -19.16 43.33 30.13
C VAL E 257 -19.80 44.63 29.71
N ILE E 258 -19.00 45.69 29.65
CA ILE E 258 -19.52 47.02 29.49
C ILE E 258 -19.12 47.67 28.17
N THR E 259 -18.14 47.09 27.47
CA THR E 259 -17.76 47.64 26.17
C THR E 259 -17.65 46.66 25.00
N ALA E 260 -17.71 47.25 23.82
CA ALA E 260 -17.54 46.57 22.54
C ALA E 260 -17.19 47.70 21.59
N SER E 261 -16.17 47.50 20.77
CA SER E 261 -15.77 48.53 19.83
C SER E 261 -15.70 47.98 18.41
N ASP E 262 -15.65 48.88 17.43
CA ASP E 262 -15.25 48.49 16.08
C ASP E 262 -14.15 49.43 15.57
N SER E 263 -14.05 49.59 14.26
CA SER E 263 -13.01 50.41 13.66
C SER E 263 -13.25 51.92 13.92
N SER E 264 -14.51 52.26 14.15
CA SER E 264 -14.93 53.66 14.26
C SER E 264 -15.01 54.15 15.71
N GLY E 265 -15.85 53.52 16.53
CA GLY E 265 -16.03 53.92 17.91
C GLY E 265 -16.26 52.78 18.90
N THR E 266 -16.39 53.16 20.18
CA THR E 266 -16.67 52.21 21.26
C THR E 266 -18.08 52.40 21.83
N VAL E 267 -18.73 51.31 22.21
CA VAL E 267 -20.00 51.37 22.93
C VAL E 267 -19.73 51.19 24.42
N VAL E 268 -20.48 51.92 25.25
CA VAL E 268 -20.35 51.80 26.69
C VAL E 268 -21.70 51.55 27.31
N ASP E 269 -21.82 50.44 28.03
CA ASP E 269 -23.09 50.03 28.61
C ASP E 269 -22.92 49.84 30.11
N GLU E 270 -23.22 50.89 30.87
CA GLU E 270 -23.14 50.87 32.32
C GLU E 270 -23.66 49.58 32.92
N SER E 271 -24.92 49.23 32.61
CA SER E 271 -25.55 48.03 33.15
C SER E 271 -24.87 46.72 32.70
N GLY E 272 -24.14 46.79 31.60
CA GLY E 272 -23.48 45.62 31.02
C GLY E 272 -24.37 44.84 30.06
N PHE E 273 -23.74 44.11 29.15
CA PHE E 273 -24.44 43.28 28.15
C PHE E 273 -25.37 42.22 28.75
N THR E 274 -26.42 41.90 28.01
CA THR E 274 -27.30 40.78 28.32
C THR E 274 -27.45 39.96 27.05
N LYS E 275 -28.15 38.84 27.12
CA LYS E 275 -28.32 37.99 25.96
C LYS E 275 -28.96 38.75 24.79
N GLU E 276 -30.13 39.33 25.03
CA GLU E 276 -30.84 40.07 23.99
C GLU E 276 -29.99 41.17 23.35
N LYS E 277 -29.33 41.97 24.19
CA LYS E 277 -28.44 43.02 23.70
C LYS E 277 -27.39 42.46 22.73
N LEU E 278 -26.62 41.48 23.20
CA LEU E 278 -25.50 40.93 22.44
C LEU E 278 -25.97 40.37 21.10
N ALA E 279 -27.05 39.59 21.14
CA ALA E 279 -27.62 38.98 19.94
C ALA E 279 -27.89 40.03 18.89
N ARG E 280 -28.60 41.09 19.27
CA ARG E 280 -28.84 42.18 18.34
C ARG E 280 -27.53 42.78 17.86
N LEU E 281 -26.56 42.87 18.76
CA LEU E 281 -25.27 43.44 18.40
C LEU E 281 -24.66 42.65 17.24
N ILE E 282 -24.85 41.33 17.26
CA ILE E 282 -24.35 40.49 16.20
C ILE E 282 -25.06 40.77 14.89
N GLU E 283 -26.40 40.75 14.95
CA GLU E 283 -27.22 40.99 13.77
C GLU E 283 -26.76 42.22 12.98
N ILE E 284 -26.22 43.22 13.67
CA ILE E 284 -25.76 44.44 13.00
C ILE E 284 -24.33 44.30 12.45
N LYS E 285 -23.50 43.53 13.14
CA LYS E 285 -22.16 43.25 12.65
C LYS E 285 -22.16 42.09 11.64
N ALA E 286 -23.33 41.86 11.04
CA ALA E 286 -23.46 40.84 10.01
C ALA E 286 -24.36 41.43 8.93
N SER E 287 -24.34 42.75 8.82
CA SER E 287 -25.22 43.45 7.89
C SER E 287 -24.54 44.68 7.34
N ARG E 288 -23.22 44.61 7.21
CA ARG E 288 -22.43 45.71 6.65
C ARG E 288 -23.28 46.51 5.66
N ASP E 289 -23.26 47.85 5.77
CA ASP E 289 -22.41 48.57 6.74
C ASP E 289 -23.12 48.80 8.08
N GLY E 290 -23.35 47.72 8.82
CA GLY E 290 -23.89 47.82 10.16
C GLY E 290 -22.78 48.16 11.13
N ARG E 291 -22.91 49.29 11.79
CA ARG E 291 -21.86 49.79 12.67
C ARG E 291 -22.26 49.68 14.12
N VAL E 292 -21.26 49.55 14.99
CA VAL E 292 -21.49 49.51 16.42
C VAL E 292 -22.15 50.80 16.89
N ALA E 293 -22.01 51.86 16.11
CA ALA E 293 -22.65 53.14 16.39
C ALA E 293 -24.17 53.00 16.42
N ASP E 294 -24.69 52.12 15.57
CA ASP E 294 -26.13 51.84 15.51
C ASP E 294 -26.62 51.07 16.74
N TYR E 295 -25.83 50.09 17.18
CA TYR E 295 -26.20 49.30 18.35
C TYR E 295 -26.39 50.25 19.52
N ALA E 296 -25.43 51.16 19.67
CA ALA E 296 -25.47 52.14 20.74
C ALA E 296 -26.79 52.88 20.72
N LYS E 297 -27.07 53.54 19.59
CA LYS E 297 -28.24 54.39 19.49
C LYS E 297 -29.56 53.63 19.56
N GLU E 298 -29.60 52.44 18.97
CA GLU E 298 -30.79 51.62 19.05
C GLU E 298 -31.13 51.31 20.50
N PHE E 299 -30.10 51.09 21.31
CA PHE E 299 -30.32 50.69 22.70
C PHE E 299 -30.24 51.81 23.71
N GLY E 300 -29.84 53.00 23.25
CA GLY E 300 -29.77 54.18 24.11
C GLY E 300 -28.56 54.12 25.02
N LEU E 301 -27.39 54.01 24.40
CA LEU E 301 -26.14 53.88 25.15
C LEU E 301 -25.16 54.91 24.65
N VAL E 302 -24.19 55.23 25.51
CA VAL E 302 -23.16 56.19 25.15
C VAL E 302 -22.22 55.55 24.14
N TYR E 303 -21.90 56.27 23.07
CA TYR E 303 -21.02 55.79 22.02
C TYR E 303 -19.81 56.72 22.00
N LEU E 304 -18.68 56.26 21.48
CA LEU E 304 -17.47 57.08 21.55
C LEU E 304 -16.65 57.12 20.26
N GLU E 305 -17.01 58.03 19.37
CA GLU E 305 -16.36 58.11 18.06
C GLU E 305 -14.86 58.39 18.16
N GLY E 306 -14.06 57.57 17.48
CA GLY E 306 -12.63 57.74 17.42
C GLY E 306 -11.91 57.23 18.65
N GLN E 307 -12.67 56.61 19.57
CA GLN E 307 -12.14 56.22 20.88
C GLN E 307 -12.15 54.70 21.15
N GLN E 308 -11.13 54.24 21.86
CA GLN E 308 -11.06 52.86 22.32
C GLN E 308 -11.60 52.74 23.74
N PRO E 309 -11.92 51.51 24.16
CA PRO E 309 -12.48 51.27 25.50
C PRO E 309 -11.51 51.51 26.67
N TRP E 310 -10.22 51.61 26.41
CA TRP E 310 -9.20 51.52 27.46
C TRP E 310 -9.22 52.66 28.51
N SER E 311 -10.04 53.67 28.26
CA SER E 311 -10.18 54.79 29.18
C SER E 311 -11.26 54.45 30.18
N LEU E 312 -11.71 53.21 30.14
CA LEU E 312 -12.76 52.76 31.04
C LEU E 312 -12.18 52.11 32.28
N PRO E 313 -12.80 52.39 33.43
CA PRO E 313 -12.44 51.73 34.68
C PRO E 313 -12.96 50.29 34.75
N VAL E 314 -12.06 49.33 34.56
CA VAL E 314 -12.48 47.93 34.55
C VAL E 314 -11.54 47.04 35.32
N ASP E 315 -12.06 45.91 35.78
CA ASP E 315 -11.26 44.89 36.43
C ASP E 315 -10.48 44.07 35.41
N ILE E 316 -11.17 43.60 34.38
CA ILE E 316 -10.56 42.78 33.32
C ILE E 316 -10.59 43.47 31.95
N ALA E 317 -9.46 43.52 31.25
CA ALA E 317 -9.41 44.11 29.91
C ALA E 317 -9.17 43.04 28.82
N LEU E 318 -10.10 42.95 27.87
CA LEU E 318 -10.07 41.90 26.83
C LEU E 318 -10.08 42.43 25.38
N PRO E 319 -8.88 42.76 24.86
CA PRO E 319 -8.72 43.25 23.48
C PRO E 319 -8.82 42.16 22.41
N CYS E 320 -9.95 42.10 21.70
CA CYS E 320 -10.11 41.15 20.60
C CYS E 320 -10.55 41.86 19.30
N ALA E 321 -9.65 42.65 18.75
CA ALA E 321 -9.94 43.37 17.51
C ALA E 321 -8.78 43.27 16.51
N THR E 322 -7.64 43.84 16.85
CA THR E 322 -6.50 43.84 15.95
C THR E 322 -5.16 43.84 16.66
N GLN E 323 -4.11 43.71 15.86
CA GLN E 323 -2.76 43.84 16.35
C GLN E 323 -2.51 45.25 16.85
N ASN E 324 -1.54 45.39 17.75
CA ASN E 324 -1.13 46.69 18.31
C ASN E 324 -2.25 47.66 18.67
N GLU E 325 -3.42 47.13 19.06
CA GLU E 325 -4.54 47.98 19.43
C GLU E 325 -4.45 48.58 20.84
N LEU E 326 -3.44 48.17 21.60
CA LEU E 326 -3.31 48.58 22.99
C LEU E 326 -1.88 49.04 23.27
N ASP E 327 -1.70 50.35 23.26
CA ASP E 327 -0.39 51.00 23.34
C ASP E 327 -0.02 51.44 24.75
N VAL E 328 1.26 51.78 24.92
CA VAL E 328 1.77 52.30 26.19
C VAL E 328 0.81 53.28 26.87
N ASP E 329 0.37 54.35 26.20
CA ASP E 329 -0.52 55.27 26.91
C ASP E 329 -1.98 54.85 26.97
N ALA E 330 -2.24 53.59 26.69
CA ALA E 330 -3.55 53.03 27.01
C ALA E 330 -3.43 52.21 28.30
N ALA E 331 -2.29 51.58 28.48
CA ALA E 331 -2.05 50.82 29.70
C ALA E 331 -1.85 51.78 30.89
N HIS E 332 -1.33 52.98 30.61
CA HIS E 332 -1.23 54.01 31.64
C HIS E 332 -2.61 54.33 32.20
N GLN E 333 -3.60 54.55 31.34
CA GLN E 333 -4.95 54.82 31.87
C GLN E 333 -5.57 53.60 32.55
N LEU E 334 -5.40 52.44 31.93
CA LEU E 334 -5.99 51.20 32.43
C LEU E 334 -5.51 50.87 33.83
N ILE E 335 -4.20 50.98 34.04
CA ILE E 335 -3.60 50.65 35.34
C ILE E 335 -4.04 51.62 36.40
N ALA E 336 -3.95 52.90 36.06
CA ALA E 336 -4.41 53.98 36.93
C ALA E 336 -5.83 53.76 37.42
N ASN E 337 -6.68 53.18 36.59
CA ASN E 337 -8.06 52.96 36.97
C ASN E 337 -8.32 51.62 37.70
N GLY E 338 -7.27 50.85 37.90
CA GLY E 338 -7.34 49.69 38.78
C GLY E 338 -7.56 48.37 38.10
N VAL E 339 -7.01 48.26 36.89
CA VAL E 339 -7.10 47.03 36.10
C VAL E 339 -6.39 45.88 36.81
N LYS E 340 -7.11 44.77 36.95
CA LYS E 340 -6.63 43.60 37.67
C LYS E 340 -5.97 42.61 36.71
N ALA E 341 -6.66 42.31 35.63
CA ALA E 341 -6.20 41.31 34.66
C ALA E 341 -6.29 41.89 33.28
N VAL E 342 -5.35 41.56 32.41
CA VAL E 342 -5.50 41.92 31.00
C VAL E 342 -5.16 40.73 30.10
N ALA E 343 -6.07 40.36 29.20
CA ALA E 343 -5.86 39.18 28.35
C ALA E 343 -6.13 39.44 26.85
N GLU E 344 -5.27 38.85 26.02
CA GLU E 344 -5.28 39.06 24.56
C GLU E 344 -6.24 38.13 23.76
N GLY E 345 -7.32 38.72 23.24
CA GLY E 345 -8.28 38.00 22.41
C GLY E 345 -7.90 37.98 20.93
N ALA E 346 -7.55 39.15 20.41
CA ALA E 346 -7.02 39.29 19.06
C ALA E 346 -5.61 38.72 18.95
N ASN E 347 -4.88 39.10 17.90
CA ASN E 347 -3.51 38.62 17.72
C ASN E 347 -2.49 39.71 18.00
N MET E 348 -1.89 39.64 19.18
CA MET E 348 -0.89 40.63 19.61
C MET E 348 -1.43 42.06 19.69
N PRO E 349 -2.56 42.28 20.40
CA PRO E 349 -3.07 43.64 20.54
C PRO E 349 -2.17 44.55 21.41
N THR E 350 -1.71 44.04 22.55
CA THR E 350 -0.82 44.76 23.46
C THR E 350 0.56 44.94 22.86
N THR E 351 1.06 46.17 22.87
CA THR E 351 2.42 46.41 22.39
C THR E 351 3.46 45.96 23.41
N ILE E 352 4.69 45.75 22.94
CA ILE E 352 5.72 45.26 23.83
C ILE E 352 5.90 46.18 25.02
N GLU E 353 5.82 47.48 24.78
CA GLU E 353 6.06 48.46 25.83
C GLU E 353 4.91 48.51 26.83
N ALA E 354 3.71 48.09 26.40
CA ALA E 354 2.55 48.04 27.28
C ALA E 354 2.43 46.70 27.98
N THR E 355 3.23 45.73 27.54
CA THR E 355 3.29 44.45 28.23
C THR E 355 4.18 44.58 29.45
N GLU E 356 5.33 45.24 29.29
CA GLU E 356 6.01 45.87 30.42
C GLU E 356 5.05 46.98 30.83
N LEU E 357 4.90 47.25 32.12
CA LEU E 357 3.86 48.16 32.60
C LEU E 357 2.82 47.31 33.31
N PHE E 358 2.01 46.62 32.52
CA PHE E 358 1.10 45.62 33.05
C PHE E 358 1.90 44.63 33.87
N GLN E 359 2.79 43.92 33.19
CA GLN E 359 3.82 43.18 33.89
C GLN E 359 4.65 44.22 34.61
N GLN E 360 4.73 44.11 35.94
CA GLN E 360 5.39 45.13 36.77
C GLN E 360 5.03 46.55 36.36
N ALA E 361 4.12 47.15 37.11
CA ALA E 361 3.73 46.57 38.37
C ALA E 361 2.27 46.17 38.41
N GLY E 362 2.01 45.06 39.10
CA GLY E 362 0.68 44.54 39.32
C GLY E 362 0.26 43.60 38.21
N VAL E 363 -0.97 43.81 37.76
CA VAL E 363 -1.58 43.27 36.52
C VAL E 363 -1.13 41.94 35.92
N LEU E 364 -2.10 41.03 35.89
CA LEU E 364 -1.88 39.67 35.47
C LEU E 364 -1.28 39.50 34.04
N PHE E 365 -2.06 39.79 33.01
CA PHE E 365 -1.58 39.58 31.64
C PHE E 365 -1.53 38.14 31.08
N ALA E 366 -2.57 37.80 30.33
CA ALA E 366 -2.65 36.59 29.50
C ALA E 366 -2.22 36.90 28.05
N PRO E 367 -1.15 36.23 27.59
CA PRO E 367 -0.68 36.37 26.21
C PRO E 367 -1.55 35.60 25.19
N GLY E 368 -1.98 36.29 24.14
CA GLY E 368 -2.90 35.72 23.17
C GLY E 368 -2.47 34.36 22.64
N LYS E 369 -1.21 34.27 22.27
CA LYS E 369 -0.64 33.02 21.84
C LYS E 369 -1.12 31.83 22.69
N ALA E 370 -1.29 32.05 23.99
CA ALA E 370 -1.85 31.02 24.87
C ALA E 370 -3.33 31.28 25.12
N ALA E 371 -3.69 32.55 25.29
CA ALA E 371 -5.05 32.94 25.66
C ALA E 371 -6.10 32.74 24.55
N ASN E 372 -5.78 33.11 23.31
CA ASN E 372 -6.75 32.86 22.24
C ASN E 372 -6.90 31.36 21.98
N ALA E 373 -5.87 30.74 21.41
CA ALA E 373 -5.69 29.27 21.28
C ALA E 373 -6.89 28.30 21.36
N GLY E 374 -8.07 28.78 21.71
CA GLY E 374 -9.23 27.92 21.86
C GLY E 374 -9.56 27.23 20.56
N GLY E 375 -9.53 28.03 19.48
CA GLY E 375 -9.79 27.53 18.14
C GLY E 375 -8.81 26.45 17.75
N VAL E 376 -7.54 26.68 18.06
CA VAL E 376 -6.47 25.72 17.77
C VAL E 376 -6.66 24.45 18.58
N ALA E 377 -7.27 24.57 19.75
CA ALA E 377 -7.45 23.41 20.62
C ALA E 377 -8.63 22.59 20.11
N THR E 378 -9.68 23.25 19.67
CA THR E 378 -10.89 22.53 19.31
C THR E 378 -10.74 21.89 17.93
N SER E 379 -9.69 22.25 17.21
CA SER E 379 -9.38 21.55 15.98
C SER E 379 -8.88 20.17 16.42
N GLY E 380 -8.08 20.16 17.48
CA GLY E 380 -7.62 18.91 18.07
C GLY E 380 -8.77 18.11 18.65
N LEU E 381 -9.84 18.81 19.02
CA LEU E 381 -11.02 18.15 19.55
C LEU E 381 -11.85 17.57 18.44
N GLU E 382 -11.76 18.15 17.24
CA GLU E 382 -12.46 17.59 16.09
C GLU E 382 -11.91 16.19 15.87
N MET E 383 -10.58 16.06 15.75
CA MET E 383 -9.95 14.77 15.91
C MET E 383 -10.29 14.24 17.32
N ALA E 384 -10.99 13.11 17.38
CA ALA E 384 -11.94 12.76 18.44
C ALA E 384 -13.21 12.50 17.62
N GLN E 385 -12.92 12.02 16.40
CA GLN E 385 -13.83 11.48 15.44
C GLN E 385 -13.24 10.13 15.17
N ASN E 386 -11.94 10.06 15.38
CA ASN E 386 -11.26 8.81 15.66
C ASN E 386 -12.11 7.99 16.64
N ALA E 387 -12.96 8.69 17.38
CA ALA E 387 -13.87 8.07 18.35
C ALA E 387 -15.10 7.58 17.63
N ALA E 388 -15.29 8.10 16.41
CA ALA E 388 -16.38 7.74 15.52
C ALA E 388 -17.69 8.01 16.23
N ARG E 389 -17.73 9.10 16.99
CA ARG E 389 -18.93 9.37 17.76
C ARG E 389 -19.51 10.76 17.55
N LEU E 390 -20.81 10.73 17.23
CA LEU E 390 -21.75 11.85 17.28
C LEU E 390 -21.18 13.09 17.94
N GLY E 391 -20.26 13.76 17.24
CA GLY E 391 -19.54 14.88 17.81
C GLY E 391 -19.63 14.74 19.31
N TRP E 392 -19.82 15.84 20.00
CA TRP E 392 -20.16 15.78 21.40
C TRP E 392 -21.18 16.90 21.50
N LYS E 393 -22.16 16.79 22.41
CA LYS E 393 -23.32 17.68 22.35
C LYS E 393 -23.04 19.17 22.58
N ALA E 394 -21.77 19.54 22.56
CA ALA E 394 -21.36 20.93 22.70
C ALA E 394 -21.05 21.27 24.15
N GLU E 395 -21.91 20.86 25.07
CA GLU E 395 -21.54 20.93 26.48
C GLU E 395 -20.29 20.07 26.64
N LYS E 396 -20.26 18.94 25.95
CA LYS E 396 -19.18 17.97 26.16
C LYS E 396 -17.89 18.48 25.54
N VAL E 397 -18.03 19.30 24.52
CA VAL E 397 -16.88 19.88 23.86
C VAL E 397 -16.43 21.12 24.63
N ASP E 398 -17.37 21.80 25.27
CA ASP E 398 -17.03 23.02 25.98
C ASP E 398 -16.27 22.66 27.23
N ALA E 399 -16.83 21.73 28.00
CA ALA E 399 -16.15 21.19 29.15
C ALA E 399 -14.70 20.88 28.80
N ARG E 400 -14.45 20.14 27.72
CA ARG E 400 -13.09 19.74 27.42
C ARG E 400 -12.23 20.95 27.11
N LEU E 401 -12.81 21.90 26.40
CA LEU E 401 -12.11 23.09 25.98
C LEU E 401 -11.72 23.88 27.22
N HIS E 402 -12.65 23.91 28.17
CA HIS E 402 -12.47 24.58 29.45
C HIS E 402 -11.31 23.97 30.20
N HIS E 403 -11.30 22.64 30.30
CA HIS E 403 -10.21 21.97 31.00
C HIS E 403 -8.91 22.20 30.28
N ILE E 404 -8.94 22.13 28.95
CA ILE E 404 -7.71 22.29 28.16
C ILE E 404 -7.09 23.67 28.37
N MET E 405 -7.89 24.72 28.22
CA MET E 405 -7.43 26.09 28.51
C MET E 405 -6.79 26.13 29.90
N THR E 406 -7.50 25.62 30.90
CA THR E 406 -6.94 25.57 32.26
C THR E 406 -5.53 24.97 32.25
N ASP E 407 -5.33 23.88 31.52
CA ASP E 407 -4.04 23.20 31.48
C ASP E 407 -2.96 23.97 30.72
N ILE E 408 -3.36 24.80 29.75
CA ILE E 408 -2.37 25.54 28.97
C ILE E 408 -1.92 26.68 29.84
N HIS E 409 -2.81 27.11 30.72
CA HIS E 409 -2.41 28.07 31.73
C HIS E 409 -1.48 27.42 32.75
N ASP E 410 -2.00 26.43 33.46
CA ASP E 410 -1.24 25.70 34.46
C ASP E 410 0.20 25.39 34.04
N GLY E 411 0.36 24.75 32.89
CA GLY E 411 1.68 24.36 32.41
C GLY E 411 2.45 25.53 31.84
N SER E 412 1.76 26.62 31.54
CA SER E 412 2.43 27.83 31.02
C SER E 412 3.08 28.59 32.18
N ALA E 413 2.39 28.63 33.31
CA ALA E 413 2.96 29.12 34.56
C ALA E 413 4.11 28.20 34.98
N ALA E 414 3.82 26.91 35.09
CA ALA E 414 4.83 25.99 35.59
C ALA E 414 6.12 26.13 34.80
N ALA E 415 5.98 26.51 33.54
CA ALA E 415 7.13 26.59 32.65
C ALA E 415 8.06 27.70 33.12
N ALA E 416 7.46 28.81 33.56
CA ALA E 416 8.23 29.97 34.00
C ALA E 416 8.78 29.73 35.39
N GLU E 417 7.87 29.43 36.32
CA GLU E 417 8.27 29.04 37.65
C GLU E 417 9.51 28.17 37.53
N ARG E 418 9.50 27.32 36.50
CA ARG E 418 10.59 26.38 36.25
C ARG E 418 11.91 27.10 35.99
N TYR E 419 11.90 28.01 35.03
CA TYR E 419 13.14 28.63 34.56
C TYR E 419 13.39 30.01 35.18
N GLY E 420 13.12 30.14 36.46
CA GLY E 420 13.49 31.35 37.15
C GLY E 420 12.60 32.52 36.78
N LEU E 421 11.39 32.46 37.29
CA LEU E 421 10.46 33.57 37.19
C LEU E 421 9.27 33.18 38.01
N GLY E 422 8.13 33.65 37.56
CA GLY E 422 6.89 33.37 38.24
C GLY E 422 5.95 34.29 37.55
N TYR E 423 4.75 33.82 37.31
CA TYR E 423 3.80 34.57 36.54
C TYR E 423 4.34 35.58 35.57
N ASN E 424 5.34 35.17 34.80
CA ASN E 424 5.48 35.71 33.46
C ASN E 424 4.84 34.67 32.56
N LEU E 425 3.59 34.93 32.18
CA LEU E 425 2.86 34.00 31.36
C LEU E 425 3.31 34.16 29.92
N VAL E 426 3.91 35.32 29.64
CA VAL E 426 4.45 35.60 28.32
C VAL E 426 5.52 34.58 27.95
N ALA E 427 6.47 34.34 28.84
CA ALA E 427 7.44 33.26 28.67
C ALA E 427 6.78 31.92 29.01
N GLY E 428 5.51 31.80 28.67
CA GLY E 428 4.70 30.64 29.03
C GLY E 428 4.98 29.30 28.37
N ALA E 429 4.49 29.03 27.15
CA ALA E 429 4.10 30.00 26.14
C ALA E 429 5.41 30.63 25.62
N ASN E 430 6.09 29.91 24.74
CA ASN E 430 7.55 29.96 24.60
C ASN E 430 7.97 29.15 25.81
N ILE E 431 8.87 28.17 25.64
CA ILE E 431 9.01 27.14 26.68
C ILE E 431 7.67 26.42 26.64
N VAL E 432 7.60 25.19 27.13
CA VAL E 432 6.36 24.40 27.07
C VAL E 432 5.91 24.17 25.62
N GLY E 433 5.67 25.24 24.88
CA GLY E 433 5.46 25.13 23.45
C GLY E 433 6.67 24.48 22.83
N PHE E 434 7.85 24.92 23.25
CA PHE E 434 9.11 24.44 22.71
C PHE E 434 9.55 23.18 23.48
N GLN E 435 9.33 23.19 24.79
CA GLN E 435 9.70 22.06 25.63
C GLN E 435 9.13 20.76 25.10
N LYS E 436 7.86 20.76 24.73
CA LYS E 436 7.23 19.51 24.33
C LYS E 436 7.85 18.95 23.03
N ILE E 437 7.95 19.80 22.02
CA ILE E 437 8.66 19.41 20.82
C ILE E 437 10.07 18.96 21.16
N ALA E 438 10.76 19.78 21.94
CA ALA E 438 12.15 19.53 22.28
C ALA E 438 12.32 18.13 22.83
N ASP E 439 11.52 17.82 23.84
CA ASP E 439 11.68 16.56 24.55
C ASP E 439 11.39 15.40 23.62
N ALA E 440 10.32 15.52 22.85
CA ALA E 440 9.92 14.50 21.88
C ALA E 440 11.06 14.24 20.88
N MET E 441 11.62 15.34 20.40
CA MET E 441 12.69 15.32 19.43
C MET E 441 13.97 14.72 20.01
N MET E 442 14.25 15.02 21.28
CA MET E 442 15.34 14.37 22.00
C MET E 442 15.10 12.86 22.18
N ALA E 443 13.90 12.51 22.64
CA ALA E 443 13.55 11.11 22.81
C ALA E 443 13.59 10.30 21.50
N GLN E 444 13.12 10.89 20.39
CA GLN E 444 12.99 10.11 19.15
C GLN E 444 14.33 9.84 18.45
N GLY E 445 15.40 10.44 18.94
CA GLY E 445 16.74 10.19 18.41
C GLY E 445 17.17 11.09 17.26
N ILE E 446 18.30 10.77 16.63
CA ILE E 446 18.76 11.49 15.43
C ILE E 446 18.33 10.81 14.12
N ALA E 447 17.09 11.15 13.71
CA ALA E 447 16.43 10.60 12.53
C ALA E 447 15.89 11.79 11.77
N TRP E 448 14.69 12.24 12.14
CA TRP E 448 14.29 13.63 11.91
C TRP E 448 15.01 14.55 12.90
N SER F 2 7.28 34.67 -31.17
CA SER F 2 5.99 34.39 -30.53
C SER F 2 5.73 35.23 -29.27
N LYS F 3 4.59 35.93 -29.28
CA LYS F 3 4.18 36.85 -28.21
C LYS F 3 3.87 36.07 -26.95
N TYR F 4 3.16 34.97 -27.13
CA TYR F 4 2.86 34.02 -26.07
C TYR F 4 4.13 33.53 -25.36
N VAL F 5 5.12 33.10 -26.12
CA VAL F 5 6.40 32.72 -25.56
C VAL F 5 7.10 33.89 -24.88
N ASP F 6 6.84 35.10 -25.34
CA ASP F 6 7.45 36.28 -24.74
C ASP F 6 6.75 36.67 -23.44
N ARG F 7 5.43 36.45 -23.41
CA ARG F 7 4.60 36.74 -22.24
C ARG F 7 4.91 35.75 -21.10
N VAL F 8 4.99 34.47 -21.44
CA VAL F 8 5.44 33.46 -20.49
C VAL F 8 6.82 33.77 -19.94
N ILE F 9 7.78 34.07 -20.82
CA ILE F 9 9.13 34.43 -20.39
C ILE F 9 9.12 35.57 -19.37
N ALA F 10 8.46 36.67 -19.74
CA ALA F 10 8.32 37.84 -18.89
C ALA F 10 7.70 37.49 -17.54
N GLU F 11 6.58 36.77 -17.58
CA GLU F 11 5.88 36.39 -16.37
C GLU F 11 6.80 35.63 -15.46
N VAL F 12 7.60 34.77 -16.05
CA VAL F 12 8.54 33.92 -15.30
C VAL F 12 9.63 34.75 -14.64
N GLU F 13 10.24 35.66 -15.39
CA GLU F 13 11.25 36.53 -14.81
C GLU F 13 10.73 37.25 -13.55
N LYS F 14 9.47 37.66 -13.57
CA LYS F 14 8.91 38.35 -12.43
C LYS F 14 8.72 37.42 -11.23
N LYS F 15 8.03 36.31 -11.44
CA LYS F 15 7.66 35.40 -10.34
C LYS F 15 8.83 34.67 -9.67
N TYR F 16 9.90 34.44 -10.42
CA TYR F 16 11.03 33.66 -9.92
C TYR F 16 12.32 34.46 -10.02
N ALA F 17 12.21 35.77 -9.82
CA ALA F 17 13.38 36.65 -9.88
C ALA F 17 14.52 36.18 -8.96
N ASP F 18 14.18 35.65 -7.79
CA ASP F 18 15.16 35.20 -6.81
C ASP F 18 15.76 33.83 -7.17
N GLU F 19 15.19 33.22 -8.21
CA GLU F 19 15.68 31.96 -8.79
C GLU F 19 16.33 32.21 -10.14
N PRO F 20 17.44 32.97 -10.16
CA PRO F 20 18.08 33.33 -11.43
C PRO F 20 18.28 32.17 -12.42
N GLU F 21 19.14 31.21 -12.08
CA GLU F 21 19.45 30.07 -12.95
C GLU F 21 18.22 29.56 -13.71
N PHE F 22 17.12 29.43 -12.99
CA PHE F 22 15.89 28.88 -13.55
C PHE F 22 15.25 29.87 -14.51
N VAL F 23 15.24 31.14 -14.13
CA VAL F 23 14.73 32.19 -15.00
C VAL F 23 15.54 32.25 -16.30
N GLN F 24 16.86 32.22 -16.18
CA GLN F 24 17.73 32.25 -17.34
C GLN F 24 17.50 31.04 -18.23
N THR F 25 17.24 29.89 -17.62
CA THR F 25 17.13 28.64 -18.38
C THR F 25 15.78 28.51 -19.10
N VAL F 26 14.72 29.01 -18.48
CA VAL F 26 13.42 29.06 -19.16
C VAL F 26 13.54 30.02 -20.32
N GLU F 27 14.36 31.05 -20.14
CA GLU F 27 14.60 32.05 -21.18
C GLU F 27 15.33 31.43 -22.38
N GLU F 28 16.48 30.81 -22.12
CA GLU F 28 17.26 30.12 -23.15
C GLU F 28 16.36 29.16 -23.91
N VAL F 29 15.70 28.28 -23.18
CA VAL F 29 14.96 27.20 -23.81
C VAL F 29 13.67 27.68 -24.48
N LEU F 30 12.85 28.46 -23.80
CA LEU F 30 11.57 28.83 -24.39
C LEU F 30 11.70 29.71 -25.62
N SER F 31 12.77 30.51 -25.70
CA SER F 31 12.92 31.50 -26.76
C SER F 31 13.49 30.90 -28.05
N SER F 32 13.47 29.58 -28.13
CA SER F 32 13.94 28.93 -29.34
C SER F 32 12.88 28.01 -29.90
N LEU F 33 11.67 28.12 -29.37
CA LEU F 33 10.55 27.34 -29.88
C LEU F 33 9.42 28.23 -30.40
N GLY F 34 9.69 29.53 -30.53
CA GLY F 34 8.71 30.48 -31.04
C GLY F 34 7.92 29.94 -32.21
N PRO F 35 8.63 29.48 -33.26
CA PRO F 35 8.04 28.85 -34.45
C PRO F 35 7.10 27.70 -34.10
N VAL F 36 7.59 26.72 -33.37
CA VAL F 36 6.79 25.54 -33.03
C VAL F 36 5.47 25.98 -32.41
N VAL F 37 5.55 26.94 -31.49
CA VAL F 37 4.39 27.44 -30.77
C VAL F 37 3.41 28.18 -31.68
N ASP F 38 3.96 28.90 -32.66
CA ASP F 38 3.15 29.62 -33.65
C ASP F 38 2.39 28.66 -34.57
N ALA F 39 3.01 27.52 -34.84
CA ALA F 39 2.37 26.48 -35.64
C ALA F 39 1.31 25.74 -34.84
N HIS F 40 1.16 26.10 -33.57
CA HIS F 40 0.29 25.39 -32.65
C HIS F 40 -0.46 26.33 -31.72
N PRO F 41 -1.54 26.93 -32.22
CA PRO F 41 -2.31 27.83 -31.36
C PRO F 41 -2.99 27.07 -30.21
N GLU F 42 -3.16 25.77 -30.39
CA GLU F 42 -3.84 24.92 -29.42
C GLU F 42 -3.14 24.98 -28.06
N TYR F 43 -1.82 24.97 -28.07
CA TYR F 43 -1.02 25.03 -26.85
C TYR F 43 -1.46 26.16 -25.90
N GLU F 44 -1.65 27.36 -26.44
CA GLU F 44 -2.07 28.47 -25.57
C GLU F 44 -3.47 28.27 -25.03
N GLU F 45 -4.32 27.56 -25.76
CA GLU F 45 -5.70 27.38 -25.34
C GLU F 45 -5.80 26.57 -24.05
N VAL F 46 -4.76 25.78 -23.79
CA VAL F 46 -4.75 24.90 -22.63
C VAL F 46 -3.57 25.22 -21.70
N ALA F 47 -3.02 26.42 -21.88
CA ALA F 47 -1.91 26.93 -21.05
C ALA F 47 -0.70 25.99 -20.90
N LEU F 48 -0.22 25.48 -22.02
CA LEU F 48 0.83 24.46 -22.04
C LEU F 48 2.14 24.96 -21.49
N LEU F 49 2.50 26.18 -21.84
CA LEU F 49 3.77 26.74 -21.40
C LEU F 49 3.68 27.11 -19.92
N GLU F 50 2.57 27.71 -19.53
CA GLU F 50 2.37 28.11 -18.16
C GLU F 50 2.39 26.88 -17.25
N ARG F 51 1.98 25.73 -17.79
CA ARG F 51 2.08 24.47 -17.05
C ARG F 51 3.50 23.89 -17.06
N MET F 52 4.09 23.75 -18.25
CA MET F 52 5.43 23.19 -18.38
C MET F 52 6.55 23.81 -17.52
N VAL F 53 6.33 25.00 -16.98
CA VAL F 53 7.43 25.72 -16.30
C VAL F 53 7.38 25.53 -14.79
N ILE F 54 6.22 25.15 -14.29
CA ILE F 54 6.02 24.74 -12.91
C ILE F 54 6.21 23.21 -12.78
N PRO F 55 7.16 22.77 -11.95
CA PRO F 55 7.36 21.33 -11.95
C PRO F 55 6.12 20.69 -11.34
N GLU F 56 5.76 19.48 -11.77
CA GLU F 56 4.58 18.79 -11.25
C GLU F 56 4.59 18.70 -9.74
N ARG F 57 5.76 18.32 -9.21
CA ARG F 57 5.91 18.03 -7.79
C ARG F 57 7.34 18.31 -7.38
N VAL F 58 7.50 19.10 -6.32
CA VAL F 58 8.81 19.44 -5.75
C VAL F 58 8.89 18.96 -4.31
N ILE F 59 9.91 18.16 -3.99
CA ILE F 59 10.12 17.74 -2.59
C ILE F 59 11.41 18.25 -1.93
N GLU F 60 11.24 18.90 -0.78
CA GLU F 60 12.35 19.25 0.09
C GLU F 60 12.24 18.45 1.40
N PHE F 61 13.37 18.00 1.91
CA PHE F 61 13.36 17.32 3.19
C PHE F 61 14.59 17.56 4.03
N ARG F 62 14.44 17.35 5.33
CA ARG F 62 15.56 17.49 6.24
C ARG F 62 16.41 16.22 6.18
N VAL F 63 17.72 16.39 6.27
CA VAL F 63 18.62 15.25 6.35
C VAL F 63 19.64 15.37 7.48
N PRO F 64 19.21 15.04 8.70
CA PRO F 64 20.14 14.92 9.82
C PRO F 64 21.07 13.75 9.58
N TRP F 65 22.36 13.94 9.80
CA TRP F 65 23.31 12.83 9.74
C TRP F 65 24.44 12.96 10.76
N GLU F 66 25.17 11.87 10.94
CA GLU F 66 26.16 11.75 12.00
C GLU F 66 27.60 11.53 11.47
N ASP F 67 28.42 12.56 11.68
CA ASP F 67 29.87 12.56 11.55
C ASP F 67 30.57 11.27 11.98
N ASP F 68 31.70 10.99 11.36
CA ASP F 68 32.61 9.92 11.78
C ASP F 68 33.07 10.05 13.23
N ASN F 69 33.01 11.26 13.79
CA ASN F 69 33.32 11.39 15.21
C ASN F 69 32.20 11.96 16.08
N GLY F 70 30.96 11.78 15.63
CA GLY F 70 29.83 11.82 16.53
C GLY F 70 28.99 13.08 16.57
N LYS F 71 29.38 14.10 15.81
CA LYS F 71 28.57 15.31 15.84
C LYS F 71 27.52 15.28 14.74
N VAL F 72 26.34 15.84 15.04
CA VAL F 72 25.23 15.88 14.11
C VAL F 72 25.37 17.02 13.10
N HIS F 73 25.21 16.70 11.82
CA HIS F 73 25.08 17.72 10.79
C HIS F 73 23.68 17.58 10.27
N VAL F 74 23.16 18.68 9.73
CA VAL F 74 21.90 18.62 9.00
C VAL F 74 22.03 19.34 7.67
N ASN F 75 21.64 18.67 6.59
CA ASN F 75 21.59 19.27 5.27
C ASN F 75 20.16 19.28 4.75
N THR F 76 19.94 19.87 3.58
CA THR F 76 18.62 19.85 2.98
C THR F 76 18.62 18.95 1.74
N GLY F 77 17.53 18.22 1.55
CA GLY F 77 17.42 17.30 0.44
C GLY F 77 16.38 17.75 -0.57
N TYR F 78 16.68 17.53 -1.85
CA TYR F 78 15.83 18.02 -2.91
C TYR F 78 15.52 16.94 -3.89
N ARG F 79 14.27 16.90 -4.34
CA ARG F 79 13.94 16.17 -5.56
C ARG F 79 12.84 16.94 -6.26
N VAL F 80 13.20 17.47 -7.43
CA VAL F 80 12.29 18.19 -8.32
C VAL F 80 11.78 17.29 -9.44
N GLN F 81 10.55 16.81 -9.31
CA GLN F 81 9.94 16.00 -10.37
C GLN F 81 9.24 16.95 -11.36
N PHE F 82 9.92 17.24 -12.46
CA PHE F 82 9.51 18.32 -13.36
C PHE F 82 8.48 17.90 -14.41
N ASN F 83 8.78 16.84 -15.14
CA ASN F 83 7.85 16.36 -16.14
C ASN F 83 7.85 14.83 -16.27
N GLY F 84 6.66 14.25 -16.23
CA GLY F 84 6.50 12.80 -16.22
C GLY F 84 5.52 12.29 -17.26
N ALA F 85 5.39 13.03 -18.36
CA ALA F 85 4.39 12.74 -19.37
C ALA F 85 4.86 11.63 -20.30
N ILE F 86 6.15 11.53 -20.51
CA ILE F 86 6.63 10.52 -21.43
C ILE F 86 7.47 9.47 -20.71
N GLY F 87 7.21 9.32 -19.41
CA GLY F 87 7.92 8.32 -18.63
C GLY F 87 8.11 8.65 -17.17
N PRO F 88 8.82 7.78 -16.47
CA PRO F 88 9.05 7.99 -15.04
C PRO F 88 10.01 9.16 -14.86
N TYR F 89 9.78 10.02 -13.88
CA TYR F 89 10.78 11.02 -13.58
C TYR F 89 12.19 10.44 -13.68
N LYS F 90 13.03 11.03 -14.53
CA LYS F 90 14.42 10.62 -14.59
C LYS F 90 15.29 11.85 -14.50
N GLY F 91 16.53 11.65 -14.06
CA GLY F 91 17.42 12.75 -13.77
C GLY F 91 18.26 12.46 -12.56
N GLY F 92 19.52 12.84 -12.62
CA GLY F 92 20.46 12.59 -11.56
C GLY F 92 20.31 13.47 -10.32
N LEU F 93 21.22 13.22 -9.39
CA LEU F 93 21.25 13.85 -8.08
C LEU F 93 22.60 14.53 -7.91
N ARG F 94 22.58 15.80 -7.56
CA ARG F 94 23.82 16.51 -7.24
C ARG F 94 24.05 16.73 -5.73
N PHE F 95 25.20 16.31 -5.23
CA PHE F 95 25.60 16.64 -3.85
C PHE F 95 26.64 17.76 -3.84
N ALA F 96 26.20 18.98 -3.55
CA ALA F 96 27.11 20.12 -3.57
C ALA F 96 26.62 21.32 -2.73
N PRO F 97 27.53 21.90 -1.93
CA PRO F 97 27.20 22.95 -0.97
C PRO F 97 26.44 24.13 -1.59
N SER F 98 26.52 24.23 -2.92
CA SER F 98 25.88 25.34 -3.64
C SER F 98 24.44 25.03 -4.09
N VAL F 99 23.97 23.81 -3.85
CA VAL F 99 22.64 23.37 -4.28
C VAL F 99 21.46 24.11 -3.65
N ASN F 100 20.43 24.35 -4.45
CA ASN F 100 19.18 24.97 -4.00
C ASN F 100 18.08 24.69 -5.00
N LEU F 101 16.88 25.22 -4.75
CA LEU F 101 15.72 24.95 -5.62
C LEU F 101 15.94 25.52 -7.01
N SER F 102 16.44 26.75 -7.05
CA SER F 102 16.74 27.40 -8.32
C SER F 102 17.56 26.45 -9.18
N ILE F 103 18.63 25.91 -8.62
CA ILE F 103 19.50 25.04 -9.39
C ILE F 103 18.85 23.70 -9.76
N MET F 104 18.24 23.05 -8.76
CA MET F 104 17.44 21.85 -9.00
C MET F 104 16.36 22.10 -10.07
N LYS F 105 15.74 23.27 -10.06
CA LYS F 105 14.74 23.59 -11.07
C LYS F 105 15.35 23.77 -12.45
N PHE F 106 16.41 24.55 -12.56
CA PHE F 106 16.98 24.74 -13.89
C PHE F 106 17.48 23.40 -14.44
N LEU F 107 18.17 22.61 -13.63
CA LEU F 107 18.64 21.33 -14.12
C LEU F 107 17.48 20.38 -14.48
N GLY F 108 16.45 20.33 -13.64
CA GLY F 108 15.30 19.49 -13.90
C GLY F 108 14.66 19.79 -15.24
N PHE F 109 14.29 21.05 -15.42
CA PHE F 109 13.67 21.55 -16.64
C PHE F 109 14.39 21.10 -17.90
N GLU F 110 15.71 21.25 -17.89
CA GLU F 110 16.50 20.83 -19.04
C GLU F 110 16.60 19.32 -19.16
N GLN F 111 16.47 18.61 -18.03
CA GLN F 111 16.59 17.15 -18.04
C GLN F 111 15.34 16.54 -18.68
N ALA F 112 14.21 17.21 -18.51
CA ALA F 112 12.98 16.79 -19.16
C ALA F 112 13.20 16.68 -20.66
N PHE F 113 14.09 17.54 -21.17
CA PHE F 113 14.30 17.70 -22.62
C PHE F 113 15.42 16.84 -23.19
N LYS F 114 16.60 16.80 -22.55
CA LYS F 114 17.62 15.81 -22.94
C LYS F 114 16.88 14.47 -22.97
N ASP F 115 16.21 14.17 -21.87
CA ASP F 115 15.45 12.94 -21.73
C ASP F 115 14.51 12.68 -22.89
N SER F 116 13.51 13.55 -23.08
CA SER F 116 12.62 13.40 -24.22
C SER F 116 13.42 13.21 -25.50
N LEU F 117 14.36 14.12 -25.73
CA LEU F 117 15.25 14.04 -26.88
C LEU F 117 15.70 12.61 -27.22
N THR F 118 15.99 11.78 -26.21
CA THR F 118 16.55 10.46 -26.47
C THR F 118 15.63 9.46 -27.21
N THR F 119 14.34 9.75 -27.26
CA THR F 119 13.32 8.81 -27.75
C THR F 119 12.96 7.67 -26.80
N LEU F 120 13.71 7.52 -25.72
CA LEU F 120 13.36 6.54 -24.71
C LEU F 120 12.26 7.13 -23.81
N PRO F 121 11.40 6.27 -23.23
CA PRO F 121 10.38 6.83 -22.35
C PRO F 121 10.98 7.28 -21.01
N MET F 122 11.49 8.50 -20.96
CA MET F 122 12.01 9.07 -19.71
C MET F 122 11.52 10.48 -19.52
N GLY F 123 10.87 10.73 -18.39
CA GLY F 123 10.50 12.08 -18.00
C GLY F 123 11.68 12.80 -17.38
N GLY F 124 11.41 13.92 -16.74
CA GLY F 124 12.50 14.76 -16.27
C GLY F 124 12.41 15.19 -14.83
N ALA F 125 13.54 15.13 -14.16
CA ALA F 125 13.64 15.56 -12.78
C ALA F 125 15.11 15.73 -12.39
N LYS F 126 15.37 16.57 -11.39
CA LYS F 126 16.72 16.69 -10.84
C LYS F 126 16.62 16.77 -9.32
N GLY F 127 17.67 16.38 -8.63
CA GLY F 127 17.62 16.33 -7.18
C GLY F 127 19.00 16.33 -6.59
N GLY F 128 19.06 16.34 -5.26
CA GLY F 128 20.32 16.30 -4.55
C GLY F 128 20.23 16.93 -3.17
N SER F 129 21.36 17.45 -2.71
CA SER F 129 21.48 18.05 -1.38
C SER F 129 22.56 19.13 -1.37
N ASP F 130 22.47 20.07 -0.42
CA ASP F 130 23.61 20.95 -0.14
C ASP F 130 24.72 20.26 0.64
N PHE F 131 24.54 18.98 0.94
CA PHE F 131 25.63 18.16 1.42
C PHE F 131 26.87 18.33 0.55
N ASP F 132 28.05 18.39 1.17
CA ASP F 132 29.28 18.46 0.40
C ASP F 132 30.19 17.31 0.72
N PRO F 133 30.36 16.40 -0.24
CA PRO F 133 31.15 15.17 -0.05
C PRO F 133 32.64 15.46 0.15
N ASN F 134 33.04 16.70 -0.05
CA ASN F 134 34.46 17.06 -0.04
C ASN F 134 34.97 17.08 1.38
N GLY F 135 35.98 16.25 1.63
CA GLY F 135 36.57 16.11 2.96
C GLY F 135 35.78 15.16 3.85
N LYS F 136 34.85 14.43 3.24
CA LYS F 136 34.02 13.50 3.98
C LYS F 136 34.44 12.06 3.72
N SER F 137 34.55 11.28 4.78
CA SER F 137 35.09 9.93 4.67
C SER F 137 34.13 8.99 3.94
N ASP F 138 34.71 7.87 3.51
CA ASP F 138 33.99 6.80 2.85
C ASP F 138 32.71 6.46 3.61
N ARG F 139 32.79 6.50 4.94
CA ARG F 139 31.74 5.97 5.79
C ARG F 139 30.79 7.06 6.25
N GLU F 140 31.16 8.30 6.00
CA GLU F 140 30.27 9.42 6.30
C GLU F 140 29.32 9.64 5.13
N VAL F 141 29.83 9.43 3.93
CA VAL F 141 29.00 9.47 2.76
C VAL F 141 27.94 8.40 2.86
N MET F 142 28.33 7.21 3.33
CA MET F 142 27.37 6.13 3.52
C MET F 142 26.24 6.57 4.43
N ARG F 143 26.58 6.97 5.64
CA ARG F 143 25.56 7.32 6.63
C ARG F 143 24.67 8.43 6.11
N PHE F 144 25.26 9.32 5.31
CA PHE F 144 24.46 10.41 4.73
C PHE F 144 23.48 9.90 3.68
N CYS F 145 24.00 9.16 2.69
CA CYS F 145 23.17 8.51 1.69
C CYS F 145 22.02 7.76 2.34
N GLN F 146 22.28 7.01 3.41
CA GLN F 146 21.19 6.33 4.08
C GLN F 146 20.15 7.32 4.58
N ALA F 147 20.57 8.38 5.25
CA ALA F 147 19.59 9.32 5.80
C ALA F 147 18.82 9.99 4.66
N PHE F 148 19.45 10.07 3.50
CA PHE F 148 18.92 10.82 2.38
C PHE F 148 17.78 10.02 1.81
N MET F 149 18.08 8.76 1.50
CA MET F 149 17.16 7.78 0.95
C MET F 149 16.05 7.39 1.94
N THR F 150 16.28 7.61 3.23
CA THR F 150 15.32 7.15 4.20
C THR F 150 14.06 7.99 4.02
N GLU F 151 14.22 9.19 3.48
CA GLU F 151 13.05 9.97 3.09
C GLU F 151 12.69 9.78 1.61
N LEU F 152 13.69 9.79 0.74
CA LEU F 152 13.47 9.89 -0.70
C LEU F 152 12.71 8.71 -1.30
N TYR F 153 12.88 7.53 -0.69
CA TYR F 153 12.35 6.29 -1.20
C TYR F 153 10.84 6.36 -1.41
N ARG F 154 10.17 7.15 -0.58
CA ARG F 154 8.72 7.16 -0.61
C ARG F 154 8.22 7.96 -1.81
N HIS F 155 9.14 8.58 -2.55
CA HIS F 155 8.80 9.48 -3.66
C HIS F 155 9.30 8.96 -5.00
N ILE F 156 10.13 7.90 -4.95
CA ILE F 156 10.70 7.34 -6.17
C ILE F 156 10.39 5.86 -6.40
N GLY F 157 11.07 5.27 -7.38
CA GLY F 157 10.89 3.86 -7.72
C GLY F 157 10.93 3.59 -9.21
N PRO F 158 11.15 2.32 -9.60
CA PRO F 158 11.38 1.97 -11.02
C PRO F 158 10.31 2.53 -11.95
N ASP F 159 9.08 2.68 -11.45
CA ASP F 159 7.94 3.14 -12.26
C ASP F 159 7.52 4.59 -12.04
N ILE F 160 8.20 5.26 -11.13
CA ILE F 160 7.80 6.57 -10.66
C ILE F 160 8.89 7.60 -11.00
N ASP F 161 10.02 7.49 -10.30
CA ASP F 161 11.16 8.41 -10.45
C ASP F 161 12.47 7.62 -10.28
N VAL F 162 13.42 7.85 -11.18
CA VAL F 162 14.62 7.04 -11.26
C VAL F 162 15.85 7.95 -11.32
N PRO F 163 16.47 8.20 -10.17
CA PRO F 163 17.66 9.04 -10.11
C PRO F 163 18.94 8.34 -10.58
N ALA F 164 19.97 9.15 -10.76
CA ALA F 164 21.29 8.69 -11.16
C ALA F 164 22.30 9.64 -10.58
N GLY F 165 23.48 9.70 -11.20
CA GLY F 165 24.58 10.49 -10.69
C GLY F 165 24.70 11.88 -11.29
N ASP F 166 25.77 12.56 -10.88
CA ASP F 166 26.03 13.94 -11.26
C ASP F 166 27.20 14.34 -10.40
N LEU F 167 27.28 15.63 -10.08
CA LEU F 167 28.31 16.13 -9.20
C LEU F 167 28.15 15.62 -7.76
N GLY F 168 29.09 14.80 -7.33
CA GLY F 168 29.10 14.31 -5.97
C GLY F 168 28.32 13.02 -5.79
N VAL F 169 27.73 12.53 -6.86
CA VAL F 169 27.02 11.26 -6.81
C VAL F 169 27.58 10.32 -7.88
N GLY F 170 28.42 9.38 -7.45
CA GLY F 170 29.00 8.39 -8.34
C GLY F 170 28.51 6.98 -8.00
N ALA F 171 29.04 6.00 -8.72
CA ALA F 171 28.68 4.61 -8.47
C ALA F 171 28.73 4.29 -6.98
N ARG F 172 29.69 4.92 -6.30
CA ARG F 172 29.79 4.77 -4.87
C ARG F 172 28.51 5.24 -4.18
N GLU F 173 28.17 6.50 -4.35
CA GLU F 173 27.00 7.06 -3.67
C GLU F 173 25.69 6.38 -4.02
N ILE F 174 25.56 5.95 -5.28
CA ILE F 174 24.36 5.25 -5.75
C ILE F 174 24.16 3.87 -5.10
N GLY F 175 25.26 3.14 -4.92
CA GLY F 175 25.23 1.87 -4.21
C GLY F 175 24.73 1.97 -2.78
N TYR F 176 25.26 2.94 -2.03
CA TYR F 176 24.79 3.23 -0.68
C TYR F 176 23.32 3.56 -0.69
N MET F 177 22.91 4.41 -1.64
CA MET F 177 21.50 4.78 -1.72
C MET F 177 20.64 3.58 -2.05
N TYR F 178 21.10 2.75 -2.99
CA TYR F 178 20.31 1.60 -3.39
C TYR F 178 20.18 0.64 -2.20
N GLY F 179 21.31 0.34 -1.58
CA GLY F 179 21.33 -0.47 -0.37
C GLY F 179 20.27 -0.07 0.64
N GLN F 180 20.18 1.23 0.93
CA GLN F 180 19.19 1.68 1.89
C GLN F 180 17.78 1.45 1.34
N TYR F 181 17.56 1.76 0.06
CA TYR F 181 16.26 1.52 -0.60
C TYR F 181 15.76 0.08 -0.48
N ARG F 182 16.63 -0.85 -0.84
CA ARG F 182 16.36 -2.26 -0.70
C ARG F 182 15.96 -2.64 0.73
N LYS F 183 16.70 -2.16 1.72
CA LYS F 183 16.42 -2.50 3.11
C LYS F 183 15.05 -1.94 3.54
N ILE F 184 14.80 -0.66 3.26
CA ILE F 184 13.50 -0.07 3.56
C ILE F 184 12.27 -0.75 2.87
N VAL F 185 12.29 -0.91 1.54
CA VAL F 185 11.10 -1.40 0.81
C VAL F 185 10.99 -2.91 0.68
N GLY F 186 12.08 -3.62 0.95
CA GLY F 186 12.05 -5.06 1.08
C GLY F 186 11.95 -5.92 -0.17
N GLY F 187 12.33 -5.37 -1.32
CA GLY F 187 12.30 -6.07 -2.59
C GLY F 187 13.59 -5.74 -3.33
N PHE F 188 13.69 -6.09 -4.60
CA PHE F 188 14.87 -5.82 -5.42
C PHE F 188 14.74 -4.43 -6.05
N TYR F 189 13.72 -4.30 -6.90
CA TYR F 189 13.38 -3.07 -7.57
C TYR F 189 14.63 -2.30 -8.01
N ASN F 190 15.62 -3.03 -8.49
CA ASN F 190 16.88 -2.42 -8.84
C ASN F 190 16.82 -1.45 -10.02
N GLY F 191 15.60 -1.19 -10.49
CA GLY F 191 15.40 -0.22 -11.55
C GLY F 191 15.20 1.19 -11.01
N VAL F 192 15.28 1.32 -9.69
CA VAL F 192 15.02 2.59 -9.01
C VAL F 192 16.12 3.64 -9.23
N LEU F 193 17.32 3.16 -9.52
CA LEU F 193 18.44 4.04 -9.81
C LEU F 193 19.21 3.52 -11.01
N THR F 194 20.02 4.38 -11.60
CA THR F 194 20.93 3.99 -12.68
C THR F 194 22.30 4.54 -12.33
N GLY F 195 23.33 4.03 -13.01
CA GLY F 195 24.70 4.32 -12.63
C GLY F 195 25.18 3.27 -11.64
N LYS F 196 24.38 2.20 -11.54
CA LYS F 196 24.63 1.10 -10.65
C LYS F 196 25.88 0.31 -11.05
N ALA F 197 26.41 -0.48 -10.12
CA ALA F 197 27.48 -1.43 -10.41
C ALA F 197 26.94 -2.68 -11.13
N ARG F 198 27.76 -3.29 -11.97
CA ARG F 198 27.35 -4.47 -12.72
C ARG F 198 26.65 -5.52 -11.83
N SER F 199 27.20 -5.74 -10.63
CA SER F 199 26.74 -6.81 -9.74
C SER F 199 25.27 -6.78 -9.38
N PHE F 200 24.66 -5.60 -9.34
CA PHE F 200 23.23 -5.52 -9.04
C PHE F 200 22.41 -4.75 -10.07
N GLY F 201 22.76 -4.91 -11.35
CA GLY F 201 21.89 -4.45 -12.42
C GLY F 201 22.47 -3.32 -13.24
N GLY F 202 23.69 -2.91 -12.91
CA GLY F 202 24.39 -1.93 -13.71
C GLY F 202 24.38 -2.38 -15.17
N SER F 203 24.93 -1.56 -16.06
CA SER F 203 24.85 -1.88 -17.46
C SER F 203 26.21 -1.94 -18.13
N LEU F 204 26.39 -2.94 -19.00
CA LEU F 204 27.54 -2.96 -19.90
C LEU F 204 27.42 -1.79 -20.89
N ILE F 205 28.57 -1.25 -21.30
CA ILE F 205 28.61 -0.10 -22.20
C ILE F 205 28.37 1.25 -21.49
N ARG F 206 28.08 1.23 -20.20
CA ARG F 206 27.86 2.49 -19.48
C ARG F 206 29.07 3.42 -19.51
N PRO F 207 30.26 2.94 -19.10
CA PRO F 207 31.45 3.80 -19.11
C PRO F 207 31.72 4.41 -20.50
N GLU F 208 31.40 3.65 -21.55
CA GLU F 208 31.67 4.05 -22.93
C GLU F 208 30.56 4.88 -23.55
N ALA F 209 29.41 4.90 -22.90
CA ALA F 209 28.18 5.52 -23.45
C ALA F 209 28.35 6.87 -24.14
N THR F 210 28.97 7.82 -23.46
CA THR F 210 29.03 9.17 -23.97
C THR F 210 29.93 9.26 -25.20
N GLY F 211 31.13 8.72 -25.10
CA GLY F 211 32.13 8.82 -26.17
C GLY F 211 31.80 7.96 -27.37
N TYR F 212 31.19 6.80 -27.14
CA TYR F 212 30.67 6.00 -28.23
C TYR F 212 29.56 6.77 -28.90
N GLY F 213 28.65 7.30 -28.10
CA GLY F 213 27.52 8.05 -28.61
C GLY F 213 27.92 9.26 -29.43
N LEU F 214 28.95 9.96 -28.98
CA LEU F 214 29.45 11.11 -29.70
C LEU F 214 29.78 10.73 -31.14
N VAL F 215 30.75 9.83 -31.30
CA VAL F 215 31.07 9.24 -32.59
C VAL F 215 29.84 8.85 -33.42
N TYR F 216 28.95 8.02 -32.88
CA TYR F 216 27.74 7.64 -33.62
C TYR F 216 26.99 8.88 -34.12
N PHE F 217 26.82 9.87 -33.26
CA PHE F 217 26.06 11.04 -33.65
C PHE F 217 26.73 11.81 -34.77
N THR F 218 28.02 12.10 -34.63
CA THR F 218 28.69 12.92 -35.63
C THR F 218 28.70 12.22 -36.99
N GLU F 219 28.78 10.90 -36.98
CA GLU F 219 28.70 10.12 -38.21
C GLU F 219 27.41 10.38 -38.97
N ALA F 220 26.28 10.24 -38.31
CA ALA F 220 25.01 10.52 -38.98
C ALA F 220 25.06 11.94 -39.50
N MET F 221 25.50 12.87 -38.66
CA MET F 221 25.64 14.26 -39.07
C MET F 221 26.52 14.40 -40.31
N LEU F 222 27.58 13.60 -40.36
CA LEU F 222 28.61 13.70 -41.40
C LEU F 222 28.15 13.11 -42.72
N LYS F 223 27.22 12.16 -42.66
CA LYS F 223 26.71 11.49 -43.84
C LYS F 223 25.69 12.35 -44.60
N ARG F 224 24.80 12.99 -43.85
CA ARG F 224 23.81 13.90 -44.44
C ARG F 224 24.51 15.11 -45.03
N HIS F 225 25.83 15.03 -45.07
CA HIS F 225 26.68 16.11 -45.56
C HIS F 225 27.93 15.52 -46.19
N GLY F 226 27.75 14.43 -46.94
CA GLY F 226 28.81 13.89 -47.76
C GLY F 226 29.64 12.79 -47.16
N MET F 227 30.33 13.06 -46.05
CA MET F 227 31.38 12.16 -45.63
C MET F 227 31.15 11.45 -44.29
N GLY F 228 32.25 11.04 -43.67
CA GLY F 228 32.20 10.20 -42.49
C GLY F 228 33.59 10.09 -41.91
N PHE F 229 33.71 9.43 -40.77
CA PHE F 229 34.99 9.33 -40.06
C PHE F 229 36.04 8.59 -40.88
N GLU F 230 35.60 7.85 -41.88
CA GLU F 230 36.52 7.11 -42.76
C GLU F 230 37.71 7.93 -43.24
N GLY F 231 38.91 7.57 -42.77
CA GLY F 231 40.15 8.15 -43.23
C GLY F 231 40.35 9.61 -42.89
N MET F 232 39.45 10.17 -42.09
CA MET F 232 39.54 11.57 -41.69
C MET F 232 40.48 11.77 -40.51
N ARG F 233 40.98 12.99 -40.36
CA ARG F 233 41.83 13.33 -39.23
C ARG F 233 40.97 13.88 -38.09
N VAL F 234 41.17 13.34 -36.90
CA VAL F 234 40.36 13.71 -35.73
C VAL F 234 41.16 14.30 -34.56
N SER F 235 40.66 15.39 -34.02
CA SER F 235 41.23 15.97 -32.78
C SER F 235 40.28 15.78 -31.59
N VAL F 236 40.77 15.10 -30.55
CA VAL F 236 39.96 14.94 -29.35
C VAL F 236 40.71 15.57 -28.18
N SER F 237 39.97 16.24 -27.31
CA SER F 237 40.54 16.84 -26.11
C SER F 237 39.97 16.20 -24.85
N GLY F 238 40.85 15.94 -23.89
CA GLY F 238 40.46 15.32 -22.66
C GLY F 238 41.02 13.91 -22.60
N SER F 239 41.10 13.35 -21.40
CA SER F 239 41.54 11.97 -21.23
C SER F 239 40.50 11.16 -20.46
N GLY F 240 39.26 11.64 -20.47
CA GLY F 240 38.20 11.02 -19.69
C GLY F 240 37.44 9.90 -20.37
N ASN F 241 36.48 9.34 -19.65
CA ASN F 241 35.59 8.34 -20.20
C ASN F 241 34.99 8.81 -21.55
N VAL F 242 34.69 10.10 -21.66
CA VAL F 242 34.17 10.64 -22.90
C VAL F 242 35.27 10.58 -23.93
N ALA F 243 36.41 11.21 -23.60
CA ALA F 243 37.56 11.25 -24.49
C ALA F 243 37.96 9.86 -24.95
N GLN F 244 38.40 9.03 -24.01
CA GLN F 244 38.90 7.68 -24.30
C GLN F 244 38.03 6.89 -25.29
N TYR F 245 36.73 6.90 -25.04
CA TYR F 245 35.82 6.06 -25.78
C TYR F 245 35.32 6.75 -27.05
N ALA F 246 35.58 8.05 -27.18
CA ALA F 246 35.33 8.70 -28.46
C ALA F 246 36.44 8.26 -29.39
N ILE F 247 37.67 8.30 -28.89
CA ILE F 247 38.80 7.76 -29.62
C ILE F 247 38.56 6.29 -29.99
N GLU F 248 38.08 5.50 -29.03
CA GLU F 248 37.82 4.07 -29.27
C GLU F 248 36.88 3.86 -30.45
N LYS F 249 35.75 4.56 -30.46
CA LYS F 249 34.76 4.33 -31.51
C LYS F 249 35.15 4.96 -32.85
N ALA F 250 35.81 6.11 -32.80
CA ALA F 250 36.31 6.71 -34.03
C ALA F 250 37.27 5.75 -34.74
N MET F 251 38.15 5.09 -33.98
CA MET F 251 39.04 4.10 -34.58
C MET F 251 38.32 2.93 -35.28
N GLU F 252 37.14 2.56 -34.78
CA GLU F 252 36.39 1.48 -35.41
C GLU F 252 35.77 1.97 -36.72
N PHE F 253 35.86 3.27 -36.98
CA PHE F 253 35.34 3.85 -38.20
C PHE F 253 36.48 4.25 -39.13
N GLY F 254 37.65 3.67 -38.88
CA GLY F 254 38.80 3.91 -39.72
C GLY F 254 39.37 5.31 -39.63
N ALA F 255 38.99 6.03 -38.58
CA ALA F 255 39.48 7.38 -38.38
C ALA F 255 40.94 7.44 -37.94
N ARG F 256 41.55 8.61 -38.12
CA ARG F 256 42.92 8.85 -37.71
C ARG F 256 42.93 9.90 -36.60
N VAL F 257 42.75 9.46 -35.36
CA VAL F 257 42.66 10.36 -34.21
C VAL F 257 44.05 10.77 -33.74
N ILE F 258 44.33 12.07 -33.77
CA ILE F 258 45.70 12.53 -33.61
C ILE F 258 46.07 13.24 -32.29
N THR F 259 45.06 13.69 -31.54
CA THR F 259 45.32 14.30 -30.23
C THR F 259 44.58 13.70 -29.01
N ALA F 260 44.95 14.21 -27.84
CA ALA F 260 44.35 13.87 -26.56
C ALA F 260 45.05 14.79 -25.58
N SER F 261 44.34 15.31 -24.59
CA SER F 261 44.94 16.26 -23.66
C SER F 261 44.52 16.06 -22.22
N ASP F 262 45.27 16.66 -21.31
CA ASP F 262 44.78 16.89 -19.95
C ASP F 262 45.08 18.32 -19.52
N SER F 263 44.92 18.63 -18.23
CA SER F 263 45.13 19.98 -17.75
C SER F 263 46.55 20.46 -18.02
N SER F 264 47.44 19.54 -18.36
CA SER F 264 48.84 19.87 -18.59
C SER F 264 49.29 19.77 -20.06
N GLY F 265 48.35 19.83 -21.01
CA GLY F 265 48.71 19.90 -22.43
C GLY F 265 48.08 18.86 -23.34
N THR F 266 48.42 18.95 -24.63
CA THR F 266 47.88 18.05 -25.65
C THR F 266 48.94 17.07 -26.17
N VAL F 267 48.54 15.86 -26.52
CA VAL F 267 49.44 14.96 -27.23
C VAL F 267 49.08 14.98 -28.70
N VAL F 268 50.10 14.94 -29.55
CA VAL F 268 49.89 14.88 -30.98
C VAL F 268 50.48 13.59 -31.52
N ASP F 269 49.63 12.77 -32.12
CA ASP F 269 50.11 11.60 -32.83
C ASP F 269 49.69 11.69 -34.29
N GLU F 270 50.68 11.98 -35.13
CA GLU F 270 50.48 12.13 -36.57
C GLU F 270 50.06 10.81 -37.23
N SER F 271 50.55 9.70 -36.69
CA SER F 271 50.23 8.40 -37.28
C SER F 271 48.86 7.90 -36.82
N GLY F 272 48.33 8.52 -35.77
CA GLY F 272 47.02 8.19 -35.26
C GLY F 272 47.03 7.18 -34.11
N PHE F 273 45.97 7.21 -33.31
CA PHE F 273 45.86 6.27 -32.22
C PHE F 273 45.70 4.84 -32.76
N THR F 274 46.30 3.89 -32.08
CA THR F 274 46.09 2.48 -32.37
C THR F 274 45.32 1.89 -31.20
N LYS F 275 44.85 0.66 -31.36
CA LYS F 275 44.11 -0.01 -30.29
C LYS F 275 45.03 -0.32 -29.10
N GLU F 276 46.32 -0.51 -29.36
CA GLU F 276 47.29 -0.71 -28.30
C GLU F 276 47.62 0.60 -27.60
N LYS F 277 47.76 1.67 -28.37
CA LYS F 277 48.10 2.98 -27.85
C LYS F 277 47.04 3.56 -26.91
N LEU F 278 45.77 3.33 -27.22
CA LEU F 278 44.71 3.80 -26.34
C LEU F 278 44.76 3.05 -25.01
N ALA F 279 44.73 1.72 -25.09
CA ALA F 279 44.79 0.83 -23.93
C ALA F 279 45.79 1.31 -22.88
N ARG F 280 46.97 1.73 -23.35
CA ARG F 280 48.06 2.11 -22.47
C ARG F 280 47.94 3.55 -21.99
N LEU F 281 47.09 4.33 -22.66
CA LEU F 281 46.78 5.68 -22.18
C LEU F 281 45.70 5.61 -21.12
N ILE F 282 44.70 4.76 -21.36
CA ILE F 282 43.63 4.51 -20.39
C ILE F 282 44.19 3.99 -19.06
N GLU F 283 45.12 3.04 -19.14
CA GLU F 283 45.83 2.57 -17.96
C GLU F 283 46.40 3.74 -17.16
N ILE F 284 47.14 4.61 -17.84
CA ILE F 284 47.79 5.73 -17.19
C ILE F 284 46.80 6.73 -16.59
N LYS F 285 46.07 7.42 -17.44
CA LYS F 285 45.17 8.49 -16.99
C LYS F 285 44.14 7.98 -15.97
N ALA F 286 44.17 6.68 -15.70
CA ALA F 286 43.47 6.15 -14.54
C ALA F 286 44.52 5.57 -13.60
N SER F 287 45.19 6.46 -12.87
CA SER F 287 46.25 6.06 -11.96
C SER F 287 47.02 7.25 -11.38
N ARG F 288 46.28 8.24 -10.86
CA ARG F 288 46.92 9.42 -10.26
C ARG F 288 48.21 9.00 -9.56
N ASP F 289 49.31 9.69 -9.84
CA ASP F 289 49.32 10.82 -10.75
C ASP F 289 50.20 10.62 -11.99
N GLY F 290 49.78 9.72 -12.87
CA GLY F 290 50.38 9.57 -14.18
C GLY F 290 49.56 10.41 -15.13
N ARG F 291 50.20 11.06 -16.09
CA ARG F 291 49.48 11.99 -16.94
C ARG F 291 49.80 11.87 -18.43
N VAL F 292 48.98 12.54 -19.24
CA VAL F 292 49.12 12.58 -20.70
C VAL F 292 50.58 12.55 -21.15
N ALA F 293 51.44 13.25 -20.41
CA ALA F 293 52.86 13.37 -20.76
C ALA F 293 53.58 12.03 -20.76
N ASP F 294 53.38 11.23 -19.72
CA ASP F 294 54.02 9.93 -19.60
C ASP F 294 53.60 9.01 -20.73
N TYR F 295 52.39 9.21 -21.25
CA TYR F 295 51.91 8.42 -22.37
C TYR F 295 52.74 8.78 -23.59
N ALA F 296 53.01 10.08 -23.75
CA ALA F 296 53.80 10.56 -24.87
C ALA F 296 55.26 10.11 -24.78
N LYS F 297 55.93 10.42 -23.68
CA LYS F 297 57.34 10.09 -23.52
C LYS F 297 57.59 8.60 -23.71
N GLU F 298 56.53 7.82 -23.55
CA GLU F 298 56.64 6.36 -23.56
C GLU F 298 56.44 5.82 -24.97
N PHE F 299 55.89 6.66 -25.84
CA PHE F 299 55.64 6.24 -27.22
C PHE F 299 56.36 7.15 -28.23
N GLY F 300 57.16 8.07 -27.71
CA GLY F 300 57.86 9.02 -28.56
C GLY F 300 56.91 9.83 -29.42
N LEU F 301 55.82 10.28 -28.81
CA LEU F 301 54.84 11.10 -29.51
C LEU F 301 55.12 12.55 -29.16
N VAL F 302 54.41 13.47 -29.81
CA VAL F 302 54.57 14.90 -29.56
C VAL F 302 53.70 15.39 -28.40
N TYR F 303 54.26 16.25 -27.57
CA TYR F 303 53.55 16.76 -26.40
C TYR F 303 53.64 18.29 -26.31
N LEU F 304 52.49 18.96 -26.40
CA LEU F 304 52.42 20.42 -26.31
C LEU F 304 51.98 20.86 -24.92
N GLU F 305 52.96 21.11 -24.05
CA GLU F 305 52.70 21.49 -22.66
C GLU F 305 51.92 22.79 -22.48
N GLY F 306 50.86 22.76 -21.67
CA GLY F 306 50.09 23.96 -21.40
C GLY F 306 49.30 24.50 -22.58
N GLN F 307 48.91 23.63 -23.51
CA GLN F 307 48.03 24.04 -24.62
C GLN F 307 47.09 22.95 -25.12
N GLN F 308 46.12 23.38 -25.93
CA GLN F 308 45.03 22.53 -26.41
C GLN F 308 45.17 22.15 -27.90
N PRO F 309 44.50 21.05 -28.30
CA PRO F 309 44.69 20.46 -29.64
C PRO F 309 44.07 21.30 -30.76
N TRP F 310 43.78 22.57 -30.49
CA TRP F 310 43.01 23.36 -31.45
C TRP F 310 43.82 23.96 -32.60
N SER F 311 45.12 24.13 -32.39
CA SER F 311 46.00 24.64 -33.44
C SER F 311 46.35 23.49 -34.39
N LEU F 312 45.86 22.30 -34.07
CA LEU F 312 46.13 21.09 -34.81
C LEU F 312 45.16 20.91 -35.97
N PRO F 313 45.70 20.94 -37.19
CA PRO F 313 44.95 20.79 -38.44
C PRO F 313 44.29 19.42 -38.52
N VAL F 314 42.96 19.42 -38.74
CA VAL F 314 42.15 18.22 -38.68
C VAL F 314 40.85 18.43 -39.43
N ASP F 315 40.21 17.32 -39.81
CA ASP F 315 38.90 17.38 -40.44
C ASP F 315 37.82 17.56 -39.39
N ILE F 316 38.08 17.02 -38.20
CA ILE F 316 37.06 16.80 -37.19
C ILE F 316 37.55 17.03 -35.77
N ALA F 317 36.92 17.98 -35.07
CA ALA F 317 37.26 18.25 -33.66
C ALA F 317 36.15 17.86 -32.67
N LEU F 318 36.53 17.01 -31.71
CA LEU F 318 35.63 16.53 -30.66
C LEU F 318 36.17 16.98 -29.31
N PRO F 319 35.65 18.10 -28.81
CA PRO F 319 36.02 18.63 -27.48
C PRO F 319 35.36 17.82 -26.37
N CYS F 320 36.18 17.20 -25.51
CA CYS F 320 35.66 16.26 -24.53
C CYS F 320 36.14 16.53 -23.10
N ALA F 321 36.62 17.75 -22.82
CA ALA F 321 37.18 18.06 -21.50
C ALA F 321 36.24 18.81 -20.53
N THR F 322 36.11 20.13 -20.70
CA THR F 322 35.27 20.93 -19.82
C THR F 322 34.45 21.99 -20.56
N GLN F 323 33.90 22.95 -19.81
CA GLN F 323 32.99 23.94 -20.38
C GLN F 323 33.75 25.18 -20.84
N ASN F 324 33.37 25.69 -22.02
CA ASN F 324 34.08 26.79 -22.63
C ASN F 324 35.57 26.47 -22.71
N GLU F 325 35.90 25.42 -23.46
CA GLU F 325 37.28 24.97 -23.65
C GLU F 325 37.73 25.21 -25.09
N LEU F 326 36.79 25.49 -25.97
CA LEU F 326 37.07 25.88 -27.35
C LEU F 326 36.46 27.25 -27.60
N ASP F 327 37.28 28.29 -27.45
CA ASP F 327 36.81 29.69 -27.46
C ASP F 327 36.95 30.44 -28.80
N VAL F 328 37.12 31.76 -28.68
CA VAL F 328 37.04 32.70 -29.79
C VAL F 328 38.24 32.65 -30.74
N ASP F 329 39.41 33.04 -30.23
CA ASP F 329 40.63 33.10 -31.03
C ASP F 329 41.11 31.73 -31.46
N ALA F 330 40.76 30.71 -30.67
CA ALA F 330 41.11 29.33 -30.99
C ALA F 330 40.13 28.75 -32.01
N ALA F 331 38.90 29.24 -32.01
CA ALA F 331 37.92 28.79 -32.99
C ALA F 331 38.40 29.11 -34.41
N HIS F 332 39.30 30.08 -34.52
CA HIS F 332 39.81 30.51 -35.82
C HIS F 332 40.79 29.51 -36.42
N GLN F 333 41.77 29.08 -35.63
CA GLN F 333 42.74 28.09 -36.09
C GLN F 333 42.03 26.92 -36.76
N LEU F 334 41.15 26.26 -36.02
CA LEU F 334 40.32 25.21 -36.58
C LEU F 334 39.83 25.62 -37.97
N ILE F 335 39.13 26.75 -38.05
CA ILE F 335 38.56 27.23 -39.30
C ILE F 335 39.64 27.52 -40.34
N ALA F 336 40.69 28.21 -39.92
CA ALA F 336 41.87 28.40 -40.76
C ALA F 336 42.25 27.08 -41.41
N ASN F 337 42.58 26.10 -40.58
CA ASN F 337 42.98 24.76 -41.05
C ASN F 337 41.85 23.94 -41.65
N GLY F 338 40.69 24.58 -41.82
CA GLY F 338 39.63 24.04 -42.64
C GLY F 338 38.88 22.86 -42.07
N VAL F 339 38.74 22.82 -40.74
CA VAL F 339 37.99 21.74 -40.10
C VAL F 339 36.60 21.63 -40.68
N LYS F 340 36.19 20.42 -41.02
CA LYS F 340 34.93 20.21 -41.70
C LYS F 340 33.79 20.15 -40.68
N ALA F 341 34.06 19.58 -39.50
CA ALA F 341 33.00 19.33 -38.51
C ALA F 341 33.44 19.30 -37.06
N VAL F 342 32.67 19.93 -36.18
CA VAL F 342 32.96 19.93 -34.75
C VAL F 342 31.75 19.41 -33.98
N ALA F 343 32.01 18.49 -33.04
CA ALA F 343 30.95 17.85 -32.27
C ALA F 343 31.36 17.80 -30.81
N GLU F 344 30.52 18.30 -29.92
CA GLU F 344 30.90 18.35 -28.50
C GLU F 344 30.46 17.17 -27.61
N GLY F 345 31.44 16.40 -27.15
CA GLY F 345 31.22 15.31 -26.21
C GLY F 345 31.19 15.77 -24.75
N ALA F 346 31.99 16.78 -24.43
CA ALA F 346 31.97 17.41 -23.11
C ALA F 346 30.76 18.30 -22.90
N ASN F 347 30.78 19.05 -21.82
CA ASN F 347 29.61 19.86 -21.44
C ASN F 347 29.78 21.32 -21.83
N MET F 348 29.01 21.76 -22.83
CA MET F 348 29.11 23.14 -23.35
C MET F 348 30.54 23.64 -23.53
N PRO F 349 31.41 22.84 -24.19
CA PRO F 349 32.81 23.25 -24.36
C PRO F 349 32.97 24.38 -25.35
N THR F 350 31.97 24.58 -26.20
CA THR F 350 32.04 25.60 -27.25
C THR F 350 31.48 26.95 -26.78
N THR F 351 32.33 27.97 -26.71
CA THR F 351 31.90 29.29 -26.26
C THR F 351 30.90 29.86 -27.25
N ILE F 352 29.94 30.63 -26.75
CA ILE F 352 28.86 31.12 -27.58
C ILE F 352 29.41 31.91 -28.76
N GLU F 353 30.66 32.35 -28.61
CA GLU F 353 31.40 32.96 -29.72
C GLU F 353 31.88 31.88 -30.68
N ALA F 354 32.72 30.96 -30.20
CA ALA F 354 33.05 29.75 -30.95
C ALA F 354 31.75 29.00 -31.22
N THR F 355 31.26 29.18 -32.44
CA THR F 355 29.84 29.11 -32.81
C THR F 355 29.57 30.55 -33.23
N GLU F 356 30.62 31.12 -33.83
CA GLU F 356 30.50 32.25 -34.73
C GLU F 356 30.79 31.70 -36.12
N LEU F 357 29.98 30.72 -36.55
CA LEU F 357 28.95 30.14 -35.70
C LEU F 357 28.67 28.61 -35.77
N PHE F 358 29.68 27.75 -35.88
CA PHE F 358 31.06 28.06 -36.23
C PHE F 358 30.93 28.69 -37.60
N GLN F 359 29.82 28.32 -38.24
CA GLN F 359 29.29 28.97 -39.44
C GLN F 359 28.45 30.16 -39.04
N GLN F 360 28.64 31.35 -39.63
CA GLN F 360 29.66 31.70 -40.63
C GLN F 360 30.22 30.58 -41.51
N ALA F 361 31.41 30.10 -41.17
CA ALA F 361 32.18 29.18 -42.02
C ALA F 361 31.41 28.05 -42.73
N GLY F 362 30.29 27.63 -42.16
CA GLY F 362 29.50 26.54 -42.72
C GLY F 362 29.99 25.18 -42.26
N VAL F 363 30.69 25.15 -41.13
CA VAL F 363 31.31 23.92 -40.60
C VAL F 363 30.33 23.14 -39.74
N LEU F 364 30.18 21.85 -40.06
CA LEU F 364 29.23 20.99 -39.36
C LEU F 364 29.39 21.06 -37.84
N PHE F 365 28.28 21.24 -37.14
CA PHE F 365 28.31 21.42 -35.69
C PHE F 365 27.23 20.62 -34.95
N ALA F 366 27.68 19.68 -34.12
CA ALA F 366 26.80 18.86 -33.29
C ALA F 366 26.88 19.31 -31.84
N PRO F 367 25.83 19.98 -31.36
CA PRO F 367 25.84 20.55 -30.02
C PRO F 367 25.79 19.42 -28.98
N GLY F 368 26.42 19.61 -27.84
CA GLY F 368 26.48 18.60 -26.81
C GLY F 368 25.11 18.14 -26.34
N LYS F 369 24.20 19.08 -26.16
CA LYS F 369 22.82 18.78 -25.81
C LYS F 369 22.44 17.43 -26.41
N ALA F 370 22.55 17.31 -27.73
CA ALA F 370 22.17 16.10 -28.46
C ALA F 370 23.32 15.09 -28.63
N ALA F 371 24.54 15.59 -28.73
CA ALA F 371 25.66 14.73 -29.10
C ALA F 371 26.22 13.91 -27.96
N ASN F 372 26.27 14.49 -26.75
CA ASN F 372 26.78 13.75 -25.61
C ASN F 372 25.69 13.01 -24.84
N ALA F 373 24.55 12.80 -25.49
CA ALA F 373 23.44 12.10 -24.83
C ALA F 373 23.64 10.59 -24.75
N GLY F 374 24.87 10.14 -24.98
CA GLY F 374 25.21 8.72 -24.85
C GLY F 374 24.81 8.13 -23.49
N GLY F 375 25.26 8.76 -22.41
CA GLY F 375 24.97 8.30 -21.07
C GLY F 375 23.50 8.34 -20.70
N VAL F 376 22.86 9.48 -20.91
CA VAL F 376 21.42 9.61 -20.72
C VAL F 376 20.65 8.50 -21.45
N ALA F 377 21.11 8.14 -22.64
CA ALA F 377 20.41 7.12 -23.42
C ALA F 377 20.64 5.73 -22.85
N THR F 378 21.89 5.38 -22.61
CA THR F 378 22.18 4.04 -22.13
C THR F 378 21.73 3.85 -20.66
N SER F 379 21.39 4.94 -19.99
CA SER F 379 20.79 4.83 -18.68
C SER F 379 19.36 4.35 -18.86
N GLY F 380 18.68 4.85 -19.89
CA GLY F 380 17.40 4.30 -20.26
C GLY F 380 17.53 2.81 -20.60
N LEU F 381 18.65 2.43 -21.22
CA LEU F 381 18.92 1.03 -21.52
C LEU F 381 19.05 0.18 -20.27
N GLU F 382 19.50 0.81 -19.19
CA GLU F 382 19.72 0.15 -17.91
C GLU F 382 18.37 -0.16 -17.32
N MET F 383 17.55 0.87 -17.15
CA MET F 383 16.17 0.72 -16.73
C MET F 383 15.55 -0.42 -17.50
N ALA F 384 15.84 -0.43 -18.79
CA ALA F 384 15.31 -1.43 -19.73
C ALA F 384 15.73 -2.84 -19.36
N GLN F 385 17.03 -3.12 -19.42
CA GLN F 385 17.53 -4.44 -19.05
C GLN F 385 16.99 -4.88 -17.69
N ASN F 386 16.97 -3.96 -16.73
CA ASN F 386 16.48 -4.28 -15.39
C ASN F 386 15.05 -4.80 -15.40
N ALA F 387 14.22 -4.17 -16.24
CA ALA F 387 12.80 -4.52 -16.39
C ALA F 387 12.67 -5.91 -17.02
N ALA F 388 13.62 -6.22 -17.89
CA ALA F 388 13.67 -7.48 -18.61
C ALA F 388 14.14 -8.61 -17.72
N ARG F 389 14.85 -8.25 -16.65
CA ARG F 389 15.38 -9.22 -15.69
C ARG F 389 16.51 -10.02 -16.25
N LEU F 390 17.29 -9.41 -17.11
CA LEU F 390 18.52 -10.03 -17.54
C LEU F 390 19.47 -8.99 -18.11
N GLY F 391 20.71 -9.39 -18.37
CA GLY F 391 21.75 -8.48 -18.82
C GLY F 391 22.16 -8.67 -20.28
N TRP F 392 21.96 -7.63 -21.08
CA TRP F 392 22.38 -7.64 -22.48
C TRP F 392 23.89 -7.62 -22.59
N LYS F 393 24.42 -8.29 -23.61
CA LYS F 393 25.84 -8.21 -23.94
C LYS F 393 26.19 -6.83 -24.49
N ALA F 394 27.44 -6.41 -24.28
CA ALA F 394 27.93 -5.12 -24.76
C ALA F 394 27.54 -4.87 -26.22
N GLU F 395 27.76 -5.88 -27.05
CA GLU F 395 27.39 -5.83 -28.46
C GLU F 395 25.97 -5.31 -28.64
N LYS F 396 25.07 -5.78 -27.76
CA LYS F 396 23.63 -5.52 -27.90
C LYS F 396 23.27 -4.13 -27.42
N VAL F 397 23.88 -3.71 -26.30
CA VAL F 397 23.66 -2.38 -25.78
C VAL F 397 24.29 -1.42 -26.78
N ASP F 398 25.51 -1.73 -27.17
CA ASP F 398 26.25 -0.91 -28.10
C ASP F 398 25.39 -0.70 -29.35
N ALA F 399 24.80 -1.78 -29.85
CA ALA F 399 23.96 -1.68 -31.02
C ALA F 399 22.79 -0.74 -30.78
N ARG F 400 22.06 -0.96 -29.69
CA ARG F 400 20.88 -0.16 -29.42
C ARG F 400 21.27 1.30 -29.26
N LEU F 401 22.42 1.55 -28.66
CA LEU F 401 22.89 2.92 -28.48
C LEU F 401 23.09 3.60 -29.84
N HIS F 402 23.59 2.84 -30.80
CA HIS F 402 23.88 3.34 -32.14
C HIS F 402 22.63 3.77 -32.91
N HIS F 403 21.60 2.93 -32.91
CA HIS F 403 20.35 3.31 -33.59
C HIS F 403 19.70 4.50 -32.91
N ILE F 404 19.83 4.57 -31.58
CA ILE F 404 19.27 5.66 -30.80
C ILE F 404 19.92 6.97 -31.17
N MET F 405 21.24 6.99 -31.12
CA MET F 405 21.94 8.22 -31.46
C MET F 405 21.54 8.65 -32.86
N THR F 406 21.56 7.71 -33.78
CA THR F 406 21.19 8.01 -35.15
C THR F 406 19.79 8.62 -35.19
N ASP F 407 18.85 7.96 -34.53
CA ASP F 407 17.49 8.48 -34.42
C ASP F 407 17.48 9.88 -33.82
N ILE F 408 18.46 10.16 -32.97
CA ILE F 408 18.55 11.48 -32.35
C ILE F 408 18.95 12.53 -33.39
N HIS F 409 19.99 12.25 -34.16
CA HIS F 409 20.33 13.14 -35.28
C HIS F 409 19.10 13.34 -36.15
N ASP F 410 18.60 12.24 -36.70
CA ASP F 410 17.56 12.31 -37.71
C ASP F 410 16.40 13.19 -37.27
N GLY F 411 15.81 12.89 -36.13
CA GLY F 411 14.67 13.65 -35.66
C GLY F 411 15.03 15.10 -35.42
N SER F 412 16.29 15.33 -35.10
CA SER F 412 16.82 16.66 -34.78
C SER F 412 17.02 17.48 -36.04
N ALA F 413 17.24 16.80 -37.15
CA ALA F 413 17.30 17.46 -38.43
C ALA F 413 15.90 17.41 -39.02
N ALA F 414 15.32 16.22 -39.01
CA ALA F 414 13.99 15.96 -39.58
C ALA F 414 12.97 17.04 -39.22
N ALA F 415 11.95 16.64 -38.46
CA ALA F 415 11.06 17.62 -37.87
C ALA F 415 11.97 18.47 -36.98
N ALA F 416 12.40 19.61 -37.54
CA ALA F 416 13.50 20.38 -36.97
C ALA F 416 14.02 21.34 -38.02
N GLU F 417 13.55 21.15 -39.26
CA GLU F 417 13.82 22.08 -40.34
C GLU F 417 13.09 23.40 -40.06
N ARG F 418 11.78 23.48 -40.27
CA ARG F 418 10.89 22.43 -40.75
C ARG F 418 9.57 23.07 -41.10
N TYR F 419 9.10 24.11 -40.40
CA TYR F 419 9.75 24.92 -39.33
C TYR F 419 10.79 25.94 -39.76
N GLY F 420 11.26 25.85 -41.00
CA GLY F 420 12.09 26.89 -41.58
C GLY F 420 13.58 26.62 -41.55
N LEU F 421 14.23 27.04 -40.48
CA LEU F 421 15.67 26.86 -40.32
C LEU F 421 16.18 25.55 -40.90
N GLY F 422 17.12 25.63 -41.82
CA GLY F 422 17.52 24.47 -42.60
C GLY F 422 18.10 23.34 -41.77
N TYR F 423 19.43 23.29 -41.74
CA TYR F 423 20.14 22.29 -40.97
C TYR F 423 20.78 22.97 -39.77
N ASN F 424 19.97 23.11 -38.71
CA ASN F 424 20.40 23.65 -37.43
C ASN F 424 20.19 22.57 -36.36
N LEU F 425 21.27 21.93 -35.93
CA LEU F 425 21.15 20.84 -34.94
C LEU F 425 20.80 21.34 -33.54
N VAL F 426 21.28 22.53 -33.20
CA VAL F 426 20.70 23.24 -32.07
C VAL F 426 19.31 23.57 -32.57
N ALA F 427 18.42 24.05 -31.70
CA ALA F 427 17.06 24.34 -32.15
C ALA F 427 16.32 23.04 -32.53
N GLY F 428 16.78 22.32 -33.55
CA GLY F 428 16.23 21.02 -33.87
C GLY F 428 16.17 20.13 -32.64
N ALA F 429 17.33 19.86 -32.06
CA ALA F 429 17.39 19.09 -30.83
C ALA F 429 16.38 19.64 -29.83
N ASN F 430 16.23 20.97 -29.80
CA ASN F 430 15.30 21.62 -28.89
C ASN F 430 13.84 21.39 -29.26
N ILE F 431 13.53 21.45 -30.55
CA ILE F 431 12.14 21.33 -30.97
C ILE F 431 11.64 19.90 -30.81
N VAL F 432 12.48 18.90 -31.08
CA VAL F 432 12.04 17.51 -30.94
C VAL F 432 11.85 17.10 -29.50
N GLY F 433 12.79 17.51 -28.63
CA GLY F 433 12.60 17.38 -27.20
C GLY F 433 11.22 17.93 -26.86
N PHE F 434 11.09 19.25 -26.94
CA PHE F 434 9.82 19.90 -26.66
C PHE F 434 8.63 19.27 -27.34
N GLN F 435 8.78 18.83 -28.59
CA GLN F 435 7.62 18.35 -29.36
C GLN F 435 6.97 17.13 -28.70
N LYS F 436 7.77 16.12 -28.38
CA LYS F 436 7.27 14.86 -27.82
C LYS F 436 6.51 15.13 -26.54
N ILE F 437 7.09 15.92 -25.65
CA ILE F 437 6.43 16.25 -24.41
C ILE F 437 5.09 16.94 -24.66
N ALA F 438 5.13 18.00 -25.48
CA ALA F 438 3.93 18.73 -25.86
C ALA F 438 2.81 17.82 -26.37
N ASP F 439 3.18 16.84 -27.19
CA ASP F 439 2.20 15.91 -27.75
C ASP F 439 1.59 15.02 -26.66
N ALA F 440 2.46 14.37 -25.91
CA ALA F 440 2.04 13.55 -24.77
C ALA F 440 1.20 14.37 -23.77
N MET F 441 1.68 15.55 -23.37
CA MET F 441 0.86 16.40 -22.49
C MET F 441 -0.46 16.83 -23.14
N MET F 442 -0.46 17.02 -24.45
CA MET F 442 -1.70 17.40 -25.13
C MET F 442 -2.68 16.26 -25.02
N ALA F 443 -2.16 15.06 -25.22
CA ALA F 443 -2.97 13.85 -25.20
C ALA F 443 -3.65 13.53 -23.85
N GLN F 444 -3.04 13.92 -22.73
CA GLN F 444 -3.58 13.52 -21.43
C GLN F 444 -4.33 14.61 -20.66
N GLY F 445 -4.52 15.76 -21.30
CA GLY F 445 -5.42 16.77 -20.79
C GLY F 445 -4.91 17.61 -19.64
N ILE F 446 -5.83 18.01 -18.78
CA ILE F 446 -5.57 18.86 -17.63
C ILE F 446 -6.26 18.19 -16.46
N ALA F 447 -5.60 18.00 -15.31
CA ALA F 447 -4.18 18.20 -15.10
C ALA F 447 -3.63 16.80 -15.24
N TRP F 448 -2.31 16.63 -15.15
CA TRP F 448 -1.35 17.70 -15.02
C TRP F 448 -1.48 18.76 -16.14
#